data_2KVP
#
_entry.id   2KVP
#
_entity_poly.entity_id   1
_entity_poly.type   'polypeptide(L)'
_entity_poly.pdbx_seq_one_letter_code
;GIDPFTNEAASAAGVVGGMVDSITQAINQLDEGPMGDPEGSFVDYQTTMVRTAKAIAVTVQEMVTKSNTSPEELGPLANQ
LTSDYGRLASQAKPAAVAAENEEIGAHIKHRVQELGHGCSALVTKAGALQCSPSDVYTKKELIECARRVSEKVSHVLAAL
QAGNR
;
_entity_poly.pdbx_strand_id   A
#
# COMPACT_ATOMS: atom_id res chain seq x y z
N GLY A 1 -2.96 8.06 -34.23
CA GLY A 1 -4.38 8.02 -34.61
C GLY A 1 -5.28 7.79 -33.40
N ILE A 2 -6.09 6.74 -33.44
CA ILE A 2 -6.93 6.39 -32.30
C ILE A 2 -6.08 5.79 -31.18
N ASP A 3 -4.98 5.15 -31.57
CA ASP A 3 -4.05 4.52 -30.64
C ASP A 3 -4.74 3.51 -29.73
N PRO A 4 -4.93 2.28 -30.22
CA PRO A 4 -5.50 1.19 -29.44
C PRO A 4 -4.42 0.46 -28.65
N PHE A 5 -4.78 -0.07 -27.49
CA PHE A 5 -3.84 -0.79 -26.66
C PHE A 5 -4.16 -2.27 -26.66
N THR A 6 -3.44 -3.01 -27.48
CA THR A 6 -3.65 -4.44 -27.59
C THR A 6 -3.03 -5.15 -26.40
N ASN A 7 -3.81 -5.33 -25.35
CA ASN A 7 -3.33 -5.98 -24.14
C ASN A 7 -3.60 -7.48 -24.22
N GLU A 8 -2.92 -8.15 -25.12
CA GLU A 8 -3.13 -9.57 -25.34
C GLU A 8 -2.19 -10.38 -24.46
N ALA A 9 -2.72 -11.43 -23.86
CA ALA A 9 -1.97 -12.31 -22.96
C ALA A 9 -1.55 -11.58 -21.69
N ALA A 10 -0.49 -10.79 -21.79
CA ALA A 10 0.03 -10.03 -20.65
C ALA A 10 1.16 -9.11 -21.10
N SER A 11 1.44 -8.10 -20.30
CA SER A 11 2.59 -7.23 -20.56
C SER A 11 3.87 -8.00 -20.23
N ALA A 12 3.83 -8.72 -19.13
CA ALA A 12 4.91 -9.61 -18.73
C ALA A 12 4.34 -10.78 -17.94
N ALA A 13 3.49 -10.47 -16.96
CA ALA A 13 2.81 -11.49 -16.18
C ALA A 13 1.32 -11.20 -16.15
N GLY A 14 0.50 -12.23 -16.27
CA GLY A 14 -0.94 -12.05 -16.29
C GLY A 14 -1.49 -11.76 -14.91
N VAL A 15 -0.85 -12.32 -13.91
CA VAL A 15 -1.22 -12.06 -12.53
C VAL A 15 -0.55 -10.78 -12.03
N VAL A 16 -0.66 -10.52 -10.73
CA VAL A 16 -0.04 -9.35 -10.13
C VAL A 16 1.47 -9.54 -10.02
N GLY A 17 2.17 -8.95 -10.96
CA GLY A 17 3.60 -8.94 -10.96
C GLY A 17 4.14 -7.67 -11.55
N GLY A 18 5.36 -7.32 -11.20
CA GLY A 18 5.97 -6.12 -11.72
C GLY A 18 5.74 -4.94 -10.80
N MET A 19 4.47 -4.57 -10.63
CA MET A 19 4.12 -3.42 -9.79
C MET A 19 4.38 -3.71 -8.32
N VAL A 20 4.59 -4.98 -7.98
CA VAL A 20 4.98 -5.35 -6.63
C VAL A 20 6.37 -4.79 -6.31
N ASP A 21 7.20 -4.70 -7.35
CA ASP A 21 8.53 -4.14 -7.23
C ASP A 21 8.44 -2.64 -6.97
N SER A 22 7.39 -2.03 -7.50
CA SER A 22 7.11 -0.61 -7.29
C SER A 22 6.84 -0.33 -5.82
N ILE A 23 6.16 -1.25 -5.15
CA ILE A 23 5.87 -1.12 -3.73
C ILE A 23 7.16 -1.18 -2.91
N THR A 24 8.01 -2.13 -3.24
CA THR A 24 9.32 -2.25 -2.61
C THR A 24 10.15 -0.99 -2.88
N GLN A 25 9.99 -0.43 -4.07
CA GLN A 25 10.66 0.81 -4.44
C GLN A 25 10.15 1.96 -3.58
N ALA A 26 8.83 1.99 -3.37
CA ALA A 26 8.21 3.02 -2.55
C ALA A 26 8.72 2.96 -1.11
N ILE A 27 9.01 1.76 -0.64
CA ILE A 27 9.59 1.58 0.68
C ILE A 27 10.99 2.19 0.73
N ASN A 28 11.80 1.88 -0.26
CA ASN A 28 13.18 2.35 -0.31
C ASN A 28 13.26 3.85 -0.49
N GLN A 29 12.39 4.41 -1.33
CA GLN A 29 12.40 5.84 -1.62
C GLN A 29 12.10 6.65 -0.36
N LEU A 30 11.26 6.11 0.52
CA LEU A 30 10.90 6.79 1.76
C LEU A 30 12.03 6.67 2.78
N ASP A 31 12.71 5.53 2.76
CA ASP A 31 13.85 5.29 3.65
C ASP A 31 14.91 6.37 3.46
N GLU A 32 14.97 6.89 2.24
CA GLU A 32 15.90 7.96 1.89
C GLU A 32 15.58 9.23 2.69
N GLY A 33 14.36 9.73 2.54
CA GLY A 33 13.97 10.93 3.27
C GLY A 33 12.82 11.66 2.61
N PRO A 34 12.49 12.86 3.11
CA PRO A 34 11.41 13.69 2.57
C PRO A 34 11.83 14.46 1.32
N MET A 35 10.85 14.85 0.52
CA MET A 35 11.12 15.57 -0.73
C MET A 35 11.47 17.03 -0.42
N GLY A 36 10.52 17.75 0.16
CA GLY A 36 10.75 19.14 0.48
C GLY A 36 9.87 20.06 -0.33
N ASP A 37 9.93 21.34 -0.02
CA ASP A 37 9.11 22.36 -0.67
C ASP A 37 7.62 22.00 -0.62
N PRO A 38 7.00 22.09 0.58
CA PRO A 38 5.58 21.81 0.74
C PRO A 38 4.72 22.97 0.24
N GLU A 39 3.64 22.64 -0.46
CA GLU A 39 2.75 23.65 -1.03
C GLU A 39 1.84 24.21 0.05
N GLY A 40 1.75 23.51 1.17
CA GLY A 40 0.87 23.93 2.24
C GLY A 40 1.44 23.54 3.58
N SER A 41 0.64 23.69 4.63
CA SER A 41 1.08 23.35 5.96
C SER A 41 1.01 21.84 6.16
N PHE A 42 1.56 21.35 7.27
CA PHE A 42 1.53 19.92 7.56
C PHE A 42 0.10 19.40 7.55
N VAL A 43 -0.82 20.19 8.07
CA VAL A 43 -2.23 19.82 8.13
C VAL A 43 -2.81 19.50 6.75
N ASP A 44 -2.33 20.19 5.72
CA ASP A 44 -2.84 20.00 4.36
C ASP A 44 -2.41 18.63 3.83
N TYR A 45 -1.16 18.27 4.06
CA TYR A 45 -0.64 16.98 3.65
C TYR A 45 -1.18 15.88 4.55
N GLN A 46 -1.37 16.23 5.82
CA GLN A 46 -2.00 15.33 6.78
C GLN A 46 -3.36 14.88 6.28
N THR A 47 -4.22 15.84 6.00
CA THR A 47 -5.57 15.56 5.56
C THR A 47 -5.58 14.82 4.22
N THR A 48 -4.57 15.08 3.40
CA THR A 48 -4.46 14.39 2.12
C THR A 48 -4.11 12.91 2.34
N MET A 49 -3.09 12.66 3.16
CA MET A 49 -2.62 11.29 3.39
C MET A 49 -3.68 10.44 4.08
N VAL A 50 -4.37 11.00 5.07
CA VAL A 50 -5.37 10.23 5.80
C VAL A 50 -6.49 9.79 4.88
N ARG A 51 -6.79 10.60 3.87
CA ARG A 51 -7.82 10.25 2.90
C ARG A 51 -7.39 9.05 2.06
N THR A 52 -6.16 9.09 1.57
CA THR A 52 -5.63 8.03 0.74
C THR A 52 -5.45 6.74 1.56
N ALA A 53 -5.13 6.90 2.85
CA ALA A 53 -5.01 5.76 3.74
C ALA A 53 -6.35 5.04 3.89
N LYS A 54 -7.41 5.82 4.08
CA LYS A 54 -8.75 5.25 4.16
C LYS A 54 -9.13 4.62 2.82
N ALA A 55 -8.55 5.14 1.74
CA ALA A 55 -8.82 4.64 0.40
C ALA A 55 -8.17 3.28 0.17
N ILE A 56 -6.97 3.08 0.70
CA ILE A 56 -6.31 1.79 0.57
C ILE A 56 -6.93 0.79 1.54
N ALA A 57 -7.48 1.31 2.64
CA ALA A 57 -8.09 0.48 3.66
C ALA A 57 -9.35 -0.20 3.13
N VAL A 58 -10.13 0.50 2.33
CA VAL A 58 -11.33 -0.07 1.75
C VAL A 58 -10.95 -1.10 0.68
N THR A 59 -9.82 -0.89 0.02
CA THR A 59 -9.33 -1.83 -0.97
C THR A 59 -8.90 -3.14 -0.30
N VAL A 60 -8.03 -3.03 0.71
CA VAL A 60 -7.53 -4.21 1.40
C VAL A 60 -8.67 -4.97 2.08
N GLN A 61 -9.64 -4.24 2.61
CA GLN A 61 -10.79 -4.86 3.27
C GLN A 61 -11.66 -5.56 2.23
N GLU A 62 -11.61 -5.09 1.00
CA GLU A 62 -12.32 -5.72 -0.08
C GLU A 62 -11.59 -6.98 -0.53
N MET A 63 -10.26 -6.91 -0.55
CA MET A 63 -9.45 -8.03 -1.01
C MET A 63 -9.61 -9.25 -0.10
N VAL A 64 -9.63 -9.00 1.21
CA VAL A 64 -9.81 -10.08 2.18
C VAL A 64 -11.17 -10.75 1.99
N THR A 65 -12.12 -9.97 1.55
CA THR A 65 -13.47 -10.44 1.33
C THR A 65 -13.59 -11.16 -0.02
N LYS A 66 -13.12 -10.50 -1.07
CA LYS A 66 -13.24 -11.01 -2.44
C LYS A 66 -12.47 -12.31 -2.64
N SER A 67 -11.43 -12.56 -1.86
CA SER A 67 -10.63 -13.76 -2.02
C SER A 67 -11.48 -15.02 -1.79
N ASN A 68 -12.56 -14.87 -1.04
CA ASN A 68 -13.45 -15.98 -0.72
C ASN A 68 -14.41 -16.26 -1.87
N THR A 69 -14.80 -15.22 -2.59
CA THR A 69 -15.80 -15.35 -3.63
C THR A 69 -15.21 -15.21 -5.03
N SER A 70 -14.37 -14.20 -5.20
CA SER A 70 -13.91 -13.79 -6.50
C SER A 70 -12.39 -13.62 -6.52
N PRO A 71 -11.66 -14.69 -6.82
CA PRO A 71 -10.19 -14.68 -6.82
C PRO A 71 -9.60 -13.84 -7.95
N GLU A 72 -10.38 -13.64 -9.01
CA GLU A 72 -9.89 -12.88 -10.17
C GLU A 72 -10.09 -11.39 -9.96
N GLU A 73 -10.91 -11.03 -8.99
CA GLU A 73 -11.10 -9.62 -8.63
C GLU A 73 -9.96 -9.14 -7.74
N LEU A 74 -9.14 -10.07 -7.27
CA LEU A 74 -8.02 -9.74 -6.41
C LEU A 74 -6.95 -8.97 -7.17
N GLY A 75 -6.78 -9.29 -8.45
CA GLY A 75 -5.76 -8.64 -9.27
C GLY A 75 -5.98 -7.14 -9.42
N PRO A 76 -7.16 -6.69 -9.89
CA PRO A 76 -7.47 -5.26 -10.01
C PRO A 76 -7.42 -4.53 -8.68
N LEU A 77 -7.75 -5.24 -7.60
CA LEU A 77 -7.69 -4.65 -6.27
C LEU A 77 -6.26 -4.53 -5.79
N ALA A 78 -5.47 -5.57 -6.04
CA ALA A 78 -4.04 -5.51 -5.76
C ALA A 78 -3.42 -4.35 -6.53
N ASN A 79 -3.93 -4.13 -7.74
CA ASN A 79 -3.48 -3.02 -8.57
C ASN A 79 -3.86 -1.69 -7.92
N GLN A 80 -5.07 -1.66 -7.37
CA GLN A 80 -5.59 -0.47 -6.71
C GLN A 80 -4.82 -0.18 -5.42
N LEU A 81 -4.58 -1.23 -4.64
CA LEU A 81 -3.79 -1.10 -3.42
C LEU A 81 -2.40 -0.59 -3.77
N THR A 82 -1.86 -1.11 -4.87
CA THR A 82 -0.54 -0.73 -5.35
C THR A 82 -0.52 0.75 -5.79
N SER A 83 -1.53 1.16 -6.54
CA SER A 83 -1.55 2.50 -7.10
C SER A 83 -1.78 3.55 -6.03
N ASP A 84 -2.82 3.34 -5.22
CA ASP A 84 -3.11 4.24 -4.11
C ASP A 84 -1.92 4.34 -3.15
N TYR A 85 -1.27 3.21 -2.87
CA TYR A 85 -0.10 3.22 -2.02
C TYR A 85 1.02 4.02 -2.66
N GLY A 86 1.19 3.86 -3.97
CA GLY A 86 2.18 4.63 -4.70
C GLY A 86 1.98 6.12 -4.53
N ARG A 87 0.71 6.53 -4.54
CA ARG A 87 0.37 7.92 -4.32
C ARG A 87 0.67 8.34 -2.88
N LEU A 88 0.33 7.48 -1.92
CA LEU A 88 0.64 7.74 -0.52
C LEU A 88 2.13 7.86 -0.29
N ALA A 89 2.90 7.00 -0.95
CA ALA A 89 4.35 7.03 -0.84
C ALA A 89 4.93 8.32 -1.41
N SER A 90 4.19 8.93 -2.34
CA SER A 90 4.60 10.20 -2.92
C SER A 90 4.20 11.35 -2.00
N GLN A 91 3.06 11.20 -1.35
CA GLN A 91 2.52 12.23 -0.46
C GLN A 91 3.23 12.23 0.90
N ALA A 92 3.81 11.09 1.27
CA ALA A 92 4.46 10.94 2.56
C ALA A 92 5.70 11.82 2.68
N LYS A 93 6.43 11.98 1.58
CA LYS A 93 7.65 12.77 1.60
C LYS A 93 7.40 14.24 1.95
N PRO A 94 6.49 14.95 1.22
CA PRO A 94 6.13 16.32 1.54
C PRO A 94 5.53 16.45 2.94
N ALA A 95 4.86 15.41 3.40
CA ALA A 95 4.26 15.41 4.73
C ALA A 95 5.34 15.38 5.81
N ALA A 96 6.32 14.49 5.63
CA ALA A 96 7.41 14.35 6.59
C ALA A 96 8.22 15.64 6.71
N VAL A 97 8.46 16.29 5.58
CA VAL A 97 9.27 17.52 5.55
C VAL A 97 8.47 18.72 6.06
N ALA A 98 7.14 18.65 5.95
CA ALA A 98 6.28 19.74 6.41
C ALA A 98 6.16 19.73 7.92
N ALA A 99 6.59 18.64 8.52
CA ALA A 99 6.57 18.50 9.97
C ALA A 99 7.70 19.30 10.59
N GLU A 100 7.43 19.88 11.75
CA GLU A 100 8.39 20.72 12.44
C GLU A 100 9.24 19.88 13.39
N ASN A 101 9.08 18.58 13.31
CA ASN A 101 9.77 17.65 14.20
C ASN A 101 10.15 16.39 13.44
N GLU A 102 11.42 16.01 13.53
CA GLU A 102 11.94 14.84 12.81
C GLU A 102 11.21 13.59 13.26
N GLU A 103 10.96 13.47 14.56
CA GLU A 103 10.27 12.31 15.12
C GLU A 103 8.85 12.19 14.56
N ILE A 104 8.28 13.31 14.12
CA ILE A 104 6.96 13.31 13.52
C ILE A 104 7.03 12.86 12.07
N GLY A 105 7.97 13.42 11.30
CA GLY A 105 8.13 13.03 9.92
C GLY A 105 8.60 11.58 9.80
N ALA A 106 9.52 11.20 10.68
CA ALA A 106 9.98 9.82 10.73
C ALA A 106 8.87 8.89 11.17
N HIS A 107 7.91 9.43 11.90
CA HIS A 107 6.77 8.66 12.37
C HIS A 107 5.85 8.35 11.20
N ILE A 108 5.68 9.33 10.32
CA ILE A 108 4.86 9.17 9.13
C ILE A 108 5.49 8.19 8.16
N LYS A 109 6.74 8.44 7.78
CA LYS A 109 7.43 7.66 6.77
C LYS A 109 7.49 6.18 7.16
N HIS A 110 7.71 5.92 8.46
CA HIS A 110 7.85 4.55 8.93
C HIS A 110 6.51 3.82 8.88
N ARG A 111 5.41 4.55 8.99
CA ARG A 111 4.09 3.95 8.93
C ARG A 111 3.74 3.56 7.50
N VAL A 112 4.22 4.35 6.55
CA VAL A 112 4.04 4.02 5.14
C VAL A 112 4.93 2.83 4.79
N GLN A 113 6.02 2.68 5.53
CA GLN A 113 6.87 1.49 5.42
C GLN A 113 6.10 0.27 5.89
N GLU A 114 5.37 0.44 7.01
CA GLU A 114 4.48 -0.61 7.52
C GLU A 114 3.55 -1.08 6.43
N LEU A 115 2.91 -0.13 5.78
CA LEU A 115 2.02 -0.40 4.67
C LEU A 115 2.77 -1.05 3.52
N GLY A 116 3.97 -0.56 3.25
CA GLY A 116 4.77 -1.11 2.17
C GLY A 116 4.98 -2.61 2.30
N HIS A 117 5.39 -3.05 3.48
CA HIS A 117 5.64 -4.45 3.72
C HIS A 117 4.36 -5.27 3.59
N GLY A 118 3.26 -4.71 4.09
CA GLY A 118 1.98 -5.39 4.01
C GLY A 118 1.42 -5.38 2.60
N CYS A 119 1.37 -4.20 2.00
CA CYS A 119 0.88 -4.01 0.64
C CYS A 119 1.62 -4.94 -0.32
N SER A 120 2.94 -4.92 -0.23
CA SER A 120 3.79 -5.75 -1.06
C SER A 120 3.41 -7.22 -0.92
N ALA A 121 3.24 -7.66 0.32
CA ALA A 121 2.92 -9.05 0.60
C ALA A 121 1.52 -9.40 0.06
N LEU A 122 0.58 -8.49 0.25
CA LEU A 122 -0.79 -8.73 -0.16
C LEU A 122 -0.87 -8.91 -1.68
N VAL A 123 -0.23 -8.01 -2.42
CA VAL A 123 -0.33 -8.05 -3.87
C VAL A 123 0.40 -9.26 -4.45
N THR A 124 1.52 -9.65 -3.85
CA THR A 124 2.25 -10.82 -4.33
C THR A 124 1.49 -12.10 -3.98
N LYS A 125 0.74 -12.08 -2.88
CA LYS A 125 -0.11 -13.20 -2.53
C LYS A 125 -1.28 -13.30 -3.48
N ALA A 126 -1.85 -12.16 -3.84
CA ALA A 126 -2.95 -12.11 -4.79
C ALA A 126 -2.51 -12.66 -6.14
N GLY A 127 -1.28 -12.32 -6.54
CA GLY A 127 -0.73 -12.86 -7.76
C GLY A 127 -0.63 -14.37 -7.72
N ALA A 128 -0.03 -14.88 -6.65
CA ALA A 128 0.15 -16.32 -6.48
C ALA A 128 -1.19 -17.03 -6.28
N LEU A 129 -2.16 -16.30 -5.74
CA LEU A 129 -3.49 -16.86 -5.50
C LEU A 129 -4.23 -17.00 -6.82
N GLN A 130 -4.05 -16.04 -7.71
CA GLN A 130 -4.70 -16.09 -9.01
C GLN A 130 -4.11 -17.21 -9.87
N CYS A 131 -2.86 -17.56 -9.59
CA CYS A 131 -2.20 -18.67 -10.27
C CYS A 131 -2.86 -19.99 -9.87
N SER A 132 -3.37 -20.05 -8.65
CA SER A 132 -4.04 -21.23 -8.15
C SER A 132 -5.11 -20.83 -7.13
N PRO A 133 -6.27 -20.35 -7.62
CA PRO A 133 -7.36 -19.86 -6.77
C PRO A 133 -7.89 -20.92 -5.80
N SER A 134 -7.54 -22.17 -6.09
CA SER A 134 -7.99 -23.31 -5.31
C SER A 134 -7.12 -23.51 -4.06
N ASP A 135 -5.91 -22.96 -4.08
CA ASP A 135 -4.97 -23.20 -2.98
C ASP A 135 -5.38 -22.41 -1.74
N VAL A 136 -5.86 -23.13 -0.74
CA VAL A 136 -6.36 -22.52 0.48
C VAL A 136 -5.25 -21.83 1.27
N TYR A 137 -4.05 -22.40 1.25
CA TYR A 137 -2.93 -21.83 1.99
C TYR A 137 -2.57 -20.43 1.46
N THR A 138 -2.44 -20.32 0.14
CA THR A 138 -2.14 -19.03 -0.48
C THR A 138 -3.23 -18.01 -0.15
N LYS A 139 -4.48 -18.45 -0.19
CA LYS A 139 -5.61 -17.59 0.13
C LYS A 139 -5.56 -17.19 1.60
N LYS A 140 -5.18 -18.12 2.46
CA LYS A 140 -5.05 -17.86 3.89
C LYS A 140 -3.95 -16.83 4.14
N GLU A 141 -2.83 -16.97 3.45
CA GLU A 141 -1.74 -16.02 3.57
C GLU A 141 -2.19 -14.63 3.14
N LEU A 142 -2.99 -14.58 2.08
CA LEU A 142 -3.52 -13.32 1.59
C LEU A 142 -4.42 -12.68 2.64
N ILE A 143 -5.24 -13.50 3.30
CA ILE A 143 -6.09 -13.01 4.38
C ILE A 143 -5.24 -12.44 5.50
N GLU A 144 -4.15 -13.15 5.83
CA GLU A 144 -3.19 -12.66 6.82
C GLU A 144 -2.59 -11.33 6.36
N CYS A 145 -2.13 -11.29 5.12
CA CYS A 145 -1.55 -10.08 4.55
C CYS A 145 -2.54 -8.93 4.60
N ALA A 146 -3.79 -9.20 4.20
CA ALA A 146 -4.83 -8.19 4.20
C ALA A 146 -5.04 -7.62 5.61
N ARG A 147 -5.09 -8.51 6.58
CA ARG A 147 -5.25 -8.10 7.98
C ARG A 147 -4.10 -7.19 8.40
N ARG A 148 -2.87 -7.60 8.07
CA ARG A 148 -1.67 -6.84 8.42
C ARG A 148 -1.73 -5.44 7.82
N VAL A 149 -2.17 -5.34 6.57
CA VAL A 149 -2.30 -4.05 5.90
C VAL A 149 -3.32 -3.17 6.62
N SER A 150 -4.52 -3.70 6.80
CA SER A 150 -5.61 -2.96 7.42
C SER A 150 -5.22 -2.49 8.83
N GLU A 151 -4.49 -3.34 9.55
CA GLU A 151 -4.01 -2.99 10.89
C GLU A 151 -3.07 -1.80 10.83
N LYS A 152 -2.16 -1.82 9.88
CA LYS A 152 -1.14 -0.78 9.77
C LYS A 152 -1.74 0.56 9.33
N VAL A 153 -2.85 0.51 8.59
CA VAL A 153 -3.55 1.73 8.18
C VAL A 153 -3.87 2.59 9.40
N SER A 154 -4.35 1.95 10.45
CA SER A 154 -4.68 2.63 11.69
C SER A 154 -3.44 3.30 12.28
N HIS A 155 -2.30 2.61 12.19
CA HIS A 155 -1.05 3.15 12.72
C HIS A 155 -0.62 4.37 11.90
N VAL A 156 -0.83 4.30 10.59
CA VAL A 156 -0.51 5.41 9.71
C VAL A 156 -1.37 6.62 10.05
N LEU A 157 -2.68 6.40 10.09
CA LEU A 157 -3.63 7.46 10.39
C LEU A 157 -3.29 8.16 11.70
N ALA A 158 -3.05 7.38 12.75
CA ALA A 158 -2.76 7.92 14.08
C ALA A 158 -1.46 8.71 14.11
N ALA A 159 -0.56 8.41 13.19
CA ALA A 159 0.74 9.07 13.14
C ALA A 159 0.61 10.53 12.72
N LEU A 160 -0.45 10.83 11.99
CA LEU A 160 -0.64 12.15 11.40
C LEU A 160 -1.03 13.21 12.44
N GLN A 161 -1.94 12.87 13.34
CA GLN A 161 -2.49 13.85 14.29
C GLN A 161 -1.45 14.38 15.26
N ALA A 162 -0.31 13.70 15.35
CA ALA A 162 0.76 14.11 16.24
C ALA A 162 1.56 15.29 15.66
N GLY A 163 1.26 15.64 14.42
CA GLY A 163 1.99 16.70 13.75
C GLY A 163 1.27 18.05 13.77
N ASN A 164 1.85 19.01 13.06
CA ASN A 164 1.33 20.37 13.01
C ASN A 164 0.00 20.44 12.29
N ARG A 165 -1.06 20.74 13.03
CA ARG A 165 -2.36 21.02 12.42
C ARG A 165 -2.58 22.52 12.42
N GLY A 1 21.87 -12.77 -12.24
CA GLY A 1 21.88 -14.00 -11.41
C GLY A 1 20.49 -14.53 -11.20
N ILE A 2 20.28 -15.25 -10.10
CA ILE A 2 18.99 -15.85 -9.82
C ILE A 2 18.07 -14.86 -9.11
N ASP A 3 18.62 -13.75 -8.65
CA ASP A 3 17.85 -12.71 -7.99
C ASP A 3 18.25 -11.34 -8.52
N PRO A 4 17.50 -10.80 -9.48
CA PRO A 4 17.75 -9.49 -10.06
C PRO A 4 17.10 -8.37 -9.24
N PHE A 5 17.91 -7.60 -8.53
CA PHE A 5 17.39 -6.49 -7.74
C PHE A 5 17.09 -5.31 -8.64
N THR A 6 17.76 -5.27 -9.79
CA THR A 6 17.49 -4.24 -10.78
C THR A 6 16.18 -4.55 -11.49
N ASN A 7 15.20 -3.69 -11.28
CA ASN A 7 13.85 -3.90 -11.80
C ASN A 7 13.83 -3.92 -13.35
N GLU A 8 14.74 -3.16 -13.95
CA GLU A 8 14.83 -3.09 -15.40
C GLU A 8 15.60 -4.29 -15.97
N ALA A 9 16.24 -5.06 -15.09
CA ALA A 9 17.03 -6.20 -15.53
C ALA A 9 16.18 -7.47 -15.59
N ALA A 10 15.03 -7.42 -14.92
CA ALA A 10 14.12 -8.57 -14.89
C ALA A 10 13.14 -8.50 -16.06
N SER A 11 12.44 -9.59 -16.30
CA SER A 11 11.45 -9.65 -17.36
C SER A 11 10.06 -9.84 -16.78
N ALA A 12 9.64 -8.88 -15.95
CA ALA A 12 8.34 -8.92 -15.29
C ALA A 12 8.23 -10.12 -14.36
N ALA A 13 7.03 -10.38 -13.86
CA ALA A 13 6.79 -11.53 -13.01
C ALA A 13 5.50 -12.23 -13.43
N GLY A 14 4.90 -11.75 -14.52
CA GLY A 14 3.63 -12.30 -14.98
C GLY A 14 2.46 -11.62 -14.29
N VAL A 15 2.64 -11.30 -13.03
CA VAL A 15 1.63 -10.62 -12.25
C VAL A 15 2.28 -9.72 -11.21
N VAL A 16 1.79 -8.47 -11.13
CA VAL A 16 2.19 -7.49 -10.10
C VAL A 16 3.72 -7.27 -10.04
N GLY A 17 4.43 -7.66 -11.10
CA GLY A 17 5.88 -7.61 -11.10
C GLY A 17 6.45 -6.21 -10.93
N GLY A 18 6.08 -5.32 -11.83
CA GLY A 18 6.56 -3.95 -11.74
C GLY A 18 5.87 -3.19 -10.63
N MET A 19 4.68 -3.65 -10.31
CA MET A 19 3.87 -3.04 -9.28
C MET A 19 4.49 -3.22 -7.91
N VAL A 20 4.93 -4.44 -7.60
CA VAL A 20 5.56 -4.71 -6.31
C VAL A 20 6.91 -3.99 -6.23
N ASP A 21 7.52 -3.76 -7.39
CA ASP A 21 8.75 -2.98 -7.47
C ASP A 21 8.49 -1.54 -7.08
N SER A 22 7.44 -0.96 -7.67
CA SER A 22 7.02 0.40 -7.34
C SER A 22 6.79 0.54 -5.83
N ILE A 23 6.18 -0.48 -5.24
CA ILE A 23 5.96 -0.52 -3.81
C ILE A 23 7.29 -0.55 -3.06
N THR A 24 8.17 -1.43 -3.49
CA THR A 24 9.47 -1.61 -2.87
C THR A 24 10.31 -0.32 -2.93
N GLN A 25 10.31 0.32 -4.10
CA GLN A 25 11.09 1.54 -4.28
C GLN A 25 10.52 2.68 -3.44
N ALA A 26 9.20 2.68 -3.29
CA ALA A 26 8.51 3.67 -2.47
C ALA A 26 8.90 3.53 -1.00
N ILE A 27 9.26 2.31 -0.61
CA ILE A 27 9.75 2.06 0.73
C ILE A 27 11.14 2.66 0.91
N ASN A 28 12.01 2.40 -0.06
CA ASN A 28 13.41 2.84 -0.01
C ASN A 28 13.52 4.36 0.18
N GLN A 29 12.82 5.11 -0.67
CA GLN A 29 12.90 6.58 -0.65
C GLN A 29 12.58 7.17 0.73
N LEU A 30 11.63 6.55 1.43
CA LEU A 30 11.17 7.07 2.71
C LEU A 30 12.18 6.83 3.81
N ASP A 31 12.93 5.73 3.70
CA ASP A 31 13.96 5.42 4.67
C ASP A 31 15.17 6.33 4.45
N GLU A 32 15.38 6.69 3.18
CA GLU A 32 16.41 7.66 2.83
C GLU A 32 16.12 9.02 3.44
N GLY A 33 14.85 9.42 3.41
CA GLY A 33 14.45 10.65 4.03
C GLY A 33 13.39 11.39 3.25
N PRO A 34 13.04 12.62 3.68
CA PRO A 34 12.04 13.44 3.00
C PRO A 34 12.64 14.19 1.81
N MET A 35 11.90 15.14 1.27
CA MET A 35 12.40 15.97 0.17
C MET A 35 12.52 17.41 0.61
N GLY A 36 11.39 18.06 0.83
CA GLY A 36 11.40 19.44 1.27
C GLY A 36 10.58 20.32 0.35
N ASP A 37 10.22 21.50 0.85
CA ASP A 37 9.37 22.44 0.14
C ASP A 37 8.05 21.79 -0.26
N PRO A 38 7.15 21.62 0.72
CA PRO A 38 5.82 21.09 0.47
C PRO A 38 4.92 22.12 -0.22
N GLU A 39 3.98 21.65 -1.03
CA GLU A 39 3.08 22.53 -1.77
C GLU A 39 2.18 23.30 -0.81
N GLY A 40 1.77 22.63 0.25
CA GLY A 40 0.96 23.25 1.27
C GLY A 40 1.54 23.04 2.65
N SER A 41 0.69 22.97 3.65
CA SER A 41 1.12 22.74 5.01
C SER A 41 0.96 21.26 5.34
N PHE A 42 1.30 20.90 6.57
CA PHE A 42 1.15 19.53 7.02
C PHE A 42 -0.30 19.09 6.94
N VAL A 43 -1.21 19.99 7.34
CA VAL A 43 -2.65 19.70 7.31
C VAL A 43 -3.12 19.34 5.91
N ASP A 44 -2.52 19.96 4.89
CA ASP A 44 -2.87 19.69 3.51
C ASP A 44 -2.50 18.26 3.13
N TYR A 45 -1.29 17.87 3.48
CA TYR A 45 -0.83 16.52 3.19
C TYR A 45 -1.49 15.50 4.10
N GLN A 46 -1.72 15.89 5.35
CA GLN A 46 -2.42 15.04 6.31
C GLN A 46 -3.77 14.62 5.76
N THR A 47 -4.58 15.60 5.39
CA THR A 47 -5.92 15.34 4.89
C THR A 47 -5.88 14.50 3.62
N THR A 48 -4.92 14.78 2.75
CA THR A 48 -4.77 14.03 1.51
C THR A 48 -4.30 12.60 1.80
N MET A 49 -3.47 12.44 2.83
CA MET A 49 -2.97 11.11 3.19
C MET A 49 -4.04 10.29 3.89
N VAL A 50 -4.72 10.88 4.87
CA VAL A 50 -5.73 10.14 5.61
C VAL A 50 -6.86 9.70 4.68
N ARG A 51 -7.22 10.55 3.72
CA ARG A 51 -8.24 10.18 2.73
C ARG A 51 -7.78 9.00 1.89
N THR A 52 -6.56 9.07 1.40
CA THR A 52 -6.00 8.02 0.57
C THR A 52 -5.79 6.74 1.38
N ALA A 53 -5.36 6.88 2.63
CA ALA A 53 -5.15 5.73 3.50
C ALA A 53 -6.47 5.00 3.75
N LYS A 54 -7.51 5.75 4.11
CA LYS A 54 -8.83 5.19 4.28
C LYS A 54 -9.35 4.59 2.97
N ALA A 55 -8.86 5.11 1.85
CA ALA A 55 -9.25 4.59 0.54
C ALA A 55 -8.59 3.25 0.27
N ILE A 56 -7.29 3.14 0.55
CA ILE A 56 -6.57 1.88 0.36
C ILE A 56 -7.06 0.84 1.37
N ALA A 57 -7.56 1.33 2.50
CA ALA A 57 -8.12 0.46 3.53
C ALA A 57 -9.35 -0.27 3.01
N VAL A 58 -10.14 0.42 2.19
CA VAL A 58 -11.29 -0.21 1.57
C VAL A 58 -10.84 -1.28 0.58
N THR A 59 -9.73 -1.01 -0.10
CA THR A 59 -9.16 -1.95 -1.04
C THR A 59 -8.68 -3.22 -0.32
N VAL A 60 -7.99 -3.05 0.79
CA VAL A 60 -7.46 -4.19 1.52
C VAL A 60 -8.59 -4.91 2.28
N GLN A 61 -9.61 -4.17 2.69
CA GLN A 61 -10.76 -4.78 3.35
C GLN A 61 -11.60 -5.55 2.32
N GLU A 62 -11.51 -5.13 1.07
CA GLU A 62 -12.17 -5.82 -0.02
C GLU A 62 -11.37 -7.07 -0.37
N MET A 63 -10.05 -6.99 -0.23
CA MET A 63 -9.16 -8.12 -0.47
C MET A 63 -9.58 -9.34 0.34
N VAL A 64 -9.68 -9.17 1.66
CA VAL A 64 -10.04 -10.27 2.56
C VAL A 64 -11.43 -10.81 2.21
N THR A 65 -12.29 -9.92 1.79
CA THR A 65 -13.66 -10.26 1.46
C THR A 65 -13.73 -11.00 0.11
N LYS A 66 -13.07 -10.44 -0.89
CA LYS A 66 -13.10 -11.01 -2.24
C LYS A 66 -12.33 -12.30 -2.31
N SER A 67 -11.34 -12.46 -1.47
CA SER A 67 -10.54 -13.68 -1.48
C SER A 67 -11.40 -14.90 -1.17
N ASN A 68 -12.47 -14.66 -0.43
CA ASN A 68 -13.40 -15.71 -0.06
C ASN A 68 -14.40 -16.00 -1.19
N THR A 69 -14.80 -14.97 -1.90
CA THR A 69 -15.89 -15.10 -2.87
C THR A 69 -15.43 -15.00 -4.34
N SER A 70 -14.44 -14.17 -4.60
CA SER A 70 -14.05 -13.83 -5.96
C SER A 70 -12.56 -13.55 -6.07
N PRO A 71 -11.75 -14.59 -6.33
CA PRO A 71 -10.29 -14.46 -6.44
C PRO A 71 -9.88 -13.59 -7.63
N GLU A 72 -10.73 -13.52 -8.64
CA GLU A 72 -10.42 -12.75 -9.84
C GLU A 72 -10.42 -11.25 -9.56
N GLU A 73 -11.12 -10.86 -8.50
CA GLU A 73 -11.20 -9.45 -8.14
C GLU A 73 -9.91 -8.99 -7.49
N LEU A 74 -9.15 -9.95 -6.96
CA LEU A 74 -7.94 -9.65 -6.19
C LEU A 74 -6.87 -9.00 -7.06
N GLY A 75 -6.77 -9.43 -8.32
CA GLY A 75 -5.78 -8.87 -9.22
C GLY A 75 -5.91 -7.36 -9.40
N PRO A 76 -7.10 -6.87 -9.81
CA PRO A 76 -7.37 -5.43 -9.89
C PRO A 76 -7.20 -4.71 -8.54
N LEU A 77 -7.64 -5.36 -7.47
CA LEU A 77 -7.53 -4.76 -6.13
C LEU A 77 -6.07 -4.61 -5.74
N ALA A 78 -5.28 -5.62 -6.07
CA ALA A 78 -3.84 -5.54 -5.86
C ALA A 78 -3.28 -4.33 -6.55
N ASN A 79 -3.83 -4.01 -7.71
CA ASN A 79 -3.33 -2.90 -8.51
C ASN A 79 -3.71 -1.57 -7.90
N GLN A 80 -4.95 -1.44 -7.46
CA GLN A 80 -5.42 -0.22 -6.84
C GLN A 80 -4.73 0.00 -5.49
N LEU A 81 -4.51 -1.09 -4.78
CA LEU A 81 -3.78 -1.04 -3.51
C LEU A 81 -2.35 -0.59 -3.76
N THR A 82 -1.82 -0.97 -4.91
CA THR A 82 -0.46 -0.62 -5.31
C THR A 82 -0.36 0.86 -5.69
N SER A 83 -1.27 1.32 -6.54
CA SER A 83 -1.18 2.66 -7.09
C SER A 83 -1.48 3.70 -6.03
N ASP A 84 -2.57 3.48 -5.30
CA ASP A 84 -2.98 4.38 -4.24
C ASP A 84 -1.97 4.39 -3.09
N TYR A 85 -1.27 3.27 -2.91
CA TYR A 85 -0.16 3.22 -1.95
C TYR A 85 0.95 4.17 -2.41
N GLY A 86 1.24 4.15 -3.70
CA GLY A 86 2.22 5.04 -4.27
C GLY A 86 1.92 6.50 -3.97
N ARG A 87 0.63 6.83 -3.90
CA ARG A 87 0.21 8.18 -3.56
C ARG A 87 0.67 8.51 -2.15
N LEU A 88 0.30 7.65 -1.21
CA LEU A 88 0.66 7.80 0.19
C LEU A 88 2.18 7.86 0.35
N ALA A 89 2.86 6.97 -0.35
CA ALA A 89 4.31 6.89 -0.27
C ALA A 89 4.97 8.18 -0.72
N SER A 90 4.45 8.80 -1.77
CA SER A 90 5.02 10.04 -2.27
C SER A 90 4.62 11.21 -1.39
N GLN A 91 3.38 11.20 -0.90
CA GLN A 91 2.87 12.28 -0.06
C GLN A 91 3.57 12.31 1.30
N ALA A 92 4.08 11.17 1.73
CA ALA A 92 4.77 11.07 3.01
C ALA A 92 6.10 11.84 2.99
N LYS A 93 6.66 11.99 1.80
CA LYS A 93 7.94 12.68 1.64
C LYS A 93 7.83 14.15 2.08
N PRO A 94 6.89 14.94 1.52
CA PRO A 94 6.66 16.32 1.97
C PRO A 94 5.97 16.39 3.32
N ALA A 95 5.15 15.37 3.64
CA ALA A 95 4.46 15.32 4.92
C ALA A 95 5.46 15.33 6.07
N ALA A 96 6.52 14.56 5.93
CA ALA A 96 7.55 14.46 6.95
C ALA A 96 8.22 15.82 7.20
N VAL A 97 8.57 16.51 6.12
CA VAL A 97 9.26 17.80 6.25
C VAL A 97 8.31 18.92 6.67
N ALA A 98 7.02 18.75 6.38
CA ALA A 98 6.02 19.75 6.75
C ALA A 98 5.58 19.57 8.20
N ALA A 99 5.98 18.47 8.80
CA ALA A 99 5.66 18.19 10.19
C ALA A 99 6.57 18.96 11.12
N GLU A 100 6.10 19.21 12.33
CA GLU A 100 6.87 19.98 13.31
C GLU A 100 8.06 19.17 13.83
N ASN A 101 7.76 18.10 14.55
CA ASN A 101 8.80 17.28 15.17
C ASN A 101 9.34 16.26 14.19
N GLU A 102 10.61 15.90 14.37
CA GLU A 102 11.24 14.87 13.55
C GLU A 102 10.53 13.53 13.77
N GLU A 103 10.15 13.26 15.02
CA GLU A 103 9.40 12.06 15.36
C GLU A 103 8.15 11.95 14.51
N ILE A 104 7.49 13.07 14.30
CA ILE A 104 6.24 13.08 13.55
C ILE A 104 6.49 12.63 12.12
N GLY A 105 7.48 13.24 11.46
CA GLY A 105 7.83 12.86 10.11
C GLY A 105 8.39 11.45 10.05
N ALA A 106 9.21 11.10 11.05
CA ALA A 106 9.83 9.79 11.12
C ALA A 106 8.77 8.71 11.34
N HIS A 107 7.80 9.01 12.18
CA HIS A 107 6.70 8.10 12.42
C HIS A 107 5.88 7.89 11.15
N ILE A 108 5.52 8.99 10.49
CA ILE A 108 4.75 8.91 9.25
C ILE A 108 5.43 8.04 8.21
N LYS A 109 6.69 8.35 7.91
CA LYS A 109 7.44 7.63 6.89
C LYS A 109 7.56 6.15 7.24
N HIS A 110 7.75 5.84 8.53
CA HIS A 110 7.91 4.47 8.98
C HIS A 110 6.60 3.71 8.91
N ARG A 111 5.49 4.42 9.06
CA ARG A 111 4.17 3.81 8.98
C ARG A 111 3.84 3.44 7.54
N VAL A 112 4.35 4.21 6.59
CA VAL A 112 4.17 3.88 5.18
C VAL A 112 5.09 2.71 4.81
N GLN A 113 6.20 2.57 5.54
CA GLN A 113 7.07 1.41 5.40
C GLN A 113 6.29 0.16 5.81
N GLU A 114 5.49 0.31 6.86
CA GLU A 114 4.59 -0.73 7.32
C GLU A 114 3.67 -1.16 6.20
N LEU A 115 3.03 -0.18 5.57
CA LEU A 115 2.17 -0.42 4.43
C LEU A 115 2.94 -1.06 3.30
N GLY A 116 4.15 -0.58 3.08
CA GLY A 116 4.99 -1.13 2.03
C GLY A 116 5.16 -2.62 2.19
N HIS A 117 5.57 -3.05 3.38
CA HIS A 117 5.79 -4.47 3.64
C HIS A 117 4.51 -5.26 3.44
N GLY A 118 3.41 -4.75 4.00
CA GLY A 118 2.13 -5.42 3.87
C GLY A 118 1.60 -5.42 2.45
N CYS A 119 1.59 -4.24 1.83
CA CYS A 119 1.09 -4.09 0.47
C CYS A 119 1.84 -5.00 -0.49
N SER A 120 3.18 -4.95 -0.42
CA SER A 120 4.02 -5.80 -1.28
C SER A 120 3.58 -7.27 -1.18
N ALA A 121 3.46 -7.74 0.05
CA ALA A 121 3.11 -9.13 0.30
C ALA A 121 1.71 -9.46 -0.22
N LEU A 122 0.77 -8.57 0.08
CA LEU A 122 -0.63 -8.78 -0.30
C LEU A 122 -0.78 -8.90 -1.81
N VAL A 123 -0.25 -7.91 -2.53
CA VAL A 123 -0.40 -7.86 -3.98
C VAL A 123 0.36 -9.02 -4.64
N THR A 124 1.43 -9.46 -3.99
CA THR A 124 2.22 -10.58 -4.49
C THR A 124 1.46 -11.90 -4.30
N LYS A 125 0.85 -12.06 -3.13
CA LYS A 125 0.15 -13.31 -2.81
C LYS A 125 -1.10 -13.46 -3.67
N ALA A 126 -1.72 -12.34 -4.02
CA ALA A 126 -2.89 -12.35 -4.89
C ALA A 126 -2.58 -12.97 -6.24
N GLY A 127 -1.41 -12.64 -6.80
CA GLY A 127 -1.01 -13.22 -8.06
C GLY A 127 -0.91 -14.73 -7.98
N ALA A 128 -0.42 -15.23 -6.86
CA ALA A 128 -0.31 -16.65 -6.64
C ALA A 128 -1.68 -17.28 -6.38
N LEU A 129 -2.56 -16.51 -5.75
CA LEU A 129 -3.90 -17.00 -5.41
C LEU A 129 -4.73 -17.13 -6.67
N GLN A 130 -4.49 -16.25 -7.63
CA GLN A 130 -5.18 -16.36 -8.91
C GLN A 130 -4.69 -17.57 -9.69
N CYS A 131 -3.46 -17.99 -9.41
CA CYS A 131 -2.89 -19.17 -10.05
C CYS A 131 -3.46 -20.45 -9.45
N SER A 132 -4.05 -20.32 -8.26
CA SER A 132 -4.71 -21.43 -7.61
C SER A 132 -5.78 -20.89 -6.65
N PRO A 133 -6.90 -20.40 -7.20
CA PRO A 133 -7.94 -19.73 -6.42
C PRO A 133 -8.62 -20.66 -5.42
N SER A 134 -8.43 -21.95 -5.63
CA SER A 134 -9.04 -22.97 -4.79
C SER A 134 -8.11 -23.34 -3.64
N ASP A 135 -6.86 -22.91 -3.74
CA ASP A 135 -5.82 -23.29 -2.77
C ASP A 135 -5.99 -22.53 -1.46
N VAL A 136 -6.31 -23.27 -0.40
CA VAL A 136 -6.56 -22.67 0.90
C VAL A 136 -5.28 -22.09 1.52
N TYR A 137 -4.16 -22.74 1.29
CA TYR A 137 -2.88 -22.27 1.82
C TYR A 137 -2.57 -20.85 1.33
N THR A 138 -2.58 -20.69 0.01
CA THR A 138 -2.30 -19.40 -0.60
C THR A 138 -3.35 -18.37 -0.18
N LYS A 139 -4.60 -18.79 -0.14
CA LYS A 139 -5.70 -17.93 0.22
C LYS A 139 -5.57 -17.44 1.65
N LYS A 140 -5.23 -18.37 2.55
CA LYS A 140 -5.05 -18.05 3.97
C LYS A 140 -4.09 -16.89 4.16
N GLU A 141 -2.93 -16.98 3.52
CA GLU A 141 -1.88 -16.00 3.70
C GLU A 141 -2.30 -14.63 3.16
N LEU A 142 -3.11 -14.61 2.12
CA LEU A 142 -3.60 -13.36 1.58
C LEU A 142 -4.59 -12.74 2.56
N ILE A 143 -5.43 -13.60 3.16
CA ILE A 143 -6.34 -13.17 4.20
C ILE A 143 -5.56 -12.60 5.37
N GLU A 144 -4.43 -13.23 5.68
CA GLU A 144 -3.52 -12.72 6.70
C GLU A 144 -2.92 -11.38 6.26
N CYS A 145 -2.44 -11.33 5.02
CA CYS A 145 -1.87 -10.11 4.48
C CYS A 145 -2.86 -8.95 4.55
N ALA A 146 -4.13 -9.24 4.26
CA ALA A 146 -5.17 -8.23 4.29
C ALA A 146 -5.38 -7.68 5.70
N ARG A 147 -5.38 -8.55 6.70
CA ARG A 147 -5.58 -8.11 8.08
C ARG A 147 -4.33 -7.42 8.61
N ARG A 148 -3.18 -7.71 8.01
CA ARG A 148 -1.94 -7.03 8.36
C ARG A 148 -1.95 -5.60 7.83
N VAL A 149 -2.28 -5.45 6.55
CA VAL A 149 -2.27 -4.15 5.89
C VAL A 149 -3.28 -3.19 6.53
N SER A 150 -4.47 -3.69 6.82
CA SER A 150 -5.53 -2.88 7.42
C SER A 150 -5.11 -2.36 8.80
N GLU A 151 -4.29 -3.14 9.50
CA GLU A 151 -3.75 -2.73 10.79
C GLU A 151 -2.73 -1.61 10.61
N LYS A 152 -1.98 -1.69 9.52
CA LYS A 152 -0.96 -0.69 9.24
C LYS A 152 -1.60 0.64 8.89
N VAL A 153 -2.72 0.59 8.18
CA VAL A 153 -3.45 1.80 7.78
C VAL A 153 -3.75 2.69 8.98
N SER A 154 -4.34 2.12 10.01
CA SER A 154 -4.69 2.86 11.21
C SER A 154 -3.45 3.47 11.86
N HIS A 155 -2.35 2.73 11.84
CA HIS A 155 -1.09 3.21 12.38
C HIS A 155 -0.58 4.40 11.59
N VAL A 156 -0.79 4.37 10.27
CA VAL A 156 -0.40 5.49 9.41
C VAL A 156 -1.28 6.69 9.68
N LEU A 157 -2.59 6.46 9.76
CA LEU A 157 -3.55 7.51 10.07
C LEU A 157 -3.19 8.21 11.38
N ALA A 158 -2.91 7.41 12.40
CA ALA A 158 -2.55 7.93 13.72
C ALA A 158 -1.23 8.69 13.70
N ALA A 159 -0.37 8.36 12.74
CA ALA A 159 0.91 9.06 12.58
C ALA A 159 0.67 10.49 12.11
N LEU A 160 -0.27 10.66 11.20
CA LEU A 160 -0.65 11.98 10.74
C LEU A 160 -1.27 12.78 11.88
N GLN A 161 -2.03 12.11 12.72
CA GLN A 161 -2.74 12.74 13.82
C GLN A 161 -1.76 13.28 14.87
N ALA A 162 -0.51 12.83 14.80
CA ALA A 162 0.53 13.31 15.71
C ALA A 162 1.06 14.66 15.26
N GLY A 163 0.85 14.99 13.99
CA GLY A 163 1.33 16.25 13.47
C GLY A 163 0.27 17.33 13.53
N ASN A 164 0.67 18.56 13.23
CA ASN A 164 -0.22 19.72 13.29
C ASN A 164 -0.76 19.87 14.70
N ARG A 165 0.12 20.24 15.62
CA ARG A 165 -0.23 20.35 17.02
C ARG A 165 -0.78 21.74 17.32
N GLY A 1 1.54 -23.53 -40.71
CA GLY A 1 2.82 -22.82 -40.83
C GLY A 1 3.67 -22.96 -39.58
N ILE A 2 4.77 -22.24 -39.52
CA ILE A 2 5.69 -22.34 -38.40
C ILE A 2 5.43 -21.25 -37.35
N ASP A 3 4.16 -20.94 -37.14
CA ASP A 3 3.79 -19.94 -36.14
C ASP A 3 3.86 -20.52 -34.74
N PRO A 4 4.78 -20.01 -33.92
CA PRO A 4 5.03 -20.52 -32.58
C PRO A 4 4.26 -19.76 -31.51
N PHE A 5 3.23 -19.01 -31.92
CA PHE A 5 2.43 -18.19 -31.00
C PHE A 5 3.32 -17.18 -30.27
N THR A 6 3.55 -16.03 -30.89
CA THR A 6 4.37 -14.99 -30.31
C THR A 6 3.74 -13.62 -30.61
N ASN A 7 2.41 -13.61 -30.70
CA ASN A 7 1.67 -12.42 -31.07
C ASN A 7 1.83 -11.31 -30.04
N GLU A 8 1.25 -11.50 -28.86
CA GLU A 8 1.36 -10.51 -27.80
C GLU A 8 2.46 -10.89 -26.83
N ALA A 9 2.30 -12.03 -26.19
CA ALA A 9 3.27 -12.54 -25.24
C ALA A 9 3.12 -14.05 -25.08
N ALA A 10 4.24 -14.74 -24.99
CA ALA A 10 4.22 -16.19 -24.82
C ALA A 10 4.32 -16.56 -23.35
N SER A 11 5.54 -16.57 -22.82
CA SER A 11 5.76 -16.91 -21.43
C SER A 11 5.98 -15.64 -20.60
N ALA A 12 4.89 -15.06 -20.11
CA ALA A 12 4.95 -13.84 -19.33
C ALA A 12 3.69 -13.67 -18.49
N ALA A 13 3.87 -13.47 -17.19
CA ALA A 13 2.74 -13.25 -16.30
C ALA A 13 2.19 -11.86 -16.48
N GLY A 14 3.05 -10.85 -16.32
CA GLY A 14 2.64 -9.47 -16.49
C GLY A 14 1.66 -9.01 -15.43
N VAL A 15 1.74 -9.62 -14.27
CA VAL A 15 0.84 -9.29 -13.17
C VAL A 15 1.62 -9.08 -11.87
N VAL A 16 1.55 -7.85 -11.35
CA VAL A 16 2.14 -7.50 -10.05
C VAL A 16 3.66 -7.34 -10.14
N GLY A 17 4.29 -7.95 -11.15
CA GLY A 17 5.73 -7.84 -11.31
C GLY A 17 6.21 -6.41 -11.37
N GLY A 18 5.50 -5.58 -12.11
CA GLY A 18 5.85 -4.18 -12.20
C GLY A 18 5.28 -3.38 -11.05
N MET A 19 4.21 -3.90 -10.48
CA MET A 19 3.52 -3.26 -9.37
C MET A 19 4.38 -3.28 -8.11
N VAL A 20 4.97 -4.44 -7.83
CA VAL A 20 5.79 -4.60 -6.64
C VAL A 20 7.03 -3.72 -6.71
N ASP A 21 7.45 -3.38 -7.93
CA ASP A 21 8.61 -2.50 -8.12
C ASP A 21 8.31 -1.11 -7.59
N SER A 22 7.11 -0.61 -7.92
CA SER A 22 6.68 0.71 -7.45
C SER A 22 6.59 0.71 -5.92
N ILE A 23 6.15 -0.40 -5.36
CA ILE A 23 6.07 -0.56 -3.92
C ILE A 23 7.48 -0.53 -3.30
N THR A 24 8.41 -1.21 -3.96
CA THR A 24 9.79 -1.28 -3.50
C THR A 24 10.44 0.11 -3.50
N GLN A 25 10.28 0.83 -4.61
CA GLN A 25 10.83 2.18 -4.74
C GLN A 25 10.23 3.09 -3.67
N ALA A 26 8.93 2.92 -3.43
CA ALA A 26 8.22 3.72 -2.43
C ALA A 26 8.82 3.54 -1.04
N ILE A 27 9.26 2.33 -0.74
CA ILE A 27 9.92 2.05 0.53
C ILE A 27 11.26 2.78 0.62
N ASN A 28 12.07 2.59 -0.41
CA ASN A 28 13.45 3.09 -0.39
C ASN A 28 13.50 4.60 -0.34
N GLN A 29 12.59 5.26 -1.05
CA GLN A 29 12.60 6.71 -1.12
C GLN A 29 12.34 7.35 0.25
N LEU A 30 11.49 6.71 1.04
CA LEU A 30 11.19 7.21 2.38
C LEU A 30 12.29 6.84 3.36
N ASP A 31 12.91 5.70 3.13
CA ASP A 31 13.96 5.19 4.00
C ASP A 31 15.19 6.11 3.95
N GLU A 32 15.42 6.72 2.81
CA GLU A 32 16.53 7.65 2.63
C GLU A 32 16.29 8.93 3.43
N GLY A 33 15.17 9.59 3.17
CA GLY A 33 14.87 10.81 3.89
C GLY A 33 13.76 11.61 3.24
N PRO A 34 13.22 12.61 3.95
CA PRO A 34 12.18 13.47 3.44
C PRO A 34 12.74 14.66 2.66
N MET A 35 12.34 14.78 1.41
CA MET A 35 12.80 15.89 0.58
C MET A 35 12.05 17.15 0.94
N GLY A 36 12.80 18.22 1.15
CA GLY A 36 12.21 19.47 1.60
C GLY A 36 11.48 20.21 0.52
N ASP A 37 10.34 19.68 0.10
CA ASP A 37 9.49 20.35 -0.89
C ASP A 37 8.03 20.01 -0.65
N PRO A 38 7.38 20.67 0.31
CA PRO A 38 5.95 20.55 0.52
C PRO A 38 5.17 21.63 -0.24
N GLU A 39 4.19 21.21 -1.02
CA GLU A 39 3.37 22.14 -1.80
C GLU A 39 2.34 22.81 -0.92
N GLY A 40 2.00 22.13 0.17
CA GLY A 40 1.06 22.67 1.13
C GLY A 40 1.62 22.57 2.53
N SER A 41 0.76 22.69 3.52
CA SER A 41 1.19 22.57 4.90
C SER A 41 0.98 21.15 5.39
N PHE A 42 1.48 20.85 6.59
CA PHE A 42 1.36 19.52 7.17
C PHE A 42 -0.10 19.09 7.25
N VAL A 43 -0.97 20.03 7.59
CA VAL A 43 -2.40 19.76 7.69
C VAL A 43 -2.98 19.32 6.35
N ASP A 44 -2.47 19.89 5.26
CA ASP A 44 -2.94 19.55 3.93
C ASP A 44 -2.56 18.13 3.58
N TYR A 45 -1.28 17.81 3.76
CA TYR A 45 -0.79 16.48 3.47
C TYR A 45 -1.45 15.44 4.36
N GLN A 46 -1.72 15.80 5.61
CA GLN A 46 -2.44 14.93 6.52
C GLN A 46 -3.84 14.63 5.99
N THR A 47 -4.60 15.69 5.71
CA THR A 47 -5.95 15.55 5.21
C THR A 47 -5.99 14.72 3.93
N THR A 48 -4.96 14.86 3.11
CA THR A 48 -4.84 14.08 1.89
C THR A 48 -4.46 12.63 2.19
N MET A 49 -3.43 12.44 3.00
CA MET A 49 -2.92 11.09 3.28
C MET A 49 -3.95 10.24 4.01
N VAL A 50 -4.74 10.85 4.90
CA VAL A 50 -5.75 10.08 5.60
C VAL A 50 -6.79 9.57 4.61
N ARG A 51 -7.10 10.38 3.60
CA ARG A 51 -8.04 9.97 2.55
C ARG A 51 -7.46 8.83 1.73
N THR A 52 -6.20 8.98 1.32
CA THR A 52 -5.51 7.97 0.55
C THR A 52 -5.37 6.67 1.36
N ALA A 53 -5.15 6.82 2.66
CA ALA A 53 -5.04 5.67 3.55
C ALA A 53 -6.36 4.91 3.63
N LYS A 54 -7.46 5.63 3.79
CA LYS A 54 -8.77 5.01 3.82
C LYS A 54 -9.06 4.33 2.48
N ALA A 55 -8.53 4.91 1.41
CA ALA A 55 -8.69 4.35 0.07
C ALA A 55 -8.00 2.99 -0.05
N ILE A 56 -6.80 2.88 0.50
CA ILE A 56 -6.11 1.59 0.48
C ILE A 56 -6.72 0.65 1.51
N ALA A 57 -7.31 1.22 2.56
CA ALA A 57 -7.95 0.45 3.62
C ALA A 57 -9.23 -0.21 3.12
N VAL A 58 -9.99 0.50 2.29
CA VAL A 58 -11.19 -0.07 1.72
C VAL A 58 -10.82 -1.09 0.65
N THR A 59 -9.64 -0.94 0.08
CA THR A 59 -9.12 -1.92 -0.86
C THR A 59 -8.76 -3.21 -0.13
N VAL A 60 -7.94 -3.10 0.92
CA VAL A 60 -7.52 -4.27 1.68
C VAL A 60 -8.71 -4.97 2.34
N GLN A 61 -9.68 -4.20 2.83
CA GLN A 61 -10.87 -4.78 3.44
C GLN A 61 -11.66 -5.56 2.40
N GLU A 62 -11.57 -5.13 1.14
CA GLU A 62 -12.25 -5.78 0.07
C GLU A 62 -11.52 -7.05 -0.34
N MET A 63 -10.20 -7.01 -0.32
CA MET A 63 -9.38 -8.13 -0.76
C MET A 63 -9.60 -9.34 0.13
N VAL A 64 -9.63 -9.12 1.44
CA VAL A 64 -9.85 -10.19 2.41
C VAL A 64 -11.24 -10.80 2.20
N THR A 65 -12.15 -9.98 1.72
CA THR A 65 -13.52 -10.38 1.48
C THR A 65 -13.66 -11.14 0.16
N LYS A 66 -13.21 -10.50 -0.92
CA LYS A 66 -13.36 -11.02 -2.28
C LYS A 66 -12.71 -12.39 -2.45
N SER A 67 -11.64 -12.66 -1.71
CA SER A 67 -10.94 -13.94 -1.83
C SER A 67 -11.88 -15.13 -1.60
N ASN A 68 -12.96 -14.88 -0.89
CA ASN A 68 -13.93 -15.92 -0.59
C ASN A 68 -14.80 -16.23 -1.79
N THR A 69 -15.20 -15.21 -2.53
CA THR A 69 -16.14 -15.37 -3.64
C THR A 69 -15.48 -15.19 -5.01
N SER A 70 -14.59 -14.22 -5.11
CA SER A 70 -14.08 -13.75 -6.38
C SER A 70 -12.56 -13.61 -6.34
N PRO A 71 -11.84 -14.64 -6.79
CA PRO A 71 -10.38 -14.65 -6.75
C PRO A 71 -9.74 -13.80 -7.85
N GLU A 72 -10.49 -13.49 -8.90
CA GLU A 72 -9.94 -12.75 -10.01
C GLU A 72 -10.08 -11.25 -9.81
N GLU A 73 -10.92 -10.86 -8.84
CA GLU A 73 -11.07 -9.46 -8.50
C GLU A 73 -9.93 -8.99 -7.59
N LEU A 74 -9.16 -9.96 -7.11
CA LEU A 74 -8.05 -9.67 -6.20
C LEU A 74 -6.93 -8.91 -6.92
N GLY A 75 -6.69 -9.29 -8.18
CA GLY A 75 -5.66 -8.63 -8.97
C GLY A 75 -5.92 -7.14 -9.17
N PRO A 76 -7.11 -6.76 -9.67
CA PRO A 76 -7.50 -5.35 -9.80
C PRO A 76 -7.36 -4.58 -8.49
N LEU A 77 -7.75 -5.20 -7.38
CA LEU A 77 -7.65 -4.56 -6.08
C LEU A 77 -6.20 -4.44 -5.66
N ALA A 78 -5.43 -5.50 -5.87
CA ALA A 78 -4.00 -5.46 -5.61
C ALA A 78 -3.36 -4.35 -6.44
N ASN A 79 -3.91 -4.12 -7.62
CA ASN A 79 -3.40 -3.11 -8.53
C ASN A 79 -3.65 -1.71 -7.96
N GLN A 80 -4.87 -1.48 -7.49
CA GLN A 80 -5.22 -0.19 -6.90
C GLN A 80 -4.48 0.00 -5.57
N LEU A 81 -4.46 -1.04 -4.74
CA LEU A 81 -3.73 -1.00 -3.48
C LEU A 81 -2.29 -0.60 -3.72
N THR A 82 -1.73 -1.12 -4.80
CA THR A 82 -0.38 -0.80 -5.23
C THR A 82 -0.23 0.69 -5.55
N SER A 83 -1.09 1.17 -6.43
CA SER A 83 -0.97 2.53 -6.94
C SER A 83 -1.32 3.57 -5.87
N ASP A 84 -2.34 3.29 -5.06
CA ASP A 84 -2.71 4.20 -3.99
C ASP A 84 -1.64 4.22 -2.90
N TYR A 85 -0.94 3.11 -2.73
CA TYR A 85 0.20 3.08 -1.82
C TYR A 85 1.30 3.99 -2.33
N GLY A 86 1.59 3.90 -3.63
CA GLY A 86 2.59 4.76 -4.24
C GLY A 86 2.27 6.23 -4.03
N ARG A 87 0.98 6.54 -4.01
CA ARG A 87 0.51 7.90 -3.75
C ARG A 87 0.84 8.31 -2.32
N LEU A 88 0.51 7.43 -1.36
CA LEU A 88 0.83 7.67 0.04
C LEU A 88 2.32 7.88 0.25
N ALA A 89 3.12 6.98 -0.32
CA ALA A 89 4.57 7.04 -0.16
C ALA A 89 5.14 8.31 -0.77
N SER A 90 4.51 8.79 -1.83
CA SER A 90 4.94 10.03 -2.47
C SER A 90 4.58 11.23 -1.60
N GLN A 91 3.37 11.21 -1.06
CA GLN A 91 2.85 12.30 -0.24
C GLN A 91 3.55 12.36 1.12
N ALA A 92 4.04 11.21 1.58
CA ALA A 92 4.67 11.11 2.90
C ALA A 92 6.01 11.86 2.93
N LYS A 93 6.65 11.99 1.79
CA LYS A 93 7.95 12.65 1.71
C LYS A 93 7.83 14.13 2.10
N PRO A 94 6.98 14.92 1.42
CA PRO A 94 6.76 16.33 1.79
C PRO A 94 6.03 16.46 3.12
N ALA A 95 5.19 15.48 3.44
CA ALA A 95 4.46 15.49 4.71
C ALA A 95 5.43 15.50 5.88
N ALA A 96 6.45 14.66 5.79
CA ALA A 96 7.45 14.55 6.86
C ALA A 96 8.19 15.86 7.06
N VAL A 97 8.60 16.50 5.98
CA VAL A 97 9.36 17.74 6.06
C VAL A 97 8.45 18.93 6.42
N ALA A 98 7.16 18.80 6.12
CA ALA A 98 6.20 19.86 6.42
C ALA A 98 5.89 19.91 7.91
N ALA A 99 6.29 18.87 8.62
CA ALA A 99 6.12 18.82 10.06
C ALA A 99 7.13 19.72 10.76
N GLU A 100 6.97 19.91 12.06
CA GLU A 100 7.87 20.80 12.81
C GLU A 100 9.04 20.00 13.40
N ASN A 101 8.99 18.70 13.20
CA ASN A 101 9.94 17.78 13.81
C ASN A 101 10.23 16.59 12.90
N GLU A 102 11.32 15.89 13.19
CA GLU A 102 11.70 14.73 12.41
C GLU A 102 10.97 13.49 12.92
N GLU A 103 10.74 13.41 14.22
CA GLU A 103 10.10 12.24 14.83
C GLU A 103 8.72 12.00 14.24
N ILE A 104 7.92 13.05 14.20
CA ILE A 104 6.58 12.97 13.63
C ILE A 104 6.67 12.61 12.14
N GLY A 105 7.60 13.25 11.44
CA GLY A 105 7.79 12.95 10.02
C GLY A 105 8.24 11.52 9.80
N ALA A 106 9.19 11.07 10.61
CA ALA A 106 9.69 9.71 10.56
C ALA A 106 8.57 8.73 10.86
N HIS A 107 7.74 9.09 11.82
CA HIS A 107 6.63 8.25 12.22
C HIS A 107 5.66 8.05 11.05
N ILE A 108 5.52 9.07 10.22
CA ILE A 108 4.71 8.98 9.01
C ILE A 108 5.38 8.05 8.00
N LYS A 109 6.64 8.37 7.68
CA LYS A 109 7.41 7.62 6.68
C LYS A 109 7.48 6.15 7.04
N HIS A 110 7.78 5.87 8.30
CA HIS A 110 7.92 4.50 8.79
C HIS A 110 6.62 3.73 8.71
N ARG A 111 5.50 4.42 8.86
CA ARG A 111 4.19 3.76 8.79
C ARG A 111 3.79 3.50 7.34
N VAL A 112 4.33 4.27 6.42
CA VAL A 112 4.12 4.00 5.01
C VAL A 112 4.96 2.78 4.60
N GLN A 113 6.09 2.61 5.27
CA GLN A 113 6.93 1.44 5.05
C GLN A 113 6.17 0.18 5.44
N GLU A 114 5.20 0.34 6.34
CA GLU A 114 4.35 -0.75 6.78
C GLU A 114 3.56 -1.33 5.62
N LEU A 115 2.94 -0.46 4.81
CA LEU A 115 2.25 -0.92 3.62
C LEU A 115 3.29 -1.37 2.60
N GLY A 116 4.47 -0.78 2.69
CA GLY A 116 5.56 -1.16 1.81
C GLY A 116 5.87 -2.64 1.89
N HIS A 117 5.75 -3.19 3.10
CA HIS A 117 5.96 -4.61 3.30
C HIS A 117 4.64 -5.36 3.22
N GLY A 118 3.62 -4.84 3.92
CA GLY A 118 2.33 -5.49 3.96
C GLY A 118 1.63 -5.53 2.62
N CYS A 119 1.49 -4.37 1.98
CA CYS A 119 0.84 -4.27 0.69
C CYS A 119 1.63 -5.01 -0.39
N SER A 120 2.96 -5.00 -0.27
CA SER A 120 3.81 -5.78 -1.16
C SER A 120 3.44 -7.24 -1.07
N ALA A 121 3.38 -7.74 0.16
CA ALA A 121 3.02 -9.13 0.41
C ALA A 121 1.61 -9.41 -0.08
N LEU A 122 0.69 -8.48 0.20
CA LEU A 122 -0.71 -8.64 -0.17
C LEU A 122 -0.87 -8.82 -1.67
N VAL A 123 -0.25 -7.92 -2.45
CA VAL A 123 -0.38 -7.99 -3.90
C VAL A 123 0.36 -9.20 -4.46
N THR A 124 1.37 -9.66 -3.73
CA THR A 124 2.12 -10.86 -4.11
C THR A 124 1.24 -12.10 -3.93
N LYS A 125 0.58 -12.19 -2.78
CA LYS A 125 -0.31 -13.31 -2.51
C LYS A 125 -1.45 -13.36 -3.51
N ALA A 126 -1.95 -12.18 -3.90
CA ALA A 126 -3.02 -12.10 -4.89
C ALA A 126 -2.58 -12.67 -6.23
N GLY A 127 -1.40 -12.27 -6.69
CA GLY A 127 -0.86 -12.81 -7.92
C GLY A 127 -0.71 -14.31 -7.87
N ALA A 128 -0.26 -14.81 -6.74
CA ALA A 128 -0.09 -16.25 -6.54
C ALA A 128 -1.43 -16.95 -6.42
N LEU A 129 -2.41 -16.26 -5.82
CA LEU A 129 -3.74 -16.81 -5.63
C LEU A 129 -4.44 -16.91 -6.97
N GLN A 130 -4.24 -15.92 -7.81
CA GLN A 130 -4.83 -15.93 -9.14
C GLN A 130 -4.16 -16.96 -10.04
N CYS A 131 -2.90 -17.27 -9.71
CA CYS A 131 -2.15 -18.29 -10.42
C CYS A 131 -2.70 -19.69 -10.09
N SER A 132 -3.32 -19.81 -8.92
CA SER A 132 -3.93 -21.06 -8.51
C SER A 132 -5.10 -20.78 -7.57
N PRO A 133 -6.22 -20.28 -8.11
CA PRO A 133 -7.39 -19.84 -7.32
C PRO A 133 -8.10 -20.98 -6.58
N SER A 134 -7.45 -22.14 -6.55
CA SER A 134 -8.01 -23.33 -5.93
C SER A 134 -7.20 -23.75 -4.71
N ASP A 135 -6.20 -22.96 -4.36
CA ASP A 135 -5.38 -23.26 -3.19
C ASP A 135 -6.06 -22.72 -1.94
N VAL A 136 -5.56 -23.11 -0.78
CA VAL A 136 -6.13 -22.67 0.49
C VAL A 136 -5.10 -21.87 1.28
N TYR A 137 -3.87 -22.36 1.29
CA TYR A 137 -2.80 -21.76 2.10
C TYR A 137 -2.49 -20.35 1.66
N THR A 138 -2.26 -20.18 0.37
CA THR A 138 -1.87 -18.89 -0.18
C THR A 138 -3.03 -17.90 -0.05
N LYS A 139 -4.23 -18.39 -0.28
CA LYS A 139 -5.44 -17.58 -0.09
C LYS A 139 -5.56 -17.15 1.37
N LYS A 140 -5.31 -18.10 2.27
CA LYS A 140 -5.33 -17.83 3.69
C LYS A 140 -4.29 -16.78 4.06
N GLU A 141 -3.11 -16.89 3.46
CA GLU A 141 -2.04 -15.92 3.70
C GLU A 141 -2.49 -14.51 3.33
N LEU A 142 -3.26 -14.40 2.26
CA LEU A 142 -3.78 -13.11 1.84
C LEU A 142 -4.79 -12.60 2.85
N ILE A 143 -5.65 -13.49 3.34
CA ILE A 143 -6.59 -13.15 4.38
C ILE A 143 -5.84 -12.62 5.61
N GLU A 144 -4.82 -13.35 6.03
CA GLU A 144 -3.98 -12.93 7.17
C GLU A 144 -3.27 -11.62 6.85
N CYS A 145 -2.75 -11.52 5.63
CA CYS A 145 -2.00 -10.35 5.19
C CYS A 145 -2.89 -9.12 5.20
N ALA A 146 -4.11 -9.27 4.72
CA ALA A 146 -5.07 -8.18 4.70
C ALA A 146 -5.33 -7.68 6.11
N ARG A 147 -5.44 -8.59 7.06
CA ARG A 147 -5.65 -8.24 8.46
C ARG A 147 -4.53 -7.34 8.97
N ARG A 148 -3.29 -7.71 8.64
CA ARG A 148 -2.13 -6.95 9.08
C ARG A 148 -2.07 -5.58 8.40
N VAL A 149 -2.40 -5.55 7.11
CA VAL A 149 -2.38 -4.32 6.35
C VAL A 149 -3.41 -3.32 6.90
N SER A 150 -4.59 -3.81 7.22
CA SER A 150 -5.61 -2.98 7.86
C SER A 150 -5.10 -2.38 9.16
N GLU A 151 -4.30 -3.14 9.90
CA GLU A 151 -3.71 -2.65 11.13
C GLU A 151 -2.69 -1.55 10.86
N LYS A 152 -2.04 -1.64 9.71
CA LYS A 152 -1.03 -0.65 9.35
C LYS A 152 -1.71 0.67 9.01
N VAL A 153 -2.88 0.60 8.37
CA VAL A 153 -3.64 1.79 8.04
C VAL A 153 -4.00 2.56 9.31
N SER A 154 -4.49 1.83 10.30
CA SER A 154 -4.82 2.41 11.59
C SER A 154 -3.62 3.14 12.20
N HIS A 155 -2.43 2.60 11.96
CA HIS A 155 -1.20 3.21 12.43
C HIS A 155 -0.85 4.44 11.61
N VAL A 156 -1.03 4.37 10.29
CA VAL A 156 -0.74 5.50 9.41
C VAL A 156 -1.65 6.68 9.75
N LEU A 157 -2.94 6.40 9.86
CA LEU A 157 -3.92 7.42 10.23
C LEU A 157 -3.56 8.06 11.56
N ALA A 158 -3.18 7.24 12.53
CA ALA A 158 -2.81 7.73 13.85
C ALA A 158 -1.52 8.55 13.78
N ALA A 159 -0.58 8.11 12.94
CA ALA A 159 0.71 8.78 12.79
C ALA A 159 0.52 10.21 12.32
N LEU A 160 -0.34 10.40 11.34
CA LEU A 160 -0.65 11.72 10.83
C LEU A 160 -1.35 12.55 11.89
N GLN A 161 -2.37 11.96 12.51
CA GLN A 161 -3.18 12.66 13.49
C GLN A 161 -2.35 13.12 14.68
N ALA A 162 -1.23 12.44 14.93
CA ALA A 162 -0.33 12.79 16.01
C ALA A 162 0.34 14.14 15.75
N GLY A 163 0.38 14.54 14.49
CA GLY A 163 0.97 15.81 14.12
C GLY A 163 0.04 16.97 14.34
N ASN A 164 -1.25 16.67 14.50
CA ASN A 164 -2.24 17.71 14.75
C ASN A 164 -3.05 17.39 15.99
N ARG A 165 -2.52 17.81 17.13
CA ARG A 165 -3.20 17.63 18.41
C ARG A 165 -3.79 18.94 18.87
N GLY A 1 -6.57 -17.01 -15.32
CA GLY A 1 -5.16 -17.04 -14.86
C GLY A 1 -4.55 -18.43 -14.97
N ILE A 2 -5.32 -19.45 -14.62
CA ILE A 2 -4.84 -20.84 -14.70
C ILE A 2 -5.04 -21.39 -16.11
N ASP A 3 -5.24 -20.49 -17.06
CA ASP A 3 -5.62 -20.83 -18.41
C ASP A 3 -4.74 -20.04 -19.40
N PRO A 4 -4.92 -20.25 -20.72
CA PRO A 4 -4.15 -19.53 -21.76
C PRO A 4 -4.25 -18.00 -21.68
N PHE A 5 -5.09 -17.48 -20.78
CA PHE A 5 -5.11 -16.06 -20.48
C PHE A 5 -3.76 -15.64 -19.88
N THR A 6 -3.07 -16.61 -19.31
CA THR A 6 -1.76 -16.40 -18.73
C THR A 6 -0.79 -17.48 -19.23
N ASN A 7 0.19 -17.08 -20.02
CA ASN A 7 1.15 -18.03 -20.58
C ASN A 7 2.55 -17.76 -20.05
N GLU A 8 3.49 -18.58 -20.49
CA GLU A 8 4.89 -18.40 -20.13
C GLU A 8 5.68 -17.94 -21.35
N ALA A 9 5.22 -18.35 -22.53
CA ALA A 9 5.89 -18.01 -23.77
C ALA A 9 5.95 -16.51 -23.99
N ALA A 10 7.09 -16.05 -24.54
CA ALA A 10 7.34 -14.63 -24.78
C ALA A 10 7.50 -13.88 -23.46
N SER A 11 6.38 -13.55 -22.83
CA SER A 11 6.39 -12.82 -21.58
C SER A 11 5.32 -13.37 -20.64
N ALA A 12 5.75 -13.99 -19.56
CA ALA A 12 4.82 -14.47 -18.55
C ALA A 12 4.10 -13.29 -17.92
N ALA A 13 2.85 -13.48 -17.54
CA ALA A 13 2.04 -12.41 -16.98
C ALA A 13 2.63 -11.90 -15.66
N GLY A 14 2.72 -12.78 -14.69
CA GLY A 14 3.21 -12.40 -13.38
C GLY A 14 2.14 -11.72 -12.55
N VAL A 15 1.15 -11.15 -13.24
CA VAL A 15 0.02 -10.45 -12.62
C VAL A 15 0.48 -9.16 -11.94
N VAL A 16 1.22 -9.29 -10.84
CA VAL A 16 1.71 -8.14 -10.09
C VAL A 16 3.22 -8.06 -10.21
N GLY A 17 3.81 -9.01 -10.94
CA GLY A 17 5.26 -9.08 -11.08
C GLY A 17 5.82 -8.00 -12.00
N GLY A 18 5.41 -6.77 -11.77
CA GLY A 18 5.91 -5.64 -12.52
C GLY A 18 5.71 -4.36 -11.75
N MET A 19 4.48 -4.13 -11.30
CA MET A 19 4.15 -2.94 -10.52
C MET A 19 4.59 -3.10 -9.07
N VAL A 20 4.90 -4.33 -8.67
CA VAL A 20 5.40 -4.60 -7.34
C VAL A 20 6.75 -3.91 -7.14
N ASP A 21 7.47 -3.71 -8.25
CA ASP A 21 8.74 -3.00 -8.24
C ASP A 21 8.56 -1.57 -7.76
N SER A 22 7.41 -0.98 -8.11
CA SER A 22 7.08 0.37 -7.70
C SER A 22 6.91 0.47 -6.18
N ILE A 23 6.35 -0.58 -5.59
CA ILE A 23 6.16 -0.62 -4.15
C ILE A 23 7.51 -0.70 -3.43
N THR A 24 8.45 -1.44 -4.02
CA THR A 24 9.78 -1.56 -3.45
C THR A 24 10.50 -0.22 -3.48
N GLN A 25 10.26 0.56 -4.53
CA GLN A 25 10.83 1.90 -4.65
C GLN A 25 10.30 2.80 -3.53
N ALA A 26 9.01 2.65 -3.23
CA ALA A 26 8.36 3.42 -2.18
C ALA A 26 9.03 3.17 -0.84
N ILE A 27 9.35 1.92 -0.55
CA ILE A 27 10.02 1.56 0.69
C ILE A 27 11.38 2.25 0.77
N ASN A 28 12.08 2.29 -0.34
CA ASN A 28 13.41 2.87 -0.37
C ASN A 28 13.38 4.39 -0.18
N GLN A 29 12.51 5.06 -0.92
CA GLN A 29 12.47 6.52 -0.89
C GLN A 29 12.09 7.05 0.50
N LEU A 30 11.24 6.32 1.20
CA LEU A 30 10.79 6.75 2.52
C LEU A 30 11.88 6.57 3.57
N ASP A 31 12.78 5.62 3.32
CA ASP A 31 13.90 5.39 4.21
C ASP A 31 14.95 6.47 4.02
N GLU A 32 15.19 6.83 2.76
CA GLU A 32 16.20 7.82 2.41
C GLU A 32 15.93 9.15 3.10
N GLY A 33 14.71 9.65 2.96
CA GLY A 33 14.35 10.89 3.62
C GLY A 33 13.13 11.55 3.02
N PRO A 34 12.87 12.82 3.38
CA PRO A 34 11.73 13.58 2.87
C PRO A 34 12.05 14.24 1.52
N MET A 35 11.19 15.17 1.11
CA MET A 35 11.42 15.89 -0.13
C MET A 35 12.01 17.27 0.15
N GLY A 36 11.16 18.18 0.65
CA GLY A 36 11.63 19.50 1.00
C GLY A 36 10.67 20.59 0.55
N ASP A 37 10.80 21.76 1.18
CA ASP A 37 9.91 22.92 0.98
C ASP A 37 8.50 22.52 0.55
N PRO A 38 7.71 22.02 1.50
CA PRO A 38 6.32 21.62 1.24
C PRO A 38 5.45 22.83 0.88
N GLU A 39 4.69 22.69 -0.20
CA GLU A 39 3.86 23.79 -0.68
C GLU A 39 2.56 23.89 0.12
N GLY A 40 2.42 23.06 1.13
CA GLY A 40 1.27 23.11 2.00
C GLY A 40 1.66 22.87 3.44
N SER A 41 0.76 23.17 4.37
CA SER A 41 1.01 22.94 5.78
C SER A 41 0.85 21.45 6.09
N PHE A 42 1.27 21.05 7.29
CA PHE A 42 1.13 19.66 7.72
C PHE A 42 -0.31 19.20 7.61
N VAL A 43 -1.23 20.09 7.99
CA VAL A 43 -2.66 19.80 7.95
C VAL A 43 -3.09 19.38 6.54
N ASP A 44 -2.52 20.01 5.51
CA ASP A 44 -2.87 19.69 4.13
C ASP A 44 -2.47 18.27 3.78
N TYR A 45 -1.20 17.97 3.95
CA TYR A 45 -0.68 16.65 3.62
C TYR A 45 -1.32 15.58 4.49
N GLN A 46 -1.60 15.93 5.73
CA GLN A 46 -2.28 15.01 6.64
C GLN A 46 -3.65 14.62 6.09
N THR A 47 -4.48 15.61 5.82
CA THR A 47 -5.82 15.39 5.32
C THR A 47 -5.80 14.60 4.02
N THR A 48 -4.85 14.93 3.15
CA THR A 48 -4.72 14.22 1.88
C THR A 48 -4.31 12.77 2.11
N MET A 49 -3.32 12.56 2.97
CA MET A 49 -2.81 11.21 3.22
C MET A 49 -3.84 10.33 3.91
N VAL A 50 -4.53 10.86 4.91
CA VAL A 50 -5.51 10.05 5.64
C VAL A 50 -6.64 9.63 4.71
N ARG A 51 -6.98 10.48 3.75
CA ARG A 51 -7.98 10.13 2.74
C ARG A 51 -7.52 8.94 1.92
N THR A 52 -6.30 9.02 1.39
CA THR A 52 -5.74 7.95 0.59
C THR A 52 -5.53 6.68 1.42
N ALA A 53 -5.17 6.86 2.69
CA ALA A 53 -4.98 5.73 3.59
C ALA A 53 -6.28 4.97 3.79
N LYS A 54 -7.35 5.70 4.08
CA LYS A 54 -8.66 5.09 4.24
C LYS A 54 -9.13 4.49 2.92
N ALA A 55 -8.67 5.08 1.82
CA ALA A 55 -8.98 4.58 0.48
C ALA A 55 -8.31 3.23 0.24
N ILE A 56 -7.04 3.10 0.62
CA ILE A 56 -6.35 1.83 0.45
C ILE A 56 -6.83 0.83 1.51
N ALA A 57 -7.36 1.35 2.61
CA ALA A 57 -7.88 0.51 3.69
C ALA A 57 -9.13 -0.23 3.26
N VAL A 58 -9.99 0.44 2.50
CA VAL A 58 -11.17 -0.21 1.98
C VAL A 58 -10.81 -1.16 0.83
N THR A 59 -9.68 -0.87 0.17
CA THR A 59 -9.13 -1.76 -0.84
C THR A 59 -8.69 -3.08 -0.21
N VAL A 60 -7.81 -3.00 0.79
CA VAL A 60 -7.30 -4.20 1.44
C VAL A 60 -8.42 -5.02 2.09
N GLN A 61 -9.39 -4.33 2.70
CA GLN A 61 -10.52 -5.01 3.32
C GLN A 61 -11.39 -5.66 2.24
N GLU A 62 -11.34 -5.12 1.03
CA GLU A 62 -12.07 -5.69 -0.09
C GLU A 62 -11.36 -6.94 -0.58
N MET A 63 -10.03 -6.90 -0.57
CA MET A 63 -9.22 -8.00 -1.09
C MET A 63 -9.46 -9.28 -0.31
N VAL A 64 -9.47 -9.19 1.01
CA VAL A 64 -9.70 -10.36 1.86
C VAL A 64 -11.07 -10.98 1.56
N THR A 65 -12.06 -10.12 1.44
CA THR A 65 -13.42 -10.55 1.17
C THR A 65 -13.56 -11.11 -0.25
N LYS A 66 -12.95 -10.44 -1.21
CA LYS A 66 -13.01 -10.88 -2.60
C LYS A 66 -12.24 -12.17 -2.81
N SER A 67 -11.17 -12.37 -2.06
CA SER A 67 -10.37 -13.58 -2.19
C SER A 67 -11.22 -14.82 -1.88
N ASN A 68 -12.28 -14.61 -1.10
CA ASN A 68 -13.18 -15.69 -0.72
C ASN A 68 -14.20 -15.99 -1.82
N THR A 69 -14.66 -14.94 -2.50
CA THR A 69 -15.76 -15.09 -3.47
C THR A 69 -15.29 -14.99 -4.92
N SER A 70 -14.33 -14.12 -5.16
CA SER A 70 -13.91 -13.79 -6.50
C SER A 70 -12.38 -13.60 -6.55
N PRO A 71 -11.65 -14.69 -6.78
CA PRO A 71 -10.17 -14.66 -6.73
C PRO A 71 -9.55 -13.79 -7.81
N GLU A 72 -10.22 -13.65 -8.94
CA GLU A 72 -9.66 -12.88 -10.05
C GLU A 72 -9.86 -11.39 -9.80
N GLU A 73 -10.79 -11.06 -8.91
CA GLU A 73 -11.02 -9.67 -8.53
C GLU A 73 -9.86 -9.13 -7.72
N LEU A 74 -8.98 -10.03 -7.31
CA LEU A 74 -7.79 -9.65 -6.56
C LEU A 74 -6.82 -8.89 -7.45
N GLY A 75 -6.85 -9.17 -8.74
CA GLY A 75 -5.93 -8.52 -9.66
C GLY A 75 -6.13 -7.01 -9.73
N PRO A 76 -7.34 -6.53 -10.04
CA PRO A 76 -7.65 -5.10 -10.04
C PRO A 76 -7.41 -4.45 -8.68
N LEU A 77 -7.72 -5.17 -7.61
CA LEU A 77 -7.55 -4.63 -6.27
C LEU A 77 -6.09 -4.53 -5.89
N ALA A 78 -5.32 -5.55 -6.23
CA ALA A 78 -3.88 -5.51 -6.05
C ALA A 78 -3.30 -4.35 -6.83
N ASN A 79 -3.91 -4.07 -7.98
CA ASN A 79 -3.46 -2.97 -8.82
C ASN A 79 -3.76 -1.63 -8.15
N GLN A 80 -4.95 -1.53 -7.58
CA GLN A 80 -5.36 -0.32 -6.88
C GLN A 80 -4.55 -0.12 -5.60
N LEU A 81 -4.34 -1.20 -4.87
CA LEU A 81 -3.54 -1.14 -3.66
C LEU A 81 -2.12 -0.68 -4.00
N THR A 82 -1.66 -1.03 -5.18
CA THR A 82 -0.35 -0.62 -5.65
C THR A 82 -0.33 0.87 -6.02
N SER A 83 -1.31 1.28 -6.82
CA SER A 83 -1.33 2.64 -7.34
C SER A 83 -1.57 3.66 -6.23
N ASP A 84 -2.59 3.39 -5.45
CA ASP A 84 -3.00 4.29 -4.38
C ASP A 84 -1.98 4.33 -3.26
N TYR A 85 -1.28 3.21 -3.03
CA TYR A 85 -0.20 3.21 -2.05
C TYR A 85 0.93 4.12 -2.50
N GLY A 86 1.22 4.09 -3.79
CA GLY A 86 2.24 4.96 -4.36
C GLY A 86 1.97 6.42 -4.07
N ARG A 87 0.69 6.77 -3.97
CA ARG A 87 0.30 8.13 -3.64
C ARG A 87 0.69 8.45 -2.21
N LEU A 88 0.41 7.54 -1.30
CA LEU A 88 0.78 7.72 0.09
C LEU A 88 2.29 7.81 0.24
N ALA A 89 3.01 6.99 -0.50
CA ALA A 89 4.47 6.98 -0.46
C ALA A 89 5.03 8.33 -0.94
N SER A 90 4.44 8.88 -1.99
CA SER A 90 4.92 10.13 -2.56
C SER A 90 4.48 11.32 -1.71
N GLN A 91 3.27 11.26 -1.16
CA GLN A 91 2.73 12.34 -0.35
C GLN A 91 3.38 12.36 1.04
N ALA A 92 3.90 11.22 1.48
CA ALA A 92 4.56 11.13 2.78
C ALA A 92 5.89 11.88 2.80
N LYS A 93 6.53 11.96 1.63
CA LYS A 93 7.82 12.64 1.51
C LYS A 93 7.72 14.13 1.92
N PRO A 94 6.77 14.90 1.35
CA PRO A 94 6.53 16.29 1.77
C PRO A 94 5.83 16.37 3.12
N ALA A 95 5.03 15.36 3.46
CA ALA A 95 4.33 15.34 4.73
C ALA A 95 5.31 15.31 5.90
N ALA A 96 6.35 14.50 5.75
CA ALA A 96 7.39 14.39 6.76
C ALA A 96 8.06 15.73 7.04
N VAL A 97 8.41 16.43 5.97
CA VAL A 97 9.10 17.72 6.10
C VAL A 97 8.11 18.82 6.51
N ALA A 98 6.83 18.60 6.24
CA ALA A 98 5.80 19.57 6.61
C ALA A 98 5.48 19.50 8.09
N ALA A 99 5.82 18.37 8.71
CA ALA A 99 5.61 18.19 10.14
C ALA A 99 6.59 19.03 10.94
N GLU A 100 6.13 19.63 12.01
CA GLU A 100 6.98 20.50 12.81
C GLU A 100 7.68 19.70 13.90
N ASN A 101 7.02 18.62 14.33
CA ASN A 101 7.64 17.67 15.23
C ASN A 101 8.39 16.63 14.40
N GLU A 102 9.68 16.51 14.64
CA GLU A 102 10.54 15.65 13.82
C GLU A 102 10.08 14.19 13.87
N GLU A 103 9.60 13.76 15.04
CA GLU A 103 9.14 12.38 15.20
C GLU A 103 7.92 12.11 14.35
N ILE A 104 7.07 13.11 14.20
CA ILE A 104 5.87 12.97 13.39
C ILE A 104 6.26 12.64 11.96
N GLY A 105 7.15 13.44 11.40
CA GLY A 105 7.61 13.22 10.04
C GLY A 105 8.28 11.87 9.86
N ALA A 106 9.10 11.49 10.83
CA ALA A 106 9.78 10.21 10.79
C ALA A 106 8.79 9.06 10.88
N HIS A 107 7.83 9.20 11.78
CA HIS A 107 6.81 8.18 11.98
C HIS A 107 5.91 8.05 10.77
N ILE A 108 5.55 9.18 10.14
CA ILE A 108 4.70 9.17 8.95
C ILE A 108 5.29 8.25 7.88
N LYS A 109 6.54 8.50 7.53
CA LYS A 109 7.22 7.70 6.50
C LYS A 109 7.24 6.23 6.89
N HIS A 110 7.64 5.98 8.14
CA HIS A 110 7.79 4.62 8.65
C HIS A 110 6.45 3.88 8.68
N ARG A 111 5.38 4.59 8.98
CA ARG A 111 4.05 3.99 8.99
C ARG A 111 3.65 3.54 7.59
N VAL A 112 3.97 4.37 6.60
CA VAL A 112 3.70 4.03 5.21
C VAL A 112 4.54 2.81 4.79
N GLN A 113 5.69 2.66 5.44
CA GLN A 113 6.58 1.55 5.15
C GLN A 113 6.00 0.23 5.65
N GLU A 114 5.14 0.32 6.65
CA GLU A 114 4.40 -0.84 7.11
C GLU A 114 3.61 -1.41 5.94
N LEU A 115 3.01 -0.51 5.17
CA LEU A 115 2.31 -0.90 3.96
C LEU A 115 3.31 -1.26 2.87
N GLY A 116 4.52 -0.68 2.93
CA GLY A 116 5.54 -1.03 1.96
C GLY A 116 5.84 -2.50 1.98
N HIS A 117 5.75 -3.11 3.16
CA HIS A 117 5.93 -4.55 3.29
C HIS A 117 4.60 -5.28 3.15
N GLY A 118 3.58 -4.78 3.85
CA GLY A 118 2.30 -5.45 3.86
C GLY A 118 1.59 -5.41 2.51
N CYS A 119 1.50 -4.22 1.92
CA CYS A 119 0.81 -4.05 0.65
C CYS A 119 1.55 -4.80 -0.46
N SER A 120 2.87 -4.79 -0.40
CA SER A 120 3.68 -5.54 -1.34
C SER A 120 3.37 -7.03 -1.24
N ALA A 121 3.32 -7.52 -0.01
CA ALA A 121 3.05 -8.93 0.22
C ALA A 121 1.63 -9.29 -0.21
N LEU A 122 0.69 -8.41 0.07
CA LEU A 122 -0.71 -8.62 -0.27
C LEU A 122 -0.89 -8.77 -1.78
N VAL A 123 -0.38 -7.79 -2.53
CA VAL A 123 -0.53 -7.80 -3.98
C VAL A 123 0.20 -8.99 -4.60
N THR A 124 1.35 -9.33 -4.03
CA THR A 124 2.13 -10.48 -4.48
C THR A 124 1.36 -11.77 -4.20
N LYS A 125 0.75 -11.85 -3.02
CA LYS A 125 0.02 -13.03 -2.61
C LYS A 125 -1.22 -13.23 -3.47
N ALA A 126 -1.90 -12.14 -3.78
CA ALA A 126 -3.06 -12.16 -4.67
C ALA A 126 -2.68 -12.71 -6.04
N GLY A 127 -1.48 -12.38 -6.50
CA GLY A 127 -0.99 -12.94 -7.74
C GLY A 127 -0.87 -14.45 -7.68
N ALA A 128 -0.37 -14.95 -6.55
CA ALA A 128 -0.23 -16.38 -6.35
C ALA A 128 -1.58 -17.04 -6.11
N LEU A 129 -2.51 -16.30 -5.50
CA LEU A 129 -3.83 -16.82 -5.22
C LEU A 129 -4.61 -16.98 -6.52
N GLN A 130 -4.32 -16.12 -7.49
CA GLN A 130 -4.96 -16.22 -8.79
C GLN A 130 -4.35 -17.36 -9.59
N CYS A 131 -3.10 -17.69 -9.29
CA CYS A 131 -2.42 -18.81 -9.93
C CYS A 131 -2.92 -20.12 -9.34
N SER A 132 -3.56 -20.05 -8.18
CA SER A 132 -4.15 -21.22 -7.53
C SER A 132 -5.31 -20.79 -6.64
N PRO A 133 -6.43 -20.35 -7.26
CA PRO A 133 -7.58 -19.79 -6.52
C PRO A 133 -8.27 -20.82 -5.62
N SER A 134 -7.95 -22.09 -5.84
CA SER A 134 -8.55 -23.17 -5.08
C SER A 134 -7.69 -23.56 -3.89
N ASP A 135 -6.55 -22.89 -3.73
CA ASP A 135 -5.64 -23.19 -2.64
C ASP A 135 -6.01 -22.39 -1.40
N VAL A 136 -6.55 -23.10 -0.41
CA VAL A 136 -7.04 -22.48 0.81
C VAL A 136 -5.89 -21.93 1.65
N TYR A 137 -4.74 -22.59 1.57
CA TYR A 137 -3.57 -22.17 2.33
C TYR A 137 -3.10 -20.79 1.86
N THR A 138 -2.97 -20.63 0.54
CA THR A 138 -2.58 -19.35 -0.04
C THR A 138 -3.57 -18.25 0.34
N LYS A 139 -4.86 -18.59 0.28
CA LYS A 139 -5.91 -17.65 0.65
C LYS A 139 -5.80 -17.29 2.12
N LYS A 140 -5.53 -18.29 2.96
CA LYS A 140 -5.40 -18.09 4.39
C LYS A 140 -4.28 -17.10 4.69
N GLU A 141 -3.18 -17.22 3.99
CA GLU A 141 -2.05 -16.32 4.16
C GLU A 141 -2.42 -14.91 3.73
N LEU A 142 -3.15 -14.79 2.62
CA LEU A 142 -3.57 -13.49 2.12
C LEU A 142 -4.58 -12.85 3.07
N ILE A 143 -5.49 -13.67 3.61
CA ILE A 143 -6.45 -13.20 4.62
C ILE A 143 -5.70 -12.58 5.78
N GLU A 144 -4.65 -13.26 6.23
CA GLU A 144 -3.78 -12.72 7.27
C GLU A 144 -3.16 -11.40 6.85
N CYS A 145 -2.54 -11.39 5.67
CA CYS A 145 -1.91 -10.18 5.15
C CYS A 145 -2.89 -9.02 5.14
N ALA A 146 -4.10 -9.26 4.64
CA ALA A 146 -5.12 -8.23 4.55
C ALA A 146 -5.45 -7.66 5.93
N ARG A 147 -5.59 -8.52 6.92
CA ARG A 147 -5.85 -8.08 8.28
C ARG A 147 -4.73 -7.20 8.79
N ARG A 148 -3.51 -7.65 8.56
CA ARG A 148 -2.32 -6.99 9.06
C ARG A 148 -2.10 -5.63 8.38
N VAL A 149 -2.37 -5.58 7.07
CA VAL A 149 -2.27 -4.32 6.34
C VAL A 149 -3.28 -3.31 6.87
N SER A 150 -4.51 -3.77 7.09
CA SER A 150 -5.56 -2.93 7.64
C SER A 150 -5.13 -2.34 8.99
N GLU A 151 -4.44 -3.15 9.78
CA GLU A 151 -3.93 -2.71 11.08
C GLU A 151 -2.84 -1.66 10.91
N LYS A 152 -2.03 -1.81 9.88
CA LYS A 152 -0.96 -0.87 9.62
C LYS A 152 -1.52 0.48 9.18
N VAL A 153 -2.61 0.45 8.42
CA VAL A 153 -3.30 1.67 8.02
C VAL A 153 -3.72 2.46 9.26
N SER A 154 -4.27 1.74 10.24
CA SER A 154 -4.66 2.35 11.50
C SER A 154 -3.47 3.01 12.18
N HIS A 155 -2.30 2.38 12.05
CA HIS A 155 -1.07 2.91 12.63
C HIS A 155 -0.63 4.17 11.88
N VAL A 156 -0.79 4.15 10.56
CA VAL A 156 -0.48 5.30 9.71
C VAL A 156 -1.34 6.49 10.09
N LEU A 157 -2.65 6.26 10.13
CA LEU A 157 -3.61 7.29 10.50
C LEU A 157 -3.27 7.88 11.86
N ALA A 158 -2.94 7.01 12.81
CA ALA A 158 -2.58 7.43 14.16
C ALA A 158 -1.38 8.37 14.14
N ALA A 159 -0.43 8.13 13.24
CA ALA A 159 0.77 8.95 13.14
C ALA A 159 0.41 10.37 12.69
N LEU A 160 -0.53 10.46 11.74
CA LEU A 160 -1.00 11.75 11.26
C LEU A 160 -1.80 12.46 12.35
N GLN A 161 -2.73 11.75 12.95
CA GLN A 161 -3.58 12.31 14.01
C GLN A 161 -2.74 12.75 15.21
N ALA A 162 -1.57 12.14 15.37
CA ALA A 162 -0.66 12.50 16.46
C ALA A 162 -0.07 13.89 16.22
N GLY A 163 -0.06 14.31 14.97
CA GLY A 163 0.50 15.61 14.63
C GLY A 163 -0.44 16.75 14.99
N ASN A 164 -1.64 16.42 15.43
CA ASN A 164 -2.59 17.42 15.86
C ASN A 164 -2.43 17.69 17.35
N ARG A 165 -1.54 16.92 17.96
CA ARG A 165 -1.26 17.00 19.39
C ARG A 165 -2.54 16.84 20.21
N GLY A 1 -3.04 -15.84 -22.63
CA GLY A 1 -3.07 -16.36 -24.01
C GLY A 1 -2.70 -15.29 -25.02
N ILE A 2 -3.01 -15.53 -26.28
CA ILE A 2 -2.68 -14.59 -27.34
C ILE A 2 -3.95 -13.86 -27.81
N ASP A 3 -5.04 -14.14 -27.10
CA ASP A 3 -6.33 -13.57 -27.44
C ASP A 3 -6.96 -12.94 -26.20
N PRO A 4 -7.36 -11.66 -26.30
CA PRO A 4 -7.85 -10.88 -25.15
C PRO A 4 -9.23 -11.29 -24.65
N PHE A 5 -9.91 -12.17 -25.38
CA PHE A 5 -11.22 -12.65 -24.97
C PHE A 5 -11.10 -13.46 -23.68
N THR A 6 -10.00 -14.18 -23.54
CA THR A 6 -9.74 -14.95 -22.33
C THR A 6 -8.74 -14.19 -21.45
N ASN A 7 -8.62 -14.63 -20.20
CA ASN A 7 -7.81 -13.93 -19.21
C ASN A 7 -6.31 -13.97 -19.55
N GLU A 8 -5.56 -13.10 -18.87
CA GLU A 8 -4.12 -12.99 -19.04
C GLU A 8 -3.75 -12.67 -20.49
N ALA A 9 -4.02 -11.43 -20.88
CA ALA A 9 -3.68 -10.97 -22.23
C ALA A 9 -3.44 -9.47 -22.23
N ALA A 10 -2.21 -9.07 -21.94
CA ALA A 10 -1.86 -7.66 -21.90
C ALA A 10 -0.37 -7.46 -22.14
N SER A 11 0.09 -6.22 -22.02
CA SER A 11 1.52 -5.94 -22.13
C SER A 11 2.25 -6.49 -20.92
N ALA A 12 3.19 -7.41 -21.19
CA ALA A 12 3.90 -8.15 -20.14
C ALA A 12 2.95 -9.07 -19.38
N ALA A 13 2.22 -8.50 -18.44
CA ALA A 13 1.26 -9.26 -17.64
C ALA A 13 0.41 -8.31 -16.81
N GLY A 14 -0.79 -8.73 -16.45
CA GLY A 14 -1.66 -7.89 -15.65
C GLY A 14 -1.61 -8.28 -14.19
N VAL A 15 -0.62 -9.08 -13.84
CA VAL A 15 -0.45 -9.54 -12.47
C VAL A 15 0.30 -8.51 -11.63
N VAL A 16 0.69 -8.90 -10.44
CA VAL A 16 1.35 -7.99 -9.51
C VAL A 16 2.83 -7.88 -9.81
N GLY A 17 3.42 -9.00 -10.26
CA GLY A 17 4.81 -9.00 -10.65
C GLY A 17 5.11 -7.91 -11.66
N GLY A 18 5.88 -6.93 -11.25
CA GLY A 18 6.14 -5.78 -12.08
C GLY A 18 5.79 -4.48 -11.39
N MET A 19 4.52 -4.33 -11.03
CA MET A 19 4.06 -3.11 -10.36
C MET A 19 4.42 -3.14 -8.88
N VAL A 20 4.64 -4.35 -8.35
CA VAL A 20 5.04 -4.52 -6.95
C VAL A 20 6.36 -3.79 -6.68
N ASP A 21 7.13 -3.59 -7.74
CA ASP A 21 8.38 -2.85 -7.67
C ASP A 21 8.16 -1.44 -7.15
N SER A 22 7.03 -0.85 -7.54
CA SER A 22 6.69 0.50 -7.12
C SER A 22 6.47 0.56 -5.60
N ILE A 23 5.92 -0.52 -5.06
CA ILE A 23 5.72 -0.63 -3.61
C ILE A 23 7.07 -0.72 -2.91
N THR A 24 7.94 -1.57 -3.45
CA THR A 24 9.27 -1.78 -2.90
C THR A 24 10.10 -0.48 -2.95
N GLN A 25 10.09 0.16 -4.12
CA GLN A 25 10.84 1.41 -4.31
C GLN A 25 10.36 2.49 -3.34
N ALA A 26 9.05 2.51 -3.11
CA ALA A 26 8.44 3.51 -2.23
C ALA A 26 8.98 3.39 -0.81
N ILE A 27 9.21 2.16 -0.36
CA ILE A 27 9.76 1.93 0.97
C ILE A 27 11.13 2.58 1.11
N ASN A 28 11.96 2.41 0.09
CA ASN A 28 13.34 2.89 0.11
C ASN A 28 13.39 4.42 0.24
N GLN A 29 12.64 5.11 -0.61
CA GLN A 29 12.69 6.57 -0.66
C GLN A 29 12.14 7.22 0.60
N LEU A 30 11.15 6.58 1.23
CA LEU A 30 10.48 7.15 2.39
C LEU A 30 11.44 7.35 3.56
N ASP A 31 12.28 6.35 3.81
CA ASP A 31 13.19 6.41 4.95
C ASP A 31 14.40 7.30 4.63
N GLU A 32 14.72 7.40 3.35
CA GLU A 32 15.78 8.30 2.91
C GLU A 32 15.36 9.74 3.09
N GLY A 33 14.15 10.06 2.62
CA GLY A 33 13.63 11.40 2.76
C GLY A 33 13.61 12.15 1.45
N PRO A 34 12.88 13.26 1.37
CA PRO A 34 12.80 14.09 0.17
C PRO A 34 13.93 15.11 0.10
N MET A 35 13.78 16.09 -0.77
CA MET A 35 14.75 17.19 -0.88
C MET A 35 14.30 18.37 -0.03
N GLY A 36 13.39 18.10 0.91
CA GLY A 36 12.80 19.16 1.69
C GLY A 36 11.94 20.06 0.85
N ASP A 37 11.21 19.44 -0.07
CA ASP A 37 10.39 20.18 -1.01
C ASP A 37 8.90 19.85 -0.86
N PRO A 38 8.23 20.49 0.11
CA PRO A 38 6.78 20.40 0.22
C PRO A 38 6.10 21.41 -0.69
N GLU A 39 5.28 20.90 -1.60
CA GLU A 39 4.56 21.74 -2.55
C GLU A 39 3.53 22.57 -1.82
N GLY A 40 2.97 21.98 -0.76
CA GLY A 40 1.94 22.65 0.00
C GLY A 40 2.21 22.60 1.48
N SER A 41 1.24 22.99 2.27
CA SER A 41 1.39 22.98 3.71
C SER A 41 1.10 21.58 4.26
N PHE A 42 1.60 21.31 5.46
CA PHE A 42 1.42 20.00 6.08
C PHE A 42 -0.06 19.62 6.17
N VAL A 43 -0.90 20.61 6.44
CA VAL A 43 -2.34 20.41 6.50
C VAL A 43 -2.87 19.76 5.21
N ASP A 44 -2.37 20.22 4.07
CA ASP A 44 -2.83 19.71 2.78
C ASP A 44 -2.43 18.25 2.62
N TYR A 45 -1.20 17.93 2.99
CA TYR A 45 -0.72 16.56 2.92
C TYR A 45 -1.47 15.67 3.92
N GLN A 46 -1.64 16.18 5.13
CA GLN A 46 -2.32 15.45 6.19
C GLN A 46 -3.74 15.09 5.75
N THR A 47 -4.50 16.10 5.34
CA THR A 47 -5.90 15.91 4.98
C THR A 47 -6.03 14.96 3.79
N THR A 48 -5.02 14.93 2.94
CA THR A 48 -5.00 14.04 1.80
C THR A 48 -4.64 12.61 2.22
N MET A 49 -3.54 12.47 2.95
CA MET A 49 -3.02 11.16 3.31
C MET A 49 -3.99 10.36 4.18
N VAL A 50 -4.71 11.05 5.06
CA VAL A 50 -5.68 10.36 5.90
C VAL A 50 -6.80 9.77 5.04
N ARG A 51 -7.08 10.42 3.91
CA ARG A 51 -8.09 9.93 2.99
C ARG A 51 -7.55 8.78 2.17
N THR A 52 -6.31 8.92 1.70
CA THR A 52 -5.67 7.89 0.90
C THR A 52 -5.47 6.60 1.71
N ALA A 53 -5.20 6.76 3.00
CA ALA A 53 -5.08 5.60 3.89
C ALA A 53 -6.40 4.87 4.01
N LYS A 54 -7.49 5.63 4.16
CA LYS A 54 -8.83 5.04 4.17
C LYS A 54 -9.12 4.37 2.84
N ALA A 55 -8.59 4.97 1.76
CA ALA A 55 -8.76 4.42 0.43
C ALA A 55 -8.08 3.07 0.28
N ILE A 56 -6.86 2.94 0.79
CA ILE A 56 -6.16 1.66 0.71
C ILE A 56 -6.80 0.66 1.67
N ALA A 57 -7.38 1.18 2.77
CA ALA A 57 -8.02 0.35 3.76
C ALA A 57 -9.26 -0.33 3.19
N VAL A 58 -10.05 0.40 2.41
CA VAL A 58 -11.22 -0.18 1.79
C VAL A 58 -10.81 -1.13 0.66
N THR A 59 -9.64 -0.91 0.09
CA THR A 59 -9.09 -1.82 -0.90
C THR A 59 -8.70 -3.14 -0.26
N VAL A 60 -7.88 -3.10 0.78
CA VAL A 60 -7.43 -4.31 1.46
C VAL A 60 -8.62 -5.07 2.06
N GLN A 61 -9.56 -4.34 2.64
CA GLN A 61 -10.74 -4.97 3.23
C GLN A 61 -11.60 -5.61 2.14
N GLU A 62 -11.50 -5.09 0.92
CA GLU A 62 -12.20 -5.65 -0.21
C GLU A 62 -11.48 -6.89 -0.70
N MET A 63 -10.14 -6.85 -0.69
CA MET A 63 -9.34 -7.96 -1.20
C MET A 63 -9.61 -9.23 -0.41
N VAL A 64 -9.61 -9.12 0.92
CA VAL A 64 -9.87 -10.27 1.77
C VAL A 64 -11.27 -10.83 1.52
N THR A 65 -12.20 -9.93 1.27
CA THR A 65 -13.58 -10.29 1.04
C THR A 65 -13.76 -10.90 -0.35
N LYS A 66 -13.18 -10.26 -1.36
CA LYS A 66 -13.26 -10.74 -2.73
C LYS A 66 -12.56 -12.07 -2.90
N SER A 67 -11.51 -12.29 -2.13
CA SER A 67 -10.77 -13.54 -2.22
C SER A 67 -11.66 -14.74 -1.92
N ASN A 68 -12.72 -14.49 -1.17
CA ASN A 68 -13.67 -15.54 -0.80
C ASN A 68 -14.66 -15.79 -1.92
N THR A 69 -15.10 -14.74 -2.59
CA THR A 69 -16.14 -14.85 -3.60
C THR A 69 -15.58 -14.89 -5.03
N SER A 70 -14.59 -14.05 -5.30
CA SER A 70 -14.06 -13.89 -6.64
C SER A 70 -12.58 -13.55 -6.60
N PRO A 71 -11.71 -14.57 -6.71
CA PRO A 71 -10.26 -14.37 -6.73
C PRO A 71 -9.82 -13.60 -7.97
N GLU A 72 -10.73 -13.47 -8.93
CA GLU A 72 -10.45 -12.76 -10.16
C GLU A 72 -10.39 -11.27 -9.93
N GLU A 73 -11.07 -10.82 -8.87
CA GLU A 73 -11.09 -9.41 -8.51
C GLU A 73 -9.81 -9.00 -7.79
N LEU A 74 -9.06 -9.99 -7.34
CA LEU A 74 -7.85 -9.74 -6.56
C LEU A 74 -6.79 -9.02 -7.39
N GLY A 75 -6.79 -9.25 -8.70
CA GLY A 75 -5.80 -8.61 -9.56
C GLY A 75 -5.99 -7.11 -9.66
N PRO A 76 -7.17 -6.62 -10.07
CA PRO A 76 -7.45 -5.19 -10.13
C PRO A 76 -7.38 -4.52 -8.76
N LEU A 77 -7.66 -5.28 -7.70
CA LEU A 77 -7.54 -4.75 -6.35
C LEU A 77 -6.09 -4.63 -5.95
N ALA A 78 -5.30 -5.64 -6.28
CA ALA A 78 -3.87 -5.58 -6.08
C ALA A 78 -3.30 -4.41 -6.87
N ASN A 79 -3.84 -4.23 -8.07
CA ASN A 79 -3.50 -3.11 -8.92
C ASN A 79 -3.78 -1.80 -8.19
N GLN A 80 -4.95 -1.71 -7.60
CA GLN A 80 -5.41 -0.49 -6.94
C GLN A 80 -4.67 -0.26 -5.63
N LEU A 81 -4.48 -1.31 -4.85
CA LEU A 81 -3.73 -1.21 -3.59
C LEU A 81 -2.32 -0.70 -3.89
N THR A 82 -1.75 -1.17 -4.99
CA THR A 82 -0.43 -0.74 -5.42
C THR A 82 -0.42 0.74 -5.77
N SER A 83 -1.41 1.17 -6.54
CA SER A 83 -1.46 2.55 -7.01
C SER A 83 -1.80 3.51 -5.86
N ASP A 84 -2.80 3.12 -5.08
CA ASP A 84 -3.20 3.91 -3.91
C ASP A 84 -2.03 4.08 -2.94
N TYR A 85 -1.30 3.00 -2.70
CA TYR A 85 -0.14 3.03 -1.83
C TYR A 85 0.90 4.02 -2.35
N GLY A 86 1.10 4.01 -3.67
CA GLY A 86 2.04 4.92 -4.30
C GLY A 86 1.72 6.38 -4.00
N ARG A 87 0.43 6.68 -3.94
CA ARG A 87 -0.03 8.04 -3.65
C ARG A 87 0.30 8.43 -2.21
N LEU A 88 0.17 7.48 -1.30
CA LEU A 88 0.57 7.69 0.09
C LEU A 88 2.08 7.87 0.19
N ALA A 89 2.81 6.97 -0.44
CA ALA A 89 4.26 6.95 -0.34
C ALA A 89 4.92 8.17 -0.99
N SER A 90 4.24 8.77 -1.97
CA SER A 90 4.78 9.93 -2.63
C SER A 90 4.51 11.20 -1.83
N GLN A 91 3.31 11.29 -1.26
CA GLN A 91 2.91 12.47 -0.49
C GLN A 91 3.54 12.47 0.90
N ALA A 92 3.89 11.28 1.41
CA ALA A 92 4.47 11.17 2.74
C ALA A 92 5.85 11.81 2.81
N LYS A 93 6.56 11.84 1.68
CA LYS A 93 7.89 12.41 1.63
C LYS A 93 7.88 13.91 1.97
N PRO A 94 7.14 14.74 1.21
CA PRO A 94 7.05 16.18 1.49
C PRO A 94 6.27 16.47 2.78
N ALA A 95 5.34 15.58 3.11
CA ALA A 95 4.58 15.73 4.36
C ALA A 95 5.51 15.72 5.56
N ALA A 96 6.52 14.86 5.49
CA ALA A 96 7.49 14.72 6.56
C ALA A 96 8.25 16.02 6.82
N VAL A 97 8.72 16.65 5.75
CA VAL A 97 9.52 17.85 5.87
C VAL A 97 8.66 19.07 6.21
N ALA A 98 7.39 19.02 5.83
CA ALA A 98 6.46 20.11 6.11
C ALA A 98 5.95 20.03 7.55
N ALA A 99 6.13 18.86 8.16
CA ALA A 99 5.68 18.62 9.52
C ALA A 99 6.50 19.41 10.53
N GLU A 100 5.86 19.84 11.60
CA GLU A 100 6.51 20.62 12.65
C GLU A 100 7.66 19.84 13.27
N ASN A 101 7.33 18.72 13.90
CA ASN A 101 8.33 17.88 14.54
C ASN A 101 9.02 17.00 13.51
N GLU A 102 10.33 16.85 13.65
CA GLU A 102 11.07 15.94 12.79
C GLU A 102 10.59 14.52 13.07
N GLU A 103 10.30 14.25 14.34
CA GLU A 103 9.78 12.96 14.77
C GLU A 103 8.46 12.65 14.07
N ILE A 104 7.63 13.67 13.88
CA ILE A 104 6.35 13.49 13.22
C ILE A 104 6.57 13.12 11.75
N GLY A 105 7.51 13.79 11.11
CA GLY A 105 7.85 13.47 9.75
C GLY A 105 8.43 12.08 9.63
N ALA A 106 9.33 11.75 10.55
CA ALA A 106 9.92 10.42 10.62
C ALA A 106 8.85 9.37 10.90
N HIS A 107 7.87 9.76 11.71
CA HIS A 107 6.79 8.88 12.10
C HIS A 107 5.94 8.52 10.88
N ILE A 108 5.55 9.53 10.12
CA ILE A 108 4.73 9.33 8.94
C ILE A 108 5.42 8.39 7.94
N LYS A 109 6.65 8.73 7.57
CA LYS A 109 7.39 7.95 6.57
C LYS A 109 7.60 6.51 7.03
N HIS A 110 7.84 6.32 8.32
CA HIS A 110 8.11 4.99 8.86
C HIS A 110 6.85 4.15 8.98
N ARG A 111 5.70 4.80 9.11
CA ARG A 111 4.43 4.08 9.18
C ARG A 111 4.02 3.56 7.81
N VAL A 112 4.35 4.31 6.77
CA VAL A 112 4.07 3.86 5.41
C VAL A 112 4.98 2.70 5.03
N GLN A 113 6.12 2.60 5.73
CA GLN A 113 7.00 1.45 5.59
C GLN A 113 6.26 0.19 5.97
N GLU A 114 5.46 0.30 7.02
CA GLU A 114 4.62 -0.79 7.49
C GLU A 114 3.68 -1.23 6.38
N LEU A 115 3.04 -0.25 5.74
CA LEU A 115 2.18 -0.51 4.62
C LEU A 115 2.97 -1.10 3.47
N GLY A 116 4.19 -0.62 3.28
CA GLY A 116 5.04 -1.16 2.25
C GLY A 116 5.19 -2.66 2.37
N HIS A 117 5.58 -3.11 3.55
CA HIS A 117 5.75 -4.55 3.79
C HIS A 117 4.42 -5.28 3.70
N GLY A 118 3.39 -4.70 4.30
CA GLY A 118 2.09 -5.32 4.31
C GLY A 118 1.46 -5.41 2.93
N CYS A 119 1.41 -4.28 2.24
CA CYS A 119 0.78 -4.20 0.92
C CYS A 119 1.51 -5.10 -0.07
N SER A 120 2.85 -5.09 -0.05
CA SER A 120 3.64 -5.95 -0.93
C SER A 120 3.25 -7.41 -0.72
N ALA A 121 3.18 -7.81 0.54
CA ALA A 121 2.88 -9.20 0.88
C ALA A 121 1.48 -9.59 0.42
N LEU A 122 0.55 -8.65 0.51
CA LEU A 122 -0.83 -8.90 0.12
C LEU A 122 -0.93 -9.11 -1.39
N VAL A 123 -0.40 -8.16 -2.14
CA VAL A 123 -0.47 -8.20 -3.60
C VAL A 123 0.31 -9.40 -4.14
N THR A 124 1.44 -9.73 -3.50
CA THR A 124 2.23 -10.89 -3.88
C THR A 124 1.39 -12.17 -3.82
N LYS A 125 0.63 -12.32 -2.74
CA LYS A 125 -0.23 -13.49 -2.55
C LYS A 125 -1.33 -13.52 -3.60
N ALA A 126 -1.92 -12.36 -3.88
CA ALA A 126 -3.01 -12.27 -4.85
C ALA A 126 -2.57 -12.69 -6.25
N GLY A 127 -1.32 -12.37 -6.59
CA GLY A 127 -0.79 -12.80 -7.86
C GLY A 127 -0.78 -14.31 -8.00
N ALA A 128 -0.37 -14.98 -6.94
CA ALA A 128 -0.33 -16.43 -6.91
C ALA A 128 -1.72 -17.02 -6.73
N LEU A 129 -2.59 -16.28 -6.05
CA LEU A 129 -3.93 -16.76 -5.75
C LEU A 129 -4.78 -16.78 -7.01
N GLN A 130 -4.47 -15.90 -7.95
CA GLN A 130 -5.17 -15.91 -9.22
C GLN A 130 -4.66 -17.03 -10.11
N CYS A 131 -3.41 -17.42 -9.89
CA CYS A 131 -2.84 -18.55 -10.60
C CYS A 131 -3.41 -19.84 -10.04
N SER A 132 -3.79 -19.80 -8.78
CA SER A 132 -4.37 -20.96 -8.11
C SER A 132 -5.49 -20.52 -7.17
N PRO A 133 -6.64 -20.08 -7.73
CA PRO A 133 -7.76 -19.55 -6.93
C PRO A 133 -8.42 -20.65 -6.09
N SER A 134 -8.00 -21.87 -6.36
CA SER A 134 -8.51 -23.05 -5.70
C SER A 134 -7.71 -23.37 -4.44
N ASP A 135 -6.54 -22.77 -4.32
CA ASP A 135 -5.64 -23.09 -3.22
C ASP A 135 -6.06 -22.37 -1.94
N VAL A 136 -6.40 -23.16 -0.93
CA VAL A 136 -6.88 -22.60 0.34
C VAL A 136 -5.71 -22.02 1.13
N TYR A 137 -4.56 -22.65 1.03
CA TYR A 137 -3.37 -22.24 1.76
C TYR A 137 -2.96 -20.82 1.38
N THR A 138 -2.88 -20.57 0.07
CA THR A 138 -2.51 -19.25 -0.44
C THR A 138 -3.55 -18.21 -0.07
N LYS A 139 -4.82 -18.60 -0.10
CA LYS A 139 -5.90 -17.71 0.28
C LYS A 139 -5.81 -17.37 1.75
N LYS A 140 -5.51 -18.38 2.57
CA LYS A 140 -5.27 -18.18 3.99
C LYS A 140 -4.18 -17.13 4.20
N GLU A 141 -3.09 -17.31 3.46
CA GLU A 141 -1.97 -16.38 3.52
C GLU A 141 -2.38 -14.98 3.11
N LEU A 142 -3.20 -14.88 2.07
CA LEU A 142 -3.67 -13.59 1.58
C LEU A 142 -4.54 -12.90 2.62
N ILE A 143 -5.40 -13.67 3.28
CA ILE A 143 -6.24 -13.12 4.34
C ILE A 143 -5.38 -12.56 5.46
N GLU A 144 -4.32 -13.29 5.81
CA GLU A 144 -3.38 -12.84 6.82
C GLU A 144 -2.64 -11.60 6.35
N CYS A 145 -2.24 -11.60 5.08
CA CYS A 145 -1.62 -10.43 4.48
C CYS A 145 -2.53 -9.21 4.60
N ALA A 146 -3.81 -9.42 4.35
CA ALA A 146 -4.80 -8.36 4.44
C ALA A 146 -4.90 -7.82 5.87
N ARG A 147 -4.82 -8.72 6.84
CA ARG A 147 -4.88 -8.33 8.25
C ARG A 147 -3.78 -7.35 8.57
N ARG A 148 -2.55 -7.71 8.20
CA ARG A 148 -1.38 -6.90 8.50
C ARG A 148 -1.51 -5.50 7.90
N VAL A 149 -2.07 -5.42 6.70
CA VAL A 149 -2.24 -4.14 6.03
C VAL A 149 -3.19 -3.25 6.81
N SER A 150 -4.39 -3.76 7.11
CA SER A 150 -5.39 -2.99 7.83
C SER A 150 -4.87 -2.58 9.20
N GLU A 151 -4.08 -3.47 9.81
CA GLU A 151 -3.44 -3.18 11.09
C GLU A 151 -2.53 -1.97 11.00
N LYS A 152 -1.80 -1.87 9.91
CA LYS A 152 -0.84 -0.80 9.75
C LYS A 152 -1.50 0.50 9.30
N VAL A 153 -2.64 0.39 8.62
CA VAL A 153 -3.40 1.58 8.21
C VAL A 153 -3.69 2.46 9.41
N SER A 154 -4.18 1.83 10.48
CA SER A 154 -4.51 2.55 11.71
C SER A 154 -3.28 3.27 12.26
N HIS A 155 -2.12 2.62 12.12
CA HIS A 155 -0.86 3.21 12.59
C HIS A 155 -0.47 4.39 11.72
N VAL A 156 -0.62 4.25 10.42
CA VAL A 156 -0.30 5.33 9.48
C VAL A 156 -1.20 6.53 9.73
N LEU A 157 -2.50 6.27 9.87
CA LEU A 157 -3.46 7.33 10.16
C LEU A 157 -3.10 8.06 11.44
N ALA A 158 -2.83 7.30 12.50
CA ALA A 158 -2.52 7.86 13.81
C ALA A 158 -1.28 8.75 13.76
N ALA A 159 -0.41 8.50 12.79
CA ALA A 159 0.81 9.30 12.64
C ALA A 159 0.49 10.74 12.25
N LEU A 160 -0.66 10.93 11.59
CA LEU A 160 -1.07 12.26 11.17
C LEU A 160 -1.63 13.06 12.33
N GLN A 161 -2.55 12.46 13.09
CA GLN A 161 -3.19 13.16 14.20
C GLN A 161 -2.19 13.40 15.34
N ALA A 162 -1.07 12.69 15.30
CA ALA A 162 -0.02 12.87 16.30
C ALA A 162 0.75 14.16 16.03
N GLY A 163 0.65 14.65 14.79
CA GLY A 163 1.38 15.83 14.39
C GLY A 163 0.63 17.12 14.69
N ASN A 164 0.13 17.25 15.90
CA ASN A 164 -0.54 18.47 16.33
C ASN A 164 0.50 19.50 16.74
N ARG A 165 0.10 20.77 16.75
CA ARG A 165 1.01 21.84 17.11
C ARG A 165 0.70 22.36 18.51
N GLY A 1 7.79 -8.83 -28.80
CA GLY A 1 7.39 -7.40 -28.82
C GLY A 1 7.62 -6.74 -27.48
N ILE A 2 6.63 -6.82 -26.59
CA ILE A 2 6.74 -6.29 -25.25
C ILE A 2 7.86 -6.97 -24.49
N ASP A 3 8.69 -6.16 -23.81
CA ASP A 3 9.89 -6.63 -23.12
C ASP A 3 10.94 -7.10 -24.13
N PRO A 4 11.93 -6.24 -24.42
CA PRO A 4 12.97 -6.52 -25.41
C PRO A 4 13.90 -7.64 -24.96
N PHE A 5 14.16 -8.57 -25.88
CA PHE A 5 15.07 -9.69 -25.66
C PHE A 5 14.53 -10.61 -24.56
N THR A 6 13.29 -11.03 -24.72
CA THR A 6 12.72 -12.05 -23.85
C THR A 6 12.90 -13.41 -24.51
N ASN A 7 13.02 -13.38 -25.85
CA ASN A 7 13.32 -14.56 -26.66
C ASN A 7 12.18 -15.56 -26.70
N GLU A 8 11.95 -16.24 -25.59
CA GLU A 8 11.03 -17.37 -25.57
C GLU A 8 10.55 -17.69 -24.16
N ALA A 9 9.48 -18.47 -24.09
CA ALA A 9 8.98 -19.03 -22.83
C ALA A 9 8.60 -17.95 -21.83
N ALA A 10 8.01 -16.87 -22.31
CA ALA A 10 7.52 -15.83 -21.42
C ALA A 10 6.24 -16.28 -20.74
N SER A 11 6.13 -15.98 -19.45
CA SER A 11 4.97 -16.36 -18.67
C SER A 11 3.95 -15.24 -18.65
N ALA A 12 2.85 -15.42 -19.37
CA ALA A 12 1.77 -14.44 -19.36
C ALA A 12 0.93 -14.61 -18.10
N ALA A 13 1.33 -13.92 -17.04
CA ALA A 13 0.66 -14.03 -15.76
C ALA A 13 -0.53 -13.08 -15.68
N GLY A 14 -0.30 -11.84 -16.10
CA GLY A 14 -1.33 -10.82 -16.01
C GLY A 14 -1.63 -10.45 -14.58
N VAL A 15 -0.61 -10.49 -13.74
CA VAL A 15 -0.76 -10.21 -12.33
C VAL A 15 0.44 -9.40 -11.83
N VAL A 16 0.36 -8.92 -10.58
CA VAL A 16 1.42 -8.17 -9.94
C VAL A 16 2.79 -8.78 -10.17
N GLY A 17 3.55 -8.16 -11.05
CA GLY A 17 4.94 -8.52 -11.25
C GLY A 17 5.79 -7.34 -11.68
N GLY A 18 5.15 -6.20 -11.84
CA GLY A 18 5.89 -5.00 -12.21
C GLY A 18 5.69 -3.89 -11.20
N MET A 19 4.45 -3.67 -10.80
CA MET A 19 4.12 -2.61 -9.86
C MET A 19 4.48 -2.99 -8.43
N VAL A 20 4.79 -4.27 -8.22
CA VAL A 20 5.23 -4.73 -6.90
C VAL A 20 6.57 -4.07 -6.57
N ASP A 21 7.41 -3.91 -7.58
CA ASP A 21 8.68 -3.21 -7.45
C ASP A 21 8.46 -1.76 -7.00
N SER A 22 7.43 -1.16 -7.57
CA SER A 22 7.06 0.22 -7.24
C SER A 22 6.78 0.38 -5.74
N ILE A 23 6.26 -0.66 -5.12
CA ILE A 23 5.99 -0.66 -3.69
C ILE A 23 7.29 -0.74 -2.90
N THR A 24 8.17 -1.63 -3.33
CA THR A 24 9.47 -1.78 -2.68
C THR A 24 10.30 -0.51 -2.83
N GLN A 25 10.21 0.11 -4.01
CA GLN A 25 10.87 1.38 -4.27
C GLN A 25 10.36 2.46 -3.31
N ALA A 26 9.04 2.46 -3.09
CA ALA A 26 8.41 3.42 -2.20
C ALA A 26 8.97 3.34 -0.80
N ILE A 27 9.32 2.13 -0.38
CA ILE A 27 9.95 1.91 0.91
C ILE A 27 11.30 2.62 0.98
N ASN A 28 12.11 2.43 -0.04
CA ASN A 28 13.46 2.99 -0.06
C ASN A 28 13.45 4.49 -0.25
N GLN A 29 12.58 4.97 -1.13
CA GLN A 29 12.55 6.39 -1.49
C GLN A 29 12.22 7.27 -0.29
N LEU A 30 11.43 6.75 0.64
CA LEU A 30 11.03 7.51 1.82
C LEU A 30 12.21 7.77 2.72
N ASP A 31 13.16 6.84 2.73
CA ASP A 31 14.38 6.96 3.51
C ASP A 31 15.45 7.69 2.72
N GLU A 32 15.53 7.37 1.43
CA GLU A 32 16.46 8.03 0.51
C GLU A 32 16.23 9.53 0.51
N GLY A 33 14.97 9.92 0.34
CA GLY A 33 14.60 11.32 0.40
C GLY A 33 13.60 11.58 1.50
N PRO A 34 14.07 11.93 2.71
CA PRO A 34 13.19 12.20 3.84
C PRO A 34 12.28 13.38 3.58
N MET A 35 12.85 14.42 2.99
CA MET A 35 12.13 15.66 2.76
C MET A 35 11.56 15.72 1.34
N GLY A 36 11.27 16.94 0.90
CA GLY A 36 10.62 17.13 -0.37
C GLY A 36 10.33 18.58 -0.61
N ASP A 37 9.40 18.86 -1.50
CA ASP A 37 8.96 20.22 -1.75
C ASP A 37 7.47 20.34 -1.42
N PRO A 38 7.13 20.43 -0.12
CA PRO A 38 5.74 20.57 0.32
C PRO A 38 5.08 21.79 -0.29
N GLU A 39 4.11 21.53 -1.15
CA GLU A 39 3.43 22.57 -1.91
C GLU A 39 2.33 23.21 -1.06
N GLY A 40 2.12 22.66 0.12
CA GLY A 40 1.09 23.15 1.01
C GLY A 40 1.45 22.89 2.46
N SER A 41 0.52 23.18 3.36
CA SER A 41 0.77 23.00 4.78
C SER A 41 0.60 21.55 5.17
N PHE A 42 1.03 21.21 6.38
CA PHE A 42 0.95 19.84 6.89
C PHE A 42 -0.51 19.39 6.95
N VAL A 43 -1.39 20.33 7.26
CA VAL A 43 -2.82 20.05 7.34
C VAL A 43 -3.37 19.55 6.00
N ASP A 44 -2.84 20.09 4.91
CA ASP A 44 -3.28 19.71 3.58
C ASP A 44 -2.85 18.29 3.27
N TYR A 45 -1.55 18.03 3.45
CA TYR A 45 -1.01 16.70 3.22
C TYR A 45 -1.63 15.69 4.17
N GLN A 46 -1.86 16.10 5.41
CA GLN A 46 -2.50 15.25 6.40
C GLN A 46 -3.84 14.75 5.89
N THR A 47 -4.67 15.68 5.46
CA THR A 47 -6.00 15.37 4.97
C THR A 47 -5.93 14.44 3.75
N THR A 48 -5.01 14.73 2.83
CA THR A 48 -4.84 13.92 1.65
C THR A 48 -4.31 12.52 2.01
N MET A 49 -3.40 12.46 2.97
CA MET A 49 -2.81 11.20 3.41
C MET A 49 -3.86 10.31 4.07
N VAL A 50 -4.60 10.85 5.02
CA VAL A 50 -5.57 10.04 5.75
C VAL A 50 -6.65 9.48 4.83
N ARG A 51 -7.11 10.28 3.87
CA ARG A 51 -8.13 9.82 2.92
C ARG A 51 -7.59 8.69 2.07
N THR A 52 -6.36 8.84 1.62
CA THR A 52 -5.74 7.85 0.76
C THR A 52 -5.44 6.56 1.55
N ALA A 53 -5.11 6.73 2.83
CA ALA A 53 -4.90 5.58 3.71
C ALA A 53 -6.21 4.82 3.88
N LYS A 54 -7.31 5.53 4.05
CA LYS A 54 -8.63 4.90 4.12
C LYS A 54 -8.98 4.27 2.78
N ALA A 55 -8.50 4.90 1.70
CA ALA A 55 -8.74 4.41 0.36
C ALA A 55 -8.05 3.07 0.12
N ILE A 56 -6.86 2.90 0.67
CA ILE A 56 -6.18 1.61 0.56
C ILE A 56 -6.76 0.62 1.57
N ALA A 57 -7.30 1.16 2.66
CA ALA A 57 -7.89 0.34 3.72
C ALA A 57 -9.17 -0.35 3.25
N VAL A 58 -9.93 0.32 2.40
CA VAL A 58 -11.15 -0.26 1.88
C VAL A 58 -10.81 -1.32 0.83
N THR A 59 -9.66 -1.16 0.19
CA THR A 59 -9.17 -2.13 -0.77
C THR A 59 -8.66 -3.39 -0.07
N VAL A 60 -7.86 -3.21 0.98
CA VAL A 60 -7.33 -4.35 1.73
C VAL A 60 -8.47 -5.09 2.45
N GLN A 61 -9.47 -4.35 2.91
CA GLN A 61 -10.63 -4.97 3.54
C GLN A 61 -11.46 -5.70 2.50
N GLU A 62 -11.36 -5.26 1.24
CA GLU A 62 -12.07 -5.89 0.16
C GLU A 62 -11.37 -7.19 -0.26
N MET A 63 -10.05 -7.20 -0.11
CA MET A 63 -9.22 -8.36 -0.47
C MET A 63 -9.71 -9.63 0.23
N VAL A 64 -9.98 -9.53 1.52
CA VAL A 64 -10.42 -10.68 2.31
C VAL A 64 -11.76 -11.20 1.80
N THR A 65 -12.62 -10.28 1.42
CA THR A 65 -13.96 -10.62 0.98
C THR A 65 -13.94 -11.17 -0.45
N LYS A 66 -13.17 -10.52 -1.32
CA LYS A 66 -13.10 -10.92 -2.72
C LYS A 66 -12.43 -12.27 -2.90
N SER A 67 -11.31 -12.46 -2.23
CA SER A 67 -10.51 -13.68 -2.39
C SER A 67 -11.34 -14.94 -2.10
N ASN A 68 -12.33 -14.79 -1.24
CA ASN A 68 -13.20 -15.90 -0.88
C ASN A 68 -14.03 -16.39 -2.06
N THR A 69 -14.73 -15.49 -2.72
CA THR A 69 -15.67 -15.87 -3.76
C THR A 69 -15.19 -15.47 -5.17
N SER A 70 -14.38 -14.43 -5.27
CA SER A 70 -13.97 -13.88 -6.55
C SER A 70 -12.47 -13.60 -6.58
N PRO A 71 -11.65 -14.63 -6.78
CA PRO A 71 -10.19 -14.50 -6.77
C PRO A 71 -9.65 -13.63 -7.91
N GLU A 72 -10.37 -13.58 -9.03
CA GLU A 72 -9.91 -12.79 -10.17
C GLU A 72 -10.08 -11.30 -9.91
N GLU A 73 -10.90 -10.97 -8.92
CA GLU A 73 -11.15 -9.59 -8.56
C GLU A 73 -10.00 -9.02 -7.73
N LEU A 74 -9.10 -9.91 -7.31
CA LEU A 74 -7.95 -9.50 -6.52
C LEU A 74 -6.96 -8.72 -7.38
N GLY A 75 -6.98 -8.97 -8.68
CA GLY A 75 -6.06 -8.30 -9.59
C GLY A 75 -6.27 -6.80 -9.63
N PRO A 76 -7.49 -6.31 -9.95
CA PRO A 76 -7.80 -4.88 -9.92
C PRO A 76 -7.56 -4.27 -8.55
N LEU A 77 -7.75 -5.05 -7.49
CA LEU A 77 -7.53 -4.56 -6.14
C LEU A 77 -6.06 -4.44 -5.85
N ALA A 78 -5.29 -5.43 -6.28
CA ALA A 78 -3.85 -5.39 -6.14
C ALA A 78 -3.30 -4.17 -6.87
N ASN A 79 -3.93 -3.85 -7.99
CA ASN A 79 -3.58 -2.66 -8.76
C ASN A 79 -3.91 -1.39 -7.99
N GLN A 80 -5.13 -1.32 -7.48
CA GLN A 80 -5.60 -0.15 -6.76
C GLN A 80 -4.83 0.07 -5.46
N LEU A 81 -4.65 -1.00 -4.69
CA LEU A 81 -3.91 -0.95 -3.44
C LEU A 81 -2.52 -0.39 -3.70
N THR A 82 -1.89 -0.85 -4.76
CA THR A 82 -0.57 -0.39 -5.16
C THR A 82 -0.59 1.07 -5.58
N SER A 83 -1.56 1.42 -6.43
CA SER A 83 -1.58 2.72 -7.07
C SER A 83 -1.84 3.82 -6.05
N ASP A 84 -2.78 3.58 -5.14
CA ASP A 84 -3.08 4.56 -4.10
C ASP A 84 -1.99 4.60 -3.05
N TYR A 85 -1.37 3.46 -2.76
CA TYR A 85 -0.24 3.43 -1.84
C TYR A 85 0.89 4.31 -2.35
N GLY A 86 1.11 4.27 -3.65
CA GLY A 86 2.12 5.11 -4.27
C GLY A 86 1.93 6.58 -3.96
N ARG A 87 0.68 7.01 -3.78
CA ARG A 87 0.38 8.39 -3.46
C ARG A 87 0.88 8.71 -2.05
N LEU A 88 0.52 7.86 -1.11
CA LEU A 88 0.97 8.00 0.27
C LEU A 88 2.49 8.01 0.34
N ALA A 89 3.09 7.10 -0.41
CA ALA A 89 4.54 6.99 -0.46
C ALA A 89 5.19 8.25 -1.03
N SER A 90 4.46 8.98 -1.85
CA SER A 90 4.96 10.22 -2.42
C SER A 90 4.71 11.39 -1.48
N GLN A 91 3.49 11.47 -0.96
CA GLN A 91 3.07 12.58 -0.11
C GLN A 91 3.79 12.56 1.23
N ALA A 92 4.19 11.38 1.68
CA ALA A 92 4.87 11.22 2.97
C ALA A 92 6.19 12.00 3.02
N LYS A 93 6.79 12.24 1.86
CA LYS A 93 8.05 12.98 1.81
C LYS A 93 7.83 14.47 2.12
N PRO A 94 7.01 15.20 1.34
CA PRO A 94 6.71 16.61 1.62
C PRO A 94 5.98 16.79 2.96
N ALA A 95 5.16 15.81 3.33
CA ALA A 95 4.44 15.85 4.60
C ALA A 95 5.42 15.86 5.77
N ALA A 96 6.49 15.09 5.64
CA ALA A 96 7.51 15.01 6.67
C ALA A 96 8.18 16.37 6.87
N VAL A 97 8.28 17.13 5.80
CA VAL A 97 8.91 18.46 5.85
C VAL A 97 7.96 19.47 6.46
N ALA A 98 6.69 19.36 6.11
CA ALA A 98 5.68 20.29 6.59
C ALA A 98 5.49 20.16 8.09
N ALA A 99 5.83 18.99 8.62
CA ALA A 99 5.74 18.76 10.05
C ALA A 99 6.80 19.57 10.79
N GLU A 100 6.45 20.07 11.97
CA GLU A 100 7.35 20.94 12.71
C GLU A 100 8.41 20.13 13.46
N ASN A 101 8.07 18.92 13.86
CA ASN A 101 8.98 18.11 14.65
C ASN A 101 9.58 16.98 13.81
N GLU A 102 10.82 16.64 14.13
CA GLU A 102 11.58 15.65 13.39
C GLU A 102 10.91 14.28 13.42
N GLU A 103 10.64 13.80 14.64
CA GLU A 103 10.05 12.48 14.83
C GLU A 103 8.73 12.33 14.09
N ILE A 104 8.02 13.43 13.92
CA ILE A 104 6.73 13.40 13.25
C ILE A 104 6.90 13.07 11.77
N GLY A 105 7.86 13.73 11.13
CA GLY A 105 8.14 13.46 9.73
C GLY A 105 8.66 12.05 9.52
N ALA A 106 9.53 11.62 10.43
CA ALA A 106 10.05 10.26 10.39
C ALA A 106 8.93 9.26 10.66
N HIS A 107 8.03 9.63 11.55
CA HIS A 107 6.93 8.77 11.96
C HIS A 107 6.03 8.44 10.77
N ILE A 108 5.70 9.47 9.99
CA ILE A 108 4.84 9.30 8.83
C ILE A 108 5.44 8.31 7.84
N LYS A 109 6.68 8.57 7.42
CA LYS A 109 7.32 7.74 6.42
C LYS A 109 7.56 6.32 6.93
N HIS A 110 7.81 6.20 8.24
CA HIS A 110 8.05 4.90 8.85
C HIS A 110 6.79 4.04 8.88
N ARG A 111 5.63 4.68 9.01
CA ARG A 111 4.37 3.95 9.00
C ARG A 111 3.97 3.58 7.58
N VAL A 112 4.45 4.35 6.61
CA VAL A 112 4.21 4.01 5.20
C VAL A 112 5.07 2.80 4.81
N GLN A 113 6.18 2.62 5.52
CA GLN A 113 7.04 1.45 5.33
C GLN A 113 6.26 0.18 5.67
N GLU A 114 5.31 0.32 6.59
CA GLU A 114 4.51 -0.82 7.03
C GLU A 114 3.67 -1.36 5.89
N LEU A 115 3.00 -0.47 5.16
CA LEU A 115 2.24 -0.90 3.99
C LEU A 115 3.19 -1.30 2.89
N GLY A 116 4.39 -0.73 2.91
CA GLY A 116 5.40 -1.11 1.94
C GLY A 116 5.69 -2.60 1.97
N HIS A 117 5.57 -3.19 3.15
CA HIS A 117 5.73 -4.62 3.29
C HIS A 117 4.38 -5.32 3.21
N GLY A 118 3.42 -4.82 3.97
CA GLY A 118 2.10 -5.43 4.01
C GLY A 118 1.39 -5.43 2.67
N CYS A 119 1.31 -4.26 2.05
CA CYS A 119 0.64 -4.12 0.76
C CYS A 119 1.38 -4.89 -0.32
N SER A 120 2.72 -4.88 -0.24
CA SER A 120 3.55 -5.61 -1.19
C SER A 120 3.28 -7.11 -1.07
N ALA A 121 3.24 -7.60 0.16
CA ALA A 121 3.00 -9.01 0.42
C ALA A 121 1.62 -9.41 -0.06
N LEU A 122 0.65 -8.54 0.17
CA LEU A 122 -0.73 -8.80 -0.20
C LEU A 122 -0.86 -8.98 -1.71
N VAL A 123 -0.37 -8.01 -2.46
CA VAL A 123 -0.47 -8.04 -3.91
C VAL A 123 0.35 -9.19 -4.50
N THR A 124 1.45 -9.52 -3.83
CA THR A 124 2.29 -10.62 -4.25
C THR A 124 1.57 -11.96 -4.02
N LYS A 125 0.92 -12.09 -2.88
CA LYS A 125 0.23 -13.33 -2.54
C LYS A 125 -0.95 -13.54 -3.49
N ALA A 126 -1.63 -12.45 -3.83
CA ALA A 126 -2.72 -12.50 -4.79
C ALA A 126 -2.28 -13.10 -6.11
N GLY A 127 -1.07 -12.74 -6.56
CA GLY A 127 -0.51 -13.31 -7.77
C GLY A 127 -0.46 -14.83 -7.73
N ALA A 128 -0.09 -15.37 -6.59
CA ALA A 128 -0.02 -16.81 -6.41
C ALA A 128 -1.41 -17.41 -6.22
N LEU A 129 -2.28 -16.66 -5.55
CA LEU A 129 -3.63 -17.13 -5.27
C LEU A 129 -4.45 -17.18 -6.55
N GLN A 130 -4.22 -16.24 -7.43
CA GLN A 130 -4.91 -16.23 -8.72
C GLN A 130 -4.44 -17.38 -9.60
N CYS A 131 -3.21 -17.83 -9.37
CA CYS A 131 -2.66 -18.97 -10.09
C CYS A 131 -3.24 -20.28 -9.53
N SER A 132 -3.76 -20.22 -8.31
CA SER A 132 -4.38 -21.37 -7.68
C SER A 132 -5.50 -20.92 -6.74
N PRO A 133 -6.61 -20.41 -7.31
CA PRO A 133 -7.72 -19.82 -6.54
C PRO A 133 -8.42 -20.82 -5.65
N SER A 134 -8.20 -22.10 -5.92
CA SER A 134 -8.85 -23.17 -5.20
C SER A 134 -7.98 -23.70 -4.05
N ASP A 135 -6.90 -23.01 -3.76
CA ASP A 135 -6.01 -23.42 -2.68
C ASP A 135 -6.38 -22.70 -1.39
N VAL A 136 -6.70 -23.47 -0.36
CA VAL A 136 -7.17 -22.92 0.89
C VAL A 136 -6.06 -22.17 1.65
N TYR A 137 -4.86 -22.72 1.64
CA TYR A 137 -3.74 -22.11 2.36
C TYR A 137 -3.33 -20.79 1.72
N THR A 138 -3.14 -20.80 0.41
CA THR A 138 -2.74 -19.61 -0.31
C THR A 138 -3.78 -18.50 -0.14
N LYS A 139 -5.04 -18.89 -0.10
CA LYS A 139 -6.13 -17.94 0.10
C LYS A 139 -6.13 -17.42 1.54
N LYS A 140 -5.96 -18.32 2.49
CA LYS A 140 -5.92 -17.93 3.90
C LYS A 140 -4.72 -17.02 4.17
N GLU A 141 -3.59 -17.34 3.58
CA GLU A 141 -2.39 -16.54 3.72
C GLU A 141 -2.63 -15.11 3.23
N LEU A 142 -3.41 -14.97 2.17
CA LEU A 142 -3.77 -13.66 1.66
C LEU A 142 -4.70 -12.95 2.63
N ILE A 143 -5.59 -13.71 3.27
CA ILE A 143 -6.45 -13.19 4.33
C ILE A 143 -5.58 -12.68 5.48
N GLU A 144 -4.56 -13.45 5.83
CA GLU A 144 -3.60 -13.04 6.85
C GLU A 144 -2.86 -11.79 6.40
N CYS A 145 -2.53 -11.73 5.11
CA CYS A 145 -1.88 -10.56 4.55
C CYS A 145 -2.77 -9.33 4.70
N ALA A 146 -4.05 -9.50 4.40
CA ALA A 146 -5.01 -8.41 4.45
C ALA A 146 -5.14 -7.84 5.85
N ARG A 147 -5.39 -8.71 6.83
CA ARG A 147 -5.60 -8.26 8.21
C ARG A 147 -4.41 -7.47 8.74
N ARG A 148 -3.20 -7.84 8.31
CA ARG A 148 -1.99 -7.15 8.75
C ARG A 148 -1.93 -5.73 8.18
N VAL A 149 -2.30 -5.59 6.92
CA VAL A 149 -2.28 -4.29 6.25
C VAL A 149 -3.26 -3.34 6.92
N SER A 150 -4.45 -3.84 7.19
CA SER A 150 -5.48 -3.06 7.86
C SER A 150 -5.00 -2.54 9.21
N GLU A 151 -4.19 -3.33 9.90
CA GLU A 151 -3.60 -2.93 11.17
C GLU A 151 -2.66 -1.74 10.96
N LYS A 152 -1.93 -1.78 9.87
CA LYS A 152 -0.93 -0.77 9.58
C LYS A 152 -1.58 0.55 9.17
N VAL A 153 -2.73 0.45 8.51
CA VAL A 153 -3.46 1.64 8.08
C VAL A 153 -3.79 2.54 9.27
N SER A 154 -4.26 1.92 10.35
CA SER A 154 -4.59 2.66 11.56
C SER A 154 -3.35 3.39 12.10
N HIS A 155 -2.20 2.73 11.99
CA HIS A 155 -0.93 3.32 12.42
C HIS A 155 -0.54 4.50 11.53
N VAL A 156 -0.76 4.35 10.22
CA VAL A 156 -0.49 5.42 9.28
C VAL A 156 -1.38 6.61 9.57
N LEU A 157 -2.67 6.34 9.73
CA LEU A 157 -3.65 7.37 10.05
C LEU A 157 -3.26 8.12 11.32
N ALA A 158 -2.98 7.35 12.37
CA ALA A 158 -2.66 7.92 13.68
C ALA A 158 -1.38 8.74 13.66
N ALA A 159 -0.51 8.45 12.70
CA ALA A 159 0.74 9.17 12.55
C ALA A 159 0.50 10.64 12.20
N LEU A 160 -0.61 10.90 11.51
CA LEU A 160 -0.94 12.25 11.09
C LEU A 160 -1.45 13.10 12.25
N GLN A 161 -2.36 12.55 13.05
CA GLN A 161 -2.93 13.28 14.18
C GLN A 161 -1.90 13.49 15.28
N ALA A 162 -0.81 12.75 15.21
CA ALA A 162 0.30 12.93 16.14
C ALA A 162 1.09 14.19 15.78
N GLY A 163 0.95 14.64 14.54
CA GLY A 163 1.64 15.83 14.10
C GLY A 163 0.74 17.05 14.13
N ASN A 164 -0.49 16.89 13.64
CA ASN A 164 -1.48 17.96 13.65
C ASN A 164 -2.87 17.37 13.83
N ARG A 165 -3.80 18.17 14.33
CA ARG A 165 -5.14 17.69 14.58
C ARG A 165 -6.14 18.35 13.63
N GLY A 1 27.73 -25.45 -0.02
CA GLY A 1 26.39 -25.80 -0.53
C GLY A 1 25.41 -24.66 -0.37
N ILE A 2 24.23 -24.80 -0.96
CA ILE A 2 23.22 -23.76 -0.88
C ILE A 2 21.87 -24.31 -0.44
N ASP A 3 21.61 -24.19 0.86
CA ASP A 3 20.29 -24.49 1.40
C ASP A 3 19.27 -23.52 0.79
N PRO A 4 18.11 -24.03 0.34
CA PRO A 4 17.07 -23.20 -0.29
C PRO A 4 16.69 -21.99 0.56
N PHE A 5 17.24 -20.83 0.20
CA PHE A 5 16.91 -19.59 0.88
C PHE A 5 15.97 -18.76 0.02
N THR A 6 16.36 -18.57 -1.23
CA THR A 6 15.63 -17.71 -2.14
C THR A 6 14.59 -18.48 -2.94
N ASN A 7 13.33 -18.19 -2.66
CA ASN A 7 12.22 -18.73 -3.45
C ASN A 7 11.31 -17.60 -3.83
N GLU A 8 11.86 -16.39 -3.74
CA GLU A 8 11.08 -15.17 -3.89
C GLU A 8 10.82 -14.87 -5.35
N ALA A 9 9.59 -14.48 -5.66
CA ALA A 9 9.19 -14.08 -7.01
C ALA A 9 9.35 -15.22 -8.01
N ALA A 10 9.28 -16.45 -7.52
CA ALA A 10 9.36 -17.62 -8.38
C ALA A 10 8.03 -17.82 -9.11
N SER A 11 6.94 -17.59 -8.39
CA SER A 11 5.61 -17.67 -8.98
C SER A 11 4.76 -16.50 -8.51
N ALA A 12 4.82 -15.41 -9.24
CA ALA A 12 4.00 -14.23 -8.94
C ALA A 12 3.08 -13.90 -10.10
N ALA A 13 3.07 -14.79 -11.10
CA ALA A 13 2.21 -14.69 -12.29
C ALA A 13 2.66 -13.58 -13.24
N GLY A 14 3.12 -12.47 -12.67
CA GLY A 14 3.54 -11.35 -13.49
C GLY A 14 2.51 -10.24 -13.46
N VAL A 15 1.36 -10.54 -12.86
CA VAL A 15 0.26 -9.59 -12.76
C VAL A 15 0.65 -8.37 -11.92
N VAL A 16 1.58 -8.57 -11.00
CA VAL A 16 2.04 -7.47 -10.14
C VAL A 16 3.52 -7.18 -10.38
N GLY A 17 4.03 -7.66 -11.50
CA GLY A 17 5.40 -7.36 -11.87
C GLY A 17 5.55 -5.90 -12.23
N GLY A 18 6.53 -5.25 -11.64
CA GLY A 18 6.66 -3.80 -11.78
C GLY A 18 5.91 -3.09 -10.69
N MET A 19 4.69 -3.52 -10.45
CA MET A 19 3.86 -3.01 -9.36
C MET A 19 4.56 -3.21 -8.02
N VAL A 20 5.06 -4.42 -7.81
CA VAL A 20 5.74 -4.76 -6.57
C VAL A 20 7.04 -3.95 -6.44
N ASP A 21 7.60 -3.56 -7.57
CA ASP A 21 8.80 -2.74 -7.60
C ASP A 21 8.48 -1.31 -7.20
N SER A 22 7.35 -0.81 -7.68
CA SER A 22 6.88 0.53 -7.31
C SER A 22 6.71 0.63 -5.79
N ILE A 23 6.17 -0.43 -5.21
CA ILE A 23 6.00 -0.51 -3.75
C ILE A 23 7.36 -0.51 -3.05
N THR A 24 8.26 -1.34 -3.54
CA THR A 24 9.60 -1.45 -2.96
C THR A 24 10.35 -0.12 -3.07
N GLN A 25 10.20 0.55 -4.21
CA GLN A 25 10.80 1.85 -4.43
C GLN A 25 10.27 2.86 -3.41
N ALA A 26 8.96 2.85 -3.21
CA ALA A 26 8.31 3.75 -2.27
C ALA A 26 8.92 3.63 -0.87
N ILE A 27 9.20 2.39 -0.46
CA ILE A 27 9.82 2.14 0.83
C ILE A 27 11.15 2.89 0.96
N ASN A 28 11.98 2.78 -0.07
CA ASN A 28 13.33 3.33 -0.02
C ASN A 28 13.32 4.83 -0.24
N GLN A 29 12.40 5.32 -1.06
CA GLN A 29 12.34 6.74 -1.37
C GLN A 29 11.90 7.55 -0.15
N LEU A 30 11.12 6.92 0.73
CA LEU A 30 10.59 7.60 1.91
C LEU A 30 11.73 8.05 2.83
N ASP A 31 12.78 7.25 2.88
CA ASP A 31 13.95 7.56 3.69
C ASP A 31 14.73 8.71 3.06
N GLU A 32 14.61 8.83 1.75
CA GLU A 32 15.26 9.90 1.00
C GLU A 32 14.23 10.97 0.62
N GLY A 33 13.32 11.26 1.55
CA GLY A 33 12.30 12.25 1.30
C GLY A 33 12.88 13.65 1.15
N PRO A 34 12.04 14.65 0.85
CA PRO A 34 12.47 16.02 0.67
C PRO A 34 13.34 16.50 1.83
N MET A 35 14.41 17.20 1.51
CA MET A 35 15.32 17.70 2.52
C MET A 35 14.63 18.78 3.35
N GLY A 36 13.99 19.71 2.68
CA GLY A 36 13.23 20.74 3.36
C GLY A 36 12.36 21.54 2.41
N ASP A 37 11.84 20.89 1.38
CA ASP A 37 10.98 21.58 0.42
C ASP A 37 9.66 20.84 0.21
N PRO A 38 8.66 21.12 1.04
CA PRO A 38 7.28 20.73 0.78
C PRO A 38 6.59 21.78 -0.10
N GLU A 39 5.49 21.41 -0.72
CA GLU A 39 4.75 22.34 -1.56
C GLU A 39 3.71 23.07 -0.73
N GLY A 40 3.26 22.41 0.32
CA GLY A 40 2.31 23.01 1.24
C GLY A 40 2.73 22.80 2.67
N SER A 41 1.80 22.93 3.60
CA SER A 41 2.09 22.68 5.00
C SER A 41 1.60 21.30 5.39
N PHE A 42 1.80 20.93 6.65
CA PHE A 42 1.44 19.60 7.12
C PHE A 42 -0.05 19.34 6.97
N VAL A 43 -0.87 20.36 7.22
CA VAL A 43 -2.32 20.24 7.11
C VAL A 43 -2.74 19.82 5.69
N ASP A 44 -2.04 20.36 4.70
CA ASP A 44 -2.36 20.08 3.30
C ASP A 44 -2.09 18.61 2.98
N TYR A 45 -0.95 18.12 3.41
CA TYR A 45 -0.55 16.75 3.14
C TYR A 45 -1.30 15.78 4.03
N GLN A 46 -1.53 16.17 5.28
CA GLN A 46 -2.26 15.32 6.22
C GLN A 46 -3.63 14.97 5.69
N THR A 47 -4.40 15.98 5.33
CA THR A 47 -5.75 15.79 4.85
C THR A 47 -5.76 14.91 3.60
N THR A 48 -4.81 15.13 2.71
CA THR A 48 -4.70 14.36 1.50
C THR A 48 -4.25 12.93 1.80
N MET A 49 -3.30 12.78 2.72
CA MET A 49 -2.78 11.46 3.08
C MET A 49 -3.85 10.59 3.71
N VAL A 50 -4.55 11.11 4.71
CA VAL A 50 -5.54 10.31 5.43
C VAL A 50 -6.62 9.82 4.49
N ARG A 51 -6.94 10.62 3.47
CA ARG A 51 -7.95 10.24 2.49
C ARG A 51 -7.45 9.08 1.64
N THR A 52 -6.20 9.16 1.19
CA THR A 52 -5.61 8.12 0.37
C THR A 52 -5.37 6.85 1.19
N ALA A 53 -5.04 7.03 2.46
CA ALA A 53 -4.84 5.91 3.37
C ALA A 53 -6.13 5.11 3.53
N LYS A 54 -7.25 5.82 3.73
CA LYS A 54 -8.55 5.17 3.85
C LYS A 54 -8.89 4.43 2.55
N ALA A 55 -8.42 4.96 1.43
CA ALA A 55 -8.67 4.37 0.12
C ALA A 55 -8.01 3.00 0.01
N ILE A 56 -6.78 2.89 0.51
CA ILE A 56 -6.08 1.61 0.46
C ILE A 56 -6.62 0.66 1.53
N ALA A 57 -7.15 1.24 2.61
CA ALA A 57 -7.73 0.46 3.69
C ALA A 57 -9.01 -0.23 3.25
N VAL A 58 -9.87 0.48 2.52
CA VAL A 58 -11.08 -0.11 2.01
C VAL A 58 -10.76 -1.11 0.90
N THR A 59 -9.62 -0.91 0.26
CA THR A 59 -9.13 -1.85 -0.72
C THR A 59 -8.75 -3.17 -0.06
N VAL A 60 -7.91 -3.10 0.97
CA VAL A 60 -7.44 -4.30 1.66
C VAL A 60 -8.59 -5.02 2.36
N GLN A 61 -9.56 -4.27 2.89
CA GLN A 61 -10.73 -4.89 3.53
C GLN A 61 -11.56 -5.61 2.49
N GLU A 62 -11.51 -5.13 1.25
CA GLU A 62 -12.23 -5.75 0.17
C GLU A 62 -11.49 -6.99 -0.31
N MET A 63 -10.17 -6.93 -0.29
CA MET A 63 -9.33 -8.05 -0.73
C MET A 63 -9.63 -9.32 0.07
N VAL A 64 -9.68 -9.19 1.39
CA VAL A 64 -9.96 -10.33 2.26
C VAL A 64 -11.34 -10.92 1.97
N THR A 65 -12.25 -10.04 1.59
CA THR A 65 -13.61 -10.42 1.31
C THR A 65 -13.74 -11.02 -0.08
N LYS A 66 -13.10 -10.39 -1.05
CA LYS A 66 -13.13 -10.85 -2.43
C LYS A 66 -12.41 -12.17 -2.59
N SER A 67 -11.30 -12.35 -1.87
CA SER A 67 -10.48 -13.56 -2.00
C SER A 67 -11.31 -14.82 -1.79
N ASN A 68 -12.42 -14.70 -1.06
CA ASN A 68 -13.29 -15.83 -0.80
C ASN A 68 -14.14 -16.18 -2.02
N THR A 69 -14.83 -15.19 -2.57
CA THR A 69 -15.83 -15.43 -3.60
C THR A 69 -15.37 -14.98 -5.00
N SER A 70 -14.35 -14.15 -5.04
CA SER A 70 -13.83 -13.60 -6.29
C SER A 70 -12.33 -13.42 -6.20
N PRO A 71 -11.56 -14.52 -6.29
CA PRO A 71 -10.11 -14.49 -6.10
C PRO A 71 -9.37 -13.83 -7.27
N GLU A 72 -10.07 -13.63 -8.37
CA GLU A 72 -9.46 -12.98 -9.52
C GLU A 72 -9.70 -11.48 -9.49
N GLU A 73 -10.72 -11.07 -8.73
CA GLU A 73 -10.99 -9.66 -8.52
C GLU A 73 -9.94 -9.04 -7.61
N LEU A 74 -9.10 -9.90 -7.04
CA LEU A 74 -7.96 -9.45 -6.25
C LEU A 74 -6.97 -8.70 -7.14
N GLY A 75 -6.99 -9.00 -8.44
CA GLY A 75 -6.05 -8.38 -9.36
C GLY A 75 -6.23 -6.87 -9.48
N PRO A 76 -7.44 -6.38 -9.81
CA PRO A 76 -7.73 -4.94 -9.84
C PRO A 76 -7.50 -4.29 -8.48
N LEU A 77 -7.85 -4.99 -7.41
CA LEU A 77 -7.72 -4.45 -6.06
C LEU A 77 -6.27 -4.37 -5.66
N ALA A 78 -5.50 -5.42 -5.94
CA ALA A 78 -4.08 -5.40 -5.70
C ALA A 78 -3.44 -4.25 -6.47
N ASN A 79 -3.98 -3.96 -7.64
CA ASN A 79 -3.47 -2.88 -8.46
C ASN A 79 -3.82 -1.54 -7.86
N GLN A 80 -5.01 -1.44 -7.29
CA GLN A 80 -5.42 -0.21 -6.61
C GLN A 80 -4.63 -0.02 -5.33
N LEU A 81 -4.47 -1.11 -4.57
CA LEU A 81 -3.67 -1.09 -3.35
C LEU A 81 -2.25 -0.66 -3.66
N THR A 82 -1.78 -1.05 -4.84
CA THR A 82 -0.45 -0.69 -5.30
C THR A 82 -0.37 0.77 -5.73
N SER A 83 -1.30 1.19 -6.59
CA SER A 83 -1.26 2.52 -7.18
C SER A 83 -1.50 3.58 -6.12
N ASP A 84 -2.55 3.39 -5.35
CA ASP A 84 -2.89 4.31 -4.27
C ASP A 84 -1.81 4.32 -3.19
N TYR A 85 -1.10 3.21 -3.02
CA TYR A 85 0.03 3.19 -2.10
C TYR A 85 1.14 4.10 -2.62
N GLY A 86 1.42 4.00 -3.91
CA GLY A 86 2.41 4.86 -4.53
C GLY A 86 2.04 6.32 -4.36
N ARG A 87 0.76 6.62 -4.48
CA ARG A 87 0.24 7.97 -4.26
C ARG A 87 0.46 8.37 -2.80
N LEU A 88 0.02 7.51 -1.89
CA LEU A 88 0.08 7.76 -0.46
C LEU A 88 1.53 7.92 0.00
N ALA A 89 2.43 7.10 -0.54
CA ALA A 89 3.84 7.18 -0.19
C ALA A 89 4.48 8.45 -0.74
N SER A 90 4.05 8.84 -1.94
CA SER A 90 4.57 10.05 -2.57
C SER A 90 4.17 11.28 -1.74
N GLN A 91 2.98 11.22 -1.16
CA GLN A 91 2.47 12.30 -0.33
C GLN A 91 3.12 12.26 1.06
N ALA A 92 3.58 11.09 1.46
CA ALA A 92 4.13 10.88 2.79
C ALA A 92 5.45 11.60 2.99
N LYS A 93 6.26 11.64 1.93
CA LYS A 93 7.58 12.28 2.02
C LYS A 93 7.47 13.76 2.40
N PRO A 94 6.75 14.58 1.62
CA PRO A 94 6.59 16.00 1.92
C PRO A 94 5.80 16.24 3.20
N ALA A 95 4.91 15.31 3.54
CA ALA A 95 4.15 15.40 4.78
C ALA A 95 5.09 15.33 5.98
N ALA A 96 6.01 14.38 5.90
CA ALA A 96 6.97 14.16 6.98
C ALA A 96 7.83 15.39 7.21
N VAL A 97 8.39 15.94 6.15
CA VAL A 97 9.28 17.10 6.26
C VAL A 97 8.51 18.37 6.66
N ALA A 98 7.21 18.39 6.37
CA ALA A 98 6.39 19.56 6.69
C ALA A 98 5.72 19.41 8.05
N ALA A 99 6.03 18.33 8.76
CA ALA A 99 5.43 18.06 10.06
C ALA A 99 5.93 19.03 11.12
N GLU A 100 5.17 19.16 12.19
CA GLU A 100 5.52 20.06 13.29
C GLU A 100 6.76 19.53 14.02
N ASN A 101 6.78 18.22 14.26
CA ASN A 101 7.89 17.60 14.97
C ASN A 101 8.60 16.61 14.07
N GLU A 102 9.93 16.57 14.17
CA GLU A 102 10.74 15.65 13.38
C GLU A 102 10.33 14.20 13.63
N GLU A 103 9.94 13.90 14.87
CA GLU A 103 9.49 12.58 15.23
C GLU A 103 8.20 12.22 14.51
N ILE A 104 7.33 13.21 14.34
CA ILE A 104 6.06 12.99 13.66
C ILE A 104 6.32 12.65 12.19
N GLY A 105 7.22 13.41 11.58
CA GLY A 105 7.61 13.13 10.22
C GLY A 105 8.23 11.76 10.07
N ALA A 106 9.17 11.44 10.97
CA ALA A 106 9.79 10.13 11.02
C ALA A 106 8.73 9.05 11.15
N HIS A 107 7.75 9.32 12.00
CA HIS A 107 6.68 8.37 12.27
C HIS A 107 5.87 8.09 11.02
N ILE A 108 5.59 9.13 10.23
CA ILE A 108 4.88 8.98 8.97
C ILE A 108 5.65 8.05 8.04
N LYS A 109 6.92 8.37 7.82
CA LYS A 109 7.77 7.59 6.92
C LYS A 109 7.79 6.12 7.32
N HIS A 110 8.00 5.88 8.61
CA HIS A 110 8.16 4.52 9.12
C HIS A 110 6.83 3.75 9.10
N ARG A 111 5.72 4.46 9.22
CA ARG A 111 4.40 3.81 9.16
C ARG A 111 4.10 3.35 7.74
N VAL A 112 4.52 4.14 6.76
CA VAL A 112 4.28 3.78 5.37
C VAL A 112 5.18 2.62 4.94
N GLN A 113 6.29 2.43 5.65
CA GLN A 113 7.17 1.28 5.43
C GLN A 113 6.40 -0.02 5.69
N GLU A 114 5.46 0.05 6.61
CA GLU A 114 4.64 -1.09 6.99
C GLU A 114 3.79 -1.56 5.81
N LEU A 115 3.09 -0.64 5.17
CA LEU A 115 2.34 -0.98 3.96
C LEU A 115 3.31 -1.39 2.87
N GLY A 116 4.52 -0.84 2.92
CA GLY A 116 5.54 -1.21 1.96
C GLY A 116 5.81 -2.69 1.95
N HIS A 117 5.71 -3.33 3.11
CA HIS A 117 5.89 -4.77 3.19
C HIS A 117 4.55 -5.49 3.14
N GLY A 118 3.57 -4.96 3.86
CA GLY A 118 2.26 -5.58 3.91
C GLY A 118 1.53 -5.53 2.58
N CYS A 119 1.41 -4.33 2.02
CA CYS A 119 0.72 -4.14 0.74
C CYS A 119 1.46 -4.87 -0.38
N SER A 120 2.79 -4.88 -0.29
CA SER A 120 3.61 -5.59 -1.26
C SER A 120 3.32 -7.09 -1.19
N ALA A 121 3.29 -7.61 0.04
CA ALA A 121 3.03 -9.02 0.25
C ALA A 121 1.62 -9.38 -0.22
N LEU A 122 0.67 -8.48 0.04
CA LEU A 122 -0.72 -8.70 -0.33
C LEU A 122 -0.88 -8.82 -1.85
N VAL A 123 -0.36 -7.84 -2.58
CA VAL A 123 -0.50 -7.83 -4.03
C VAL A 123 0.27 -8.99 -4.66
N THR A 124 1.40 -9.33 -4.06
CA THR A 124 2.20 -10.45 -4.51
C THR A 124 1.47 -11.76 -4.26
N LYS A 125 0.84 -11.86 -3.09
CA LYS A 125 0.11 -13.05 -2.71
C LYS A 125 -1.11 -13.23 -3.60
N ALA A 126 -1.76 -12.12 -3.91
CA ALA A 126 -2.91 -12.12 -4.81
C ALA A 126 -2.54 -12.72 -6.18
N GLY A 127 -1.43 -12.25 -6.74
CA GLY A 127 -0.96 -12.77 -8.00
C GLY A 127 -0.71 -14.27 -7.94
N ALA A 128 -0.19 -14.73 -6.81
CA ALA A 128 0.07 -16.15 -6.60
C ALA A 128 -1.23 -16.91 -6.36
N LEU A 129 -2.20 -16.23 -5.77
CA LEU A 129 -3.48 -16.85 -5.45
C LEU A 129 -4.32 -16.98 -6.70
N GLN A 130 -4.23 -15.99 -7.57
CA GLN A 130 -4.91 -16.02 -8.86
C GLN A 130 -4.36 -17.14 -9.73
N CYS A 131 -3.11 -17.51 -9.49
CA CYS A 131 -2.47 -18.60 -10.21
C CYS A 131 -3.14 -19.92 -9.87
N SER A 132 -3.70 -19.99 -8.66
CA SER A 132 -4.43 -21.18 -8.22
C SER A 132 -5.45 -20.77 -7.16
N PRO A 133 -6.58 -20.17 -7.59
CA PRO A 133 -7.61 -19.64 -6.68
C PRO A 133 -8.23 -20.72 -5.79
N SER A 134 -7.97 -21.97 -6.16
CA SER A 134 -8.51 -23.11 -5.44
C SER A 134 -7.60 -23.49 -4.27
N ASP A 135 -6.40 -22.92 -4.23
CA ASP A 135 -5.42 -23.26 -3.20
C ASP A 135 -5.84 -22.67 -1.86
N VAL A 136 -6.04 -23.53 -0.88
CA VAL A 136 -6.57 -23.12 0.42
C VAL A 136 -5.52 -22.34 1.23
N TYR A 137 -4.30 -22.85 1.26
CA TYR A 137 -3.25 -22.27 2.08
C TYR A 137 -2.87 -20.89 1.59
N THR A 138 -2.68 -20.75 0.29
CA THR A 138 -2.29 -19.47 -0.30
C THR A 138 -3.35 -18.42 -0.04
N LYS A 139 -4.61 -18.82 -0.11
CA LYS A 139 -5.73 -17.94 0.17
C LYS A 139 -5.74 -17.54 1.64
N LYS A 140 -5.54 -18.53 2.51
CA LYS A 140 -5.48 -18.30 3.95
C LYS A 140 -4.43 -17.25 4.29
N GLU A 141 -3.26 -17.37 3.66
CA GLU A 141 -2.16 -16.45 3.90
C GLU A 141 -2.51 -15.03 3.45
N LEU A 142 -3.19 -14.92 2.32
CA LEU A 142 -3.60 -13.60 1.82
C LEU A 142 -4.62 -12.98 2.76
N ILE A 143 -5.52 -13.80 3.29
CA ILE A 143 -6.48 -13.37 4.29
C ILE A 143 -5.77 -12.78 5.51
N GLU A 144 -4.67 -13.44 5.90
CA GLU A 144 -3.85 -12.94 7.00
C GLU A 144 -3.19 -11.62 6.61
N CYS A 145 -2.64 -11.58 5.40
CA CYS A 145 -1.99 -10.38 4.90
C CYS A 145 -2.94 -9.20 4.90
N ALA A 146 -4.20 -9.45 4.51
CA ALA A 146 -5.22 -8.42 4.51
C ALA A 146 -5.46 -7.88 5.92
N ARG A 147 -5.55 -8.79 6.88
CA ARG A 147 -5.71 -8.40 8.28
C ARG A 147 -4.53 -7.57 8.75
N ARG A 148 -3.34 -7.98 8.34
CA ARG A 148 -2.10 -7.28 8.70
C ARG A 148 -2.10 -5.85 8.16
N VAL A 149 -2.40 -5.70 6.88
CA VAL A 149 -2.36 -4.38 6.23
C VAL A 149 -3.41 -3.44 6.82
N SER A 150 -4.62 -3.95 7.04
CA SER A 150 -5.70 -3.15 7.59
C SER A 150 -5.31 -2.57 8.95
N GLU A 151 -4.55 -3.34 9.72
CA GLU A 151 -4.08 -2.89 11.03
C GLU A 151 -2.99 -1.83 10.89
N LYS A 152 -2.20 -1.93 9.84
CA LYS A 152 -1.13 -0.99 9.58
C LYS A 152 -1.69 0.40 9.30
N VAL A 153 -2.74 0.45 8.48
CA VAL A 153 -3.35 1.71 8.06
C VAL A 153 -3.76 2.55 9.27
N SER A 154 -4.38 1.91 10.24
CA SER A 154 -4.81 2.58 11.46
C SER A 154 -3.63 3.28 12.15
N HIS A 155 -2.49 2.59 12.19
CA HIS A 155 -1.31 3.13 12.85
C HIS A 155 -0.62 4.17 11.97
N VAL A 156 -0.85 4.10 10.67
CA VAL A 156 -0.31 5.09 9.74
C VAL A 156 -1.09 6.39 9.88
N LEU A 157 -2.40 6.28 9.98
CA LEU A 157 -3.27 7.44 10.18
C LEU A 157 -2.94 8.13 11.49
N ALA A 158 -2.62 7.34 12.51
CA ALA A 158 -2.25 7.86 13.82
C ALA A 158 -1.02 8.76 13.73
N ALA A 159 -0.20 8.56 12.71
CA ALA A 159 1.00 9.37 12.52
C ALA A 159 0.62 10.78 12.07
N LEU A 160 -0.42 10.88 11.26
CA LEU A 160 -0.88 12.18 10.78
C LEU A 160 -1.55 12.95 11.91
N GLN A 161 -2.50 12.30 12.56
CA GLN A 161 -3.28 12.92 13.64
C GLN A 161 -2.39 13.34 14.81
N ALA A 162 -1.21 12.75 14.87
CA ALA A 162 -0.24 13.08 15.91
C ALA A 162 0.35 14.47 15.69
N GLY A 163 0.31 14.93 14.45
CA GLY A 163 0.78 16.26 14.12
C GLY A 163 -0.31 17.30 14.29
N ASN A 164 -0.85 17.76 13.17
CA ASN A 164 -1.97 18.69 13.22
C ASN A 164 -3.22 17.96 13.68
N ARG A 165 -3.93 18.56 14.61
CA ARG A 165 -5.04 17.90 15.26
C ARG A 165 -6.15 18.90 15.57
N GLY A 1 -0.59 4.36 -22.02
CA GLY A 1 -0.58 5.84 -21.98
C GLY A 1 0.22 6.36 -20.81
N ILE A 2 1.50 6.03 -20.77
CA ILE A 2 2.36 6.46 -19.68
C ILE A 2 3.82 6.51 -20.15
N ASP A 3 4.19 5.56 -21.00
CA ASP A 3 5.50 5.57 -21.64
C ASP A 3 5.39 6.31 -22.97
N PRO A 4 6.49 6.93 -23.43
CA PRO A 4 6.50 7.71 -24.67
C PRO A 4 6.46 6.83 -25.93
N PHE A 5 5.94 5.61 -25.78
CA PHE A 5 5.89 4.66 -26.86
C PHE A 5 4.64 3.83 -26.70
N THR A 6 4.43 2.89 -27.59
CA THR A 6 3.31 1.98 -27.46
C THR A 6 3.42 1.18 -26.17
N ASN A 7 2.34 1.13 -25.40
CA ASN A 7 2.37 0.45 -24.10
C ASN A 7 2.46 -1.05 -24.27
N GLU A 8 3.67 -1.57 -24.20
CA GLU A 8 3.90 -3.00 -24.22
C GLU A 8 4.80 -3.39 -23.05
N ALA A 9 5.36 -2.39 -22.39
CA ALA A 9 6.23 -2.61 -21.24
C ALA A 9 5.40 -2.98 -20.02
N ALA A 10 4.15 -2.50 -19.99
CA ALA A 10 3.24 -2.83 -18.90
C ALA A 10 2.45 -4.09 -19.24
N SER A 11 1.57 -4.49 -18.33
CA SER A 11 0.76 -5.70 -18.50
C SER A 11 1.67 -6.93 -18.57
N ALA A 12 2.87 -6.80 -18.00
CA ALA A 12 3.84 -7.86 -18.01
C ALA A 12 3.37 -9.03 -17.15
N ALA A 13 2.58 -8.71 -16.13
CA ALA A 13 2.01 -9.72 -15.27
C ALA A 13 0.67 -9.25 -14.71
N GLY A 14 -0.41 -9.79 -15.25
CA GLY A 14 -1.74 -9.49 -14.74
C GLY A 14 -1.93 -10.00 -13.33
N VAL A 15 -1.10 -10.96 -12.95
CA VAL A 15 -1.08 -11.46 -11.58
C VAL A 15 -0.12 -10.64 -10.73
N VAL A 16 -0.04 -9.35 -11.02
CA VAL A 16 0.79 -8.40 -10.29
C VAL A 16 2.27 -8.60 -10.58
N GLY A 17 2.78 -7.75 -11.45
CA GLY A 17 4.19 -7.73 -11.75
C GLY A 17 4.60 -6.40 -12.33
N GLY A 18 5.85 -6.04 -12.14
CA GLY A 18 6.34 -4.77 -12.60
C GLY A 18 5.99 -3.65 -11.65
N MET A 19 4.69 -3.49 -11.36
CA MET A 19 4.22 -2.44 -10.48
C MET A 19 4.62 -2.72 -9.03
N VAL A 20 5.00 -3.97 -8.74
CA VAL A 20 5.44 -4.34 -7.40
C VAL A 20 6.75 -3.61 -7.08
N ASP A 21 7.50 -3.28 -8.13
CA ASP A 21 8.72 -2.51 -7.99
C ASP A 21 8.42 -1.12 -7.43
N SER A 22 7.29 -0.56 -7.84
CA SER A 22 6.86 0.75 -7.36
C SER A 22 6.69 0.73 -5.86
N ILE A 23 6.14 -0.36 -5.34
CA ILE A 23 5.93 -0.51 -3.91
C ILE A 23 7.27 -0.54 -3.18
N THR A 24 8.19 -1.37 -3.68
CA THR A 24 9.52 -1.50 -3.10
C THR A 24 10.25 -0.16 -3.13
N GLN A 25 10.20 0.52 -4.27
CA GLN A 25 10.88 1.80 -4.44
C GLN A 25 10.29 2.85 -3.51
N ALA A 26 8.97 2.80 -3.32
CA ALA A 26 8.27 3.75 -2.48
C ALA A 26 8.74 3.67 -1.03
N ILE A 27 9.18 2.48 -0.62
CA ILE A 27 9.74 2.29 0.72
C ILE A 27 11.05 3.06 0.86
N ASN A 28 11.92 2.89 -0.12
CA ASN A 28 13.28 3.42 -0.05
C ASN A 28 13.33 4.95 -0.03
N GLN A 29 12.44 5.58 -0.79
CA GLN A 29 12.44 7.04 -0.90
C GLN A 29 12.17 7.70 0.47
N LEU A 30 11.44 7.01 1.32
CA LEU A 30 11.05 7.55 2.62
C LEU A 30 12.19 7.42 3.62
N ASP A 31 12.97 6.35 3.49
CA ASP A 31 14.10 6.12 4.39
C ASP A 31 15.32 6.91 3.95
N GLU A 32 15.48 7.03 2.64
CA GLU A 32 16.62 7.75 2.06
C GLU A 32 16.69 9.19 2.56
N GLY A 33 15.61 9.94 2.37
CA GLY A 33 15.60 11.32 2.79
C GLY A 33 14.19 11.85 3.00
N PRO A 34 14.00 12.71 4.01
CA PRO A 34 12.70 13.31 4.31
C PRO A 34 12.51 14.66 3.62
N MET A 35 13.27 14.88 2.56
CA MET A 35 13.20 16.14 1.84
C MET A 35 11.99 16.15 0.90
N GLY A 36 11.57 17.34 0.52
CA GLY A 36 10.42 17.48 -0.35
C GLY A 36 10.04 18.92 -0.54
N ASP A 37 9.21 19.18 -1.54
CA ASP A 37 8.68 20.52 -1.75
C ASP A 37 7.18 20.53 -1.56
N PRO A 38 6.72 20.65 -0.29
CA PRO A 38 5.30 20.68 0.02
C PRO A 38 4.60 21.87 -0.62
N GLU A 39 3.62 21.58 -1.46
CA GLU A 39 2.86 22.62 -2.15
C GLU A 39 1.77 23.15 -1.24
N GLY A 40 1.57 22.46 -0.13
CA GLY A 40 0.58 22.87 0.85
C GLY A 40 1.11 22.71 2.25
N SER A 41 0.22 22.77 3.23
CA SER A 41 0.61 22.65 4.62
C SER A 41 0.65 21.18 5.04
N PHE A 42 1.10 20.93 6.26
CA PHE A 42 1.10 19.59 6.82
C PHE A 42 -0.31 19.02 6.81
N VAL A 43 -1.27 19.80 7.27
CA VAL A 43 -2.67 19.38 7.31
C VAL A 43 -3.18 19.05 5.91
N ASP A 44 -2.70 19.78 4.90
CA ASP A 44 -3.10 19.53 3.51
C ASP A 44 -2.70 18.12 3.09
N TYR A 45 -1.43 17.79 3.28
CA TYR A 45 -0.94 16.46 2.95
C TYR A 45 -1.54 15.41 3.87
N GLN A 46 -1.74 15.80 5.13
CA GLN A 46 -2.36 14.92 6.10
C GLN A 46 -3.74 14.47 5.63
N THR A 47 -4.61 15.45 5.36
CA THR A 47 -5.98 15.15 4.97
C THR A 47 -6.01 14.39 3.64
N THR A 48 -5.00 14.61 2.82
CA THR A 48 -4.88 13.89 1.56
C THR A 48 -4.43 12.45 1.79
N MET A 49 -3.46 12.28 2.68
CA MET A 49 -2.92 10.96 2.99
C MET A 49 -3.93 10.11 3.76
N VAL A 50 -4.59 10.70 4.75
CA VAL A 50 -5.54 9.94 5.55
C VAL A 50 -6.70 9.45 4.71
N ARG A 51 -7.15 10.28 3.77
CA ARG A 51 -8.22 9.88 2.84
C ARG A 51 -7.75 8.73 1.96
N THR A 52 -6.52 8.85 1.47
CA THR A 52 -5.93 7.81 0.63
C THR A 52 -5.71 6.54 1.45
N ALA A 53 -5.37 6.71 2.73
CA ALA A 53 -5.23 5.58 3.64
C ALA A 53 -6.57 4.87 3.81
N LYS A 54 -7.66 5.64 3.86
CA LYS A 54 -8.99 5.06 3.89
C LYS A 54 -9.23 4.25 2.62
N ALA A 55 -8.75 4.79 1.51
CA ALA A 55 -8.92 4.18 0.19
C ALA A 55 -8.13 2.88 0.07
N ILE A 56 -6.90 2.86 0.59
CA ILE A 56 -6.11 1.64 0.54
C ILE A 56 -6.66 0.63 1.55
N ALA A 57 -7.27 1.14 2.61
CA ALA A 57 -7.87 0.28 3.64
C ALA A 57 -9.11 -0.41 3.11
N VAL A 58 -9.95 0.32 2.39
CA VAL A 58 -11.13 -0.30 1.78
C VAL A 58 -10.71 -1.27 0.69
N THR A 59 -9.55 -1.02 0.09
CA THR A 59 -8.98 -1.93 -0.89
C THR A 59 -8.53 -3.23 -0.23
N VAL A 60 -7.72 -3.11 0.82
CA VAL A 60 -7.23 -4.30 1.52
C VAL A 60 -8.37 -5.06 2.19
N GLN A 61 -9.36 -4.34 2.71
CA GLN A 61 -10.51 -4.97 3.33
C GLN A 61 -11.36 -5.65 2.25
N GLU A 62 -11.28 -5.15 1.02
CA GLU A 62 -11.97 -5.76 -0.09
C GLU A 62 -11.22 -7.00 -0.55
N MET A 63 -9.89 -6.95 -0.48
CA MET A 63 -9.06 -8.08 -0.90
C MET A 63 -9.37 -9.33 -0.09
N VAL A 64 -9.40 -9.19 1.23
CA VAL A 64 -9.73 -10.31 2.11
C VAL A 64 -11.14 -10.81 1.85
N THR A 65 -12.05 -9.87 1.66
CA THR A 65 -13.44 -10.16 1.42
C THR A 65 -13.63 -10.84 0.05
N LYS A 66 -12.99 -10.29 -0.97
CA LYS A 66 -13.12 -10.82 -2.32
C LYS A 66 -12.48 -12.20 -2.44
N SER A 67 -11.46 -12.46 -1.67
CA SER A 67 -10.81 -13.76 -1.74
C SER A 67 -11.77 -14.87 -1.35
N ASN A 68 -12.78 -14.52 -0.56
CA ASN A 68 -13.79 -15.47 -0.11
C ASN A 68 -14.86 -15.68 -1.18
N THR A 69 -15.17 -14.63 -1.94
CA THR A 69 -16.25 -14.67 -2.91
C THR A 69 -15.76 -14.68 -4.37
N SER A 70 -14.82 -13.80 -4.67
CA SER A 70 -14.41 -13.53 -6.03
C SER A 70 -12.90 -13.28 -6.12
N PRO A 71 -12.11 -14.35 -6.28
CA PRO A 71 -10.65 -14.25 -6.35
C PRO A 71 -10.16 -13.59 -7.64
N GLU A 72 -11.10 -13.24 -8.52
CA GLU A 72 -10.76 -12.63 -9.80
C GLU A 72 -10.52 -11.14 -9.63
N GLU A 73 -11.11 -10.56 -8.59
CA GLU A 73 -11.02 -9.12 -8.35
C GLU A 73 -9.71 -8.73 -7.69
N LEU A 74 -8.96 -9.72 -7.23
CA LEU A 74 -7.74 -9.45 -6.47
C LEU A 74 -6.68 -8.75 -7.31
N GLY A 75 -6.62 -9.07 -8.60
CA GLY A 75 -5.66 -8.42 -9.48
C GLY A 75 -5.87 -6.92 -9.58
N PRO A 76 -7.07 -6.46 -9.96
CA PRO A 76 -7.40 -5.03 -9.98
C PRO A 76 -7.25 -4.36 -8.62
N LEU A 77 -7.63 -5.06 -7.56
CA LEU A 77 -7.54 -4.49 -6.22
C LEU A 77 -6.09 -4.36 -5.77
N ALA A 78 -5.30 -5.40 -6.00
CA ALA A 78 -3.88 -5.33 -5.74
C ALA A 78 -3.26 -4.20 -6.54
N ASN A 79 -3.82 -3.95 -7.72
CA ASN A 79 -3.35 -2.90 -8.59
C ASN A 79 -3.63 -1.53 -7.99
N GLN A 80 -4.87 -1.34 -7.53
CA GLN A 80 -5.29 -0.09 -6.92
C GLN A 80 -4.54 0.13 -5.61
N LEU A 81 -4.40 -0.94 -4.82
CA LEU A 81 -3.63 -0.88 -3.59
C LEU A 81 -2.20 -0.42 -3.88
N THR A 82 -1.66 -0.94 -4.97
CA THR A 82 -0.32 -0.57 -5.41
C THR A 82 -0.25 0.90 -5.80
N SER A 83 -1.23 1.35 -6.58
CA SER A 83 -1.25 2.70 -7.09
C SER A 83 -1.42 3.72 -5.97
N ASP A 84 -2.42 3.49 -5.12
CA ASP A 84 -2.71 4.42 -4.03
C ASP A 84 -1.61 4.41 -2.97
N TYR A 85 -0.93 3.28 -2.82
CA TYR A 85 0.20 3.20 -1.90
C TYR A 85 1.34 4.12 -2.35
N GLY A 86 1.59 4.14 -3.64
CA GLY A 86 2.66 4.97 -4.17
C GLY A 86 2.30 6.43 -4.03
N ARG A 87 1.01 6.69 -4.16
CA ARG A 87 0.45 8.00 -3.96
C ARG A 87 0.67 8.44 -2.51
N LEU A 88 0.40 7.54 -1.58
CA LEU A 88 0.67 7.78 -0.17
C LEU A 88 2.14 8.07 0.08
N ALA A 89 3.00 7.20 -0.43
CA ALA A 89 4.43 7.30 -0.22
C ALA A 89 5.01 8.60 -0.76
N SER A 90 4.59 8.98 -1.97
CA SER A 90 5.07 10.21 -2.59
C SER A 90 4.69 11.44 -1.75
N GLN A 91 3.47 11.43 -1.22
CA GLN A 91 2.98 12.55 -0.42
C GLN A 91 3.58 12.55 0.98
N ALA A 92 4.00 11.38 1.44
CA ALA A 92 4.54 11.23 2.79
C ALA A 92 5.82 12.02 2.99
N LYS A 93 6.62 12.16 1.92
CA LYS A 93 7.87 12.90 2.00
C LYS A 93 7.62 14.39 2.28
N PRO A 94 6.80 15.09 1.47
CA PRO A 94 6.42 16.47 1.75
C PRO A 94 5.69 16.60 3.09
N ALA A 95 4.95 15.57 3.47
CA ALA A 95 4.25 15.56 4.75
C ALA A 95 5.24 15.60 5.90
N ALA A 96 6.31 14.81 5.77
CA ALA A 96 7.33 14.74 6.80
C ALA A 96 8.06 16.07 6.98
N VAL A 97 8.40 16.70 5.86
CA VAL A 97 9.13 17.97 5.90
C VAL A 97 8.22 19.12 6.29
N ALA A 98 6.93 19.02 5.99
CA ALA A 98 5.98 20.07 6.33
C ALA A 98 5.51 19.94 7.77
N ALA A 99 5.80 18.79 8.37
CA ALA A 99 5.44 18.56 9.77
C ALA A 99 6.26 19.45 10.68
N GLU A 100 5.62 19.94 11.75
CA GLU A 100 6.27 20.83 12.70
C GLU A 100 7.14 20.05 13.68
N ASN A 101 7.12 18.73 13.54
CA ASN A 101 7.87 17.85 14.41
C ASN A 101 8.46 16.71 13.60
N GLU A 102 9.76 16.47 13.73
CA GLU A 102 10.44 15.46 12.94
C GLU A 102 9.96 14.07 13.32
N GLU A 103 9.63 13.88 14.60
CA GLU A 103 9.11 12.60 15.07
C GLU A 103 7.81 12.26 14.37
N ILE A 104 7.03 13.28 14.08
CA ILE A 104 5.76 13.10 13.37
C ILE A 104 6.04 12.64 11.95
N GLY A 105 6.92 13.36 11.25
CA GLY A 105 7.27 13.00 9.88
C GLY A 105 7.91 11.62 9.80
N ALA A 106 8.77 11.33 10.76
CA ALA A 106 9.41 10.02 10.85
C ALA A 106 8.37 8.93 11.11
N HIS A 107 7.41 9.25 11.96
CA HIS A 107 6.36 8.30 12.29
C HIS A 107 5.49 8.01 11.07
N ILE A 108 5.25 9.05 10.27
CA ILE A 108 4.47 8.92 9.05
C ILE A 108 5.17 7.99 8.06
N LYS A 109 6.42 8.32 7.74
CA LYS A 109 7.17 7.57 6.73
C LYS A 109 7.32 6.10 7.14
N HIS A 110 7.57 5.86 8.41
CA HIS A 110 7.82 4.51 8.91
C HIS A 110 6.57 3.65 8.87
N ARG A 111 5.40 4.29 8.97
CA ARG A 111 4.14 3.56 8.87
C ARG A 111 3.79 3.26 7.43
N VAL A 112 4.29 4.08 6.51
CA VAL A 112 4.16 3.78 5.09
C VAL A 112 5.10 2.64 4.73
N GLN A 113 6.21 2.54 5.47
CA GLN A 113 7.12 1.39 5.34
C GLN A 113 6.37 0.11 5.71
N GLU A 114 5.55 0.21 6.75
CA GLU A 114 4.70 -0.90 7.18
C GLU A 114 3.83 -1.35 6.02
N LEU A 115 3.18 -0.37 5.39
CA LEU A 115 2.36 -0.61 4.22
C LEU A 115 3.19 -1.19 3.08
N GLY A 116 4.38 -0.65 2.90
CA GLY A 116 5.26 -1.12 1.85
C GLY A 116 5.49 -2.62 1.91
N HIS A 117 5.76 -3.12 3.10
CA HIS A 117 6.02 -4.55 3.27
C HIS A 117 4.70 -5.33 3.21
N GLY A 118 3.66 -4.79 3.83
CA GLY A 118 2.37 -5.46 3.85
C GLY A 118 1.72 -5.51 2.48
N CYS A 119 1.61 -4.36 1.83
CA CYS A 119 0.98 -4.27 0.51
C CYS A 119 1.76 -5.08 -0.51
N SER A 120 3.09 -5.07 -0.40
CA SER A 120 3.93 -5.87 -1.29
C SER A 120 3.56 -7.34 -1.16
N ALA A 121 3.45 -7.80 0.08
CA ALA A 121 3.12 -9.18 0.34
C ALA A 121 1.71 -9.49 -0.15
N LEU A 122 0.79 -8.56 0.09
CA LEU A 122 -0.59 -8.71 -0.33
C LEU A 122 -0.71 -8.88 -1.85
N VAL A 123 -0.11 -7.98 -2.61
CA VAL A 123 -0.21 -8.02 -4.05
C VAL A 123 0.50 -9.25 -4.61
N THR A 124 1.60 -9.64 -3.97
CA THR A 124 2.35 -10.81 -4.36
C THR A 124 1.55 -12.09 -4.09
N LYS A 125 0.91 -12.14 -2.94
CA LYS A 125 0.12 -13.30 -2.55
C LYS A 125 -1.11 -13.42 -3.45
N ALA A 126 -1.72 -12.29 -3.75
CA ALA A 126 -2.88 -12.24 -4.65
C ALA A 126 -2.49 -12.74 -6.04
N GLY A 127 -1.30 -12.38 -6.48
CA GLY A 127 -0.80 -12.86 -7.76
C GLY A 127 -0.75 -14.37 -7.81
N ALA A 128 -0.31 -14.97 -6.71
CA ALA A 128 -0.25 -16.42 -6.60
C ALA A 128 -1.65 -17.00 -6.42
N LEU A 129 -2.51 -16.25 -5.73
CA LEU A 129 -3.86 -16.71 -5.43
C LEU A 129 -4.68 -16.74 -6.71
N GLN A 130 -4.46 -15.79 -7.60
CA GLN A 130 -5.18 -15.78 -8.86
C GLN A 130 -4.71 -16.91 -9.77
N CYS A 131 -3.47 -17.35 -9.58
CA CYS A 131 -2.95 -18.50 -10.30
C CYS A 131 -3.49 -19.79 -9.70
N SER A 132 -3.77 -19.75 -8.41
CA SER A 132 -4.31 -20.91 -7.71
C SER A 132 -5.46 -20.48 -6.80
N PRO A 133 -6.60 -20.08 -7.40
CA PRO A 133 -7.74 -19.52 -6.65
C PRO A 133 -8.42 -20.57 -5.77
N SER A 134 -7.98 -21.81 -5.91
CA SER A 134 -8.56 -22.92 -5.18
C SER A 134 -7.58 -23.43 -4.11
N ASP A 135 -6.50 -22.69 -3.91
CA ASP A 135 -5.51 -23.05 -2.89
C ASP A 135 -5.85 -22.38 -1.58
N VAL A 136 -6.25 -23.19 -0.59
CA VAL A 136 -6.73 -22.67 0.69
C VAL A 136 -5.62 -21.98 1.47
N TYR A 137 -4.42 -22.53 1.38
CA TYR A 137 -3.27 -22.01 2.11
C TYR A 137 -2.92 -20.60 1.65
N THR A 138 -2.80 -20.42 0.34
CA THR A 138 -2.48 -19.12 -0.23
C THR A 138 -3.57 -18.10 0.09
N LYS A 139 -4.82 -18.52 0.00
CA LYS A 139 -5.95 -17.64 0.29
C LYS A 139 -5.97 -17.26 1.76
N LYS A 140 -5.77 -18.26 2.62
CA LYS A 140 -5.74 -18.06 4.07
C LYS A 140 -4.67 -17.04 4.44
N GLU A 141 -3.48 -17.19 3.86
CA GLU A 141 -2.38 -16.29 4.14
C GLU A 141 -2.68 -14.89 3.65
N LEU A 142 -3.35 -14.76 2.52
CA LEU A 142 -3.71 -13.45 2.00
C LEU A 142 -4.70 -12.78 2.94
N ILE A 143 -5.61 -13.57 3.50
CA ILE A 143 -6.54 -13.08 4.51
C ILE A 143 -5.74 -12.53 5.70
N GLU A 144 -4.75 -13.30 6.15
CA GLU A 144 -3.86 -12.86 7.22
C GLU A 144 -3.14 -11.57 6.82
N CYS A 145 -2.57 -11.55 5.63
CA CYS A 145 -1.86 -10.38 5.11
C CYS A 145 -2.78 -9.17 5.11
N ALA A 146 -4.00 -9.36 4.63
CA ALA A 146 -4.98 -8.28 4.57
C ALA A 146 -5.29 -7.75 5.96
N ARG A 147 -5.47 -8.65 6.91
CA ARG A 147 -5.72 -8.26 8.30
C ARG A 147 -4.54 -7.46 8.85
N ARG A 148 -3.33 -7.91 8.53
CA ARG A 148 -2.12 -7.22 8.97
C ARG A 148 -2.01 -5.84 8.36
N VAL A 149 -2.31 -5.73 7.07
CA VAL A 149 -2.25 -4.44 6.36
C VAL A 149 -3.31 -3.48 6.91
N SER A 150 -4.48 -4.01 7.22
CA SER A 150 -5.54 -3.22 7.82
C SER A 150 -5.04 -2.57 9.12
N GLU A 151 -4.22 -3.30 9.85
CA GLU A 151 -3.64 -2.79 11.10
C GLU A 151 -2.62 -1.70 10.79
N LYS A 152 -1.93 -1.84 9.67
CA LYS A 152 -0.93 -0.87 9.25
C LYS A 152 -1.59 0.46 8.91
N VAL A 153 -2.79 0.39 8.32
CA VAL A 153 -3.55 1.58 7.98
C VAL A 153 -3.81 2.43 9.22
N SER A 154 -4.24 1.78 10.30
CA SER A 154 -4.48 2.45 11.56
C SER A 154 -3.18 3.11 12.04
N HIS A 155 -2.07 2.43 11.83
CA HIS A 155 -0.76 2.95 12.21
C HIS A 155 -0.41 4.20 11.43
N VAL A 156 -0.73 4.20 10.14
CA VAL A 156 -0.47 5.34 9.28
C VAL A 156 -1.38 6.50 9.64
N LEU A 157 -2.67 6.19 9.84
CA LEU A 157 -3.64 7.20 10.23
C LEU A 157 -3.26 7.83 11.57
N ALA A 158 -2.89 6.98 12.53
CA ALA A 158 -2.48 7.45 13.85
C ALA A 158 -1.17 8.25 13.77
N ALA A 159 -0.38 7.99 12.74
CA ALA A 159 0.85 8.73 12.52
C ALA A 159 0.53 10.17 12.12
N LEU A 160 -0.43 10.33 11.22
CA LEU A 160 -0.88 11.65 10.81
C LEU A 160 -1.63 12.33 11.95
N GLN A 161 -2.54 11.59 12.57
CA GLN A 161 -3.35 12.13 13.66
C GLN A 161 -2.51 12.53 14.86
N ALA A 162 -1.31 11.97 14.96
CA ALA A 162 -0.38 12.33 16.02
C ALA A 162 0.11 13.77 15.84
N GLY A 163 0.00 14.27 14.62
CA GLY A 163 0.43 15.62 14.33
C GLY A 163 -0.70 16.63 14.44
N ASN A 164 -1.86 16.17 14.87
CA ASN A 164 -3.01 17.05 15.04
C ASN A 164 -3.02 17.66 16.43
N ARG A 165 -2.87 18.96 16.50
CA ARG A 165 -2.99 19.68 17.76
C ARG A 165 -4.35 20.36 17.85
N GLY A 1 -8.95 15.01 -25.76
CA GLY A 1 -9.35 13.84 -24.94
C GLY A 1 -8.62 13.78 -23.61
N ILE A 2 -9.37 13.71 -22.51
CA ILE A 2 -8.78 13.59 -21.18
C ILE A 2 -8.78 12.14 -20.71
N ASP A 3 -9.59 11.32 -21.38
CA ASP A 3 -9.70 9.91 -21.02
C ASP A 3 -8.76 9.08 -21.88
N PRO A 4 -8.49 7.81 -21.50
CA PRO A 4 -7.66 6.90 -22.29
C PRO A 4 -8.04 6.90 -23.77
N PHE A 5 -7.08 7.24 -24.63
CA PHE A 5 -7.33 7.30 -26.06
C PHE A 5 -7.49 5.89 -26.65
N THR A 6 -6.96 4.90 -25.94
CA THR A 6 -7.03 3.51 -26.35
C THR A 6 -6.30 3.28 -27.69
N ASN A 7 -5.02 2.97 -27.59
CA ASN A 7 -4.21 2.67 -28.75
C ASN A 7 -3.02 1.80 -28.34
N GLU A 8 -3.21 0.49 -28.45
CA GLU A 8 -2.18 -0.50 -28.16
C GLU A 8 -1.63 -0.34 -26.73
N ALA A 9 -2.42 -0.80 -25.76
CA ALA A 9 -2.00 -0.82 -24.37
C ALA A 9 -2.79 -1.87 -23.60
N ALA A 10 -2.24 -3.07 -23.51
CA ALA A 10 -2.90 -4.17 -22.84
C ALA A 10 -2.37 -4.35 -21.43
N SER A 11 -3.21 -4.90 -20.56
CA SER A 11 -2.80 -5.19 -19.20
C SER A 11 -1.89 -6.41 -19.18
N ALA A 12 -0.60 -6.17 -18.99
CA ALA A 12 0.39 -7.24 -19.07
C ALA A 12 0.52 -7.98 -17.74
N ALA A 13 1.15 -9.16 -17.81
CA ALA A 13 1.46 -9.99 -16.65
C ALA A 13 0.23 -10.73 -16.12
N GLY A 14 -0.84 -10.00 -15.83
CA GLY A 14 -2.02 -10.62 -15.24
C GLY A 14 -1.86 -10.77 -13.75
N VAL A 15 -0.73 -11.33 -13.35
CA VAL A 15 -0.36 -11.42 -11.95
C VAL A 15 0.35 -10.14 -11.53
N VAL A 16 0.79 -10.07 -10.28
CA VAL A 16 1.43 -8.86 -9.81
C VAL A 16 2.96 -8.98 -9.88
N GLY A 17 3.49 -8.55 -11.01
CA GLY A 17 4.92 -8.53 -11.22
C GLY A 17 5.31 -7.36 -12.09
N GLY A 18 6.13 -6.47 -11.55
CA GLY A 18 6.47 -5.25 -12.25
C GLY A 18 6.06 -4.01 -11.45
N MET A 19 4.77 -3.88 -11.18
CA MET A 19 4.27 -2.73 -10.43
C MET A 19 4.57 -2.88 -8.95
N VAL A 20 4.84 -4.10 -8.51
CA VAL A 20 5.16 -4.36 -7.11
C VAL A 20 6.51 -3.73 -6.76
N ASP A 21 7.34 -3.52 -7.78
CA ASP A 21 8.62 -2.85 -7.62
C ASP A 21 8.40 -1.40 -7.15
N SER A 22 7.28 -0.83 -7.56
CA SER A 22 6.93 0.54 -7.16
C SER A 22 6.68 0.61 -5.66
N ILE A 23 6.16 -0.47 -5.10
CA ILE A 23 5.90 -0.53 -3.66
C ILE A 23 7.22 -0.60 -2.90
N THR A 24 8.11 -1.45 -3.35
CA THR A 24 9.43 -1.57 -2.76
C THR A 24 10.23 -0.28 -2.95
N GLN A 25 10.06 0.32 -4.13
CA GLN A 25 10.70 1.60 -4.47
C GLN A 25 10.30 2.66 -3.45
N ALA A 26 9.01 2.66 -3.12
CA ALA A 26 8.45 3.62 -2.18
C ALA A 26 9.09 3.48 -0.80
N ILE A 27 9.39 2.25 -0.41
CA ILE A 27 10.02 1.99 0.87
C ILE A 27 11.38 2.65 0.94
N ASN A 28 12.12 2.59 -0.16
CA ASN A 28 13.47 3.10 -0.18
C ASN A 28 13.49 4.62 -0.29
N GLN A 29 12.58 5.16 -1.10
CA GLN A 29 12.56 6.60 -1.36
C GLN A 29 12.23 7.39 -0.08
N LEU A 30 11.44 6.81 0.81
CA LEU A 30 11.05 7.49 2.04
C LEU A 30 12.24 7.59 2.98
N ASP A 31 12.99 6.51 3.10
CA ASP A 31 14.18 6.48 3.95
C ASP A 31 15.30 7.28 3.28
N GLU A 32 15.24 7.36 1.96
CA GLU A 32 16.16 8.18 1.18
C GLU A 32 16.10 9.64 1.63
N GLY A 33 14.90 10.14 1.84
CA GLY A 33 14.75 11.51 2.32
C GLY A 33 13.36 12.06 2.06
N PRO A 34 13.04 13.23 2.62
CA PRO A 34 11.77 13.90 2.41
C PRO A 34 11.82 14.90 1.26
N MET A 35 10.78 15.72 1.15
CA MET A 35 10.76 16.80 0.18
C MET A 35 10.97 18.14 0.88
N GLY A 36 12.16 18.70 0.70
CA GLY A 36 12.50 19.93 1.39
C GLY A 36 11.70 21.10 0.89
N ASP A 37 11.45 22.05 1.79
CA ASP A 37 10.64 23.23 1.50
C ASP A 37 9.25 22.82 1.03
N PRO A 38 8.43 22.27 1.95
CA PRO A 38 7.07 21.85 1.63
C PRO A 38 6.23 23.01 1.13
N GLU A 39 5.46 22.77 0.07
CA GLU A 39 4.65 23.82 -0.55
C GLU A 39 3.24 23.81 0.01
N GLY A 40 3.05 23.08 1.10
CA GLY A 40 1.78 23.06 1.78
C GLY A 40 1.97 22.86 3.26
N SER A 41 0.92 23.09 4.04
CA SER A 41 1.00 22.90 5.47
C SER A 41 0.81 21.43 5.82
N PHE A 42 1.12 21.07 7.07
CA PHE A 42 0.98 19.68 7.49
C PHE A 42 -0.46 19.22 7.34
N VAL A 43 -1.39 20.12 7.61
CA VAL A 43 -2.82 19.84 7.47
C VAL A 43 -3.17 19.40 6.04
N ASP A 44 -2.54 20.03 5.05
CA ASP A 44 -2.80 19.70 3.65
C ASP A 44 -2.37 18.27 3.34
N TYR A 45 -1.11 17.97 3.63
CA TYR A 45 -0.58 16.64 3.38
C TYR A 45 -1.30 15.60 4.25
N GLN A 46 -1.63 16.00 5.46
CA GLN A 46 -2.38 15.14 6.38
C GLN A 46 -3.72 14.76 5.78
N THR A 47 -4.50 15.75 5.39
CA THR A 47 -5.85 15.52 4.88
C THR A 47 -5.80 14.75 3.57
N THR A 48 -4.69 14.88 2.85
CA THR A 48 -4.50 14.12 1.63
C THR A 48 -4.15 12.66 1.96
N MET A 49 -3.23 12.48 2.91
CA MET A 49 -2.78 11.15 3.29
C MET A 49 -3.89 10.33 3.94
N VAL A 50 -4.61 10.93 4.88
CA VAL A 50 -5.65 10.22 5.60
C VAL A 50 -6.72 9.69 4.65
N ARG A 51 -7.05 10.45 3.63
CA ARG A 51 -8.03 10.01 2.64
C ARG A 51 -7.47 8.90 1.76
N THR A 52 -6.22 9.06 1.35
CA THR A 52 -5.56 8.08 0.50
C THR A 52 -5.38 6.76 1.26
N ALA A 53 -5.11 6.86 2.56
CA ALA A 53 -4.99 5.69 3.41
C ALA A 53 -6.31 4.93 3.48
N LYS A 54 -7.41 5.66 3.63
CA LYS A 54 -8.73 5.05 3.64
C LYS A 54 -9.01 4.36 2.30
N ALA A 55 -8.47 4.91 1.22
CA ALA A 55 -8.65 4.34 -0.10
C ALA A 55 -7.94 2.99 -0.23
N ILE A 56 -6.77 2.87 0.36
CA ILE A 56 -6.04 1.61 0.33
C ILE A 56 -6.64 0.64 1.35
N ALA A 57 -7.25 1.19 2.41
CA ALA A 57 -7.84 0.39 3.46
C ALA A 57 -9.11 -0.31 2.99
N VAL A 58 -9.94 0.41 2.24
CA VAL A 58 -11.15 -0.18 1.68
C VAL A 58 -10.76 -1.25 0.65
N THR A 59 -9.60 -1.07 0.03
CA THR A 59 -9.09 -2.03 -0.93
C THR A 59 -8.62 -3.31 -0.22
N VAL A 60 -7.88 -3.15 0.87
CA VAL A 60 -7.38 -4.30 1.62
C VAL A 60 -8.52 -5.00 2.38
N GLN A 61 -9.50 -4.24 2.84
CA GLN A 61 -10.67 -4.82 3.49
C GLN A 61 -11.51 -5.57 2.44
N GLU A 62 -11.39 -5.12 1.20
CA GLU A 62 -12.07 -5.77 0.09
C GLU A 62 -11.34 -7.06 -0.28
N MET A 63 -10.02 -7.04 -0.15
CA MET A 63 -9.18 -8.22 -0.44
C MET A 63 -9.68 -9.46 0.31
N VAL A 64 -9.77 -9.34 1.63
CA VAL A 64 -10.20 -10.45 2.47
C VAL A 64 -11.60 -10.93 2.07
N THR A 65 -12.43 -9.97 1.72
CA THR A 65 -13.80 -10.23 1.38
C THR A 65 -13.93 -10.87 -0.01
N LYS A 66 -13.16 -10.36 -0.96
CA LYS A 66 -13.20 -10.86 -2.33
C LYS A 66 -12.52 -12.20 -2.46
N SER A 67 -11.47 -12.41 -1.70
CA SER A 67 -10.73 -13.67 -1.76
C SER A 67 -11.64 -14.84 -1.39
N ASN A 68 -12.64 -14.55 -0.57
CA ASN A 68 -13.62 -15.55 -0.17
C ASN A 68 -14.70 -15.75 -1.22
N THR A 69 -14.95 -14.73 -2.01
CA THR A 69 -16.09 -14.72 -2.93
C THR A 69 -15.67 -14.83 -4.40
N SER A 70 -14.67 -14.05 -4.79
CA SER A 70 -14.25 -13.96 -6.17
C SER A 70 -12.75 -13.65 -6.23
N PRO A 71 -11.92 -14.69 -6.41
CA PRO A 71 -10.46 -14.53 -6.40
C PRO A 71 -9.94 -13.68 -7.55
N GLU A 72 -10.75 -13.51 -8.59
CA GLU A 72 -10.34 -12.74 -9.75
C GLU A 72 -10.41 -11.25 -9.48
N GLU A 73 -11.10 -10.87 -8.41
CA GLU A 73 -11.21 -9.46 -8.03
C GLU A 73 -9.92 -8.99 -7.38
N LEU A 74 -9.12 -9.94 -6.91
CA LEU A 74 -7.92 -9.63 -6.16
C LEU A 74 -6.87 -8.95 -7.03
N GLY A 75 -6.82 -9.30 -8.30
CA GLY A 75 -5.87 -8.69 -9.21
C GLY A 75 -6.09 -7.19 -9.36
N PRO A 76 -7.30 -6.75 -9.75
CA PRO A 76 -7.66 -5.33 -9.79
C PRO A 76 -7.41 -4.61 -8.45
N LEU A 77 -7.69 -5.31 -7.36
CA LEU A 77 -7.49 -4.72 -6.03
C LEU A 77 -6.02 -4.59 -5.73
N ALA A 78 -5.25 -5.60 -6.07
CA ALA A 78 -3.80 -5.55 -5.92
C ALA A 78 -3.24 -4.40 -6.74
N ASN A 79 -3.89 -4.11 -7.85
CA ASN A 79 -3.48 -3.04 -8.72
C ASN A 79 -3.78 -1.69 -8.09
N GLN A 80 -4.99 -1.55 -7.55
CA GLN A 80 -5.42 -0.32 -6.90
C GLN A 80 -4.62 -0.09 -5.61
N LEU A 81 -4.42 -1.16 -4.85
CA LEU A 81 -3.62 -1.08 -3.63
C LEU A 81 -2.21 -0.59 -3.96
N THR A 82 -1.71 -1.01 -5.11
CA THR A 82 -0.41 -0.58 -5.60
C THR A 82 -0.42 0.91 -5.96
N SER A 83 -1.38 1.32 -6.78
CA SER A 83 -1.43 2.68 -7.29
C SER A 83 -1.64 3.68 -6.16
N ASP A 84 -2.61 3.38 -5.32
CA ASP A 84 -2.94 4.25 -4.20
C ASP A 84 -1.81 4.32 -3.18
N TYR A 85 -1.07 3.23 -3.02
CA TYR A 85 0.08 3.22 -2.12
C TYR A 85 1.16 4.16 -2.64
N GLY A 86 1.41 4.12 -3.94
CA GLY A 86 2.39 4.99 -4.55
C GLY A 86 2.06 6.45 -4.33
N ARG A 87 0.77 6.75 -4.21
CA ARG A 87 0.31 8.11 -3.94
C ARG A 87 0.69 8.51 -2.52
N LEU A 88 0.43 7.64 -1.56
CA LEU A 88 0.80 7.88 -0.17
C LEU A 88 2.30 8.04 -0.04
N ALA A 89 3.05 7.23 -0.78
CA ALA A 89 4.50 7.29 -0.77
C ALA A 89 5.00 8.67 -1.21
N SER A 90 4.28 9.28 -2.14
CA SER A 90 4.63 10.60 -2.63
C SER A 90 4.27 11.66 -1.58
N GLN A 91 3.16 11.45 -0.90
CA GLN A 91 2.65 12.40 0.07
C GLN A 91 3.46 12.38 1.38
N ALA A 92 4.00 11.20 1.71
CA ALA A 92 4.73 11.01 2.96
C ALA A 92 6.00 11.85 3.02
N LYS A 93 6.68 12.00 1.89
CA LYS A 93 7.93 12.76 1.84
C LYS A 93 7.77 14.20 2.37
N PRO A 94 6.88 15.02 1.78
CA PRO A 94 6.67 16.39 2.25
C PRO A 94 5.91 16.45 3.58
N ALA A 95 5.06 15.46 3.84
CA ALA A 95 4.30 15.41 5.08
C ALA A 95 5.23 15.29 6.28
N ALA A 96 6.25 14.45 6.16
CA ALA A 96 7.19 14.22 7.24
C ALA A 96 7.96 15.48 7.61
N VAL A 97 8.38 16.23 6.59
CA VAL A 97 9.17 17.44 6.82
C VAL A 97 8.30 18.61 7.28
N ALA A 98 7.02 18.59 6.89
CA ALA A 98 6.11 19.69 7.21
C ALA A 98 5.33 19.41 8.50
N ALA A 99 5.60 18.26 9.11
CA ALA A 99 4.88 17.86 10.31
C ALA A 99 5.22 18.76 11.48
N GLU A 100 4.30 18.82 12.45
CA GLU A 100 4.45 19.66 13.62
C GLU A 100 5.68 19.27 14.44
N ASN A 101 5.79 17.98 14.77
CA ASN A 101 6.91 17.50 15.56
C ASN A 101 7.74 16.52 14.76
N GLU A 102 8.98 16.33 15.19
CA GLU A 102 9.89 15.39 14.55
C GLU A 102 9.35 13.97 14.64
N GLU A 103 8.67 13.65 15.74
CA GLU A 103 8.16 12.30 15.95
C GLU A 103 7.07 11.99 14.96
N ILE A 104 6.18 12.94 14.78
CA ILE A 104 5.10 12.80 13.83
C ILE A 104 5.65 12.55 12.43
N GLY A 105 6.60 13.39 12.01
CA GLY A 105 7.21 13.23 10.70
C GLY A 105 7.93 11.90 10.56
N ALA A 106 8.66 11.52 11.60
CA ALA A 106 9.40 10.26 11.60
C ALA A 106 8.43 9.08 11.59
N HIS A 107 7.34 9.20 12.33
CA HIS A 107 6.33 8.16 12.39
C HIS A 107 5.61 8.03 11.05
N ILE A 108 5.37 9.16 10.38
CA ILE A 108 4.72 9.17 9.08
C ILE A 108 5.48 8.31 8.07
N LYS A 109 6.77 8.60 7.91
CA LYS A 109 7.59 7.89 6.94
C LYS A 109 7.70 6.41 7.29
N HIS A 110 7.73 6.11 8.58
CA HIS A 110 7.86 4.74 9.05
C HIS A 110 6.60 3.92 8.80
N ARG A 111 5.44 4.54 8.97
CA ARG A 111 4.19 3.82 8.83
C ARG A 111 3.91 3.44 7.38
N VAL A 112 4.41 4.23 6.45
CA VAL A 112 4.24 3.93 5.04
C VAL A 112 5.10 2.72 4.65
N GLN A 113 6.20 2.53 5.36
CA GLN A 113 7.07 1.38 5.12
C GLN A 113 6.36 0.10 5.54
N GLU A 114 5.43 0.23 6.48
CA GLU A 114 4.67 -0.91 6.97
C GLU A 114 3.78 -1.46 5.86
N LEU A 115 3.09 -0.55 5.15
CA LEU A 115 2.31 -0.94 3.98
C LEU A 115 3.28 -1.42 2.91
N GLY A 116 4.47 -0.85 2.89
CA GLY A 116 5.48 -1.26 1.95
C GLY A 116 5.76 -2.74 2.02
N HIS A 117 5.64 -3.31 3.21
CA HIS A 117 5.84 -4.75 3.37
C HIS A 117 4.51 -5.49 3.29
N GLY A 118 3.49 -4.94 3.93
CA GLY A 118 2.18 -5.58 3.92
C GLY A 118 1.52 -5.55 2.55
N CYS A 119 1.39 -4.36 1.99
CA CYS A 119 0.77 -4.17 0.69
C CYS A 119 1.53 -4.92 -0.40
N SER A 120 2.86 -4.92 -0.29
CA SER A 120 3.70 -5.64 -1.25
C SER A 120 3.40 -7.14 -1.18
N ALA A 121 3.34 -7.67 0.04
CA ALA A 121 3.06 -9.07 0.25
C ALA A 121 1.65 -9.41 -0.22
N LEU A 122 0.71 -8.53 0.06
CA LEU A 122 -0.68 -8.74 -0.29
C LEU A 122 -0.84 -8.85 -1.80
N VAL A 123 -0.33 -7.86 -2.53
CA VAL A 123 -0.46 -7.85 -3.98
C VAL A 123 0.25 -9.04 -4.60
N THR A 124 1.41 -9.38 -4.03
CA THR A 124 2.15 -10.55 -4.48
C THR A 124 1.34 -11.82 -4.27
N LYS A 125 0.76 -11.94 -3.09
CA LYS A 125 0.00 -13.12 -2.72
C LYS A 125 -1.26 -13.24 -3.57
N ALA A 126 -1.91 -12.12 -3.86
CA ALA A 126 -3.09 -12.11 -4.71
C ALA A 126 -2.79 -12.64 -6.10
N GLY A 127 -1.66 -12.25 -6.66
CA GLY A 127 -1.25 -12.77 -7.95
C GLY A 127 -1.08 -14.27 -7.91
N ALA A 128 -0.49 -14.77 -6.83
CA ALA A 128 -0.31 -16.20 -6.64
C ALA A 128 -1.62 -16.88 -6.28
N LEU A 129 -2.56 -16.10 -5.72
CA LEU A 129 -3.87 -16.64 -5.36
C LEU A 129 -4.71 -16.78 -6.60
N GLN A 130 -4.56 -15.88 -7.55
CA GLN A 130 -5.27 -16.02 -8.82
C GLN A 130 -4.68 -17.19 -9.62
N CYS A 131 -3.42 -17.49 -9.34
CA CYS A 131 -2.75 -18.64 -9.94
C CYS A 131 -3.18 -19.93 -9.24
N SER A 132 -3.76 -19.79 -8.05
CA SER A 132 -4.24 -20.95 -7.29
C SER A 132 -5.42 -20.54 -6.40
N PRO A 133 -6.57 -20.19 -7.02
CA PRO A 133 -7.72 -19.64 -6.29
C PRO A 133 -8.37 -20.66 -5.36
N SER A 134 -8.05 -21.92 -5.55
CA SER A 134 -8.66 -22.98 -4.77
C SER A 134 -7.68 -23.51 -3.71
N ASP A 135 -6.54 -22.87 -3.60
CA ASP A 135 -5.53 -23.28 -2.63
C ASP A 135 -5.75 -22.58 -1.29
N VAL A 136 -6.14 -23.36 -0.28
CA VAL A 136 -6.44 -22.81 1.03
C VAL A 136 -5.22 -22.17 1.68
N TYR A 137 -4.06 -22.78 1.50
CA TYR A 137 -2.83 -22.27 2.08
C TYR A 137 -2.54 -20.85 1.59
N THR A 138 -2.55 -20.68 0.27
CA THR A 138 -2.30 -19.38 -0.34
C THR A 138 -3.37 -18.37 0.05
N LYS A 139 -4.62 -18.79 0.01
CA LYS A 139 -5.74 -17.90 0.32
C LYS A 139 -5.69 -17.44 1.78
N LYS A 140 -5.47 -18.38 2.68
CA LYS A 140 -5.41 -18.09 4.11
C LYS A 140 -4.30 -17.08 4.40
N GLU A 141 -3.16 -17.25 3.76
CA GLU A 141 -2.03 -16.35 3.94
C GLU A 141 -2.36 -14.95 3.43
N LEU A 142 -3.11 -14.87 2.34
CA LEU A 142 -3.52 -13.58 1.79
C LEU A 142 -4.48 -12.90 2.76
N ILE A 143 -5.38 -13.69 3.35
CA ILE A 143 -6.29 -13.19 4.37
C ILE A 143 -5.49 -12.58 5.52
N GLU A 144 -4.45 -13.28 5.94
CA GLU A 144 -3.56 -12.79 6.97
C GLU A 144 -2.87 -11.51 6.55
N CYS A 145 -2.41 -11.47 5.30
CA CYS A 145 -1.79 -10.28 4.75
C CYS A 145 -2.75 -9.11 4.79
N ALA A 146 -4.00 -9.35 4.40
CA ALA A 146 -5.03 -8.32 4.43
C ALA A 146 -5.24 -7.80 5.85
N ARG A 147 -5.22 -8.71 6.81
CA ARG A 147 -5.35 -8.33 8.22
C ARG A 147 -4.21 -7.40 8.63
N ARG A 148 -2.98 -7.77 8.25
CA ARG A 148 -1.80 -7.02 8.60
C ARG A 148 -1.81 -5.63 7.96
N VAL A 149 -2.19 -5.57 6.69
CA VAL A 149 -2.26 -4.29 5.98
C VAL A 149 -3.30 -3.37 6.62
N SER A 150 -4.46 -3.93 6.93
CA SER A 150 -5.52 -3.19 7.60
C SER A 150 -5.01 -2.57 8.91
N GLU A 151 -4.15 -3.31 9.61
CA GLU A 151 -3.54 -2.81 10.84
C GLU A 151 -2.70 -1.58 10.54
N LYS A 152 -1.83 -1.71 9.55
CA LYS A 152 -0.87 -0.66 9.22
C LYS A 152 -1.57 0.64 8.86
N VAL A 153 -2.69 0.54 8.16
CA VAL A 153 -3.47 1.72 7.79
C VAL A 153 -3.82 2.54 9.02
N SER A 154 -4.26 1.85 10.07
CA SER A 154 -4.63 2.49 11.32
C SER A 154 -3.42 3.17 11.94
N HIS A 155 -2.26 2.54 11.82
CA HIS A 155 -1.02 3.09 12.34
C HIS A 155 -0.62 4.34 11.57
N VAL A 156 -0.80 4.29 10.25
CA VAL A 156 -0.54 5.44 9.38
C VAL A 156 -1.46 6.60 9.76
N LEU A 157 -2.75 6.29 9.84
CA LEU A 157 -3.74 7.29 10.21
C LEU A 157 -3.45 7.87 11.59
N ALA A 158 -2.96 7.04 12.49
CA ALA A 158 -2.61 7.48 13.84
C ALA A 158 -1.47 8.50 13.79
N ALA A 159 -0.52 8.29 12.88
CA ALA A 159 0.63 9.17 12.75
C ALA A 159 0.22 10.59 12.37
N LEU A 160 -0.74 10.69 11.45
CA LEU A 160 -1.23 11.99 11.01
C LEU A 160 -2.01 12.68 12.13
N GLN A 161 -2.98 11.97 12.69
CA GLN A 161 -3.86 12.54 13.71
C GLN A 161 -3.11 12.83 15.01
N ALA A 162 -1.91 12.27 15.14
CA ALA A 162 -1.07 12.54 16.30
C ALA A 162 -0.52 13.96 16.24
N GLY A 163 -0.64 14.59 15.07
CA GLY A 163 -0.16 15.95 14.90
C GLY A 163 -1.30 16.96 14.83
N ASN A 164 -2.36 16.70 15.60
CA ASN A 164 -3.49 17.61 15.67
C ASN A 164 -3.16 18.81 16.54
N ARG A 165 -2.83 19.93 15.90
CA ARG A 165 -2.56 21.17 16.61
C ARG A 165 -3.36 22.31 15.97
N GLY A 1 -0.57 -16.01 -25.06
CA GLY A 1 -1.84 -15.59 -25.69
C GLY A 1 -2.67 -14.72 -24.77
N ILE A 2 -3.60 -13.98 -25.35
CA ILE A 2 -4.42 -13.04 -24.59
C ILE A 2 -5.80 -13.64 -24.30
N ASP A 3 -6.01 -14.87 -24.74
CA ASP A 3 -7.32 -15.51 -24.62
C ASP A 3 -7.25 -16.77 -23.76
N PRO A 4 -7.50 -16.64 -22.45
CA PRO A 4 -7.62 -17.76 -21.53
C PRO A 4 -9.08 -18.17 -21.37
N PHE A 5 -9.79 -17.49 -20.48
CA PHE A 5 -11.23 -17.65 -20.33
C PHE A 5 -11.87 -16.27 -20.25
N THR A 6 -11.42 -15.48 -19.28
CA THR A 6 -11.80 -14.09 -19.19
C THR A 6 -10.69 -13.23 -19.79
N ASN A 7 -11.03 -12.40 -20.76
CA ASN A 7 -10.03 -11.60 -21.45
C ASN A 7 -9.70 -10.35 -20.64
N GLU A 8 -8.63 -10.41 -19.88
CA GLU A 8 -8.17 -9.27 -19.11
C GLU A 8 -6.86 -8.75 -19.69
N ALA A 9 -6.95 -7.68 -20.47
CA ALA A 9 -5.79 -7.13 -21.14
C ALA A 9 -5.21 -5.95 -20.36
N ALA A 10 -5.58 -5.86 -19.07
CA ALA A 10 -5.07 -4.81 -18.20
C ALA A 10 -3.55 -4.79 -18.19
N SER A 11 -2.95 -5.97 -18.14
CA SER A 11 -1.50 -6.09 -18.20
C SER A 11 -1.12 -7.47 -18.72
N ALA A 12 -0.06 -7.53 -19.53
CA ALA A 12 0.41 -8.79 -20.09
C ALA A 12 1.19 -9.59 -19.05
N ALA A 13 0.48 -10.00 -17.99
CA ALA A 13 1.08 -10.75 -16.91
C ALA A 13 0.05 -11.69 -16.28
N GLY A 14 -1.21 -11.30 -16.37
CA GLY A 14 -2.28 -12.10 -15.82
C GLY A 14 -2.58 -11.74 -14.38
N VAL A 15 -1.54 -11.43 -13.63
CA VAL A 15 -1.69 -11.10 -12.22
C VAL A 15 -0.69 -10.03 -11.81
N VAL A 16 -0.71 -9.66 -10.53
CA VAL A 16 0.14 -8.63 -9.99
C VAL A 16 1.59 -9.10 -9.86
N GLY A 17 2.42 -8.57 -10.73
CA GLY A 17 3.85 -8.79 -10.65
C GLY A 17 4.63 -7.50 -10.74
N GLY A 18 4.08 -6.53 -11.47
CA GLY A 18 4.73 -5.24 -11.61
C GLY A 18 4.47 -4.33 -10.43
N MET A 19 3.27 -4.43 -9.87
CA MET A 19 2.87 -3.59 -8.74
C MET A 19 3.84 -3.73 -7.56
N VAL A 20 4.19 -4.98 -7.25
CA VAL A 20 5.02 -5.27 -6.09
C VAL A 20 6.39 -4.61 -6.20
N ASP A 21 6.87 -4.46 -7.43
CA ASP A 21 8.14 -3.78 -7.68
C ASP A 21 8.02 -2.30 -7.35
N SER A 22 6.92 -1.70 -7.79
CA SER A 22 6.65 -0.29 -7.54
C SER A 22 6.46 -0.03 -6.04
N ILE A 23 5.82 -0.96 -5.35
CA ILE A 23 5.62 -0.86 -3.90
C ILE A 23 6.96 -0.82 -3.18
N THR A 24 7.87 -1.70 -3.60
CA THR A 24 9.19 -1.80 -2.99
C THR A 24 9.99 -0.52 -3.21
N GLN A 25 9.78 0.13 -4.35
CA GLN A 25 10.44 1.41 -4.64
C GLN A 25 9.96 2.47 -3.67
N ALA A 26 8.67 2.44 -3.36
CA ALA A 26 8.06 3.39 -2.44
C ALA A 26 8.67 3.29 -1.05
N ILE A 27 9.05 2.08 -0.67
CA ILE A 27 9.71 1.86 0.61
C ILE A 27 11.05 2.57 0.65
N ASN A 28 11.86 2.33 -0.36
CA ASN A 28 13.23 2.82 -0.40
C ASN A 28 13.30 4.34 -0.48
N GLN A 29 12.30 4.97 -1.10
CA GLN A 29 12.31 6.42 -1.26
C GLN A 29 12.05 7.12 0.08
N LEU A 30 11.21 6.53 0.91
CA LEU A 30 10.91 7.08 2.23
C LEU A 30 12.00 6.77 3.22
N ASP A 31 12.59 5.59 3.10
CA ASP A 31 13.66 5.16 3.98
C ASP A 31 14.87 6.08 3.81
N GLU A 32 15.02 6.63 2.61
CA GLU A 32 16.06 7.59 2.30
C GLU A 32 15.99 8.78 3.25
N GLY A 33 14.85 9.47 3.26
CA GLY A 33 14.67 10.62 4.11
C GLY A 33 13.48 11.45 3.67
N PRO A 34 13.25 12.61 4.29
CA PRO A 34 12.18 13.51 3.89
C PRO A 34 12.66 14.59 2.90
N MET A 35 13.09 15.74 3.42
CA MET A 35 13.58 16.85 2.60
C MET A 35 12.57 17.27 1.53
N GLY A 36 13.00 18.13 0.62
CA GLY A 36 12.14 18.54 -0.47
C GLY A 36 11.55 19.91 -0.26
N ASP A 37 10.76 20.35 -1.22
CA ASP A 37 9.96 21.55 -1.08
C ASP A 37 8.49 21.20 -1.26
N PRO A 38 7.84 20.75 -0.18
CA PRO A 38 6.43 20.36 -0.17
C PRO A 38 5.54 21.38 -0.87
N GLU A 39 4.69 20.88 -1.75
CA GLU A 39 3.81 21.72 -2.55
C GLU A 39 2.61 22.18 -1.72
N GLY A 40 2.47 21.59 -0.54
CA GLY A 40 1.44 21.99 0.38
C GLY A 40 1.98 22.10 1.79
N SER A 41 1.08 22.24 2.76
CA SER A 41 1.48 22.29 4.16
C SER A 41 1.31 20.91 4.79
N PHE A 42 1.71 20.78 6.05
CA PHE A 42 1.55 19.52 6.77
C PHE A 42 0.09 19.09 6.76
N VAL A 43 -0.80 20.03 7.10
CA VAL A 43 -2.23 19.76 7.13
C VAL A 43 -2.74 19.39 5.74
N ASP A 44 -2.20 20.03 4.70
CA ASP A 44 -2.62 19.80 3.33
C ASP A 44 -2.31 18.36 2.93
N TYR A 45 -1.10 17.92 3.20
CA TYR A 45 -0.71 16.54 2.92
C TYR A 45 -1.45 15.59 3.83
N GLN A 46 -1.55 15.95 5.10
CA GLN A 46 -2.23 15.14 6.10
C GLN A 46 -3.66 14.82 5.69
N THR A 47 -4.44 15.87 5.42
CA THR A 47 -5.85 15.71 5.07
C THR A 47 -6.00 14.87 3.80
N THR A 48 -4.99 14.91 2.95
CA THR A 48 -4.98 14.13 1.73
C THR A 48 -4.63 12.68 2.02
N MET A 49 -3.52 12.47 2.72
CA MET A 49 -3.01 11.14 3.00
C MET A 49 -4.00 10.30 3.79
N VAL A 50 -4.65 10.90 4.78
CA VAL A 50 -5.59 10.15 5.61
C VAL A 50 -6.75 9.63 4.77
N ARG A 51 -7.13 10.37 3.73
CA ARG A 51 -8.21 9.95 2.85
C ARG A 51 -7.77 8.76 2.00
N THR A 52 -6.56 8.86 1.48
CA THR A 52 -5.98 7.79 0.67
C THR A 52 -5.74 6.54 1.51
N ALA A 53 -5.38 6.74 2.77
CA ALA A 53 -5.20 5.63 3.69
C ALA A 53 -6.51 4.87 3.88
N LYS A 54 -7.60 5.61 4.04
CA LYS A 54 -8.93 5.00 4.14
C LYS A 54 -9.26 4.26 2.85
N ALA A 55 -8.79 4.81 1.72
CA ALA A 55 -9.03 4.22 0.42
C ALA A 55 -8.29 2.90 0.24
N ILE A 56 -7.04 2.84 0.69
CA ILE A 56 -6.29 1.60 0.61
C ILE A 56 -6.81 0.61 1.64
N ALA A 57 -7.40 1.16 2.72
CA ALA A 57 -7.98 0.34 3.78
C ALA A 57 -9.22 -0.39 3.29
N VAL A 58 -10.06 0.28 2.51
CA VAL A 58 -11.23 -0.36 1.96
C VAL A 58 -10.82 -1.32 0.84
N THR A 59 -9.69 -1.01 0.19
CA THR A 59 -9.14 -1.90 -0.82
C THR A 59 -8.71 -3.22 -0.19
N VAL A 60 -7.93 -3.14 0.89
CA VAL A 60 -7.45 -4.34 1.57
C VAL A 60 -8.60 -5.13 2.19
N GLN A 61 -9.58 -4.42 2.75
CA GLN A 61 -10.73 -5.10 3.34
C GLN A 61 -11.54 -5.80 2.26
N GLU A 62 -11.46 -5.28 1.04
CA GLU A 62 -12.11 -5.89 -0.08
C GLU A 62 -11.30 -7.10 -0.55
N MET A 63 -9.97 -6.94 -0.62
CA MET A 63 -9.08 -7.99 -1.10
C MET A 63 -9.22 -9.27 -0.28
N VAL A 64 -9.20 -9.13 1.04
CA VAL A 64 -9.32 -10.27 1.94
C VAL A 64 -10.65 -10.99 1.71
N THR A 65 -11.66 -10.21 1.38
CA THR A 65 -13.00 -10.71 1.18
C THR A 65 -13.15 -11.34 -0.21
N LYS A 66 -12.70 -10.62 -1.24
CA LYS A 66 -12.83 -11.06 -2.62
C LYS A 66 -12.08 -12.35 -2.88
N SER A 67 -11.01 -12.60 -2.13
CA SER A 67 -10.23 -13.82 -2.31
C SER A 67 -11.11 -15.06 -2.13
N ASN A 68 -12.20 -14.90 -1.39
CA ASN A 68 -13.11 -16.01 -1.11
C ASN A 68 -14.06 -16.26 -2.29
N THR A 69 -14.54 -15.20 -2.92
CA THR A 69 -15.57 -15.32 -3.94
C THR A 69 -15.03 -15.06 -5.34
N SER A 70 -14.07 -14.16 -5.45
CA SER A 70 -13.66 -13.60 -6.72
C SER A 70 -12.17 -13.34 -6.76
N PRO A 71 -11.36 -14.36 -7.07
CA PRO A 71 -9.90 -14.24 -7.09
C PRO A 71 -9.41 -13.28 -8.18
N GLU A 72 -10.14 -13.21 -9.28
CA GLU A 72 -9.75 -12.38 -10.41
C GLU A 72 -9.85 -10.89 -10.08
N GLU A 73 -10.76 -10.54 -9.17
CA GLU A 73 -10.96 -9.14 -8.80
C GLU A 73 -9.81 -8.63 -7.93
N LEU A 74 -8.96 -9.54 -7.48
CA LEU A 74 -7.81 -9.19 -6.67
C LEU A 74 -6.79 -8.42 -7.50
N GLY A 75 -6.80 -8.64 -8.81
CA GLY A 75 -5.85 -7.96 -9.67
C GLY A 75 -6.08 -6.45 -9.73
N PRO A 76 -7.30 -6.01 -10.09
CA PRO A 76 -7.65 -4.58 -10.11
C PRO A 76 -7.49 -3.92 -8.74
N LEU A 77 -7.87 -4.64 -7.68
CA LEU A 77 -7.79 -4.10 -6.33
C LEU A 77 -6.35 -3.97 -5.90
N ALA A 78 -5.55 -4.99 -6.17
CA ALA A 78 -4.12 -4.92 -5.90
C ALA A 78 -3.51 -3.73 -6.60
N ASN A 79 -4.03 -3.42 -7.78
CA ASN A 79 -3.52 -2.32 -8.57
C ASN A 79 -3.86 -1.00 -7.91
N GLN A 80 -5.10 -0.86 -7.45
CA GLN A 80 -5.53 0.35 -6.76
C GLN A 80 -4.82 0.47 -5.42
N LEU A 81 -4.69 -0.65 -4.71
CA LEU A 81 -3.95 -0.70 -3.46
C LEU A 81 -2.53 -0.21 -3.68
N THR A 82 -1.97 -0.62 -4.81
CA THR A 82 -0.61 -0.26 -5.17
C THR A 82 -0.49 1.22 -5.55
N SER A 83 -1.44 1.72 -6.33
CA SER A 83 -1.37 3.08 -6.82
C SER A 83 -1.65 4.07 -5.70
N ASP A 84 -2.75 3.86 -5.00
CA ASP A 84 -3.10 4.70 -3.85
C ASP A 84 -1.99 4.67 -2.80
N TYR A 85 -1.39 3.49 -2.59
CA TYR A 85 -0.26 3.38 -1.68
C TYR A 85 0.94 4.18 -2.17
N GLY A 86 1.22 4.07 -3.47
CA GLY A 86 2.31 4.82 -4.06
C GLY A 86 2.13 6.30 -3.86
N ARG A 87 0.89 6.75 -3.94
CA ARG A 87 0.57 8.15 -3.69
C ARG A 87 0.83 8.50 -2.24
N LEU A 88 0.39 7.63 -1.33
CA LEU A 88 0.67 7.77 0.09
C LEU A 88 2.17 7.93 0.32
N ALA A 89 2.94 7.01 -0.24
CA ALA A 89 4.39 7.01 -0.09
C ALA A 89 5.02 8.26 -0.71
N SER A 90 4.40 8.79 -1.75
CA SER A 90 4.91 9.98 -2.41
C SER A 90 4.71 11.21 -1.52
N GLN A 91 3.45 11.51 -1.20
CA GLN A 91 3.12 12.66 -0.38
C GLN A 91 3.70 12.56 1.04
N ALA A 92 3.96 11.34 1.49
CA ALA A 92 4.49 11.12 2.84
C ALA A 92 5.88 11.74 3.01
N LYS A 93 6.64 11.80 1.93
CA LYS A 93 8.01 12.27 2.01
C LYS A 93 8.07 13.78 2.29
N PRO A 94 7.41 14.64 1.46
CA PRO A 94 7.33 16.07 1.74
C PRO A 94 6.54 16.37 3.02
N ALA A 95 5.58 15.50 3.35
CA ALA A 95 4.81 15.64 4.58
C ALA A 95 5.73 15.52 5.79
N ALA A 96 6.71 14.63 5.68
CA ALA A 96 7.65 14.40 6.76
C ALA A 96 8.48 15.65 7.07
N VAL A 97 8.94 16.33 6.02
CA VAL A 97 9.74 17.53 6.21
C VAL A 97 8.86 18.73 6.58
N ALA A 98 7.59 18.69 6.15
CA ALA A 98 6.65 19.76 6.45
C ALA A 98 6.32 19.79 7.94
N ALA A 99 6.39 18.62 8.57
CA ALA A 99 6.15 18.51 10.00
C ALA A 99 7.26 19.19 10.77
N GLU A 100 6.94 19.75 11.92
CA GLU A 100 7.92 20.48 12.71
C GLU A 100 8.73 19.52 13.58
N ASN A 101 8.14 18.38 13.89
CA ASN A 101 8.85 17.34 14.62
C ASN A 101 9.38 16.31 13.65
N GLU A 102 10.69 16.08 13.68
CA GLU A 102 11.33 15.09 12.81
C GLU A 102 10.76 13.71 13.10
N GLU A 103 10.44 13.46 14.37
CA GLU A 103 9.85 12.21 14.79
C GLU A 103 8.49 12.00 14.13
N ILE A 104 7.75 13.08 13.94
CA ILE A 104 6.46 13.01 13.26
C ILE A 104 6.68 12.62 11.80
N GLY A 105 7.63 13.28 11.16
CA GLY A 105 7.96 12.94 9.80
C GLY A 105 8.44 11.51 9.66
N ALA A 106 9.29 11.09 10.59
CA ALA A 106 9.76 9.71 10.64
C ALA A 106 8.59 8.77 10.82
N HIS A 107 7.68 9.17 11.70
CA HIS A 107 6.52 8.37 12.05
C HIS A 107 5.62 8.19 10.82
N ILE A 108 5.48 9.25 10.03
CA ILE A 108 4.69 9.18 8.80
C ILE A 108 5.30 8.18 7.82
N LYS A 109 6.58 8.36 7.50
CA LYS A 109 7.27 7.53 6.53
C LYS A 109 7.29 6.07 6.98
N HIS A 110 7.64 5.86 8.24
CA HIS A 110 7.81 4.53 8.79
C HIS A 110 6.50 3.74 8.81
N ARG A 111 5.38 4.43 8.96
CA ARG A 111 4.09 3.77 8.93
C ARG A 111 3.66 3.43 7.51
N VAL A 112 4.16 4.19 6.55
CA VAL A 112 3.95 3.87 5.15
C VAL A 112 4.81 2.66 4.78
N GLN A 113 5.95 2.54 5.44
CA GLN A 113 6.82 1.38 5.28
C GLN A 113 6.09 0.10 5.72
N GLU A 114 5.20 0.25 6.69
CA GLU A 114 4.37 -0.86 7.17
C GLU A 114 3.59 -1.46 6.01
N LEU A 115 2.88 -0.62 5.27
CA LEU A 115 2.13 -1.08 4.12
C LEU A 115 3.10 -1.49 3.01
N GLY A 116 4.28 -0.91 3.04
CA GLY A 116 5.29 -1.26 2.06
C GLY A 116 5.61 -2.73 2.04
N HIS A 117 5.49 -3.37 3.19
CA HIS A 117 5.72 -4.80 3.28
C HIS A 117 4.40 -5.56 3.26
N GLY A 118 3.40 -5.01 3.94
CA GLY A 118 2.10 -5.66 4.01
C GLY A 118 1.38 -5.65 2.67
N CYS A 119 1.26 -4.47 2.08
CA CYS A 119 0.61 -4.31 0.78
C CYS A 119 1.39 -5.04 -0.29
N SER A 120 2.72 -5.05 -0.16
CA SER A 120 3.59 -5.79 -1.07
C SER A 120 3.24 -7.28 -1.01
N ALA A 121 3.18 -7.80 0.22
CA ALA A 121 2.86 -9.20 0.43
C ALA A 121 1.46 -9.53 -0.07
N LEU A 122 0.54 -8.60 0.14
CA LEU A 122 -0.84 -8.78 -0.27
C LEU A 122 -0.95 -8.95 -1.78
N VAL A 123 -0.36 -8.03 -2.53
CA VAL A 123 -0.48 -8.04 -3.98
C VAL A 123 0.26 -9.21 -4.61
N THR A 124 1.37 -9.62 -4.00
CA THR A 124 2.16 -10.72 -4.55
C THR A 124 1.53 -12.07 -4.20
N LYS A 125 0.80 -12.12 -3.08
CA LYS A 125 0.17 -13.36 -2.65
C LYS A 125 -1.06 -13.64 -3.50
N ALA A 126 -1.71 -12.56 -3.94
CA ALA A 126 -2.84 -12.66 -4.85
C ALA A 126 -2.40 -13.33 -6.16
N GLY A 127 -1.14 -13.14 -6.53
CA GLY A 127 -0.58 -13.79 -7.70
C GLY A 127 -0.70 -15.30 -7.62
N ALA A 128 -0.46 -15.84 -6.44
CA ALA A 128 -0.56 -17.28 -6.23
C ALA A 128 -2.01 -17.70 -6.03
N LEU A 129 -2.81 -16.79 -5.47
CA LEU A 129 -4.21 -17.09 -5.19
C LEU A 129 -4.99 -17.20 -6.49
N GLN A 130 -4.60 -16.43 -7.49
CA GLN A 130 -5.21 -16.54 -8.80
C GLN A 130 -4.70 -17.75 -9.56
N CYS A 131 -3.49 -18.18 -9.22
CA CYS A 131 -2.91 -19.36 -9.82
C CYS A 131 -3.55 -20.62 -9.22
N SER A 132 -3.99 -20.51 -7.98
CA SER A 132 -4.68 -21.58 -7.30
C SER A 132 -5.74 -21.01 -6.37
N PRO A 133 -6.88 -20.58 -6.93
CA PRO A 133 -7.96 -19.93 -6.16
C PRO A 133 -8.60 -20.86 -5.13
N SER A 134 -8.40 -22.16 -5.33
CA SER A 134 -8.99 -23.16 -4.48
C SER A 134 -8.04 -23.54 -3.34
N ASP A 135 -6.84 -22.99 -3.38
CA ASP A 135 -5.84 -23.28 -2.36
C ASP A 135 -6.09 -22.45 -1.10
N VAL A 136 -6.54 -23.12 -0.05
CA VAL A 136 -6.90 -22.45 1.20
C VAL A 136 -5.67 -21.85 1.88
N TYR A 137 -4.53 -22.51 1.73
CA TYR A 137 -3.29 -22.04 2.36
C TYR A 137 -2.91 -20.66 1.85
N THR A 138 -2.84 -20.51 0.52
CA THR A 138 -2.49 -19.24 -0.09
C THR A 138 -3.48 -18.15 0.32
N LYS A 139 -4.76 -18.49 0.30
CA LYS A 139 -5.80 -17.54 0.68
C LYS A 139 -5.61 -17.12 2.13
N LYS A 140 -5.37 -18.08 3.00
CA LYS A 140 -5.19 -17.81 4.42
C LYS A 140 -4.02 -16.87 4.65
N GLU A 141 -2.89 -17.18 4.01
CA GLU A 141 -1.70 -16.35 4.10
C GLU A 141 -2.00 -14.93 3.65
N LEU A 142 -2.76 -14.80 2.57
CA LEU A 142 -3.16 -13.49 2.06
C LEU A 142 -4.08 -12.80 3.05
N ILE A 143 -5.01 -13.56 3.62
CA ILE A 143 -5.91 -13.04 4.64
C ILE A 143 -5.12 -12.46 5.80
N GLU A 144 -4.10 -13.19 6.24
CA GLU A 144 -3.23 -12.73 7.31
C GLU A 144 -2.50 -11.45 6.90
N CYS A 145 -2.05 -11.40 5.65
CA CYS A 145 -1.41 -10.22 5.11
C CYS A 145 -2.38 -9.04 5.11
N ALA A 146 -3.60 -9.30 4.65
CA ALA A 146 -4.64 -8.27 4.61
C ALA A 146 -4.94 -7.73 6.01
N ARG A 147 -5.01 -8.64 6.98
CA ARG A 147 -5.24 -8.24 8.36
C ARG A 147 -4.18 -7.26 8.83
N ARG A 148 -2.92 -7.59 8.55
CA ARG A 148 -1.80 -6.75 8.91
C ARG A 148 -1.91 -5.37 8.24
N VAL A 149 -2.22 -5.38 6.95
CA VAL A 149 -2.37 -4.13 6.20
C VAL A 149 -3.46 -3.25 6.81
N SER A 150 -4.63 -3.84 7.04
CA SER A 150 -5.76 -3.12 7.61
C SER A 150 -5.40 -2.51 8.96
N GLU A 151 -4.58 -3.21 9.72
CA GLU A 151 -4.13 -2.71 11.03
C GLU A 151 -3.13 -1.58 10.86
N LYS A 152 -2.24 -1.72 9.89
CA LYS A 152 -1.20 -0.72 9.67
C LYS A 152 -1.79 0.59 9.17
N VAL A 153 -2.93 0.52 8.48
CA VAL A 153 -3.65 1.72 8.04
C VAL A 153 -3.93 2.64 9.21
N SER A 154 -4.50 2.07 10.26
CA SER A 154 -4.82 2.81 11.47
C SER A 154 -3.58 3.43 12.08
N HIS A 155 -2.44 2.74 11.94
CA HIS A 155 -1.17 3.22 12.45
C HIS A 155 -0.68 4.40 11.61
N VAL A 156 -0.93 4.35 10.30
CA VAL A 156 -0.58 5.45 9.40
C VAL A 156 -1.42 6.68 9.73
N LEU A 157 -2.72 6.46 9.89
CA LEU A 157 -3.63 7.53 10.25
C LEU A 157 -3.21 8.17 11.58
N ALA A 158 -2.93 7.31 12.56
CA ALA A 158 -2.47 7.77 13.88
C ALA A 158 -1.16 8.56 13.76
N ALA A 159 -0.35 8.19 12.78
CA ALA A 159 0.93 8.85 12.55
C ALA A 159 0.71 10.30 12.13
N LEU A 160 -0.25 10.53 11.24
CA LEU A 160 -0.59 11.87 10.80
C LEU A 160 -1.26 12.65 11.93
N GLN A 161 -2.26 12.04 12.55
CA GLN A 161 -3.00 12.67 13.64
C GLN A 161 -2.09 13.04 14.80
N ALA A 162 -0.97 12.32 14.93
CA ALA A 162 -0.01 12.56 16.02
C ALA A 162 0.69 13.91 15.84
N GLY A 163 0.70 14.41 14.62
CA GLY A 163 1.36 15.68 14.35
C GLY A 163 0.66 16.86 14.98
N ASN A 164 -0.66 16.77 15.11
CA ASN A 164 -1.45 17.87 15.64
C ASN A 164 -1.90 17.58 17.07
N ARG A 165 -1.11 16.81 17.80
CA ARG A 165 -1.40 16.53 19.19
C ARG A 165 -0.80 17.61 20.07
N GLY A 1 -15.62 -15.22 -15.60
CA GLY A 1 -15.98 -14.44 -14.41
C GLY A 1 -16.68 -13.15 -14.78
N ILE A 2 -16.18 -12.05 -14.25
CA ILE A 2 -16.71 -10.73 -14.58
C ILE A 2 -15.79 -10.06 -15.59
N ASP A 3 -14.95 -10.89 -16.21
CA ASP A 3 -14.00 -10.44 -17.22
C ASP A 3 -14.73 -9.72 -18.35
N PRO A 4 -14.26 -8.51 -18.69
CA PRO A 4 -14.92 -7.65 -19.67
C PRO A 4 -14.57 -8.00 -21.11
N PHE A 5 -15.56 -8.45 -21.86
CA PHE A 5 -15.37 -8.78 -23.27
C PHE A 5 -16.27 -7.93 -24.16
N THR A 6 -17.03 -7.04 -23.54
CA THR A 6 -17.88 -6.12 -24.29
C THR A 6 -17.02 -5.09 -25.01
N ASN A 7 -16.23 -4.38 -24.22
CA ASN A 7 -15.20 -3.48 -24.74
C ASN A 7 -13.94 -4.30 -24.95
N GLU A 8 -13.79 -5.32 -24.11
CA GLU A 8 -12.69 -6.28 -24.17
C GLU A 8 -11.36 -5.65 -23.76
N ALA A 9 -10.95 -5.95 -22.54
CA ALA A 9 -9.67 -5.51 -22.03
C ALA A 9 -8.67 -6.65 -22.13
N ALA A 10 -7.54 -6.39 -22.77
CA ALA A 10 -6.53 -7.42 -22.98
C ALA A 10 -5.88 -7.84 -21.67
N SER A 11 -5.70 -9.14 -21.51
CA SER A 11 -5.01 -9.68 -20.36
C SER A 11 -3.50 -9.54 -20.57
N ALA A 12 -2.94 -8.45 -20.10
CA ALA A 12 -1.51 -8.18 -20.28
C ALA A 12 -0.70 -8.85 -19.18
N ALA A 13 -1.24 -8.84 -17.98
CA ALA A 13 -0.56 -9.43 -16.83
C ALA A 13 -1.56 -10.12 -15.92
N GLY A 14 -2.43 -9.34 -15.30
CA GLY A 14 -3.39 -9.89 -14.35
C GLY A 14 -2.78 -10.11 -12.98
N VAL A 15 -1.57 -10.65 -12.97
CA VAL A 15 -0.84 -10.88 -11.74
C VAL A 15 0.00 -9.66 -11.36
N VAL A 16 0.78 -9.79 -10.30
CA VAL A 16 1.58 -8.68 -9.80
C VAL A 16 3.06 -8.99 -9.88
N GLY A 17 3.71 -8.50 -10.94
CA GLY A 17 5.14 -8.70 -11.08
C GLY A 17 5.83 -7.46 -11.60
N GLY A 18 5.06 -6.46 -11.98
CA GLY A 18 5.62 -5.23 -12.47
C GLY A 18 5.39 -4.08 -11.52
N MET A 19 4.14 -3.92 -11.10
CA MET A 19 3.77 -2.81 -10.23
C MET A 19 4.18 -3.06 -8.79
N VAL A 20 4.54 -4.30 -8.48
CA VAL A 20 5.04 -4.65 -7.16
C VAL A 20 6.38 -3.95 -6.92
N ASP A 21 7.10 -3.71 -8.00
CA ASP A 21 8.36 -2.99 -7.96
C ASP A 21 8.14 -1.57 -7.42
N SER A 22 7.07 -0.94 -7.87
CA SER A 22 6.73 0.40 -7.45
C SER A 22 6.50 0.47 -5.95
N ILE A 23 5.90 -0.57 -5.38
CA ILE A 23 5.66 -0.63 -3.95
C ILE A 23 6.98 -0.72 -3.19
N THR A 24 7.86 -1.59 -3.65
CA THR A 24 9.16 -1.78 -3.02
C THR A 24 9.99 -0.50 -3.10
N GLN A 25 9.97 0.15 -4.26
CA GLN A 25 10.71 1.39 -4.44
C GLN A 25 10.08 2.52 -3.64
N ALA A 26 8.78 2.43 -3.41
CA ALA A 26 8.08 3.42 -2.61
C ALA A 26 8.54 3.35 -1.15
N ILE A 27 8.96 2.16 -0.72
CA ILE A 27 9.58 2.00 0.58
C ILE A 27 10.97 2.63 0.57
N ASN A 28 11.73 2.28 -0.46
CA ASN A 28 13.10 2.76 -0.61
C ASN A 28 13.16 4.28 -0.68
N GLN A 29 12.27 4.88 -1.47
CA GLN A 29 12.28 6.33 -1.68
C GLN A 29 12.12 7.08 -0.36
N LEU A 30 11.33 6.52 0.56
CA LEU A 30 11.12 7.12 1.87
C LEU A 30 12.33 6.88 2.76
N ASP A 31 12.92 5.71 2.61
CA ASP A 31 14.04 5.30 3.45
C ASP A 31 15.31 6.07 3.08
N GLU A 32 15.53 6.26 1.78
CA GLU A 32 16.71 6.94 1.28
C GLU A 32 16.75 8.40 1.72
N GLY A 33 15.62 9.09 1.57
CA GLY A 33 15.57 10.48 1.95
C GLY A 33 14.18 11.07 1.83
N PRO A 34 13.93 12.25 2.41
CA PRO A 34 12.63 12.93 2.30
C PRO A 34 12.55 13.83 1.08
N MET A 35 11.53 14.66 1.03
CA MET A 35 11.38 15.60 -0.08
C MET A 35 11.32 17.02 0.48
N GLY A 36 12.34 17.80 0.19
CA GLY A 36 12.46 19.12 0.76
C GLY A 36 11.66 20.15 0.01
N ASP A 37 11.31 21.23 0.71
CA ASP A 37 10.47 22.29 0.19
C ASP A 37 9.18 21.73 -0.40
N PRO A 38 8.26 21.29 0.48
CA PRO A 38 6.97 20.74 0.06
C PRO A 38 6.12 21.76 -0.68
N GLU A 39 5.45 21.30 -1.74
CA GLU A 39 4.58 22.18 -2.51
C GLU A 39 3.29 22.44 -1.74
N GLY A 40 2.88 21.46 -0.94
CA GLY A 40 1.73 21.64 -0.10
C GLY A 40 2.13 21.85 1.34
N SER A 41 1.15 21.94 2.22
CA SER A 41 1.41 22.11 3.64
C SER A 41 1.14 20.80 4.38
N PHE A 42 1.59 20.72 5.63
CA PHE A 42 1.35 19.53 6.45
C PHE A 42 -0.13 19.19 6.51
N VAL A 43 -0.97 20.22 6.66
CA VAL A 43 -2.42 20.01 6.69
C VAL A 43 -2.93 19.45 5.36
N ASP A 44 -2.35 19.92 4.26
CA ASP A 44 -2.74 19.45 2.94
C ASP A 44 -2.35 18.00 2.75
N TYR A 45 -1.08 17.69 3.04
CA TYR A 45 -0.59 16.32 2.92
C TYR A 45 -1.34 15.40 3.87
N GLN A 46 -1.55 15.87 5.10
CA GLN A 46 -2.30 15.09 6.10
C GLN A 46 -3.67 14.69 5.57
N THR A 47 -4.45 15.68 5.17
CA THR A 47 -5.80 15.45 4.71
C THR A 47 -5.81 14.56 3.47
N THR A 48 -4.79 14.69 2.64
CA THR A 48 -4.68 13.88 1.44
C THR A 48 -4.33 12.44 1.81
N MET A 49 -3.35 12.28 2.68
CA MET A 49 -2.85 10.95 3.05
C MET A 49 -3.89 10.13 3.79
N VAL A 50 -4.62 10.74 4.71
CA VAL A 50 -5.62 9.99 5.48
C VAL A 50 -6.73 9.49 4.56
N ARG A 51 -7.02 10.23 3.50
CA ARG A 51 -8.01 9.81 2.52
C ARG A 51 -7.50 8.64 1.71
N THR A 52 -6.27 8.76 1.22
CA THR A 52 -5.66 7.70 0.42
C THR A 52 -5.47 6.43 1.25
N ALA A 53 -5.21 6.60 2.55
CA ALA A 53 -5.08 5.47 3.45
C ALA A 53 -6.40 4.70 3.55
N LYS A 54 -7.50 5.42 3.59
CA LYS A 54 -8.82 4.79 3.62
C LYS A 54 -9.06 4.03 2.33
N ALA A 55 -8.54 4.57 1.24
CA ALA A 55 -8.68 3.95 -0.08
C ALA A 55 -7.96 2.61 -0.13
N ILE A 56 -6.73 2.57 0.40
CA ILE A 56 -5.99 1.32 0.42
C ILE A 56 -6.57 0.38 1.46
N ALA A 57 -7.17 0.96 2.51
CA ALA A 57 -7.77 0.17 3.58
C ALA A 57 -9.04 -0.53 3.12
N VAL A 58 -9.87 0.17 2.36
CA VAL A 58 -11.08 -0.43 1.84
C VAL A 58 -10.73 -1.46 0.76
N THR A 59 -9.55 -1.29 0.17
CA THR A 59 -9.04 -2.25 -0.79
C THR A 59 -8.53 -3.51 -0.08
N VAL A 60 -7.73 -3.33 0.96
CA VAL A 60 -7.20 -4.46 1.72
C VAL A 60 -8.32 -5.20 2.44
N GLN A 61 -9.30 -4.48 2.94
CA GLN A 61 -10.45 -5.09 3.59
C GLN A 61 -11.28 -5.85 2.56
N GLU A 62 -11.20 -5.42 1.30
CA GLU A 62 -11.92 -6.06 0.23
C GLU A 62 -11.20 -7.34 -0.19
N MET A 63 -9.88 -7.35 -0.06
CA MET A 63 -9.06 -8.50 -0.42
C MET A 63 -9.54 -9.78 0.25
N VAL A 64 -9.63 -9.74 1.58
CA VAL A 64 -10.06 -10.90 2.36
C VAL A 64 -11.43 -11.39 1.89
N THR A 65 -12.32 -10.45 1.66
CA THR A 65 -13.68 -10.73 1.29
C THR A 65 -13.77 -11.24 -0.15
N LYS A 66 -13.00 -10.63 -1.05
CA LYS A 66 -13.04 -11.02 -2.45
C LYS A 66 -12.36 -12.34 -2.69
N SER A 67 -11.35 -12.65 -1.92
CA SER A 67 -10.67 -13.93 -2.09
C SER A 67 -11.65 -15.08 -1.88
N ASN A 68 -12.64 -14.84 -1.04
CA ASN A 68 -13.64 -15.82 -0.72
C ASN A 68 -14.75 -15.89 -1.77
N THR A 69 -15.06 -14.75 -2.38
CA THR A 69 -16.20 -14.66 -3.30
C THR A 69 -15.78 -14.51 -4.77
N SER A 70 -14.71 -13.76 -5.00
CA SER A 70 -14.31 -13.37 -6.35
C SER A 70 -12.79 -13.20 -6.42
N PRO A 71 -12.05 -14.30 -6.60
CA PRO A 71 -10.58 -14.26 -6.63
C PRO A 71 -10.04 -13.45 -7.79
N GLU A 72 -10.87 -13.25 -8.81
CA GLU A 72 -10.48 -12.50 -9.99
C GLU A 72 -10.47 -11.00 -9.70
N GLU A 73 -11.07 -10.61 -8.58
CA GLU A 73 -11.10 -9.21 -8.17
C GLU A 73 -9.81 -8.80 -7.50
N LEU A 74 -9.03 -9.79 -7.08
CA LEU A 74 -7.81 -9.53 -6.31
C LEU A 74 -6.77 -8.79 -7.13
N GLY A 75 -6.69 -9.08 -8.42
CA GLY A 75 -5.76 -8.38 -9.29
C GLY A 75 -6.07 -6.89 -9.40
N PRO A 76 -7.32 -6.53 -9.79
CA PRO A 76 -7.76 -5.12 -9.80
C PRO A 76 -7.57 -4.43 -8.45
N LEU A 77 -7.76 -5.17 -7.36
CA LEU A 77 -7.57 -4.62 -6.03
C LEU A 77 -6.10 -4.45 -5.73
N ALA A 78 -5.31 -5.44 -6.09
CA ALA A 78 -3.86 -5.34 -5.95
C ALA A 78 -3.36 -4.14 -6.72
N ASN A 79 -4.04 -3.84 -7.82
CA ASN A 79 -3.69 -2.70 -8.65
C ASN A 79 -3.94 -1.39 -7.91
N GLN A 80 -5.12 -1.27 -7.32
CA GLN A 80 -5.48 -0.05 -6.58
C GLN A 80 -4.66 0.07 -5.31
N LEU A 81 -4.47 -1.04 -4.62
CA LEU A 81 -3.65 -1.08 -3.41
C LEU A 81 -2.24 -0.62 -3.72
N THR A 82 -1.81 -0.89 -4.94
CA THR A 82 -0.48 -0.48 -5.40
C THR A 82 -0.46 0.99 -5.79
N SER A 83 -1.43 1.41 -6.60
CA SER A 83 -1.44 2.76 -7.16
C SER A 83 -1.63 3.81 -6.08
N ASP A 84 -2.63 3.63 -5.24
CA ASP A 84 -2.89 4.56 -4.15
C ASP A 84 -1.75 4.56 -3.13
N TYR A 85 -1.12 3.41 -2.93
CA TYR A 85 0.02 3.33 -2.03
C TYR A 85 1.15 4.22 -2.53
N GLY A 86 1.37 4.22 -3.84
CA GLY A 86 2.37 5.09 -4.44
C GLY A 86 2.16 6.54 -4.06
N ARG A 87 0.90 6.96 -4.00
CA ARG A 87 0.55 8.32 -3.62
C ARG A 87 0.98 8.56 -2.18
N LEU A 88 0.55 7.67 -1.29
CA LEU A 88 0.88 7.76 0.13
C LEU A 88 2.39 7.89 0.33
N ALA A 89 3.13 7.00 -0.29
CA ALA A 89 4.58 6.97 -0.13
C ALA A 89 5.25 8.26 -0.62
N SER A 90 4.76 8.78 -1.74
CA SER A 90 5.37 9.96 -2.33
C SER A 90 4.99 11.24 -1.56
N GLN A 91 3.79 11.26 -1.00
CA GLN A 91 3.31 12.41 -0.24
C GLN A 91 3.92 12.46 1.16
N ALA A 92 4.34 11.30 1.66
CA ALA A 92 4.91 11.21 3.01
C ALA A 92 6.29 11.87 3.07
N LYS A 93 6.99 11.88 1.94
CA LYS A 93 8.34 12.45 1.88
C LYS A 93 8.35 13.94 2.20
N PRO A 94 7.53 14.77 1.53
CA PRO A 94 7.44 16.20 1.85
C PRO A 94 6.75 16.45 3.19
N ALA A 95 5.80 15.58 3.54
CA ALA A 95 5.04 15.73 4.78
C ALA A 95 5.97 15.66 5.99
N ALA A 96 6.98 14.79 5.90
CA ALA A 96 7.97 14.65 6.97
C ALA A 96 8.67 15.98 7.24
N VAL A 97 9.08 16.65 6.17
CA VAL A 97 9.79 17.92 6.28
C VAL A 97 8.84 19.06 6.66
N ALA A 98 7.60 18.96 6.20
CA ALA A 98 6.59 19.98 6.46
C ALA A 98 6.25 20.05 7.95
N ALA A 99 6.34 18.90 8.62
CA ALA A 99 6.04 18.83 10.04
C ALA A 99 7.05 19.62 10.86
N GLU A 100 6.61 20.07 12.04
CA GLU A 100 7.41 20.97 12.87
C GLU A 100 8.64 20.28 13.46
N ASN A 101 8.51 18.99 13.70
CA ASN A 101 9.56 18.23 14.37
C ASN A 101 9.97 17.03 13.53
N GLU A 102 11.28 16.79 13.48
CA GLU A 102 11.86 15.67 12.74
C GLU A 102 11.17 14.36 13.09
N GLU A 103 10.94 14.11 14.38
CA GLU A 103 10.28 12.88 14.83
C GLU A 103 8.84 12.84 14.36
N ILE A 104 8.19 13.99 14.40
CA ILE A 104 6.81 14.11 13.94
C ILE A 104 6.73 13.69 12.47
N GLY A 105 7.74 14.08 11.69
CA GLY A 105 7.80 13.68 10.30
C GLY A 105 8.29 12.25 10.14
N ALA A 106 9.20 11.83 11.01
CA ALA A 106 9.72 10.46 11.00
C ALA A 106 8.60 9.47 11.19
N HIS A 107 7.70 9.82 12.10
CA HIS A 107 6.56 8.97 12.40
C HIS A 107 5.67 8.82 11.18
N ILE A 108 5.52 9.90 10.44
CA ILE A 108 4.70 9.90 9.22
C ILE A 108 5.30 8.98 8.16
N LYS A 109 6.57 9.20 7.84
CA LYS A 109 7.24 8.45 6.77
C LYS A 109 7.37 6.97 7.14
N HIS A 110 7.56 6.70 8.44
CA HIS A 110 7.76 5.33 8.90
C HIS A 110 6.47 4.53 8.78
N ARG A 111 5.33 5.21 8.87
CA ARG A 111 4.04 4.54 8.79
C ARG A 111 3.83 3.89 7.44
N VAL A 112 4.25 4.59 6.38
CA VAL A 112 4.08 4.09 5.02
C VAL A 112 5.03 2.93 4.77
N GLN A 113 6.17 2.92 5.46
CA GLN A 113 7.11 1.81 5.37
C GLN A 113 6.45 0.52 5.84
N GLU A 114 5.65 0.64 6.89
CA GLU A 114 4.91 -0.49 7.44
C GLU A 114 3.95 -1.04 6.39
N LEU A 115 3.28 -0.12 5.71
CA LEU A 115 2.35 -0.45 4.66
C LEU A 115 3.05 -1.14 3.50
N GLY A 116 4.20 -0.59 3.12
CA GLY A 116 4.94 -1.14 2.00
C GLY A 116 5.18 -2.63 2.11
N HIS A 117 5.57 -3.08 3.30
CA HIS A 117 5.83 -4.49 3.53
C HIS A 117 4.54 -5.30 3.40
N GLY A 118 3.46 -4.78 3.97
CA GLY A 118 2.18 -5.46 3.92
C GLY A 118 1.57 -5.44 2.54
N CYS A 119 1.44 -4.24 1.98
CA CYS A 119 0.85 -4.06 0.65
C CYS A 119 1.58 -4.90 -0.39
N SER A 120 2.92 -4.90 -0.33
CA SER A 120 3.71 -5.68 -1.25
C SER A 120 3.38 -7.17 -1.13
N ALA A 121 3.37 -7.67 0.10
CA ALA A 121 3.10 -9.07 0.35
C ALA A 121 1.70 -9.46 -0.09
N LEU A 122 0.75 -8.56 0.14
CA LEU A 122 -0.64 -8.80 -0.19
C LEU A 122 -0.81 -8.93 -1.71
N VAL A 123 -0.34 -7.95 -2.46
CA VAL A 123 -0.48 -7.95 -3.90
C VAL A 123 0.27 -9.13 -4.52
N THR A 124 1.41 -9.46 -3.92
CA THR A 124 2.22 -10.58 -4.38
C THR A 124 1.46 -11.90 -4.19
N LYS A 125 0.74 -12.00 -3.08
CA LYS A 125 0.02 -13.22 -2.77
C LYS A 125 -1.23 -13.34 -3.66
N ALA A 126 -1.87 -12.20 -3.91
CA ALA A 126 -3.04 -12.15 -4.78
C ALA A 126 -2.71 -12.66 -6.17
N GLY A 127 -1.53 -12.30 -6.67
CA GLY A 127 -1.10 -12.80 -7.96
C GLY A 127 -1.02 -14.30 -8.00
N ALA A 128 -0.56 -14.89 -6.91
CA ALA A 128 -0.45 -16.34 -6.80
C ALA A 128 -1.82 -16.97 -6.56
N LEU A 129 -2.69 -16.25 -5.85
CA LEU A 129 -4.02 -16.75 -5.55
C LEU A 129 -4.84 -16.82 -6.82
N GLN A 130 -4.64 -15.86 -7.71
CA GLN A 130 -5.33 -15.88 -8.99
C GLN A 130 -4.84 -17.05 -9.85
N CYS A 131 -3.61 -17.49 -9.60
CA CYS A 131 -3.06 -18.64 -10.31
C CYS A 131 -3.63 -19.94 -9.75
N SER A 132 -4.18 -19.88 -8.55
CA SER A 132 -4.83 -21.03 -7.93
C SER A 132 -5.94 -20.56 -7.00
N PRO A 133 -7.04 -20.03 -7.57
CA PRO A 133 -8.13 -19.42 -6.80
C PRO A 133 -8.84 -20.42 -5.91
N SER A 134 -8.62 -21.70 -6.19
CA SER A 134 -9.26 -22.78 -5.45
C SER A 134 -8.42 -23.19 -4.25
N ASP A 135 -7.18 -22.70 -4.19
CA ASP A 135 -6.28 -23.10 -3.12
C ASP A 135 -6.52 -22.26 -1.88
N VAL A 136 -7.15 -22.88 -0.90
CA VAL A 136 -7.50 -22.22 0.34
C VAL A 136 -6.28 -21.81 1.15
N TYR A 137 -5.20 -22.58 1.02
CA TYR A 137 -3.97 -22.27 1.74
C TYR A 137 -3.39 -20.92 1.29
N THR A 138 -3.28 -20.74 -0.01
CA THR A 138 -2.82 -19.47 -0.56
C THR A 138 -3.74 -18.33 -0.13
N LYS A 139 -5.05 -18.58 -0.19
CA LYS A 139 -6.04 -17.60 0.22
C LYS A 139 -5.92 -17.28 1.71
N LYS A 140 -5.70 -18.33 2.50
CA LYS A 140 -5.51 -18.20 3.94
C LYS A 140 -4.43 -17.17 4.24
N GLU A 141 -3.28 -17.33 3.62
CA GLU A 141 -2.15 -16.45 3.85
C GLU A 141 -2.47 -15.03 3.38
N LEU A 142 -3.24 -14.91 2.31
CA LEU A 142 -3.64 -13.60 1.80
C LEU A 142 -4.61 -12.93 2.77
N ILE A 143 -5.53 -13.72 3.34
CA ILE A 143 -6.44 -13.22 4.37
C ILE A 143 -5.62 -12.64 5.53
N GLU A 144 -4.57 -13.36 5.90
CA GLU A 144 -3.68 -12.91 6.97
C GLU A 144 -2.91 -11.67 6.52
N CYS A 145 -2.46 -11.66 5.28
CA CYS A 145 -1.78 -10.49 4.72
C CYS A 145 -2.69 -9.27 4.78
N ALA A 146 -3.97 -9.47 4.46
CA ALA A 146 -4.96 -8.40 4.52
C ALA A 146 -5.07 -7.85 5.94
N ARG A 147 -5.01 -8.74 6.93
CA ARG A 147 -5.02 -8.33 8.32
C ARG A 147 -3.80 -7.44 8.61
N ARG A 148 -2.62 -7.93 8.23
CA ARG A 148 -1.37 -7.27 8.53
C ARG A 148 -1.31 -5.86 7.92
N VAL A 149 -1.90 -5.70 6.74
CA VAL A 149 -1.96 -4.40 6.10
C VAL A 149 -2.91 -3.47 6.87
N SER A 150 -4.12 -3.96 7.13
CA SER A 150 -5.14 -3.20 7.84
C SER A 150 -4.64 -2.75 9.21
N GLU A 151 -3.88 -3.61 9.88
CA GLU A 151 -3.31 -3.29 11.20
C GLU A 151 -2.39 -2.09 11.11
N LYS A 152 -1.74 -1.92 9.97
CA LYS A 152 -0.81 -0.82 9.79
C LYS A 152 -1.56 0.46 9.41
N VAL A 153 -2.61 0.32 8.60
CA VAL A 153 -3.36 1.48 8.11
C VAL A 153 -3.86 2.35 9.27
N SER A 154 -4.50 1.72 10.25
CA SER A 154 -5.03 2.46 11.40
C SER A 154 -3.91 3.18 12.15
N HIS A 155 -2.73 2.55 12.21
CA HIS A 155 -1.56 3.17 12.82
C HIS A 155 -1.03 4.31 11.97
N VAL A 156 -1.17 4.17 10.65
CA VAL A 156 -0.76 5.23 9.72
C VAL A 156 -1.69 6.43 9.85
N LEU A 157 -2.99 6.14 9.88
CA LEU A 157 -4.00 7.17 10.05
C LEU A 157 -3.80 7.95 11.34
N ALA A 158 -3.57 7.22 12.43
CA ALA A 158 -3.39 7.81 13.75
C ALA A 158 -2.21 8.78 13.77
N ALA A 159 -1.16 8.43 13.05
CA ALA A 159 0.04 9.26 12.95
C ALA A 159 -0.31 10.67 12.54
N LEU A 160 -1.01 10.82 11.42
CA LEU A 160 -1.26 12.12 10.80
C LEU A 160 -1.84 13.15 11.77
N GLN A 161 -2.70 12.71 12.70
CA GLN A 161 -3.37 13.63 13.62
C GLN A 161 -2.37 14.43 14.45
N ALA A 162 -1.15 13.90 14.57
CA ALA A 162 -0.10 14.58 15.31
C ALA A 162 1.21 14.56 14.53
N GLY A 163 1.18 13.93 13.38
CA GLY A 163 2.40 13.53 12.72
C GLY A 163 3.06 12.38 13.48
N ASN A 164 3.51 12.69 14.70
CA ASN A 164 4.04 11.68 15.61
C ASN A 164 3.05 11.44 16.72
N ARG A 165 2.21 10.43 16.56
CA ARG A 165 1.27 10.04 17.59
C ARG A 165 1.59 8.64 18.07
N GLY A 1 13.56 -5.30 -22.99
CA GLY A 1 12.42 -4.54 -22.41
C GLY A 1 11.26 -5.43 -22.05
N ILE A 2 11.45 -6.25 -21.02
CA ILE A 2 10.45 -7.24 -20.60
C ILE A 2 10.23 -8.26 -21.71
N ASP A 3 10.99 -9.34 -21.67
CA ASP A 3 10.95 -10.34 -22.73
C ASP A 3 10.06 -11.51 -22.35
N PRO A 4 9.43 -12.16 -23.35
CA PRO A 4 8.62 -13.36 -23.14
C PRO A 4 9.50 -14.57 -22.81
N PHE A 5 10.79 -14.43 -23.10
CA PHE A 5 11.78 -15.44 -22.77
C PHE A 5 13.16 -14.82 -22.78
N THR A 6 13.68 -14.53 -21.60
CA THR A 6 15.01 -13.97 -21.49
C THR A 6 15.86 -14.77 -20.51
N ASN A 7 16.82 -15.50 -21.08
CA ASN A 7 17.74 -16.36 -20.31
C ASN A 7 17.03 -17.57 -19.72
N GLU A 8 16.15 -17.35 -18.75
CA GLU A 8 15.48 -18.44 -18.06
C GLU A 8 13.97 -18.39 -18.26
N ALA A 9 13.38 -17.26 -17.93
CA ALA A 9 11.93 -17.12 -18.00
C ALA A 9 11.54 -15.77 -18.58
N ALA A 10 10.28 -15.39 -18.39
CA ALA A 10 9.80 -14.10 -18.84
C ALA A 10 9.83 -13.10 -17.70
N SER A 11 9.28 -13.51 -16.57
CA SER A 11 9.21 -12.65 -15.39
C SER A 11 9.40 -13.50 -14.13
N ALA A 12 9.42 -12.84 -12.98
CA ALA A 12 9.49 -13.53 -11.70
C ALA A 12 8.08 -13.80 -11.19
N ALA A 13 7.23 -12.80 -11.35
CA ALA A 13 5.82 -12.90 -11.00
C ALA A 13 4.96 -12.43 -12.16
N GLY A 14 4.35 -13.38 -12.87
CA GLY A 14 3.54 -13.05 -14.02
C GLY A 14 2.19 -12.45 -13.64
N VAL A 15 2.24 -11.32 -12.94
CA VAL A 15 1.05 -10.62 -12.49
C VAL A 15 1.46 -9.31 -11.80
N VAL A 16 2.42 -9.41 -10.90
CA VAL A 16 2.90 -8.26 -10.17
C VAL A 16 4.43 -8.23 -10.18
N GLY A 17 4.99 -7.64 -11.22
CA GLY A 17 6.42 -7.55 -11.34
C GLY A 17 6.87 -6.13 -11.61
N GLY A 18 6.14 -5.46 -12.48
CA GLY A 18 6.45 -4.09 -12.79
C GLY A 18 5.99 -3.12 -11.72
N MET A 19 4.76 -3.28 -11.26
CA MET A 19 4.19 -2.34 -10.30
C MET A 19 4.69 -2.61 -8.88
N VAL A 20 5.22 -3.81 -8.64
CA VAL A 20 5.76 -4.13 -7.32
C VAL A 20 7.06 -3.36 -7.10
N ASP A 21 7.71 -2.99 -8.20
CA ASP A 21 8.93 -2.19 -8.13
C ASP A 21 8.62 -0.80 -7.56
N SER A 22 7.40 -0.33 -7.85
CA SER A 22 6.94 0.95 -7.32
C SER A 22 6.82 0.90 -5.80
N ILE A 23 6.39 -0.25 -5.28
CA ILE A 23 6.27 -0.43 -3.84
C ILE A 23 7.64 -0.49 -3.20
N THR A 24 8.53 -1.28 -3.81
CA THR A 24 9.91 -1.39 -3.33
C THR A 24 10.60 -0.02 -3.35
N GLN A 25 10.33 0.75 -4.40
CA GLN A 25 10.84 2.11 -4.53
C GLN A 25 10.32 2.97 -3.38
N ALA A 26 9.02 2.87 -3.13
CA ALA A 26 8.36 3.66 -2.09
C ALA A 26 8.94 3.35 -0.71
N ILE A 27 9.37 2.10 -0.50
CA ILE A 27 9.97 1.72 0.76
C ILE A 27 11.29 2.46 0.97
N ASN A 28 12.10 2.52 -0.07
CA ASN A 28 13.42 3.13 0.02
C ASN A 28 13.36 4.66 0.01
N GLN A 29 12.53 5.22 -0.88
CA GLN A 29 12.53 6.66 -1.14
C GLN A 29 12.33 7.51 0.12
N LEU A 30 11.49 7.04 1.04
CA LEU A 30 11.11 7.84 2.20
C LEU A 30 12.27 8.04 3.15
N ASP A 31 13.09 7.00 3.31
CA ASP A 31 14.26 7.08 4.18
C ASP A 31 15.46 7.61 3.41
N GLU A 32 15.59 7.20 2.15
CA GLU A 32 16.72 7.57 1.32
C GLU A 32 16.67 9.06 0.94
N GLY A 33 15.74 9.42 0.09
CA GLY A 33 15.68 10.79 -0.40
C GLY A 33 14.27 11.36 -0.41
N PRO A 34 13.79 11.85 0.74
CA PRO A 34 12.49 12.50 0.82
C PRO A 34 12.54 13.94 0.35
N MET A 35 11.71 14.27 -0.64
CA MET A 35 11.64 15.63 -1.17
C MET A 35 11.32 16.63 -0.06
N GLY A 36 12.30 17.46 0.28
CA GLY A 36 12.14 18.38 1.38
C GLY A 36 11.62 19.74 0.95
N ASP A 37 10.67 19.74 0.04
CA ASP A 37 10.01 20.98 -0.36
C ASP A 37 8.50 20.80 -0.30
N PRO A 38 7.90 20.97 0.88
CA PRO A 38 6.46 20.83 1.07
C PRO A 38 5.68 21.99 0.45
N GLU A 39 4.55 21.66 -0.15
CA GLU A 39 3.66 22.67 -0.73
C GLU A 39 2.41 22.82 0.13
N GLY A 40 2.53 22.44 1.38
CA GLY A 40 1.41 22.51 2.29
C GLY A 40 1.86 22.67 3.73
N SER A 41 1.01 23.27 4.55
CA SER A 41 1.34 23.56 5.94
C SER A 41 1.16 22.34 6.84
N PHE A 42 1.62 21.18 6.37
CA PHE A 42 1.49 19.90 7.08
C PHE A 42 0.05 19.42 7.08
N VAL A 43 -0.85 20.24 7.61
CA VAL A 43 -2.27 19.92 7.68
C VAL A 43 -2.83 19.65 6.28
N ASP A 44 -2.30 20.36 5.29
CA ASP A 44 -2.71 20.18 3.90
C ASP A 44 -2.45 18.74 3.45
N TYR A 45 -1.23 18.26 3.69
CA TYR A 45 -0.87 16.90 3.31
C TYR A 45 -1.52 15.90 4.25
N GLN A 46 -1.69 16.29 5.50
CA GLN A 46 -2.30 15.44 6.51
C GLN A 46 -3.67 14.95 6.05
N THR A 47 -4.54 15.88 5.66
CA THR A 47 -5.88 15.53 5.22
C THR A 47 -5.85 14.76 3.90
N THR A 48 -4.86 15.05 3.07
CA THR A 48 -4.68 14.34 1.81
C THR A 48 -4.24 12.89 2.07
N MET A 49 -3.32 12.73 3.01
CA MET A 49 -2.78 11.41 3.33
C MET A 49 -3.83 10.53 3.99
N VAL A 50 -4.54 11.07 4.98
CA VAL A 50 -5.53 10.28 5.69
C VAL A 50 -6.61 9.76 4.73
N ARG A 51 -6.98 10.57 3.75
CA ARG A 51 -7.97 10.17 2.75
C ARG A 51 -7.43 9.03 1.90
N THR A 52 -6.19 9.16 1.45
CA THR A 52 -5.57 8.17 0.59
C THR A 52 -5.28 6.87 1.38
N ALA A 53 -4.96 7.02 2.66
CA ALA A 53 -4.74 5.86 3.53
C ALA A 53 -6.03 5.05 3.66
N LYS A 54 -7.14 5.74 3.88
CA LYS A 54 -8.45 5.08 3.93
C LYS A 54 -8.76 4.43 2.58
N ALA A 55 -8.29 5.05 1.51
CA ALA A 55 -8.52 4.55 0.16
C ALA A 55 -7.85 3.20 -0.06
N ILE A 56 -6.67 3.01 0.52
CA ILE A 56 -5.99 1.72 0.42
C ILE A 56 -6.60 0.74 1.42
N ALA A 57 -7.14 1.27 2.51
CA ALA A 57 -7.74 0.45 3.56
C ALA A 57 -9.05 -0.18 3.09
N VAL A 58 -9.85 0.57 2.36
CA VAL A 58 -11.08 0.03 1.80
C VAL A 58 -10.75 -1.00 0.73
N THR A 59 -9.61 -0.83 0.07
CA THR A 59 -9.14 -1.78 -0.91
C THR A 59 -8.71 -3.10 -0.23
N VAL A 60 -7.85 -2.99 0.78
CA VAL A 60 -7.36 -4.18 1.47
C VAL A 60 -8.52 -4.90 2.19
N GLN A 61 -9.46 -4.13 2.73
CA GLN A 61 -10.62 -4.70 3.38
C GLN A 61 -11.52 -5.40 2.34
N GLU A 62 -11.44 -4.95 1.10
CA GLU A 62 -12.17 -5.57 0.02
C GLU A 62 -11.47 -6.85 -0.39
N MET A 63 -10.15 -6.82 -0.40
CA MET A 63 -9.35 -7.97 -0.83
C MET A 63 -9.59 -9.17 0.08
N VAL A 64 -9.64 -8.93 1.39
CA VAL A 64 -9.90 -10.00 2.35
C VAL A 64 -11.28 -10.60 2.13
N THR A 65 -12.24 -9.74 1.83
CA THR A 65 -13.60 -10.17 1.58
C THR A 65 -13.71 -10.90 0.24
N LYS A 66 -13.15 -10.30 -0.81
CA LYS A 66 -13.23 -10.86 -2.14
C LYS A 66 -12.48 -12.17 -2.25
N SER A 67 -11.44 -12.36 -1.45
CA SER A 67 -10.68 -13.59 -1.50
C SER A 67 -11.57 -14.79 -1.14
N ASN A 68 -12.62 -14.53 -0.39
CA ASN A 68 -13.55 -15.57 0.02
C ASN A 68 -14.51 -15.95 -1.11
N THR A 69 -14.95 -14.95 -1.86
CA THR A 69 -16.00 -15.15 -2.86
C THR A 69 -15.48 -15.08 -4.30
N SER A 70 -14.57 -14.15 -4.55
CA SER A 70 -14.15 -13.83 -5.90
C SER A 70 -12.64 -13.60 -5.97
N PRO A 71 -11.86 -14.69 -6.13
CA PRO A 71 -10.40 -14.59 -6.25
C PRO A 71 -9.97 -13.80 -7.48
N GLU A 72 -10.86 -13.70 -8.45
CA GLU A 72 -10.59 -12.98 -9.69
C GLU A 72 -10.50 -11.47 -9.44
N GLU A 73 -11.08 -11.01 -8.33
CA GLU A 73 -11.06 -9.60 -8.00
C GLU A 73 -9.74 -9.19 -7.36
N LEU A 74 -8.97 -10.17 -6.92
CA LEU A 74 -7.74 -9.91 -6.18
C LEU A 74 -6.71 -9.20 -7.04
N GLY A 75 -6.62 -9.57 -8.32
CA GLY A 75 -5.68 -8.94 -9.22
C GLY A 75 -5.94 -7.45 -9.42
N PRO A 76 -7.16 -7.06 -9.83
CA PRO A 76 -7.54 -5.65 -9.94
C PRO A 76 -7.33 -4.87 -8.65
N LEU A 77 -7.65 -5.49 -7.52
CA LEU A 77 -7.50 -4.83 -6.23
C LEU A 77 -6.04 -4.70 -5.84
N ALA A 78 -5.27 -5.74 -6.11
CA ALA A 78 -3.84 -5.70 -5.88
C ALA A 78 -3.22 -4.54 -6.65
N ASN A 79 -3.72 -4.29 -7.84
CA ASN A 79 -3.22 -3.20 -8.66
C ASN A 79 -3.59 -1.85 -8.06
N GLN A 80 -4.82 -1.78 -7.55
CA GLN A 80 -5.33 -0.55 -6.96
C GLN A 80 -4.63 -0.25 -5.64
N LEU A 81 -4.44 -1.29 -4.84
CA LEU A 81 -3.71 -1.17 -3.59
C LEU A 81 -2.31 -0.66 -3.86
N THR A 82 -1.71 -1.15 -4.95
CA THR A 82 -0.39 -0.74 -5.36
C THR A 82 -0.36 0.73 -5.78
N SER A 83 -1.28 1.13 -6.64
CA SER A 83 -1.27 2.46 -7.21
C SER A 83 -1.53 3.51 -6.15
N ASP A 84 -2.59 3.30 -5.37
CA ASP A 84 -2.92 4.19 -4.26
C ASP A 84 -1.80 4.27 -3.24
N TYR A 85 -1.13 3.14 -2.99
CA TYR A 85 0.00 3.13 -2.07
C TYR A 85 1.12 4.02 -2.58
N GLY A 86 1.45 3.88 -3.86
CA GLY A 86 2.49 4.70 -4.46
C GLY A 86 2.18 6.18 -4.31
N ARG A 87 0.91 6.52 -4.45
CA ARG A 87 0.46 7.89 -4.30
C ARG A 87 0.61 8.35 -2.85
N LEU A 88 0.10 7.52 -1.94
CA LEU A 88 0.14 7.81 -0.51
C LEU A 88 1.58 7.94 -0.02
N ALA A 89 2.46 7.10 -0.54
CA ALA A 89 3.87 7.12 -0.16
C ALA A 89 4.55 8.40 -0.60
N SER A 90 4.11 8.96 -1.74
CA SER A 90 4.68 10.19 -2.26
C SER A 90 4.35 11.37 -1.34
N GLN A 91 3.16 11.33 -0.75
CA GLN A 91 2.67 12.42 0.07
C GLN A 91 3.40 12.48 1.41
N ALA A 92 3.93 11.34 1.83
CA ALA A 92 4.59 11.22 3.12
C ALA A 92 5.91 12.00 3.17
N LYS A 93 6.52 12.20 2.00
CA LYS A 93 7.82 12.88 1.93
C LYS A 93 7.69 14.36 2.33
N PRO A 94 6.87 15.15 1.63
CA PRO A 94 6.69 16.57 1.98
C PRO A 94 5.99 16.75 3.33
N ALA A 95 5.16 15.78 3.70
CA ALA A 95 4.47 15.82 4.98
C ALA A 95 5.47 15.73 6.12
N ALA A 96 6.41 14.81 6.00
CA ALA A 96 7.43 14.60 7.01
C ALA A 96 8.26 15.86 7.23
N VAL A 97 8.55 16.56 6.14
CA VAL A 97 9.37 17.76 6.20
C VAL A 97 8.56 18.94 6.76
N ALA A 98 7.27 18.99 6.41
CA ALA A 98 6.41 20.10 6.80
C ALA A 98 6.06 20.05 8.28
N ALA A 99 6.26 18.90 8.90
CA ALA A 99 5.97 18.75 10.32
C ALA A 99 6.94 19.57 11.17
N GLU A 100 6.61 19.73 12.45
CA GLU A 100 7.41 20.58 13.33
C GLU A 100 8.52 19.79 13.99
N ASN A 101 8.23 18.56 14.38
CA ASN A 101 9.24 17.70 14.99
C ASN A 101 9.62 16.57 14.04
N GLU A 102 10.93 16.34 13.89
CA GLU A 102 11.45 15.38 12.93
C GLU A 102 10.92 13.97 13.18
N GLU A 103 10.85 13.56 14.46
CA GLU A 103 10.37 12.23 14.81
C GLU A 103 8.91 12.06 14.39
N ILE A 104 8.19 13.16 14.23
CA ILE A 104 6.81 13.11 13.77
C ILE A 104 6.79 12.77 12.28
N GLY A 105 7.61 13.47 11.52
CA GLY A 105 7.73 13.19 10.10
C GLY A 105 8.27 11.80 9.86
N ALA A 106 9.24 11.41 10.67
CA ALA A 106 9.80 10.06 10.62
C ALA A 106 8.71 9.03 10.90
N HIS A 107 7.85 9.35 11.85
CA HIS A 107 6.76 8.46 12.21
C HIS A 107 5.81 8.29 11.05
N ILE A 108 5.49 9.39 10.38
CA ILE A 108 4.60 9.37 9.22
C ILE A 108 5.12 8.44 8.13
N LYS A 109 6.36 8.68 7.71
CA LYS A 109 6.94 7.93 6.61
C LYS A 109 7.12 6.45 6.97
N HIS A 110 7.53 6.17 8.21
CA HIS A 110 7.83 4.80 8.62
C HIS A 110 6.57 3.97 8.76
N ARG A 111 5.45 4.60 9.10
CA ARG A 111 4.19 3.87 9.22
C ARG A 111 3.69 3.43 7.86
N VAL A 112 4.00 4.21 6.83
CA VAL A 112 3.63 3.87 5.47
C VAL A 112 4.36 2.61 5.02
N GLN A 113 5.58 2.43 5.53
CA GLN A 113 6.43 1.33 5.12
C GLN A 113 5.92 0.01 5.66
N GLU A 114 5.12 0.09 6.71
CA GLU A 114 4.37 -1.06 7.19
C GLU A 114 3.53 -1.63 6.04
N LEU A 115 2.98 -0.73 5.24
CA LEU A 115 2.27 -1.12 4.04
C LEU A 115 3.26 -1.48 2.94
N GLY A 116 4.40 -0.79 2.90
CA GLY A 116 5.45 -1.16 1.97
C GLY A 116 5.80 -2.63 2.06
N HIS A 117 5.73 -3.18 3.26
CA HIS A 117 5.95 -4.61 3.44
C HIS A 117 4.65 -5.38 3.21
N GLY A 118 3.60 -5.01 3.93
CA GLY A 118 2.34 -5.74 3.87
C GLY A 118 1.67 -5.68 2.51
N CYS A 119 1.53 -4.48 1.96
CA CYS A 119 0.86 -4.27 0.68
C CYS A 119 1.62 -4.96 -0.46
N SER A 120 2.94 -4.88 -0.39
CA SER A 120 3.78 -5.54 -1.39
C SER A 120 3.54 -7.04 -1.37
N ALA A 121 3.46 -7.59 -0.16
CA ALA A 121 3.21 -9.01 0.02
C ALA A 121 1.79 -9.36 -0.42
N LEU A 122 0.84 -8.52 -0.05
CA LEU A 122 -0.57 -8.74 -0.37
C LEU A 122 -0.77 -8.83 -1.89
N VAL A 123 -0.28 -7.83 -2.61
CA VAL A 123 -0.46 -7.78 -4.06
C VAL A 123 0.26 -8.94 -4.74
N THR A 124 1.39 -9.33 -4.17
CA THR A 124 2.14 -10.48 -4.67
C THR A 124 1.37 -11.77 -4.40
N LYS A 125 0.83 -11.89 -3.19
CA LYS A 125 0.11 -13.08 -2.78
C LYS A 125 -1.16 -13.25 -3.60
N ALA A 126 -1.84 -12.15 -3.86
CA ALA A 126 -3.04 -12.17 -4.70
C ALA A 126 -2.72 -12.66 -6.10
N GLY A 127 -1.61 -12.18 -6.65
CA GLY A 127 -1.18 -12.63 -7.95
C GLY A 127 -0.90 -14.13 -7.97
N ALA A 128 -0.23 -14.60 -6.93
CA ALA A 128 0.08 -16.02 -6.80
C ALA A 128 -1.18 -16.82 -6.50
N LEU A 129 -2.17 -16.17 -5.89
CA LEU A 129 -3.44 -16.81 -5.58
C LEU A 129 -4.25 -16.98 -6.85
N GLN A 130 -4.24 -15.97 -7.70
CA GLN A 130 -4.95 -16.05 -8.98
C GLN A 130 -4.36 -17.14 -9.87
N CYS A 131 -3.09 -17.43 -9.68
CA CYS A 131 -2.42 -18.47 -10.43
C CYS A 131 -2.93 -19.86 -10.01
N SER A 132 -3.39 -19.96 -8.77
CA SER A 132 -3.96 -21.19 -8.25
C SER A 132 -5.10 -20.86 -7.30
N PRO A 133 -6.23 -20.35 -7.83
CA PRO A 133 -7.35 -19.87 -7.02
C PRO A 133 -8.09 -20.99 -6.29
N SER A 134 -7.66 -22.22 -6.55
CA SER A 134 -8.25 -23.38 -5.94
C SER A 134 -7.48 -23.78 -4.68
N ASP A 135 -6.29 -23.20 -4.52
CA ASP A 135 -5.45 -23.51 -3.37
C ASP A 135 -5.87 -22.68 -2.16
N VAL A 136 -6.35 -23.37 -1.14
CA VAL A 136 -6.86 -22.72 0.07
C VAL A 136 -5.72 -22.19 0.93
N TYR A 137 -4.58 -22.87 0.86
CA TYR A 137 -3.41 -22.49 1.65
C TYR A 137 -2.97 -21.07 1.28
N THR A 138 -2.76 -20.83 0.00
CA THR A 138 -2.39 -19.52 -0.50
C THR A 138 -3.46 -18.48 -0.15
N LYS A 139 -4.72 -18.88 -0.28
CA LYS A 139 -5.84 -18.00 0.01
C LYS A 139 -5.85 -17.59 1.49
N LYS A 140 -5.65 -18.57 2.36
CA LYS A 140 -5.59 -18.33 3.80
C LYS A 140 -4.49 -17.33 4.12
N GLU A 141 -3.34 -17.53 3.50
CA GLU A 141 -2.18 -16.67 3.73
C GLU A 141 -2.50 -15.22 3.35
N LEU A 142 -3.27 -15.04 2.29
CA LEU A 142 -3.64 -13.69 1.85
C LEU A 142 -4.63 -13.06 2.80
N ILE A 143 -5.60 -13.86 3.27
CA ILE A 143 -6.62 -13.38 4.18
C ILE A 143 -5.99 -12.74 5.43
N GLU A 144 -4.99 -13.40 5.99
CA GLU A 144 -4.31 -12.88 7.17
C GLU A 144 -3.42 -11.69 6.79
N CYS A 145 -2.80 -11.74 5.62
CA CYS A 145 -1.99 -10.63 5.14
C CYS A 145 -2.85 -9.38 5.01
N ALA A 146 -4.06 -9.54 4.47
CA ALA A 146 -5.00 -8.43 4.33
C ALA A 146 -5.34 -7.84 5.70
N ARG A 147 -5.56 -8.71 6.68
CA ARG A 147 -5.82 -8.27 8.05
C ARG A 147 -4.65 -7.46 8.58
N ARG A 148 -3.45 -7.97 8.37
CA ARG A 148 -2.23 -7.30 8.82
C ARG A 148 -2.08 -5.92 8.21
N VAL A 149 -2.33 -5.81 6.91
CA VAL A 149 -2.24 -4.54 6.21
C VAL A 149 -3.25 -3.54 6.77
N SER A 150 -4.47 -4.00 6.99
CA SER A 150 -5.53 -3.17 7.55
C SER A 150 -5.13 -2.58 8.90
N GLU A 151 -4.39 -3.35 9.68
CA GLU A 151 -3.93 -2.91 11.00
C GLU A 151 -2.87 -1.83 10.87
N LYS A 152 -2.10 -1.89 9.80
CA LYS A 152 -1.03 -0.93 9.57
C LYS A 152 -1.61 0.42 9.19
N VAL A 153 -2.69 0.42 8.42
CA VAL A 153 -3.34 1.66 7.99
C VAL A 153 -3.72 2.51 9.19
N SER A 154 -4.25 1.86 10.22
CA SER A 154 -4.64 2.54 11.44
C SER A 154 -3.46 3.29 12.07
N HIS A 155 -2.28 2.67 11.98
CA HIS A 155 -1.07 3.25 12.53
C HIS A 155 -0.53 4.36 11.63
N VAL A 156 -0.77 4.22 10.33
CA VAL A 156 -0.40 5.26 9.36
C VAL A 156 -1.23 6.51 9.61
N LEU A 157 -2.54 6.31 9.72
CA LEU A 157 -3.47 7.40 10.00
C LEU A 157 -3.10 8.11 11.29
N ALA A 158 -2.88 7.32 12.34
CA ALA A 158 -2.55 7.87 13.67
C ALA A 158 -1.26 8.69 13.63
N ALA A 159 -0.36 8.35 12.72
CA ALA A 159 0.91 9.05 12.58
C ALA A 159 0.69 10.51 12.20
N LEU A 160 -0.38 10.77 11.46
CA LEU A 160 -0.70 12.13 11.04
C LEU A 160 -1.15 12.97 12.23
N GLN A 161 -2.13 12.46 12.99
CA GLN A 161 -2.64 13.19 14.14
C GLN A 161 -1.63 13.21 15.27
N ALA A 162 -0.64 12.31 15.19
CA ALA A 162 0.44 12.26 16.17
C ALA A 162 1.20 13.57 16.21
N GLY A 163 1.30 14.21 15.05
CA GLY A 163 1.95 15.50 14.97
C GLY A 163 1.05 16.60 15.47
N ASN A 164 0.06 16.96 14.66
CA ASN A 164 -0.88 18.01 15.02
C ASN A 164 -2.28 17.61 14.58
N ARG A 165 -3.28 18.03 15.33
CA ARG A 165 -4.66 17.77 14.98
C ARG A 165 -5.55 18.90 15.49
N GLY A 1 2.55 -27.36 0.77
CA GLY A 1 2.02 -26.08 0.24
C GLY A 1 2.81 -25.59 -0.95
N ILE A 2 2.91 -26.42 -1.97
CA ILE A 2 3.66 -26.09 -3.18
C ILE A 2 3.12 -26.89 -4.37
N ASP A 3 3.13 -26.29 -5.54
CA ASP A 3 2.70 -26.97 -6.74
C ASP A 3 3.78 -27.98 -7.19
N PRO A 4 3.35 -29.12 -7.75
CA PRO A 4 4.24 -30.23 -8.11
C PRO A 4 5.52 -29.79 -8.81
N PHE A 5 5.37 -29.17 -9.98
CA PHE A 5 6.52 -28.69 -10.70
C PHE A 5 6.38 -27.19 -10.98
N THR A 6 6.99 -26.40 -10.12
CA THR A 6 7.03 -24.97 -10.33
C THR A 6 8.06 -24.65 -11.40
N ASN A 7 7.62 -23.92 -12.42
CA ASN A 7 8.47 -23.66 -13.59
C ASN A 7 8.63 -22.17 -13.81
N GLU A 8 9.88 -21.73 -13.93
CA GLU A 8 10.17 -20.33 -14.18
C GLU A 8 10.31 -20.08 -15.68
N ALA A 9 9.91 -18.90 -16.11
CA ALA A 9 9.99 -18.51 -17.50
C ALA A 9 9.94 -17.00 -17.61
N ALA A 10 10.04 -16.48 -18.82
CA ALA A 10 10.00 -15.04 -19.03
C ALA A 10 8.56 -14.53 -18.92
N SER A 11 8.06 -14.53 -17.69
CA SER A 11 6.69 -14.14 -17.41
C SER A 11 6.45 -14.14 -15.90
N ALA A 12 6.66 -15.31 -15.28
CA ALA A 12 6.38 -15.53 -13.86
C ALA A 12 4.87 -15.42 -13.58
N ALA A 13 4.36 -14.20 -13.65
CA ALA A 13 2.94 -13.94 -13.52
C ALA A 13 2.60 -12.66 -14.27
N GLY A 14 3.44 -11.63 -14.08
CA GLY A 14 3.34 -10.42 -14.86
C GLY A 14 2.23 -9.49 -14.40
N VAL A 15 1.39 -9.98 -13.51
CA VAL A 15 0.24 -9.21 -13.05
C VAL A 15 0.67 -8.11 -12.08
N VAL A 16 1.38 -8.51 -11.04
CA VAL A 16 1.78 -7.58 -9.99
C VAL A 16 3.30 -7.58 -9.81
N GLY A 17 3.98 -8.39 -10.61
CA GLY A 17 5.43 -8.52 -10.51
C GLY A 17 6.14 -7.19 -10.68
N GLY A 18 5.62 -6.35 -11.56
CA GLY A 18 6.20 -5.03 -11.76
C GLY A 18 5.66 -4.02 -10.77
N MET A 19 4.48 -4.28 -10.24
CA MET A 19 3.83 -3.35 -9.33
C MET A 19 4.41 -3.44 -7.93
N VAL A 20 4.69 -4.66 -7.48
CA VAL A 20 5.30 -4.86 -6.17
C VAL A 20 6.67 -4.19 -6.11
N ASP A 21 7.30 -4.07 -7.27
CA ASP A 21 8.57 -3.37 -7.40
C ASP A 21 8.40 -1.90 -7.02
N SER A 22 7.33 -1.29 -7.53
CA SER A 22 7.01 0.10 -7.23
C SER A 22 6.79 0.29 -5.73
N ILE A 23 6.02 -0.62 -5.15
CA ILE A 23 5.73 -0.58 -3.72
C ILE A 23 7.01 -0.68 -2.90
N THR A 24 7.89 -1.58 -3.31
CA THR A 24 9.17 -1.79 -2.63
C THR A 24 10.08 -0.58 -2.81
N GLN A 25 10.11 -0.02 -4.02
CA GLN A 25 10.93 1.15 -4.32
C GLN A 25 10.47 2.34 -3.50
N ALA A 26 9.15 2.45 -3.32
CA ALA A 26 8.57 3.53 -2.53
C ALA A 26 9.00 3.44 -1.07
N ILE A 27 9.30 2.22 -0.63
CA ILE A 27 9.82 2.00 0.72
C ILE A 27 11.18 2.67 0.89
N ASN A 28 12.02 2.52 -0.13
CA ASN A 28 13.41 2.98 -0.08
C ASN A 28 13.48 4.50 0.04
N GLN A 29 12.64 5.19 -0.73
CA GLN A 29 12.71 6.65 -0.82
C GLN A 29 12.36 7.33 0.51
N LEU A 30 11.42 6.73 1.24
CA LEU A 30 10.90 7.35 2.45
C LEU A 30 11.93 7.36 3.56
N ASP A 31 12.66 6.27 3.72
CA ASP A 31 13.66 6.17 4.78
C ASP A 31 14.99 6.74 4.29
N GLU A 32 15.03 7.14 3.03
CA GLU A 32 16.21 7.72 2.44
C GLU A 32 16.21 9.23 2.64
N GLY A 33 15.35 9.93 1.90
CA GLY A 33 15.29 11.37 1.98
C GLY A 33 13.99 11.92 1.45
N PRO A 34 13.24 12.67 2.26
CA PRO A 34 11.98 13.28 1.87
C PRO A 34 12.20 14.56 1.07
N MET A 35 11.16 15.01 0.39
CA MET A 35 11.22 16.25 -0.39
C MET A 35 11.15 17.45 0.55
N GLY A 36 12.17 18.28 0.51
CA GLY A 36 12.18 19.47 1.33
C GLY A 36 11.37 20.59 0.71
N ASP A 37 11.43 21.77 1.32
CA ASP A 37 10.63 22.91 0.89
C ASP A 37 9.15 22.57 0.90
N PRO A 38 8.55 22.46 2.10
CA PRO A 38 7.12 22.20 2.23
C PRO A 38 6.28 23.36 1.70
N GLU A 39 5.68 23.15 0.54
CA GLU A 39 4.87 24.18 -0.11
C GLU A 39 3.52 24.31 0.57
N GLY A 40 3.25 23.40 1.50
CA GLY A 40 2.05 23.46 2.28
C GLY A 40 2.34 23.15 3.73
N SER A 41 1.32 23.21 4.57
CA SER A 41 1.50 22.91 5.97
C SER A 41 1.13 21.46 6.25
N PHE A 42 1.55 20.97 7.41
CA PHE A 42 1.30 19.59 7.81
C PHE A 42 -0.19 19.26 7.76
N VAL A 43 -1.02 20.23 8.13
CA VAL A 43 -2.47 20.06 8.12
C VAL A 43 -2.98 19.65 6.73
N ASP A 44 -2.39 20.22 5.68
CA ASP A 44 -2.82 19.94 4.32
C ASP A 44 -2.41 18.52 3.93
N TYR A 45 -1.15 18.20 4.14
CA TYR A 45 -0.63 16.88 3.81
C TYR A 45 -1.35 15.82 4.64
N GLN A 46 -1.64 16.15 5.89
CA GLN A 46 -2.42 15.29 6.76
C GLN A 46 -3.76 14.97 6.14
N THR A 47 -4.50 16.02 5.78
CA THR A 47 -5.83 15.88 5.23
C THR A 47 -5.82 15.09 3.91
N THR A 48 -4.74 15.21 3.17
CA THR A 48 -4.62 14.47 1.92
C THR A 48 -4.23 13.02 2.17
N MET A 49 -3.28 12.79 3.07
CA MET A 49 -2.80 11.44 3.36
C MET A 49 -3.90 10.56 3.97
N VAL A 50 -4.66 11.10 4.92
CA VAL A 50 -5.69 10.31 5.58
C VAL A 50 -6.74 9.83 4.57
N ARG A 51 -7.04 10.66 3.59
CA ARG A 51 -8.01 10.31 2.56
C ARG A 51 -7.51 9.16 1.70
N THR A 52 -6.23 9.21 1.35
CA THR A 52 -5.63 8.17 0.54
C THR A 52 -5.43 6.88 1.35
N ALA A 53 -5.10 7.02 2.63
CA ALA A 53 -4.91 5.87 3.51
C ALA A 53 -6.23 5.10 3.67
N LYS A 54 -7.29 5.82 4.00
CA LYS A 54 -8.61 5.23 4.09
C LYS A 54 -9.06 4.66 2.75
N ALA A 55 -8.50 5.20 1.66
CA ALA A 55 -8.80 4.72 0.32
C ALA A 55 -8.15 3.36 0.06
N ILE A 56 -6.94 3.16 0.56
CA ILE A 56 -6.27 1.87 0.39
C ILE A 56 -6.80 0.85 1.39
N ALA A 57 -7.34 1.35 2.50
CA ALA A 57 -7.87 0.50 3.56
C ALA A 57 -9.14 -0.23 3.12
N VAL A 58 -9.93 0.41 2.28
CA VAL A 58 -11.13 -0.24 1.75
C VAL A 58 -10.73 -1.28 0.70
N THR A 59 -9.59 -1.07 0.06
CA THR A 59 -9.06 -2.00 -0.91
C THR A 59 -8.62 -3.30 -0.22
N VAL A 60 -7.76 -3.16 0.79
CA VAL A 60 -7.27 -4.32 1.52
C VAL A 60 -8.40 -5.07 2.19
N GLN A 61 -9.36 -4.34 2.76
CA GLN A 61 -10.49 -4.95 3.43
C GLN A 61 -11.37 -5.70 2.41
N GLU A 62 -11.31 -5.27 1.16
CA GLU A 62 -12.04 -5.92 0.10
C GLU A 62 -11.31 -7.20 -0.32
N MET A 63 -9.98 -7.13 -0.39
CA MET A 63 -9.17 -8.24 -0.90
C MET A 63 -9.36 -9.50 -0.06
N VAL A 64 -9.47 -9.34 1.25
CA VAL A 64 -9.68 -10.47 2.15
C VAL A 64 -11.02 -11.16 1.87
N THR A 65 -12.01 -10.35 1.56
CA THR A 65 -13.34 -10.84 1.28
C THR A 65 -13.43 -11.40 -0.14
N LYS A 66 -12.74 -10.74 -1.07
CA LYS A 66 -12.80 -11.11 -2.48
C LYS A 66 -12.10 -12.43 -2.75
N SER A 67 -10.98 -12.68 -2.10
CA SER A 67 -10.25 -13.92 -2.32
C SER A 67 -11.11 -15.13 -1.97
N ASN A 68 -12.04 -14.92 -1.05
CA ASN A 68 -12.94 -15.96 -0.60
C ASN A 68 -14.11 -16.15 -1.55
N THR A 69 -14.45 -15.10 -2.29
CA THR A 69 -15.62 -15.11 -3.14
C THR A 69 -15.25 -15.15 -4.62
N SER A 70 -14.36 -14.25 -5.02
CA SER A 70 -14.03 -14.07 -6.42
C SER A 70 -12.52 -13.79 -6.54
N PRO A 71 -11.72 -14.84 -6.73
CA PRO A 71 -10.25 -14.72 -6.75
C PRO A 71 -9.74 -13.82 -7.86
N GLU A 72 -10.51 -13.70 -8.94
CA GLU A 72 -10.09 -12.87 -10.06
C GLU A 72 -10.35 -11.40 -9.80
N GLU A 73 -11.06 -11.09 -8.72
CA GLU A 73 -11.27 -9.70 -8.32
C GLU A 73 -10.06 -9.17 -7.58
N LEU A 74 -9.14 -10.06 -7.24
CA LEU A 74 -7.93 -9.69 -6.51
C LEU A 74 -7.00 -8.85 -7.38
N GLY A 75 -6.97 -9.14 -8.67
CA GLY A 75 -6.08 -8.44 -9.58
C GLY A 75 -6.33 -6.93 -9.62
N PRO A 76 -7.56 -6.48 -9.91
CA PRO A 76 -7.90 -5.05 -9.92
C PRO A 76 -7.62 -4.38 -8.57
N LEU A 77 -7.78 -5.14 -7.50
CA LEU A 77 -7.56 -4.61 -6.16
C LEU A 77 -6.08 -4.48 -5.87
N ALA A 78 -5.32 -5.51 -6.22
CA ALA A 78 -3.88 -5.47 -6.09
C ALA A 78 -3.32 -4.29 -6.86
N ASN A 79 -3.98 -3.97 -7.98
CA ASN A 79 -3.58 -2.86 -8.81
C ASN A 79 -3.88 -1.53 -8.12
N GLN A 80 -5.07 -1.42 -7.55
CA GLN A 80 -5.50 -0.18 -6.91
C GLN A 80 -4.75 0.05 -5.61
N LEU A 81 -4.47 -1.04 -4.89
CA LEU A 81 -3.68 -0.96 -3.66
C LEU A 81 -2.28 -0.48 -3.99
N THR A 82 -1.80 -0.86 -5.16
CA THR A 82 -0.49 -0.44 -5.64
C THR A 82 -0.50 1.05 -6.03
N SER A 83 -1.46 1.44 -6.86
CA SER A 83 -1.51 2.79 -7.39
C SER A 83 -1.72 3.82 -6.29
N ASP A 84 -2.73 3.60 -5.46
CA ASP A 84 -3.03 4.50 -4.36
C ASP A 84 -1.90 4.54 -3.33
N TYR A 85 -1.19 3.43 -3.18
CA TYR A 85 -0.04 3.40 -2.28
C TYR A 85 1.05 4.36 -2.78
N GLY A 86 1.25 4.37 -4.09
CA GLY A 86 2.23 5.27 -4.68
C GLY A 86 1.93 6.71 -4.37
N ARG A 87 0.65 7.02 -4.21
CA ARG A 87 0.23 8.37 -3.85
C ARG A 87 0.70 8.71 -2.45
N LEU A 88 0.38 7.84 -1.50
CA LEU A 88 0.80 8.02 -0.11
C LEU A 88 2.32 8.06 0.00
N ALA A 89 2.98 7.18 -0.73
CA ALA A 89 4.44 7.10 -0.71
C ALA A 89 5.07 8.40 -1.18
N SER A 90 4.36 9.13 -2.02
CA SER A 90 4.84 10.41 -2.51
C SER A 90 4.51 11.52 -1.52
N GLN A 91 3.31 11.45 -0.96
CA GLN A 91 2.78 12.49 -0.06
C GLN A 91 3.45 12.46 1.31
N ALA A 92 3.92 11.28 1.72
CA ALA A 92 4.55 11.12 3.02
C ALA A 92 5.84 11.92 3.14
N LYS A 93 6.48 12.18 2.00
CA LYS A 93 7.74 12.91 1.98
C LYS A 93 7.56 14.39 2.36
N PRO A 94 6.67 15.15 1.67
CA PRO A 94 6.39 16.54 2.05
C PRO A 94 5.75 16.63 3.43
N ALA A 95 4.99 15.61 3.81
CA ALA A 95 4.37 15.57 5.12
C ALA A 95 5.41 15.53 6.22
N ALA A 96 6.46 14.76 5.99
CA ALA A 96 7.54 14.60 6.97
C ALA A 96 8.26 15.93 7.22
N VAL A 97 8.54 16.66 6.14
CA VAL A 97 9.26 17.93 6.26
C VAL A 97 8.35 19.04 6.80
N ALA A 98 7.04 18.89 6.57
CA ALA A 98 6.08 19.88 7.03
C ALA A 98 5.81 19.72 8.53
N ALA A 99 6.16 18.56 9.06
CA ALA A 99 6.00 18.29 10.48
C ALA A 99 7.02 19.10 11.28
N GLU A 100 6.61 19.57 12.45
CA GLU A 100 7.45 20.42 13.27
C GLU A 100 8.40 19.58 14.13
N ASN A 101 8.26 18.26 14.06
CA ASN A 101 9.09 17.36 14.83
C ASN A 101 9.56 16.20 13.96
N GLU A 102 10.86 15.92 13.99
CA GLU A 102 11.47 14.91 13.12
C GLU A 102 10.88 13.53 13.39
N GLU A 103 10.73 13.16 14.65
CA GLU A 103 10.19 11.85 15.02
C GLU A 103 8.79 11.66 14.46
N ILE A 104 8.12 12.75 14.13
CA ILE A 104 6.80 12.68 13.51
C ILE A 104 6.93 12.32 12.05
N GLY A 105 7.82 13.02 11.35
CA GLY A 105 8.09 12.72 9.96
C GLY A 105 8.64 11.32 9.81
N ALA A 106 9.53 10.94 10.72
CA ALA A 106 10.06 9.59 10.78
C ALA A 106 8.93 8.59 10.98
N HIS A 107 8.01 8.93 11.85
CA HIS A 107 6.89 8.07 12.16
C HIS A 107 6.01 7.88 10.93
N ILE A 108 5.71 8.99 10.26
CA ILE A 108 4.87 8.95 9.06
C ILE A 108 5.50 8.06 7.98
N LYS A 109 6.75 8.34 7.64
CA LYS A 109 7.44 7.60 6.59
C LYS A 109 7.54 6.12 6.95
N HIS A 110 7.78 5.83 8.22
CA HIS A 110 7.95 4.46 8.69
C HIS A 110 6.63 3.70 8.77
N ARG A 111 5.53 4.42 8.93
CA ARG A 111 4.22 3.77 8.92
C ARG A 111 3.83 3.41 7.49
N VAL A 112 4.29 4.19 6.52
CA VAL A 112 4.09 3.86 5.11
C VAL A 112 5.02 2.69 4.74
N GLN A 113 6.10 2.53 5.49
CA GLN A 113 6.98 1.36 5.32
C GLN A 113 6.22 0.09 5.67
N GLU A 114 5.36 0.20 6.68
CA GLU A 114 4.46 -0.88 7.07
C GLU A 114 3.57 -1.26 5.90
N LEU A 115 2.97 -0.24 5.30
CA LEU A 115 2.17 -0.42 4.12
C LEU A 115 3.00 -0.98 2.98
N GLY A 116 4.21 -0.49 2.83
CA GLY A 116 5.10 -0.98 1.81
C GLY A 116 5.27 -2.47 1.85
N HIS A 117 5.62 -3.02 3.00
CA HIS A 117 5.82 -4.45 3.12
C HIS A 117 4.49 -5.19 3.14
N GLY A 118 3.49 -4.60 3.79
CA GLY A 118 2.19 -5.22 3.87
C GLY A 118 1.48 -5.30 2.53
N CYS A 119 1.35 -4.15 1.87
CA CYS A 119 0.71 -4.08 0.57
C CYS A 119 1.48 -4.92 -0.45
N SER A 120 2.81 -4.87 -0.37
CA SER A 120 3.66 -5.71 -1.20
C SER A 120 3.29 -7.19 -1.05
N ALA A 121 3.23 -7.63 0.19
CA ALA A 121 2.92 -9.02 0.49
C ALA A 121 1.53 -9.39 -0.01
N LEU A 122 0.56 -8.52 0.23
CA LEU A 122 -0.83 -8.75 -0.14
C LEU A 122 -0.96 -8.91 -1.66
N VAL A 123 -0.45 -7.93 -2.40
CA VAL A 123 -0.56 -7.93 -3.85
C VAL A 123 0.23 -9.09 -4.46
N THR A 124 1.32 -9.46 -3.81
CA THR A 124 2.13 -10.58 -4.23
C THR A 124 1.38 -11.90 -4.01
N LYS A 125 0.77 -12.01 -2.83
CA LYS A 125 0.04 -13.22 -2.47
C LYS A 125 -1.16 -13.42 -3.38
N ALA A 126 -1.84 -12.32 -3.70
CA ALA A 126 -2.97 -12.35 -4.63
C ALA A 126 -2.53 -12.84 -6.00
N GLY A 127 -1.37 -12.41 -6.45
CA GLY A 127 -0.85 -12.86 -7.74
C GLY A 127 -0.65 -14.36 -7.76
N ALA A 128 -0.12 -14.90 -6.67
CA ALA A 128 0.10 -16.33 -6.56
C ALA A 128 -1.21 -17.07 -6.32
N LEU A 129 -2.13 -16.42 -5.61
CA LEU A 129 -3.41 -17.02 -5.28
C LEU A 129 -4.24 -17.21 -6.55
N GLN A 130 -4.19 -16.22 -7.43
CA GLN A 130 -4.90 -16.30 -8.70
C GLN A 130 -4.37 -17.43 -9.56
N CYS A 131 -3.11 -17.79 -9.36
CA CYS A 131 -2.48 -18.88 -10.10
C CYS A 131 -2.94 -20.24 -9.58
N SER A 132 -3.54 -20.26 -8.40
CA SER A 132 -4.09 -21.47 -7.81
C SER A 132 -5.23 -21.08 -6.84
N PRO A 133 -6.33 -20.54 -7.39
CA PRO A 133 -7.41 -19.93 -6.58
C PRO A 133 -8.14 -20.94 -5.70
N SER A 134 -7.93 -22.21 -5.99
CA SER A 134 -8.65 -23.27 -5.30
C SER A 134 -7.94 -23.71 -4.03
N ASP A 135 -6.69 -23.31 -3.86
CA ASP A 135 -5.93 -23.69 -2.68
C ASP A 135 -6.32 -22.83 -1.48
N VAL A 136 -6.86 -23.48 -0.46
CA VAL A 136 -7.38 -22.78 0.72
C VAL A 136 -6.24 -22.20 1.56
N TYR A 137 -5.12 -22.92 1.61
CA TYR A 137 -3.97 -22.51 2.42
C TYR A 137 -3.40 -21.18 1.93
N THR A 138 -3.16 -21.09 0.63
CA THR A 138 -2.64 -19.86 0.03
C THR A 138 -3.60 -18.71 0.25
N LYS A 139 -4.89 -18.99 0.11
CA LYS A 139 -5.93 -18.00 0.29
C LYS A 139 -5.98 -17.54 1.76
N LYS A 140 -5.88 -18.52 2.66
CA LYS A 140 -5.89 -18.25 4.10
C LYS A 140 -4.75 -17.30 4.47
N GLU A 141 -3.58 -17.52 3.88
CA GLU A 141 -2.43 -16.69 4.17
C GLU A 141 -2.63 -15.27 3.65
N LEU A 142 -3.31 -15.14 2.52
CA LEU A 142 -3.63 -13.82 1.97
C LEU A 142 -4.58 -13.09 2.90
N ILE A 143 -5.51 -13.85 3.49
CA ILE A 143 -6.42 -13.31 4.50
C ILE A 143 -5.61 -12.68 5.63
N GLU A 144 -4.58 -13.40 6.07
CA GLU A 144 -3.70 -12.93 7.14
C GLU A 144 -2.92 -11.69 6.68
N CYS A 145 -2.48 -11.69 5.43
CA CYS A 145 -1.77 -10.55 4.87
C CYS A 145 -2.68 -9.31 4.88
N ALA A 146 -3.94 -9.50 4.55
CA ALA A 146 -4.91 -8.42 4.55
C ALA A 146 -5.09 -7.84 5.95
N ARG A 147 -5.08 -8.71 6.95
CA ARG A 147 -5.20 -8.26 8.34
C ARG A 147 -4.07 -7.30 8.68
N ARG A 148 -2.86 -7.69 8.27
CA ARG A 148 -1.66 -6.91 8.54
C ARG A 148 -1.80 -5.49 8.00
N VAL A 149 -2.19 -5.39 6.74
CA VAL A 149 -2.33 -4.09 6.08
C VAL A 149 -3.37 -3.24 6.79
N SER A 150 -4.53 -3.84 7.06
CA SER A 150 -5.62 -3.14 7.74
C SER A 150 -5.15 -2.56 9.08
N GLU A 151 -4.35 -3.35 9.80
CA GLU A 151 -3.80 -2.90 11.09
C GLU A 151 -2.88 -1.71 10.89
N LYS A 152 -2.07 -1.76 9.85
CA LYS A 152 -1.06 -0.74 9.63
C LYS A 152 -1.66 0.57 9.14
N VAL A 153 -2.75 0.50 8.38
CA VAL A 153 -3.42 1.71 7.90
C VAL A 153 -3.81 2.61 9.07
N SER A 154 -4.41 2.01 10.09
CA SER A 154 -4.81 2.74 11.28
C SER A 154 -3.60 3.34 11.98
N HIS A 155 -2.46 2.67 11.89
CA HIS A 155 -1.22 3.15 12.48
C HIS A 155 -0.68 4.34 11.70
N VAL A 156 -0.84 4.28 10.38
CA VAL A 156 -0.44 5.38 9.51
C VAL A 156 -1.33 6.59 9.77
N LEU A 157 -2.64 6.36 9.85
CA LEU A 157 -3.59 7.41 10.14
C LEU A 157 -3.25 8.10 11.46
N ALA A 158 -2.96 7.29 12.48
CA ALA A 158 -2.62 7.80 13.80
C ALA A 158 -1.35 8.65 13.75
N ALA A 159 -0.44 8.29 12.86
CA ALA A 159 0.81 9.03 12.69
C ALA A 159 0.54 10.47 12.26
N LEU A 160 -0.58 10.67 11.57
CA LEU A 160 -0.96 12.01 11.12
C LEU A 160 -1.43 12.87 12.29
N GLN A 161 -2.36 12.36 13.09
CA GLN A 161 -2.87 13.15 14.22
C GLN A 161 -1.79 13.34 15.28
N ALA A 162 -0.85 12.40 15.33
CA ALA A 162 0.23 12.48 16.31
C ALA A 162 1.13 13.68 16.04
N GLY A 163 1.17 14.13 14.80
CA GLY A 163 1.97 15.27 14.44
C GLY A 163 1.22 16.58 14.55
N ASN A 164 -0.02 16.50 15.00
CA ASN A 164 -0.85 17.68 15.16
C ASN A 164 -1.74 17.56 16.38
N ARG A 165 -1.17 17.85 17.54
CA ARG A 165 -1.92 17.82 18.79
C ARG A 165 -1.13 18.55 19.88
N GLY A 1 -22.25 8.41 -8.35
CA GLY A 1 -23.29 7.36 -8.47
C GLY A 1 -23.23 6.37 -7.33
N ILE A 2 -23.93 5.26 -7.47
CA ILE A 2 -23.92 4.23 -6.44
C ILE A 2 -22.72 3.29 -6.67
N ASP A 3 -22.22 3.30 -7.89
CA ASP A 3 -21.06 2.50 -8.24
C ASP A 3 -19.86 3.41 -8.48
N PRO A 4 -18.68 3.03 -7.98
CA PRO A 4 -17.46 3.84 -8.11
C PRO A 4 -16.87 3.85 -9.52
N PHE A 5 -17.66 3.39 -10.49
CA PHE A 5 -17.27 3.36 -11.90
C PHE A 5 -16.11 2.40 -12.13
N THR A 6 -16.47 1.13 -12.36
CA THR A 6 -15.53 0.03 -12.62
C THR A 6 -14.55 -0.20 -11.45
N ASN A 7 -14.51 -1.44 -10.97
CA ASN A 7 -13.59 -1.81 -9.90
C ASN A 7 -12.18 -1.98 -10.46
N GLU A 8 -11.59 -0.84 -10.83
CA GLU A 8 -10.26 -0.78 -11.44
C GLU A 8 -10.26 -1.44 -12.81
N ALA A 9 -10.47 -0.62 -13.83
CA ALA A 9 -10.48 -1.08 -15.21
C ALA A 9 -9.41 -0.36 -16.01
N ALA A 10 -8.54 0.36 -15.31
CA ALA A 10 -7.46 1.10 -15.95
C ALA A 10 -6.17 0.30 -15.87
N SER A 11 -5.85 -0.18 -14.67
CA SER A 11 -4.66 -0.99 -14.46
C SER A 11 -4.96 -2.46 -14.71
N ALA A 12 -4.53 -2.97 -15.85
CA ALA A 12 -4.76 -4.36 -16.21
C ALA A 12 -3.49 -5.17 -16.02
N ALA A 13 -3.59 -6.22 -15.21
CA ALA A 13 -2.46 -7.10 -14.95
C ALA A 13 -2.92 -8.39 -14.28
N GLY A 14 -3.70 -8.24 -13.22
CA GLY A 14 -4.19 -9.39 -12.48
C GLY A 14 -3.16 -9.87 -11.49
N VAL A 15 -2.01 -10.28 -11.99
CA VAL A 15 -0.90 -10.69 -11.15
C VAL A 15 0.11 -9.55 -11.07
N VAL A 16 0.80 -9.45 -9.95
CA VAL A 16 1.73 -8.36 -9.74
C VAL A 16 3.03 -8.56 -10.50
N GLY A 17 3.12 -7.88 -11.63
CA GLY A 17 4.33 -7.85 -12.42
C GLY A 17 4.50 -6.52 -13.10
N GLY A 18 5.45 -5.74 -12.63
CA GLY A 18 5.67 -4.42 -13.19
C GLY A 18 5.31 -3.32 -12.23
N MET A 19 4.04 -3.27 -11.81
CA MET A 19 3.57 -2.19 -10.94
C MET A 19 3.95 -2.46 -9.49
N VAL A 20 4.11 -3.74 -9.14
CA VAL A 20 4.46 -4.11 -7.76
C VAL A 20 5.82 -3.53 -7.38
N ASP A 21 6.66 -3.30 -8.38
CA ASP A 21 7.97 -2.68 -8.19
C ASP A 21 7.83 -1.31 -7.51
N SER A 22 6.74 -0.62 -7.83
CA SER A 22 6.49 0.73 -7.32
C SER A 22 6.27 0.71 -5.81
N ILE A 23 5.85 -0.42 -5.26
CA ILE A 23 5.66 -0.55 -3.83
C ILE A 23 7.00 -0.61 -3.12
N THR A 24 7.86 -1.49 -3.58
CA THR A 24 9.19 -1.64 -3.02
C THR A 24 10.02 -0.38 -3.25
N GLN A 25 9.86 0.22 -4.42
CA GLN A 25 10.55 1.47 -4.74
C GLN A 25 10.13 2.57 -3.77
N ALA A 26 8.85 2.59 -3.42
CA ALA A 26 8.31 3.59 -2.50
C ALA A 26 9.00 3.48 -1.14
N ILE A 27 9.33 2.26 -0.73
CA ILE A 27 10.05 2.04 0.51
C ILE A 27 11.44 2.68 0.42
N ASN A 28 12.11 2.44 -0.70
CA ASN A 28 13.46 2.94 -0.91
C ASN A 28 13.50 4.46 -0.97
N GLN A 29 12.60 5.07 -1.74
CA GLN A 29 12.58 6.51 -1.90
C GLN A 29 12.29 7.21 -0.57
N LEU A 30 11.40 6.63 0.23
CA LEU A 30 11.10 7.19 1.53
C LEU A 30 12.28 7.06 2.47
N ASP A 31 12.91 5.89 2.46
CA ASP A 31 14.08 5.64 3.30
C ASP A 31 15.21 6.60 2.95
N GLU A 32 15.39 6.81 1.65
CA GLU A 32 16.39 7.75 1.14
C GLU A 32 16.23 9.12 1.78
N GLY A 33 14.99 9.62 1.77
CA GLY A 33 14.72 10.90 2.39
C GLY A 33 13.62 11.65 1.69
N PRO A 34 13.10 12.73 2.31
CA PRO A 34 12.07 13.57 1.72
C PRO A 34 12.66 14.59 0.76
N MET A 35 11.79 15.31 0.07
CA MET A 35 12.24 16.34 -0.86
C MET A 35 12.22 17.71 -0.19
N GLY A 36 11.49 17.79 0.92
CA GLY A 36 11.33 19.05 1.63
C GLY A 36 10.48 20.03 0.86
N ASP A 37 10.52 21.29 1.27
CA ASP A 37 9.80 22.38 0.61
C ASP A 37 8.31 22.04 0.45
N PRO A 38 7.57 21.97 1.56
CA PRO A 38 6.14 21.68 1.52
C PRO A 38 5.34 22.89 1.04
N GLU A 39 4.23 22.64 0.36
CA GLU A 39 3.40 23.71 -0.16
C GLU A 39 2.39 24.17 0.88
N GLY A 40 1.87 23.22 1.63
CA GLY A 40 0.91 23.54 2.67
C GLY A 40 1.42 23.16 4.04
N SER A 41 0.55 23.25 5.02
CA SER A 41 0.91 22.91 6.39
C SER A 41 0.66 21.42 6.64
N PHE A 42 1.09 20.93 7.79
CA PHE A 42 0.91 19.53 8.15
C PHE A 42 -0.56 19.13 8.10
N VAL A 43 -1.43 20.04 8.55
CA VAL A 43 -2.87 19.79 8.57
C VAL A 43 -3.40 19.45 7.17
N ASP A 44 -2.85 20.09 6.14
CA ASP A 44 -3.30 19.85 4.78
C ASP A 44 -2.81 18.50 4.28
N TYR A 45 -1.52 18.25 4.47
CA TYR A 45 -0.93 16.97 4.08
C TYR A 45 -1.54 15.83 4.88
N GLN A 46 -1.88 16.11 6.13
CA GLN A 46 -2.59 15.17 6.97
C GLN A 46 -3.90 14.74 6.32
N THR A 47 -4.73 15.73 6.01
CA THR A 47 -6.03 15.47 5.42
C THR A 47 -5.87 14.79 4.04
N THR A 48 -4.83 15.17 3.32
CA THR A 48 -4.54 14.56 2.03
C THR A 48 -4.17 13.08 2.20
N MET A 49 -3.33 12.80 3.18
CA MET A 49 -2.88 11.43 3.45
C MET A 49 -4.02 10.56 3.97
N VAL A 50 -4.80 11.07 4.91
CA VAL A 50 -5.85 10.26 5.51
C VAL A 50 -6.91 9.87 4.50
N ARG A 51 -7.20 10.75 3.53
CA ARG A 51 -8.17 10.44 2.48
C ARG A 51 -7.68 9.28 1.62
N THR A 52 -6.39 9.28 1.34
CA THR A 52 -5.79 8.24 0.52
C THR A 52 -5.65 6.93 1.32
N ALA A 53 -5.35 7.07 2.60
CA ALA A 53 -5.18 5.92 3.49
C ALA A 53 -6.49 5.14 3.61
N LYS A 54 -7.60 5.83 3.81
CA LYS A 54 -8.90 5.19 3.89
C LYS A 54 -9.20 4.43 2.60
N ALA A 55 -8.75 5.01 1.49
CA ALA A 55 -8.99 4.44 0.17
C ALA A 55 -8.21 3.13 -0.01
N ILE A 56 -6.98 3.10 0.47
CA ILE A 56 -6.19 1.88 0.36
C ILE A 56 -6.69 0.85 1.39
N ALA A 57 -7.28 1.35 2.47
CA ALA A 57 -7.81 0.49 3.52
C ALA A 57 -9.07 -0.24 3.05
N VAL A 58 -9.92 0.45 2.30
CA VAL A 58 -11.09 -0.19 1.73
C VAL A 58 -10.68 -1.13 0.59
N THR A 59 -9.52 -0.84 0.00
CA THR A 59 -8.96 -1.73 -1.01
C THR A 59 -8.49 -3.03 -0.38
N VAL A 60 -7.67 -2.94 0.67
CA VAL A 60 -7.18 -4.12 1.36
C VAL A 60 -8.34 -4.93 1.95
N GLN A 61 -9.34 -4.24 2.49
CA GLN A 61 -10.49 -4.93 3.06
C GLN A 61 -11.27 -5.63 1.94
N GLU A 62 -11.21 -5.10 0.74
CA GLU A 62 -11.90 -5.69 -0.36
C GLU A 62 -11.15 -6.93 -0.84
N MET A 63 -9.83 -6.91 -0.72
CA MET A 63 -9.01 -8.01 -1.17
C MET A 63 -9.27 -9.26 -0.33
N VAL A 64 -9.32 -9.09 0.99
CA VAL A 64 -9.63 -10.20 1.89
C VAL A 64 -11.04 -10.72 1.63
N THR A 65 -11.95 -9.79 1.43
CA THR A 65 -13.34 -10.09 1.17
C THR A 65 -13.51 -10.83 -0.17
N LYS A 66 -12.86 -10.31 -1.21
CA LYS A 66 -12.97 -10.88 -2.53
C LYS A 66 -12.19 -12.19 -2.66
N SER A 67 -11.12 -12.34 -1.91
CA SER A 67 -10.32 -13.56 -1.99
C SER A 67 -11.17 -14.79 -1.65
N ASN A 68 -12.18 -14.56 -0.82
CA ASN A 68 -13.08 -15.63 -0.40
C ASN A 68 -14.17 -15.90 -1.44
N THR A 69 -14.59 -14.85 -2.13
CA THR A 69 -15.76 -14.92 -3.00
C THR A 69 -15.40 -14.88 -4.48
N SER A 70 -14.39 -14.09 -4.82
CA SER A 70 -14.07 -13.80 -6.20
C SER A 70 -12.56 -13.58 -6.36
N PRO A 71 -11.81 -14.65 -6.62
CA PRO A 71 -10.35 -14.59 -6.72
C PRO A 71 -9.89 -13.85 -7.98
N GLU A 72 -10.74 -13.78 -8.99
CA GLU A 72 -10.36 -13.09 -10.22
C GLU A 72 -10.47 -11.58 -10.04
N GLU A 73 -11.25 -11.16 -9.04
CA GLU A 73 -11.40 -9.75 -8.74
C GLU A 73 -10.20 -9.25 -7.93
N LEU A 74 -9.37 -10.18 -7.48
CA LEU A 74 -8.17 -9.84 -6.74
C LEU A 74 -7.15 -9.15 -7.63
N GLY A 75 -7.23 -9.42 -8.93
CA GLY A 75 -6.26 -8.87 -9.86
C GLY A 75 -6.27 -7.36 -9.93
N PRO A 76 -7.41 -6.73 -10.22
CA PRO A 76 -7.52 -5.26 -10.26
C PRO A 76 -7.23 -4.63 -8.90
N LEU A 77 -7.55 -5.35 -7.83
CA LEU A 77 -7.32 -4.85 -6.48
C LEU A 77 -5.84 -4.84 -6.17
N ALA A 78 -5.13 -5.85 -6.63
CA ALA A 78 -3.68 -5.91 -6.50
C ALA A 78 -3.05 -4.71 -7.17
N ASN A 79 -3.66 -4.29 -8.25
CA ASN A 79 -3.20 -3.14 -9.00
C ASN A 79 -3.55 -1.83 -8.27
N GLN A 80 -4.79 -1.73 -7.80
CA GLN A 80 -5.27 -0.50 -7.17
C GLN A 80 -4.57 -0.25 -5.83
N LEU A 81 -4.35 -1.31 -5.05
CA LEU A 81 -3.65 -1.18 -3.78
C LEU A 81 -2.23 -0.69 -4.01
N THR A 82 -1.66 -1.11 -5.13
CA THR A 82 -0.31 -0.74 -5.51
C THR A 82 -0.23 0.74 -5.89
N SER A 83 -1.16 1.20 -6.73
CA SER A 83 -1.08 2.54 -7.29
C SER A 83 -1.35 3.60 -6.22
N ASP A 84 -2.40 3.38 -5.46
CA ASP A 84 -2.79 4.31 -4.40
C ASP A 84 -1.78 4.32 -3.26
N TYR A 85 -1.06 3.23 -3.08
CA TYR A 85 0.00 3.18 -2.08
C TYR A 85 1.09 4.18 -2.40
N GLY A 86 1.47 4.24 -3.67
CA GLY A 86 2.50 5.17 -4.12
C GLY A 86 2.14 6.62 -3.84
N ARG A 87 0.84 6.89 -3.76
CA ARG A 87 0.36 8.23 -3.48
C ARG A 87 0.71 8.61 -2.04
N LEU A 88 0.41 7.73 -1.12
CA LEU A 88 0.76 7.92 0.28
C LEU A 88 2.27 8.06 0.44
N ALA A 89 3.01 7.21 -0.28
CA ALA A 89 4.47 7.22 -0.21
C ALA A 89 5.03 8.55 -0.69
N SER A 90 4.39 9.14 -1.68
CA SER A 90 4.84 10.41 -2.22
C SER A 90 4.51 11.55 -1.26
N GLN A 91 3.28 11.56 -0.76
CA GLN A 91 2.78 12.63 0.09
C GLN A 91 3.43 12.60 1.47
N ALA A 92 3.88 11.42 1.88
CA ALA A 92 4.48 11.25 3.20
C ALA A 92 5.79 12.03 3.34
N LYS A 93 6.47 12.25 2.21
CA LYS A 93 7.76 12.94 2.23
C LYS A 93 7.62 14.40 2.69
N PRO A 94 6.79 15.23 2.00
CA PRO A 94 6.57 16.61 2.42
C PRO A 94 5.80 16.69 3.74
N ALA A 95 4.96 15.70 3.99
CA ALA A 95 4.19 15.63 5.23
C ALA A 95 5.12 15.52 6.43
N ALA A 96 6.18 14.72 6.27
CA ALA A 96 7.17 14.54 7.32
C ALA A 96 7.90 15.84 7.63
N VAL A 97 8.13 16.64 6.58
CA VAL A 97 8.83 17.90 6.73
C VAL A 97 7.94 18.95 7.37
N ALA A 98 6.68 18.97 6.94
CA ALA A 98 5.71 19.95 7.44
C ALA A 98 5.18 19.55 8.81
N ALA A 99 5.52 18.35 9.25
CA ALA A 99 5.06 17.84 10.53
C ALA A 99 5.58 18.69 11.69
N GLU A 100 4.73 18.93 12.66
CA GLU A 100 5.09 19.74 13.82
C GLU A 100 6.16 19.04 14.65
N ASN A 101 5.94 17.77 14.92
CA ASN A 101 6.86 16.99 15.75
C ASN A 101 7.82 16.17 14.90
N GLU A 102 9.04 16.01 15.39
CA GLU A 102 10.05 15.23 14.70
C GLU A 102 9.61 13.78 14.60
N GLU A 103 9.14 13.22 15.71
CA GLU A 103 8.66 11.83 15.73
C GLU A 103 7.52 11.65 14.75
N ILE A 104 6.63 12.61 14.71
CA ILE A 104 5.46 12.54 13.85
C ILE A 104 5.87 12.40 12.39
N GLY A 105 6.76 13.28 11.93
CA GLY A 105 7.23 13.20 10.56
C GLY A 105 7.94 11.88 10.28
N ALA A 106 8.76 11.44 11.23
CA ALA A 106 9.50 10.20 11.08
C ALA A 106 8.55 9.00 11.04
N HIS A 107 7.54 9.06 11.90
CA HIS A 107 6.58 7.97 11.99
C HIS A 107 5.75 7.86 10.72
N ILE A 108 5.36 8.99 10.14
CA ILE A 108 4.61 8.99 8.87
C ILE A 108 5.37 8.17 7.83
N LYS A 109 6.64 8.50 7.65
CA LYS A 109 7.52 7.78 6.73
C LYS A 109 7.54 6.30 7.07
N HIS A 110 7.77 6.02 8.34
CA HIS A 110 7.92 4.66 8.83
C HIS A 110 6.64 3.84 8.69
N ARG A 111 5.49 4.49 8.84
CA ARG A 111 4.21 3.80 8.72
C ARG A 111 3.97 3.37 7.28
N VAL A 112 4.39 4.19 6.33
CA VAL A 112 4.27 3.85 4.92
C VAL A 112 5.25 2.73 4.57
N GLN A 113 6.35 2.67 5.32
CA GLN A 113 7.31 1.57 5.17
C GLN A 113 6.66 0.26 5.57
N GLU A 114 5.80 0.32 6.60
CA GLU A 114 5.04 -0.85 7.04
C GLU A 114 4.13 -1.32 5.90
N LEU A 115 3.40 -0.36 5.34
CA LEU A 115 2.54 -0.62 4.20
C LEU A 115 3.35 -1.12 3.02
N GLY A 116 4.61 -0.71 2.96
CA GLY A 116 5.49 -1.14 1.90
C GLY A 116 5.76 -2.62 1.93
N HIS A 117 5.59 -3.24 3.09
CA HIS A 117 5.77 -4.68 3.21
C HIS A 117 4.41 -5.35 3.41
N GLY A 118 3.42 -4.58 3.83
CA GLY A 118 2.08 -5.09 3.96
C GLY A 118 1.39 -5.22 2.62
N CYS A 119 1.27 -4.11 1.91
CA CYS A 119 0.58 -4.07 0.63
C CYS A 119 1.26 -4.98 -0.39
N SER A 120 2.60 -4.97 -0.36
CA SER A 120 3.39 -5.80 -1.26
C SER A 120 3.04 -7.28 -1.09
N ALA A 121 3.07 -7.75 0.15
CA ALA A 121 2.78 -9.13 0.46
C ALA A 121 1.37 -9.51 0.03
N LEU A 122 0.43 -8.60 0.27
CA LEU A 122 -0.97 -8.84 -0.07
C LEU A 122 -1.13 -9.00 -1.58
N VAL A 123 -0.64 -8.04 -2.35
CA VAL A 123 -0.79 -8.07 -3.80
C VAL A 123 0.01 -9.23 -4.40
N THR A 124 1.11 -9.59 -3.76
CA THR A 124 1.91 -10.73 -4.18
C THR A 124 1.13 -12.03 -3.94
N LYS A 125 0.52 -12.13 -2.77
CA LYS A 125 -0.21 -13.33 -2.39
C LYS A 125 -1.45 -13.49 -3.28
N ALA A 126 -2.08 -12.39 -3.61
CA ALA A 126 -3.23 -12.40 -4.52
C ALA A 126 -2.85 -12.97 -5.88
N GLY A 127 -1.65 -12.65 -6.35
CA GLY A 127 -1.18 -13.20 -7.59
C GLY A 127 -1.03 -14.71 -7.51
N ALA A 128 -0.59 -15.19 -6.37
CA ALA A 128 -0.42 -16.62 -6.15
C ALA A 128 -1.77 -17.30 -5.93
N LEU A 129 -2.69 -16.59 -5.28
CA LEU A 129 -4.00 -17.13 -4.99
C LEU A 129 -4.79 -17.30 -6.28
N GLN A 130 -4.57 -16.42 -7.22
CA GLN A 130 -5.22 -16.51 -8.52
C GLN A 130 -4.71 -17.72 -9.30
N CYS A 131 -3.49 -18.13 -9.00
CA CYS A 131 -2.89 -19.31 -9.61
C CYS A 131 -3.47 -20.58 -8.98
N SER A 132 -4.14 -20.42 -7.86
CA SER A 132 -4.78 -21.53 -7.16
C SER A 132 -5.99 -21.03 -6.39
N PRO A 133 -7.01 -20.52 -7.12
CA PRO A 133 -8.16 -19.83 -6.51
C PRO A 133 -9.10 -20.75 -5.74
N SER A 134 -8.68 -21.99 -5.53
CA SER A 134 -9.47 -22.94 -4.77
C SER A 134 -8.65 -23.47 -3.59
N ASP A 135 -7.46 -22.92 -3.42
CA ASP A 135 -6.57 -23.35 -2.35
C ASP A 135 -6.87 -22.57 -1.07
N VAL A 136 -6.99 -23.30 0.02
CA VAL A 136 -7.33 -22.69 1.31
C VAL A 136 -6.09 -22.06 1.94
N TYR A 137 -4.97 -22.76 1.84
CA TYR A 137 -3.73 -22.33 2.48
C TYR A 137 -3.29 -20.96 1.99
N THR A 138 -3.17 -20.81 0.68
CA THR A 138 -2.71 -19.55 0.08
C THR A 138 -3.68 -18.41 0.41
N LYS A 139 -4.97 -18.71 0.36
CA LYS A 139 -5.99 -17.71 0.65
C LYS A 139 -5.93 -17.31 2.12
N LYS A 140 -5.76 -18.30 2.99
CA LYS A 140 -5.65 -18.06 4.42
C LYS A 140 -4.46 -17.15 4.72
N GLU A 141 -3.36 -17.40 4.03
CA GLU A 141 -2.18 -16.55 4.14
C GLU A 141 -2.48 -15.14 3.65
N LEU A 142 -3.23 -15.04 2.56
CA LEU A 142 -3.61 -13.75 2.01
C LEU A 142 -4.49 -12.99 2.98
N ILE A 143 -5.41 -13.70 3.63
CA ILE A 143 -6.26 -13.10 4.65
C ILE A 143 -5.40 -12.52 5.77
N GLU A 144 -4.36 -13.28 6.16
CA GLU A 144 -3.39 -12.78 7.14
C GLU A 144 -2.69 -11.54 6.61
N CYS A 145 -2.31 -11.58 5.34
CA CYS A 145 -1.65 -10.45 4.69
C CYS A 145 -2.55 -9.22 4.69
N ALA A 146 -3.84 -9.43 4.40
CA ALA A 146 -4.81 -8.35 4.40
C ALA A 146 -4.94 -7.74 5.79
N ARG A 147 -5.07 -8.60 6.79
CA ARG A 147 -5.17 -8.15 8.18
C ARG A 147 -3.92 -7.37 8.58
N ARG A 148 -2.78 -7.77 8.02
CA ARG A 148 -1.51 -7.14 8.30
C ARG A 148 -1.49 -5.71 7.77
N VAL A 149 -2.18 -5.49 6.66
CA VAL A 149 -2.22 -4.18 6.02
C VAL A 149 -3.17 -3.26 6.76
N SER A 150 -4.35 -3.78 7.08
CA SER A 150 -5.36 -3.02 7.81
C SER A 150 -4.81 -2.46 9.11
N GLU A 151 -3.97 -3.24 9.79
CA GLU A 151 -3.37 -2.80 11.05
C GLU A 151 -2.38 -1.66 10.81
N LYS A 152 -1.72 -1.69 9.68
CA LYS A 152 -0.73 -0.68 9.35
C LYS A 152 -1.41 0.63 8.98
N VAL A 153 -2.53 0.55 8.26
CA VAL A 153 -3.28 1.74 7.86
C VAL A 153 -3.69 2.54 9.09
N SER A 154 -4.19 1.85 10.10
CA SER A 154 -4.59 2.48 11.35
C SER A 154 -3.40 3.20 12.00
N HIS A 155 -2.22 2.62 11.87
CA HIS A 155 -1.00 3.21 12.40
C HIS A 155 -0.55 4.40 11.56
N VAL A 156 -0.75 4.31 10.24
CA VAL A 156 -0.45 5.42 9.35
C VAL A 156 -1.32 6.62 9.71
N LEU A 157 -2.62 6.37 9.81
CA LEU A 157 -3.58 7.40 10.21
C LEU A 157 -3.22 7.95 11.59
N ALA A 158 -2.82 7.05 12.49
CA ALA A 158 -2.44 7.43 13.84
C ALA A 158 -1.24 8.38 13.84
N ALA A 159 -0.33 8.18 12.90
CA ALA A 159 0.84 9.04 12.77
C ALA A 159 0.43 10.47 12.45
N LEU A 160 -0.58 10.60 11.61
CA LEU A 160 -1.08 11.91 11.22
C LEU A 160 -1.82 12.57 12.38
N GLN A 161 -2.80 11.87 12.92
CA GLN A 161 -3.65 12.42 13.97
C GLN A 161 -2.88 12.68 15.27
N ALA A 162 -1.73 12.06 15.40
CA ALA A 162 -0.89 12.27 16.58
C ALA A 162 -0.15 13.60 16.48
N GLY A 163 -0.02 14.13 15.27
CA GLY A 163 0.67 15.38 15.07
C GLY A 163 -0.15 16.56 15.54
N ASN A 164 -1.24 16.83 14.85
CA ASN A 164 -2.14 17.93 15.21
C ASN A 164 -2.98 17.54 16.42
N ARG A 165 -3.70 18.51 16.96
CA ARG A 165 -4.58 18.27 18.09
C ARG A 165 -5.84 19.12 17.97
N GLY A 1 11.50 -12.29 -29.81
CA GLY A 1 11.31 -11.56 -28.53
C GLY A 1 9.84 -11.30 -28.24
N ILE A 2 9.36 -10.15 -28.65
CA ILE A 2 7.97 -9.79 -28.45
C ILE A 2 7.52 -8.80 -29.52
N ASP A 3 6.35 -9.02 -30.07
CA ASP A 3 5.81 -8.15 -31.11
C ASP A 3 4.36 -7.81 -30.79
N PRO A 4 3.92 -6.58 -31.14
CA PRO A 4 2.60 -6.05 -30.74
C PRO A 4 1.43 -6.68 -31.48
N PHE A 5 1.67 -7.78 -32.18
CA PHE A 5 0.63 -8.43 -32.96
C PHE A 5 -0.03 -9.55 -32.17
N THR A 6 -0.08 -9.41 -30.86
CA THR A 6 -0.79 -10.35 -30.01
C THR A 6 -2.29 -10.21 -30.25
N ASN A 7 -2.80 -11.02 -31.18
CA ASN A 7 -4.18 -10.89 -31.65
C ASN A 7 -5.17 -11.49 -30.66
N GLU A 8 -6.01 -10.63 -30.08
CA GLU A 8 -7.03 -11.04 -29.13
C GLU A 8 -6.47 -11.94 -28.03
N ALA A 9 -5.51 -11.40 -27.30
CA ALA A 9 -4.87 -12.11 -26.22
C ALA A 9 -4.07 -11.14 -25.37
N ALA A 10 -4.29 -11.17 -24.07
CA ALA A 10 -3.57 -10.32 -23.15
C ALA A 10 -2.28 -11.00 -22.71
N SER A 11 -1.35 -10.21 -22.19
CA SER A 11 -0.11 -10.76 -21.64
C SER A 11 -0.43 -11.81 -20.58
N ALA A 12 0.15 -13.00 -20.76
CA ALA A 12 -0.12 -14.11 -19.86
C ALA A 12 0.63 -13.93 -18.55
N ALA A 13 -0.06 -13.31 -17.59
CA ALA A 13 0.51 -13.10 -16.27
C ALA A 13 -0.57 -13.18 -15.20
N GLY A 14 -1.38 -12.13 -15.09
CA GLY A 14 -2.44 -12.09 -14.10
C GLY A 14 -1.88 -12.13 -12.69
N VAL A 15 -0.66 -11.64 -12.52
CA VAL A 15 0.01 -11.66 -11.24
C VAL A 15 0.65 -10.31 -10.96
N VAL A 16 1.28 -10.18 -9.80
CA VAL A 16 1.87 -8.93 -9.39
C VAL A 16 3.37 -8.95 -9.61
N GLY A 17 3.81 -8.26 -10.66
CA GLY A 17 5.22 -8.12 -10.93
C GLY A 17 5.64 -6.66 -10.93
N GLY A 18 4.87 -5.84 -11.61
CA GLY A 18 5.17 -4.41 -11.66
C GLY A 18 4.73 -3.70 -10.41
N MET A 19 3.57 -4.09 -9.87
CA MET A 19 3.03 -3.46 -8.67
C MET A 19 4.01 -3.58 -7.52
N VAL A 20 4.45 -4.81 -7.26
CA VAL A 20 5.28 -5.12 -6.11
C VAL A 20 6.60 -4.35 -6.16
N ASP A 21 7.10 -4.10 -7.37
CA ASP A 21 8.32 -3.35 -7.55
C ASP A 21 8.10 -1.88 -7.18
N SER A 22 7.00 -1.34 -7.67
CA SER A 22 6.63 0.04 -7.37
C SER A 22 6.41 0.24 -5.87
N ILE A 23 5.81 -0.76 -5.22
CA ILE A 23 5.61 -0.73 -3.78
C ILE A 23 6.96 -0.66 -3.06
N THR A 24 7.85 -1.57 -3.44
CA THR A 24 9.16 -1.65 -2.82
C THR A 24 9.98 -0.37 -3.05
N GLN A 25 9.87 0.19 -4.24
CA GLN A 25 10.59 1.42 -4.55
C GLN A 25 10.06 2.58 -3.71
N ALA A 26 8.75 2.57 -3.47
CA ALA A 26 8.13 3.59 -2.62
C ALA A 26 8.69 3.49 -1.20
N ILE A 27 8.89 2.27 -0.73
CA ILE A 27 9.51 2.03 0.57
C ILE A 27 10.90 2.67 0.63
N ASN A 28 11.72 2.32 -0.33
CA ASN A 28 13.11 2.77 -0.36
C ASN A 28 13.21 4.29 -0.40
N GLN A 29 12.54 4.91 -1.37
CA GLN A 29 12.68 6.34 -1.60
C GLN A 29 12.30 7.17 -0.38
N LEU A 30 11.36 6.66 0.42
CA LEU A 30 10.93 7.37 1.62
C LEU A 30 12.08 7.56 2.59
N ASP A 31 12.79 6.47 2.87
CA ASP A 31 13.83 6.49 3.89
C ASP A 31 15.19 6.89 3.31
N GLU A 32 15.43 6.56 2.04
CA GLU A 32 16.70 6.88 1.40
C GLU A 32 16.80 8.36 1.06
N GLY A 33 15.66 9.03 0.98
CA GLY A 33 15.66 10.45 0.71
C GLY A 33 14.29 10.96 0.33
N PRO A 34 13.58 11.60 1.28
CA PRO A 34 12.24 12.16 1.01
C PRO A 34 12.31 13.40 0.13
N MET A 35 13.54 13.85 -0.12
CA MET A 35 13.83 15.01 -0.96
C MET A 35 13.46 16.32 -0.26
N GLY A 36 12.22 16.42 0.17
CA GLY A 36 11.77 17.64 0.82
C GLY A 36 11.09 18.56 -0.15
N ASP A 37 9.92 18.16 -0.62
CA ASP A 37 9.18 18.92 -1.62
C ASP A 37 7.72 19.17 -1.20
N PRO A 38 7.51 19.93 -0.11
CA PRO A 38 6.17 20.25 0.36
C PRO A 38 5.57 21.45 -0.37
N GLU A 39 4.42 21.23 -1.01
CA GLU A 39 3.70 22.31 -1.67
C GLU A 39 2.58 22.80 -0.77
N GLY A 40 2.64 22.37 0.48
CA GLY A 40 1.65 22.75 1.46
C GLY A 40 2.17 22.48 2.86
N SER A 41 1.37 22.82 3.87
CA SER A 41 1.78 22.62 5.24
C SER A 41 1.58 21.16 5.66
N PHE A 42 2.11 20.81 6.82
CA PHE A 42 1.99 19.45 7.35
C PHE A 42 0.52 19.06 7.50
N VAL A 43 -0.31 20.03 7.85
CA VAL A 43 -1.74 19.82 8.00
C VAL A 43 -2.38 19.46 6.66
N ASP A 44 -1.88 20.09 5.58
CA ASP A 44 -2.42 19.87 4.25
C ASP A 44 -2.18 18.43 3.80
N TYR A 45 -0.94 17.99 3.93
CA TYR A 45 -0.58 16.64 3.57
C TYR A 45 -1.26 15.62 4.48
N GLN A 46 -1.44 16.00 5.74
CA GLN A 46 -2.16 15.15 6.68
C GLN A 46 -3.59 14.93 6.21
N THR A 47 -4.30 16.02 5.94
CA THR A 47 -5.69 15.92 5.51
C THR A 47 -5.84 15.12 4.21
N THR A 48 -4.81 15.13 3.38
CA THR A 48 -4.82 14.36 2.15
C THR A 48 -4.53 12.88 2.43
N MET A 49 -3.45 12.62 3.16
CA MET A 49 -3.00 11.25 3.40
C MET A 49 -4.02 10.43 4.16
N VAL A 50 -4.67 11.03 5.14
CA VAL A 50 -5.64 10.31 5.95
C VAL A 50 -6.81 9.81 5.10
N ARG A 51 -7.15 10.57 4.07
CA ARG A 51 -8.25 10.21 3.17
C ARG A 51 -7.85 9.04 2.29
N THR A 52 -6.68 9.16 1.66
CA THR A 52 -6.18 8.13 0.77
C THR A 52 -5.90 6.83 1.52
N ALA A 53 -5.47 6.96 2.77
CA ALA A 53 -5.24 5.79 3.62
C ALA A 53 -6.54 5.03 3.84
N LYS A 54 -7.62 5.76 4.14
CA LYS A 54 -8.94 5.16 4.27
C LYS A 54 -9.34 4.46 2.97
N ALA A 55 -8.95 5.05 1.85
CA ALA A 55 -9.25 4.49 0.54
C ALA A 55 -8.56 3.15 0.34
N ILE A 56 -7.25 3.11 0.61
CA ILE A 56 -6.49 1.87 0.43
C ILE A 56 -6.94 0.83 1.46
N ALA A 57 -7.48 1.31 2.58
CA ALA A 57 -8.03 0.42 3.60
C ALA A 57 -9.29 -0.28 3.10
N VAL A 58 -9.99 0.36 2.18
CA VAL A 58 -11.15 -0.26 1.56
C VAL A 58 -10.69 -1.32 0.57
N THR A 59 -9.56 -1.06 -0.08
CA THR A 59 -8.99 -2.01 -1.04
C THR A 59 -8.51 -3.27 -0.32
N VAL A 60 -7.80 -3.09 0.79
CA VAL A 60 -7.32 -4.23 1.57
C VAL A 60 -8.49 -5.01 2.16
N GLN A 61 -9.54 -4.32 2.56
CA GLN A 61 -10.72 -4.97 3.11
C GLN A 61 -11.47 -5.70 1.99
N GLU A 62 -11.33 -5.20 0.77
CA GLU A 62 -11.93 -5.84 -0.37
C GLU A 62 -11.18 -7.12 -0.71
N MET A 63 -9.87 -7.08 -0.50
CA MET A 63 -9.00 -8.23 -0.78
C MET A 63 -9.47 -9.48 -0.03
N VAL A 64 -9.64 -9.35 1.28
CA VAL A 64 -10.04 -10.48 2.11
C VAL A 64 -11.40 -11.02 1.68
N THR A 65 -12.29 -10.11 1.33
CA THR A 65 -13.63 -10.46 0.92
C THR A 65 -13.63 -11.09 -0.47
N LYS A 66 -12.86 -10.53 -1.40
CA LYS A 66 -12.82 -11.03 -2.76
C LYS A 66 -12.05 -12.33 -2.85
N SER A 67 -11.02 -12.50 -2.04
CA SER A 67 -10.26 -13.74 -2.06
C SER A 67 -11.16 -14.92 -1.70
N ASN A 68 -12.17 -14.65 -0.90
CA ASN A 68 -13.12 -15.67 -0.49
C ASN A 68 -14.20 -15.89 -1.56
N THR A 69 -14.43 -14.89 -2.39
CA THR A 69 -15.54 -14.93 -3.34
C THR A 69 -15.09 -15.10 -4.79
N SER A 70 -14.07 -14.35 -5.19
CA SER A 70 -13.63 -14.33 -6.58
C SER A 70 -12.14 -13.99 -6.64
N PRO A 71 -11.29 -15.00 -6.84
CA PRO A 71 -9.84 -14.83 -6.83
C PRO A 71 -9.33 -13.91 -7.94
N GLU A 72 -10.04 -13.87 -9.06
CA GLU A 72 -9.63 -13.07 -10.19
C GLU A 72 -9.78 -11.59 -9.92
N GLU A 73 -10.66 -11.24 -8.99
CA GLU A 73 -10.88 -9.84 -8.63
C GLU A 73 -9.71 -9.29 -7.85
N LEU A 74 -8.83 -10.18 -7.40
CA LEU A 74 -7.67 -9.78 -6.64
C LEU A 74 -6.64 -9.10 -7.53
N GLY A 75 -6.75 -9.33 -8.84
CA GLY A 75 -5.83 -8.70 -9.78
C GLY A 75 -5.99 -7.19 -9.85
N PRO A 76 -7.21 -6.69 -10.14
CA PRO A 76 -7.49 -5.25 -10.10
C PRO A 76 -7.20 -4.63 -8.74
N LEU A 77 -7.50 -5.37 -7.67
CA LEU A 77 -7.25 -4.86 -6.31
C LEU A 77 -5.76 -4.74 -6.06
N ALA A 78 -5.01 -5.73 -6.52
CA ALA A 78 -3.56 -5.70 -6.39
C ALA A 78 -2.99 -4.49 -7.09
N ASN A 79 -3.68 -4.06 -8.13
CA ASN A 79 -3.31 -2.86 -8.86
C ASN A 79 -3.65 -1.61 -8.05
N GLN A 80 -4.90 -1.53 -7.60
CA GLN A 80 -5.39 -0.36 -6.87
C GLN A 80 -4.66 -0.17 -5.55
N LEU A 81 -4.47 -1.26 -4.79
CA LEU A 81 -3.78 -1.18 -3.51
C LEU A 81 -2.35 -0.68 -3.70
N THR A 82 -1.80 -0.93 -4.87
CA THR A 82 -0.46 -0.51 -5.21
C THR A 82 -0.42 0.95 -5.63
N SER A 83 -1.35 1.33 -6.51
CA SER A 83 -1.31 2.66 -7.10
C SER A 83 -1.57 3.74 -6.05
N ASP A 84 -2.63 3.57 -5.29
CA ASP A 84 -2.97 4.50 -4.22
C ASP A 84 -1.93 4.47 -3.09
N TYR A 85 -1.23 3.36 -2.93
CA TYR A 85 -0.13 3.30 -1.97
C TYR A 85 1.03 4.18 -2.44
N GLY A 86 1.34 4.10 -3.73
CA GLY A 86 2.43 4.90 -4.28
C GLY A 86 2.03 6.35 -4.31
N ARG A 87 0.73 6.55 -4.44
CA ARG A 87 0.12 7.84 -4.32
C ARG A 87 0.32 8.39 -2.91
N LEU A 88 0.03 7.57 -1.91
CA LEU A 88 0.26 7.93 -0.51
C LEU A 88 1.72 8.28 -0.26
N ALA A 89 2.60 7.41 -0.76
CA ALA A 89 4.04 7.59 -0.60
C ALA A 89 4.52 8.92 -1.17
N SER A 90 3.78 9.45 -2.15
CA SER A 90 4.14 10.71 -2.77
C SER A 90 3.99 11.85 -1.76
N GLN A 91 2.89 11.87 -1.01
CA GLN A 91 2.66 12.90 0.00
C GLN A 91 3.47 12.62 1.26
N ALA A 92 3.82 11.36 1.49
CA ALA A 92 4.56 10.96 2.68
C ALA A 92 5.93 11.63 2.74
N LYS A 93 6.55 11.81 1.57
CA LYS A 93 7.86 12.45 1.48
C LYS A 93 7.82 13.89 2.01
N PRO A 94 6.98 14.77 1.43
CA PRO A 94 6.86 16.15 1.90
C PRO A 94 6.28 16.25 3.30
N ALA A 95 5.39 15.32 3.65
CA ALA A 95 4.78 15.32 4.98
C ALA A 95 5.83 15.16 6.07
N ALA A 96 6.81 14.31 5.82
CA ALA A 96 7.88 14.05 6.77
C ALA A 96 8.78 15.27 6.95
N VAL A 97 9.13 15.91 5.84
CA VAL A 97 10.01 17.07 5.87
C VAL A 97 9.28 18.33 6.36
N ALA A 98 7.98 18.42 6.05
CA ALA A 98 7.17 19.56 6.47
C ALA A 98 6.75 19.42 7.92
N ALA A 99 7.01 18.25 8.47
CA ALA A 99 6.71 17.98 9.87
C ALA A 99 7.64 18.77 10.78
N GLU A 100 7.10 19.24 11.89
CA GLU A 100 7.85 20.07 12.82
C GLU A 100 8.85 19.23 13.61
N ASN A 101 8.36 18.16 14.21
CA ASN A 101 9.23 17.26 14.96
C ASN A 101 9.83 16.22 14.04
N GLU A 102 11.11 15.93 14.24
CA GLU A 102 11.82 14.94 13.43
C GLU A 102 11.20 13.56 13.64
N GLU A 103 10.86 13.25 14.89
CA GLU A 103 10.25 11.97 15.24
C GLU A 103 8.90 11.81 14.56
N ILE A 104 8.19 12.93 14.40
CA ILE A 104 6.88 12.92 13.76
C ILE A 104 7.02 12.58 12.28
N GLY A 105 7.95 13.25 11.60
CA GLY A 105 8.21 12.95 10.21
C GLY A 105 8.72 11.53 10.04
N ALA A 106 9.60 11.11 10.95
CA ALA A 106 10.10 9.74 10.95
C ALA A 106 8.98 8.75 11.17
N HIS A 107 8.02 9.12 12.02
CA HIS A 107 6.92 8.25 12.37
C HIS A 107 6.03 8.00 11.15
N ILE A 108 5.80 9.05 10.37
CA ILE A 108 5.00 8.95 9.16
C ILE A 108 5.65 8.01 8.15
N LYS A 109 6.90 8.31 7.82
CA LYS A 109 7.61 7.56 6.78
C LYS A 109 7.75 6.09 7.18
N HIS A 110 7.92 5.83 8.48
CA HIS A 110 8.07 4.46 8.98
C HIS A 110 6.77 3.68 8.91
N ARG A 111 5.64 4.37 9.02
CA ARG A 111 4.34 3.71 8.95
C ARG A 111 3.99 3.36 7.51
N VAL A 112 4.44 4.17 6.58
CA VAL A 112 4.25 3.89 5.16
C VAL A 112 5.16 2.72 4.75
N GLN A 113 6.25 2.54 5.48
CA GLN A 113 7.11 1.37 5.31
C GLN A 113 6.32 0.12 5.65
N GLU A 114 5.50 0.22 6.70
CA GLU A 114 4.62 -0.88 7.11
C GLU A 114 3.69 -1.23 5.98
N LEU A 115 3.01 -0.22 5.44
CA LEU A 115 2.14 -0.39 4.30
C LEU A 115 2.91 -1.00 3.14
N GLY A 116 4.15 -0.57 2.98
CA GLY A 116 4.99 -1.11 1.94
C GLY A 116 5.12 -2.62 2.03
N HIS A 117 5.48 -3.11 3.20
CA HIS A 117 5.65 -4.55 3.39
C HIS A 117 4.31 -5.26 3.39
N GLY A 118 3.32 -4.63 4.00
CA GLY A 118 1.98 -5.22 4.07
C GLY A 118 1.30 -5.30 2.72
N CYS A 119 1.17 -4.16 2.06
CA CYS A 119 0.53 -4.08 0.76
C CYS A 119 1.28 -4.95 -0.26
N SER A 120 2.60 -4.95 -0.16
CA SER A 120 3.44 -5.79 -1.02
C SER A 120 3.08 -7.25 -0.83
N ALA A 121 3.08 -7.70 0.43
CA ALA A 121 2.77 -9.09 0.74
C ALA A 121 1.37 -9.46 0.25
N LEU A 122 0.43 -8.55 0.47
CA LEU A 122 -0.96 -8.77 0.10
C LEU A 122 -1.07 -8.99 -1.41
N VAL A 123 -0.54 -8.07 -2.20
CA VAL A 123 -0.63 -8.17 -3.65
C VAL A 123 0.17 -9.36 -4.17
N THR A 124 1.28 -9.68 -3.51
CA THR A 124 2.08 -10.83 -3.88
C THR A 124 1.27 -12.11 -3.72
N LYS A 125 0.59 -12.23 -2.58
CA LYS A 125 -0.26 -13.38 -2.30
C LYS A 125 -1.44 -13.44 -3.27
N ALA A 126 -1.97 -12.28 -3.65
CA ALA A 126 -3.06 -12.22 -4.62
C ALA A 126 -2.64 -12.83 -5.95
N GLY A 127 -1.46 -12.45 -6.42
CA GLY A 127 -0.95 -13.00 -7.66
C GLY A 127 -0.80 -14.50 -7.59
N ALA A 128 -0.26 -14.99 -6.49
CA ALA A 128 -0.09 -16.43 -6.28
C ALA A 128 -1.44 -17.13 -6.13
N LEU A 129 -2.40 -16.43 -5.53
CA LEU A 129 -3.72 -16.99 -5.30
C LEU A 129 -4.48 -17.06 -6.62
N GLN A 130 -4.17 -16.16 -7.53
CA GLN A 130 -4.79 -16.19 -8.84
C GLN A 130 -4.17 -17.29 -9.70
N CYS A 131 -2.92 -17.61 -9.39
CA CYS A 131 -2.24 -18.71 -10.03
C CYS A 131 -2.78 -20.04 -9.49
N SER A 132 -3.12 -20.05 -8.21
CA SER A 132 -3.69 -21.22 -7.56
C SER A 132 -4.90 -20.83 -6.73
N PRO A 133 -6.02 -20.49 -7.39
CA PRO A 133 -7.22 -19.99 -6.71
C PRO A 133 -7.88 -21.05 -5.83
N SER A 134 -7.44 -22.27 -6.00
CA SER A 134 -7.99 -23.40 -5.28
C SER A 134 -7.14 -23.74 -4.06
N ASP A 135 -6.02 -23.06 -3.90
CA ASP A 135 -5.12 -23.33 -2.80
C ASP A 135 -5.54 -22.57 -1.55
N VAL A 136 -5.95 -23.31 -0.54
CA VAL A 136 -6.43 -22.71 0.70
C VAL A 136 -5.31 -22.01 1.44
N TYR A 137 -4.09 -22.54 1.31
CA TYR A 137 -2.93 -21.99 1.96
C TYR A 137 -2.71 -20.53 1.55
N THR A 138 -2.56 -20.30 0.25
CA THR A 138 -2.31 -18.97 -0.26
C THR A 138 -3.49 -18.03 0.06
N LYS A 139 -4.70 -18.57 -0.01
CA LYS A 139 -5.90 -17.79 0.31
C LYS A 139 -5.86 -17.37 1.79
N LYS A 140 -5.52 -18.32 2.65
CA LYS A 140 -5.36 -18.04 4.07
C LYS A 140 -4.29 -16.98 4.29
N GLU A 141 -3.17 -17.13 3.58
CA GLU A 141 -2.07 -16.18 3.66
C GLU A 141 -2.56 -14.77 3.34
N LEU A 142 -3.36 -14.65 2.27
CA LEU A 142 -3.86 -13.36 1.83
C LEU A 142 -4.82 -12.77 2.87
N ILE A 143 -5.67 -13.62 3.45
CA ILE A 143 -6.58 -13.19 4.50
C ILE A 143 -5.78 -12.59 5.66
N GLU A 144 -4.68 -13.24 6.00
CA GLU A 144 -3.80 -12.77 7.06
C GLU A 144 -3.03 -11.53 6.62
N CYS A 145 -2.65 -11.48 5.34
CA CYS A 145 -1.98 -10.31 4.79
C CYS A 145 -2.89 -9.09 4.81
N ALA A 146 -4.18 -9.32 4.58
CA ALA A 146 -5.17 -8.25 4.59
C ALA A 146 -5.26 -7.61 5.96
N ARG A 147 -5.39 -8.43 7.01
CA ARG A 147 -5.53 -7.91 8.36
C ARG A 147 -4.25 -7.19 8.79
N ARG A 148 -3.12 -7.60 8.20
CA ARG A 148 -1.85 -6.91 8.43
C ARG A 148 -1.96 -5.46 7.97
N VAL A 149 -2.31 -5.29 6.69
CA VAL A 149 -2.40 -3.98 6.08
C VAL A 149 -3.44 -3.12 6.80
N SER A 150 -4.55 -3.76 7.18
CA SER A 150 -5.63 -3.05 7.86
C SER A 150 -5.13 -2.38 9.14
N GLU A 151 -4.18 -3.00 9.83
CA GLU A 151 -3.60 -2.42 11.03
C GLU A 151 -2.62 -1.31 10.68
N LYS A 152 -1.90 -1.51 9.59
CA LYS A 152 -0.89 -0.56 9.16
C LYS A 152 -1.53 0.77 8.76
N VAL A 153 -2.70 0.69 8.14
CA VAL A 153 -3.46 1.88 7.78
C VAL A 153 -3.73 2.74 9.03
N SER A 154 -4.24 2.08 10.06
CA SER A 154 -4.55 2.76 11.31
C SER A 154 -3.28 3.36 11.92
N HIS A 155 -2.17 2.65 11.76
CA HIS A 155 -0.87 3.13 12.23
C HIS A 155 -0.47 4.42 11.54
N VAL A 156 -0.61 4.44 10.21
CA VAL A 156 -0.28 5.62 9.43
C VAL A 156 -1.16 6.80 9.83
N LEU A 157 -2.46 6.54 9.90
CA LEU A 157 -3.42 7.56 10.31
C LEU A 157 -3.03 8.15 11.66
N ALA A 158 -2.78 7.28 12.63
CA ALA A 158 -2.41 7.69 13.97
C ALA A 158 -1.11 8.50 13.97
N ALA A 159 -0.19 8.15 13.07
CA ALA A 159 1.08 8.84 12.96
C ALA A 159 0.88 10.29 12.54
N LEU A 160 -0.07 10.52 11.64
CA LEU A 160 -0.40 11.86 11.19
C LEU A 160 -1.04 12.67 12.31
N GLN A 161 -2.01 12.06 13.00
CA GLN A 161 -2.71 12.73 14.08
C GLN A 161 -1.79 12.96 15.28
N ALA A 162 -0.71 12.20 15.35
CA ALA A 162 0.28 12.36 16.41
C ALA A 162 1.04 13.66 16.23
N GLY A 163 1.18 14.09 14.98
CA GLY A 163 1.88 15.32 14.70
C GLY A 163 0.98 16.53 14.83
N ASN A 164 -0.27 16.28 15.18
CA ASN A 164 -1.25 17.35 15.36
C ASN A 164 -2.20 17.02 16.50
N ARG A 165 -1.78 17.34 17.71
CA ARG A 165 -2.59 17.12 18.90
C ARG A 165 -3.31 18.38 19.33
N GLY A 1 -15.72 -22.82 -7.67
CA GLY A 1 -14.28 -23.05 -7.96
C GLY A 1 -14.03 -23.22 -9.44
N ILE A 2 -12.87 -22.76 -9.89
CA ILE A 2 -12.53 -22.83 -11.29
C ILE A 2 -11.06 -23.21 -11.47
N ASP A 3 -10.81 -24.19 -12.32
CA ASP A 3 -9.47 -24.66 -12.58
C ASP A 3 -8.92 -24.00 -13.84
N PRO A 4 -7.98 -23.06 -13.68
CA PRO A 4 -7.42 -22.29 -14.81
C PRO A 4 -6.61 -23.16 -15.75
N PHE A 5 -6.37 -22.64 -16.94
CA PHE A 5 -5.58 -23.35 -17.94
C PHE A 5 -4.09 -23.18 -17.64
N THR A 6 -3.25 -23.65 -18.56
CA THR A 6 -1.81 -23.53 -18.41
C THR A 6 -1.40 -22.06 -18.23
N ASN A 7 -0.85 -21.76 -17.08
CA ASN A 7 -0.39 -20.41 -16.79
C ASN A 7 1.14 -20.37 -16.83
N GLU A 8 1.66 -19.76 -17.87
CA GLU A 8 3.09 -19.74 -18.14
C GLU A 8 3.82 -18.82 -17.16
N ALA A 9 3.09 -17.90 -16.55
CA ALA A 9 3.67 -16.95 -15.63
C ALA A 9 2.75 -16.67 -14.46
N ALA A 10 3.17 -17.05 -13.28
CA ALA A 10 2.49 -16.67 -12.04
C ALA A 10 3.22 -15.49 -11.42
N SER A 11 4.51 -15.47 -11.65
CA SER A 11 5.35 -14.33 -11.29
C SER A 11 5.96 -13.76 -12.56
N ALA A 12 6.37 -12.49 -12.51
CA ALA A 12 6.87 -11.79 -13.69
C ALA A 12 5.79 -11.67 -14.76
N ALA A 13 4.55 -11.81 -14.33
CA ALA A 13 3.40 -11.72 -15.22
C ALA A 13 2.80 -10.32 -15.16
N GLY A 14 1.99 -9.99 -16.16
CA GLY A 14 1.43 -8.66 -16.24
C GLY A 14 0.18 -8.50 -15.38
N VAL A 15 0.19 -9.12 -14.21
CA VAL A 15 -0.91 -9.01 -13.28
C VAL A 15 -0.54 -8.14 -12.09
N VAL A 16 0.69 -8.30 -11.60
CA VAL A 16 1.19 -7.55 -10.46
C VAL A 16 2.69 -7.32 -10.58
N GLY A 17 3.41 -8.32 -11.08
CA GLY A 17 4.83 -8.20 -11.30
C GLY A 17 5.17 -6.97 -12.12
N GLY A 18 6.06 -6.15 -11.59
CA GLY A 18 6.38 -4.90 -12.24
C GLY A 18 5.96 -3.72 -11.41
N MET A 19 4.66 -3.61 -11.16
CA MET A 19 4.12 -2.52 -10.35
C MET A 19 4.43 -2.75 -8.88
N VAL A 20 4.61 -4.01 -8.50
CA VAL A 20 4.92 -4.37 -7.13
C VAL A 20 6.28 -3.79 -6.71
N ASP A 21 7.16 -3.59 -7.69
CA ASP A 21 8.47 -2.99 -7.45
C ASP A 21 8.30 -1.56 -6.95
N SER A 22 7.31 -0.87 -7.48
CA SER A 22 7.00 0.48 -7.07
C SER A 22 6.66 0.54 -5.59
N ILE A 23 6.12 -0.55 -5.06
CA ILE A 23 5.78 -0.64 -3.65
C ILE A 23 7.06 -0.72 -2.81
N THR A 24 7.97 -1.60 -3.22
CA THR A 24 9.22 -1.79 -2.51
C THR A 24 10.12 -0.56 -2.63
N GLN A 25 10.16 0.03 -3.82
CA GLN A 25 10.94 1.25 -4.02
C GLN A 25 10.35 2.41 -3.22
N ALA A 26 9.04 2.38 -3.04
CA ALA A 26 8.36 3.40 -2.25
C ALA A 26 8.81 3.36 -0.80
N ILE A 27 9.22 2.17 -0.37
CA ILE A 27 9.76 2.00 0.96
C ILE A 27 11.15 2.63 1.06
N ASN A 28 12.02 2.21 0.15
CA ASN A 28 13.42 2.63 0.16
C ASN A 28 13.58 4.13 -0.10
N GLN A 29 12.74 4.68 -0.97
CA GLN A 29 12.84 6.08 -1.36
C GLN A 29 12.69 7.00 -0.14
N LEU A 30 11.87 6.59 0.82
CA LEU A 30 11.58 7.41 1.98
C LEU A 30 12.75 7.45 2.94
N ASP A 31 13.53 6.38 2.96
CA ASP A 31 14.69 6.30 3.85
C ASP A 31 15.92 6.90 3.16
N GLU A 32 16.01 6.69 1.85
CA GLU A 32 17.15 7.18 1.08
C GLU A 32 17.09 8.70 0.91
N GLY A 33 16.08 9.18 0.18
CA GLY A 33 16.01 10.60 -0.11
C GLY A 33 14.66 11.20 0.22
N PRO A 34 14.54 11.90 1.36
CA PRO A 34 13.29 12.52 1.79
C PRO A 34 12.85 13.65 0.85
N MET A 35 13.75 14.62 0.64
CA MET A 35 13.46 15.81 -0.16
C MET A 35 12.36 16.65 0.48
N GLY A 36 11.12 16.26 0.26
CA GLY A 36 10.00 16.98 0.83
C GLY A 36 9.68 18.25 0.07
N ASP A 37 10.17 19.37 0.59
CA ASP A 37 9.86 20.70 0.07
C ASP A 37 8.35 20.85 -0.16
N PRO A 38 7.58 20.87 0.92
CA PRO A 38 6.12 20.88 0.85
C PRO A 38 5.55 22.21 0.38
N GLU A 39 4.64 22.15 -0.59
CA GLU A 39 3.95 23.33 -1.06
C GLU A 39 2.84 23.72 -0.09
N GLY A 40 2.28 22.73 0.58
CA GLY A 40 1.19 22.99 1.51
C GLY A 40 1.63 22.79 2.95
N SER A 41 0.71 23.00 3.88
CA SER A 41 1.01 22.83 5.29
C SER A 41 0.85 21.36 5.69
N PHE A 42 1.23 21.03 6.92
CA PHE A 42 1.07 19.67 7.43
C PHE A 42 -0.40 19.26 7.39
N VAL A 43 -1.28 20.19 7.74
CA VAL A 43 -2.72 19.94 7.73
C VAL A 43 -3.21 19.55 6.33
N ASP A 44 -2.59 20.11 5.30
CA ASP A 44 -2.99 19.85 3.92
C ASP A 44 -2.63 18.42 3.52
N TYR A 45 -1.39 18.05 3.76
CA TYR A 45 -0.93 16.69 3.46
C TYR A 45 -1.63 15.69 4.36
N GLN A 46 -1.90 16.10 5.60
CA GLN A 46 -2.68 15.30 6.52
C GLN A 46 -4.03 14.95 5.91
N THR A 47 -4.78 15.98 5.52
CA THR A 47 -6.10 15.80 4.94
C THR A 47 -6.03 14.92 3.69
N THR A 48 -4.97 15.10 2.91
CA THR A 48 -4.82 14.35 1.68
C THR A 48 -4.47 12.87 1.96
N MET A 49 -3.44 12.65 2.77
CA MET A 49 -2.95 11.29 3.03
C MET A 49 -3.99 10.43 3.73
N VAL A 50 -4.73 11.00 4.68
CA VAL A 50 -5.72 10.21 5.41
C VAL A 50 -6.79 9.68 4.46
N ARG A 51 -7.15 10.47 3.45
CA ARG A 51 -8.16 10.07 2.48
C ARG A 51 -7.64 8.98 1.57
N THR A 52 -6.37 9.09 1.19
CA THR A 52 -5.74 8.10 0.33
C THR A 52 -5.56 6.78 1.09
N ALA A 53 -5.25 6.88 2.38
CA ALA A 53 -5.11 5.70 3.22
C ALA A 53 -6.42 4.93 3.34
N LYS A 54 -7.54 5.66 3.36
CA LYS A 54 -8.86 5.05 3.39
C LYS A 54 -9.04 4.16 2.15
N ALA A 55 -8.58 4.67 1.01
CA ALA A 55 -8.73 3.99 -0.26
C ALA A 55 -7.96 2.67 -0.30
N ILE A 56 -6.80 2.63 0.34
CA ILE A 56 -6.02 1.42 0.37
C ILE A 56 -6.59 0.46 1.42
N ALA A 57 -7.16 1.02 2.49
CA ALA A 57 -7.71 0.22 3.58
C ALA A 57 -8.97 -0.50 3.15
N VAL A 58 -9.84 0.18 2.42
CA VAL A 58 -11.04 -0.45 1.90
C VAL A 58 -10.67 -1.52 0.89
N THR A 59 -9.54 -1.34 0.22
CA THR A 59 -9.05 -2.31 -0.75
C THR A 59 -8.50 -3.54 -0.04
N VAL A 60 -7.67 -3.33 0.98
CA VAL A 60 -7.12 -4.45 1.72
C VAL A 60 -8.20 -5.18 2.52
N GLN A 61 -9.22 -4.45 2.95
CA GLN A 61 -10.35 -5.06 3.66
C GLN A 61 -11.22 -5.81 2.65
N GLU A 62 -11.20 -5.36 1.41
CA GLU A 62 -11.95 -6.00 0.35
C GLU A 62 -11.28 -7.30 -0.06
N MET A 63 -9.96 -7.36 0.12
CA MET A 63 -9.17 -8.54 -0.22
C MET A 63 -9.69 -9.78 0.50
N VAL A 64 -9.98 -9.64 1.79
CA VAL A 64 -10.42 -10.77 2.60
C VAL A 64 -11.79 -11.26 2.12
N THR A 65 -12.58 -10.34 1.62
CA THR A 65 -13.91 -10.65 1.15
C THR A 65 -13.86 -11.26 -0.26
N LYS A 66 -13.22 -10.54 -1.18
CA LYS A 66 -13.14 -10.96 -2.57
C LYS A 66 -12.47 -12.32 -2.70
N SER A 67 -11.42 -12.56 -1.94
CA SER A 67 -10.70 -13.82 -2.06
C SER A 67 -11.61 -15.02 -1.77
N ASN A 68 -12.65 -14.76 -1.00
CA ASN A 68 -13.63 -15.78 -0.67
C ASN A 68 -14.68 -15.97 -1.77
N THR A 69 -15.15 -14.88 -2.33
CA THR A 69 -16.31 -14.91 -3.24
C THR A 69 -15.94 -14.64 -4.70
N SER A 70 -14.83 -13.93 -4.93
CA SER A 70 -14.44 -13.53 -6.28
C SER A 70 -12.94 -13.23 -6.32
N PRO A 71 -12.09 -14.27 -6.33
CA PRO A 71 -10.64 -14.10 -6.25
C PRO A 71 -10.06 -13.40 -7.47
N GLU A 72 -10.82 -13.35 -8.55
CA GLU A 72 -10.37 -12.67 -9.77
C GLU A 72 -10.42 -11.15 -9.60
N GLU A 73 -11.15 -10.70 -8.60
CA GLU A 73 -11.23 -9.26 -8.33
C GLU A 73 -10.03 -8.79 -7.51
N LEU A 74 -9.24 -9.74 -7.03
CA LEU A 74 -8.07 -9.43 -6.21
C LEU A 74 -7.00 -8.72 -7.04
N GLY A 75 -6.89 -9.07 -8.32
CA GLY A 75 -5.93 -8.43 -9.20
C GLY A 75 -6.14 -6.94 -9.32
N PRO A 76 -7.36 -6.49 -9.69
CA PRO A 76 -7.72 -5.07 -9.69
C PRO A 76 -7.44 -4.39 -8.35
N LEU A 77 -7.71 -5.10 -7.26
CA LEU A 77 -7.47 -4.58 -5.92
C LEU A 77 -5.99 -4.43 -5.66
N ALA A 78 -5.24 -5.46 -6.01
CA ALA A 78 -3.79 -5.41 -5.89
C ALA A 78 -3.24 -4.23 -6.68
N ASN A 79 -3.93 -3.90 -7.76
CA ASN A 79 -3.53 -2.80 -8.61
C ASN A 79 -3.79 -1.46 -7.93
N GLN A 80 -5.01 -1.27 -7.42
CA GLN A 80 -5.37 -0.04 -6.75
C GLN A 80 -4.57 0.13 -5.46
N LEU A 81 -4.41 -0.97 -4.72
CA LEU A 81 -3.62 -0.95 -3.50
C LEU A 81 -2.21 -0.46 -3.80
N THR A 82 -1.65 -0.96 -4.90
CA THR A 82 -0.35 -0.52 -5.37
C THR A 82 -0.37 0.96 -5.74
N SER A 83 -1.36 1.35 -6.51
CA SER A 83 -1.46 2.69 -7.05
C SER A 83 -1.63 3.73 -5.94
N ASP A 84 -2.61 3.50 -5.06
CA ASP A 84 -2.88 4.44 -3.98
C ASP A 84 -1.73 4.47 -2.97
N TYR A 85 -1.09 3.33 -2.75
CA TYR A 85 0.07 3.27 -1.87
C TYR A 85 1.20 4.11 -2.43
N GLY A 86 1.44 3.98 -3.73
CA GLY A 86 2.47 4.78 -4.38
C GLY A 86 2.24 6.26 -4.22
N ARG A 87 0.97 6.65 -4.22
CA ARG A 87 0.59 8.04 -4.02
C ARG A 87 0.93 8.48 -2.60
N LEU A 88 0.51 7.68 -1.62
CA LEU A 88 0.81 7.95 -0.22
C LEU A 88 2.31 8.06 0.02
N ALA A 89 3.06 7.13 -0.57
CA ALA A 89 4.51 7.10 -0.40
C ALA A 89 5.17 8.38 -0.90
N SER A 90 4.56 8.99 -1.91
CA SER A 90 5.07 10.23 -2.46
C SER A 90 4.76 11.39 -1.51
N GLN A 91 3.51 11.46 -1.07
CA GLN A 91 3.03 12.54 -0.21
C GLN A 91 3.70 12.52 1.16
N ALA A 92 4.17 11.33 1.56
CA ALA A 92 4.79 11.15 2.86
C ALA A 92 6.07 11.99 3.00
N LYS A 93 6.75 12.23 1.89
CA LYS A 93 8.00 12.99 1.91
C LYS A 93 7.75 14.44 2.35
N PRO A 94 6.92 15.22 1.61
CA PRO A 94 6.61 16.60 2.00
C PRO A 94 5.86 16.66 3.33
N ALA A 95 5.06 15.64 3.61
CA ALA A 95 4.31 15.57 4.87
C ALA A 95 5.26 15.47 6.05
N ALA A 96 6.31 14.68 5.90
CA ALA A 96 7.30 14.51 6.94
C ALA A 96 8.02 15.82 7.25
N VAL A 97 8.34 16.56 6.20
CA VAL A 97 9.05 17.83 6.34
C VAL A 97 8.11 18.92 6.85
N ALA A 98 6.85 18.87 6.43
CA ALA A 98 5.87 19.90 6.79
C ALA A 98 5.30 19.66 8.18
N ALA A 99 5.57 18.48 8.73
CA ALA A 99 5.04 18.10 10.04
C ALA A 99 5.46 19.09 11.11
N GLU A 100 4.54 19.37 12.03
CA GLU A 100 4.79 20.33 13.11
C GLU A 100 5.92 19.85 14.02
N ASN A 101 6.10 18.55 14.06
CA ASN A 101 7.15 17.93 14.87
C ASN A 101 7.92 16.93 14.02
N GLU A 102 9.24 16.96 14.11
CA GLU A 102 10.10 16.14 13.25
C GLU A 102 9.82 14.65 13.45
N GLU A 103 9.71 14.24 14.70
CA GLU A 103 9.44 12.84 15.02
C GLU A 103 8.11 12.39 14.42
N ILE A 104 7.19 13.33 14.23
CA ILE A 104 5.93 13.03 13.59
C ILE A 104 6.14 12.72 12.12
N GLY A 105 7.04 13.49 11.50
CA GLY A 105 7.39 13.23 10.12
C GLY A 105 8.03 11.87 9.95
N ALA A 106 8.94 11.54 10.86
CA ALA A 106 9.55 10.22 10.89
C ALA A 106 8.49 9.15 11.12
N HIS A 107 7.56 9.47 11.99
CA HIS A 107 6.47 8.57 12.33
C HIS A 107 5.61 8.28 11.08
N ILE A 108 5.37 9.32 10.30
CA ILE A 108 4.60 9.20 9.06
C ILE A 108 5.32 8.30 8.04
N LYS A 109 6.57 8.64 7.74
CA LYS A 109 7.32 7.92 6.71
C LYS A 109 7.56 6.47 7.11
N HIS A 110 7.69 6.24 8.42
CA HIS A 110 7.91 4.89 8.92
C HIS A 110 6.63 4.05 8.83
N ARG A 111 5.48 4.73 8.86
CA ARG A 111 4.21 4.03 8.75
C ARG A 111 3.95 3.60 7.32
N VAL A 112 4.47 4.36 6.37
CA VAL A 112 4.39 3.97 4.97
C VAL A 112 5.28 2.74 4.73
N GLN A 113 6.36 2.64 5.50
CA GLN A 113 7.22 1.46 5.47
C GLN A 113 6.44 0.25 5.94
N GLU A 114 5.64 0.46 6.98
CA GLU A 114 4.73 -0.56 7.51
C GLU A 114 3.83 -1.09 6.40
N LEU A 115 3.23 -0.16 5.68
CA LEU A 115 2.36 -0.49 4.57
C LEU A 115 3.12 -1.21 3.47
N GLY A 116 4.31 -0.72 3.18
CA GLY A 116 5.13 -1.32 2.14
C GLY A 116 5.28 -2.81 2.32
N HIS A 117 5.70 -3.23 3.50
CA HIS A 117 5.92 -4.65 3.78
C HIS A 117 4.63 -5.45 3.60
N GLY A 118 3.51 -4.86 3.99
CA GLY A 118 2.23 -5.53 3.83
C GLY A 118 1.73 -5.51 2.40
N CYS A 119 1.68 -4.32 1.81
CA CYS A 119 1.19 -4.14 0.45
C CYS A 119 1.97 -4.99 -0.55
N SER A 120 3.29 -5.00 -0.43
CA SER A 120 4.13 -5.80 -1.33
C SER A 120 3.72 -7.27 -1.31
N ALA A 121 3.53 -7.79 -0.11
CA ALA A 121 3.20 -9.19 0.07
C ALA A 121 1.79 -9.50 -0.41
N LEU A 122 0.86 -8.61 -0.11
CA LEU A 122 -0.54 -8.80 -0.45
C LEU A 122 -0.73 -8.91 -1.95
N VAL A 123 -0.19 -7.94 -2.68
CA VAL A 123 -0.36 -7.90 -4.14
C VAL A 123 0.35 -9.10 -4.78
N THR A 124 1.45 -9.53 -4.17
CA THR A 124 2.19 -10.68 -4.65
C THR A 124 1.41 -11.97 -4.40
N LYS A 125 0.74 -12.05 -3.25
CA LYS A 125 -0.01 -13.24 -2.90
C LYS A 125 -1.25 -13.37 -3.78
N ALA A 126 -1.89 -12.24 -4.05
CA ALA A 126 -3.07 -12.20 -4.92
C ALA A 126 -2.74 -12.71 -6.32
N GLY A 127 -1.58 -12.32 -6.83
CA GLY A 127 -1.16 -12.78 -8.15
C GLY A 127 -1.08 -14.30 -8.23
N ALA A 128 -0.62 -14.91 -7.13
CA ALA A 128 -0.53 -16.35 -7.06
C ALA A 128 -1.89 -16.97 -6.73
N LEU A 129 -2.73 -16.19 -6.04
CA LEU A 129 -4.03 -16.69 -5.62
C LEU A 129 -4.97 -16.77 -6.80
N GLN A 130 -4.86 -15.83 -7.73
CA GLN A 130 -5.69 -15.86 -8.93
C GLN A 130 -5.33 -17.08 -9.79
N CYS A 131 -4.10 -17.54 -9.66
CA CYS A 131 -3.65 -18.74 -10.35
C CYS A 131 -4.19 -20.00 -9.67
N SER A 132 -4.60 -19.84 -8.41
CA SER A 132 -5.13 -20.95 -7.63
C SER A 132 -6.30 -20.46 -6.77
N PRO A 133 -7.36 -19.91 -7.41
CA PRO A 133 -8.43 -19.20 -6.70
C PRO A 133 -9.38 -20.11 -5.93
N SER A 134 -9.06 -21.39 -5.87
CA SER A 134 -9.86 -22.34 -5.11
C SER A 134 -9.00 -22.97 -4.01
N ASP A 135 -7.74 -22.58 -3.96
CA ASP A 135 -6.81 -23.13 -2.98
C ASP A 135 -7.02 -22.49 -1.62
N VAL A 136 -6.94 -23.29 -0.57
CA VAL A 136 -7.17 -22.81 0.77
C VAL A 136 -5.90 -22.21 1.40
N TYR A 137 -4.76 -22.85 1.19
CA TYR A 137 -3.52 -22.41 1.81
C TYR A 137 -3.11 -21.04 1.30
N THR A 138 -3.12 -20.87 -0.01
CA THR A 138 -2.70 -19.62 -0.62
C THR A 138 -3.64 -18.48 -0.23
N LYS A 139 -4.93 -18.76 -0.18
CA LYS A 139 -5.92 -17.77 0.22
C LYS A 139 -5.76 -17.41 1.69
N LYS A 140 -5.52 -18.44 2.50
CA LYS A 140 -5.33 -18.27 3.94
C LYS A 140 -4.28 -17.20 4.23
N GLU A 141 -3.15 -17.31 3.56
CA GLU A 141 -2.03 -16.38 3.77
C GLU A 141 -2.40 -14.97 3.32
N LEU A 142 -3.19 -14.84 2.27
CA LEU A 142 -3.61 -13.53 1.80
C LEU A 142 -4.57 -12.90 2.81
N ILE A 143 -5.42 -13.74 3.40
CA ILE A 143 -6.30 -13.30 4.47
C ILE A 143 -5.46 -12.78 5.65
N GLU A 144 -4.40 -13.53 5.97
CA GLU A 144 -3.47 -13.13 7.02
C GLU A 144 -2.82 -11.80 6.66
N CYS A 145 -2.29 -11.72 5.44
CA CYS A 145 -1.62 -10.51 4.98
C CYS A 145 -2.59 -9.32 5.00
N ALA A 146 -3.82 -9.56 4.59
CA ALA A 146 -4.84 -8.50 4.54
C ALA A 146 -5.10 -7.92 5.92
N ARG A 147 -5.29 -8.78 6.91
CA ARG A 147 -5.59 -8.31 8.26
C ARG A 147 -4.36 -7.64 8.88
N ARG A 148 -3.18 -8.00 8.40
CA ARG A 148 -1.95 -7.38 8.87
C ARG A 148 -1.77 -5.99 8.28
N VAL A 149 -2.08 -5.84 6.99
CA VAL A 149 -1.98 -4.54 6.32
C VAL A 149 -2.97 -3.54 6.91
N SER A 150 -4.17 -4.03 7.20
CA SER A 150 -5.21 -3.21 7.81
C SER A 150 -4.75 -2.60 9.14
N GLU A 151 -3.87 -3.31 9.85
CA GLU A 151 -3.35 -2.83 11.13
C GLU A 151 -2.35 -1.71 10.91
N LYS A 152 -1.74 -1.70 9.74
CA LYS A 152 -0.75 -0.70 9.39
C LYS A 152 -1.45 0.61 9.06
N VAL A 153 -2.55 0.52 8.33
CA VAL A 153 -3.29 1.70 7.88
C VAL A 153 -3.72 2.55 9.06
N SER A 154 -4.26 1.92 10.09
CA SER A 154 -4.72 2.64 11.27
C SER A 154 -3.56 3.34 11.96
N HIS A 155 -2.37 2.76 11.86
CA HIS A 155 -1.18 3.38 12.42
C HIS A 155 -0.71 4.53 11.52
N VAL A 156 -0.80 4.32 10.21
CA VAL A 156 -0.46 5.37 9.25
C VAL A 156 -1.34 6.59 9.47
N LEU A 157 -2.64 6.36 9.52
CA LEU A 157 -3.62 7.41 9.77
C LEU A 157 -3.34 8.11 11.10
N ALA A 158 -3.07 7.31 12.13
CA ALA A 158 -2.83 7.84 13.47
C ALA A 158 -1.63 8.77 13.52
N ALA A 159 -0.65 8.52 12.65
CA ALA A 159 0.56 9.32 12.61
C ALA A 159 0.25 10.78 12.26
N LEU A 160 -0.83 10.98 11.52
CA LEU A 160 -1.23 12.31 11.10
C LEU A 160 -1.80 13.12 12.27
N GLN A 161 -2.73 12.53 13.01
CA GLN A 161 -3.36 13.23 14.12
C GLN A 161 -2.40 13.37 15.29
N ALA A 162 -1.36 12.54 15.29
CA ALA A 162 -0.33 12.62 16.32
C ALA A 162 0.45 13.92 16.18
N GLY A 163 0.44 14.49 14.98
CA GLY A 163 1.13 15.73 14.73
C GLY A 163 0.48 16.91 15.43
N ASN A 164 -0.81 16.76 15.75
CA ASN A 164 -1.59 17.80 16.44
C ASN A 164 -1.67 19.06 15.59
N ARG A 165 -2.63 19.10 14.69
CA ARG A 165 -2.84 20.27 13.85
C ARG A 165 -4.32 20.43 13.55
N GLY A 1 -18.85 9.93 -0.68
CA GLY A 1 -18.06 9.11 -1.64
C GLY A 1 -17.22 8.07 -0.93
N ILE A 2 -17.67 6.82 -0.96
CA ILE A 2 -16.91 5.73 -0.35
C ILE A 2 -15.72 5.37 -1.24
N ASP A 3 -15.86 5.66 -2.53
CA ASP A 3 -14.78 5.46 -3.48
C ASP A 3 -14.14 6.80 -3.83
N PRO A 4 -13.04 7.16 -3.15
CA PRO A 4 -12.40 8.46 -3.31
C PRO A 4 -11.85 8.68 -4.72
N PHE A 5 -10.82 7.93 -5.07
CA PHE A 5 -10.19 8.05 -6.38
C PHE A 5 -9.77 6.68 -6.89
N THR A 6 -10.67 6.00 -7.58
CA THR A 6 -10.34 4.71 -8.17
C THR A 6 -9.35 4.93 -9.32
N ASN A 7 -8.14 4.44 -9.15
CA ASN A 7 -7.09 4.68 -10.13
C ASN A 7 -7.11 3.60 -11.20
N GLU A 8 -7.71 3.93 -12.34
CA GLU A 8 -7.68 3.05 -13.49
C GLU A 8 -6.55 3.47 -14.43
N ALA A 9 -5.46 2.73 -14.38
CA ALA A 9 -4.30 3.05 -15.18
C ALA A 9 -4.20 2.13 -16.39
N ALA A 10 -3.25 2.41 -17.26
CA ALA A 10 -3.03 1.58 -18.43
C ALA A 10 -2.06 0.47 -18.08
N SER A 11 -2.59 -0.74 -17.95
CA SER A 11 -1.79 -1.88 -17.57
C SER A 11 -2.52 -3.19 -17.89
N ALA A 12 -1.91 -3.99 -18.75
CA ALA A 12 -2.48 -5.28 -19.13
C ALA A 12 -2.17 -6.34 -18.08
N ALA A 13 -1.38 -5.96 -17.08
CA ALA A 13 -1.00 -6.87 -16.02
C ALA A 13 -2.10 -6.98 -14.98
N GLY A 14 -2.82 -8.10 -14.99
CA GLY A 14 -3.89 -8.32 -14.03
C GLY A 14 -3.38 -8.97 -12.76
N VAL A 15 -2.07 -9.03 -12.61
CA VAL A 15 -1.46 -9.57 -11.42
C VAL A 15 -0.71 -8.47 -10.66
N VAL A 16 0.63 -8.44 -10.70
CA VAL A 16 1.40 -7.43 -9.98
C VAL A 16 2.70 -7.13 -10.75
N GLY A 17 3.69 -8.00 -10.60
CA GLY A 17 4.96 -7.84 -11.30
C GLY A 17 5.61 -6.49 -11.05
N GLY A 18 5.56 -5.63 -12.05
CA GLY A 18 6.19 -4.32 -11.94
C GLY A 18 5.63 -3.50 -10.80
N MET A 19 4.40 -3.80 -10.41
CA MET A 19 3.73 -3.09 -9.32
C MET A 19 4.46 -3.29 -8.00
N VAL A 20 4.95 -4.50 -7.75
CA VAL A 20 5.64 -4.78 -6.49
C VAL A 20 6.96 -4.03 -6.45
N ASP A 21 7.55 -3.85 -7.63
CA ASP A 21 8.76 -3.04 -7.75
C ASP A 21 8.49 -1.60 -7.37
N SER A 22 7.34 -1.09 -7.81
CA SER A 22 6.92 0.26 -7.47
C SER A 22 6.68 0.41 -5.97
N ILE A 23 6.16 -0.64 -5.34
CA ILE A 23 5.96 -0.66 -3.91
C ILE A 23 7.29 -0.62 -3.17
N THR A 24 8.22 -1.49 -3.60
CA THR A 24 9.56 -1.53 -3.04
C THR A 24 10.29 -0.19 -3.28
N GLN A 25 10.05 0.39 -4.45
CA GLN A 25 10.63 1.70 -4.78
C GLN A 25 10.12 2.76 -3.81
N ALA A 26 8.84 2.69 -3.49
CA ALA A 26 8.21 3.63 -2.58
C ALA A 26 8.86 3.57 -1.19
N ILE A 27 9.26 2.38 -0.79
CA ILE A 27 9.99 2.20 0.46
C ILE A 27 11.32 2.94 0.39
N ASN A 28 12.04 2.71 -0.70
CA ASN A 28 13.38 3.28 -0.88
C ASN A 28 13.35 4.80 -1.02
N GLN A 29 12.36 5.33 -1.70
CA GLN A 29 12.26 6.78 -1.90
C GLN A 29 12.03 7.49 -0.56
N LEU A 30 11.31 6.83 0.34
CA LEU A 30 11.05 7.37 1.66
C LEU A 30 12.27 7.22 2.56
N ASP A 31 12.92 6.07 2.45
CA ASP A 31 14.08 5.75 3.26
C ASP A 31 15.28 6.60 2.82
N GLU A 32 15.27 6.99 1.56
CA GLU A 32 16.30 7.88 1.01
C GLU A 32 16.28 9.23 1.74
N GLY A 33 15.12 9.88 1.71
CA GLY A 33 14.98 11.16 2.36
C GLY A 33 13.57 11.69 2.27
N PRO A 34 13.21 12.66 3.11
CA PRO A 34 11.87 13.24 3.09
C PRO A 34 11.67 14.23 1.94
N MET A 35 12.00 15.50 2.18
CA MET A 35 11.83 16.57 1.20
C MET A 35 12.15 17.90 1.86
N GLY A 36 12.37 18.94 1.07
CA GLY A 36 12.55 20.26 1.60
C GLY A 36 11.73 21.27 0.83
N ASP A 37 11.10 22.18 1.55
CA ASP A 37 10.17 23.15 0.97
C ASP A 37 9.01 22.42 0.26
N PRO A 38 8.07 21.89 1.05
CA PRO A 38 6.88 21.23 0.53
C PRO A 38 5.87 22.23 -0.02
N GLU A 39 4.80 21.73 -0.64
CA GLU A 39 3.77 22.60 -1.20
C GLU A 39 2.91 23.16 -0.08
N GLY A 40 2.10 22.31 0.52
CA GLY A 40 1.25 22.73 1.62
C GLY A 40 1.90 22.45 2.96
N SER A 41 1.16 22.64 4.03
CA SER A 41 1.66 22.36 5.36
C SER A 41 1.21 20.98 5.81
N PHE A 42 1.42 20.66 7.08
CA PHE A 42 1.10 19.33 7.60
C PHE A 42 -0.38 19.00 7.40
N VAL A 43 -1.25 19.97 7.65
CA VAL A 43 -2.69 19.76 7.52
C VAL A 43 -3.08 19.42 6.08
N ASP A 44 -2.36 20.00 5.12
CA ASP A 44 -2.62 19.76 3.71
C ASP A 44 -2.33 18.32 3.34
N TYR A 45 -1.17 17.83 3.75
CA TYR A 45 -0.77 16.46 3.48
C TYR A 45 -1.57 15.48 4.35
N GLN A 46 -1.86 15.91 5.58
CA GLN A 46 -2.67 15.10 6.49
C GLN A 46 -4.02 14.75 5.87
N THR A 47 -4.76 15.77 5.48
CA THR A 47 -6.10 15.59 4.90
C THR A 47 -6.03 14.75 3.63
N THR A 48 -4.93 14.87 2.90
CA THR A 48 -4.73 14.10 1.69
C THR A 48 -4.44 12.63 2.02
N MET A 49 -3.47 12.41 2.90
CA MET A 49 -3.02 11.07 3.22
C MET A 49 -4.09 10.25 3.92
N VAL A 50 -4.81 10.85 4.86
CA VAL A 50 -5.82 10.09 5.60
C VAL A 50 -6.92 9.60 4.66
N ARG A 51 -7.20 10.35 3.60
CA ARG A 51 -8.19 9.95 2.60
C ARG A 51 -7.63 8.82 1.74
N THR A 52 -6.38 8.95 1.33
CA THR A 52 -5.74 7.94 0.49
C THR A 52 -5.54 6.65 1.29
N ALA A 53 -5.29 6.78 2.59
CA ALA A 53 -5.14 5.62 3.46
C ALA A 53 -6.44 4.82 3.54
N LYS A 54 -7.56 5.52 3.66
CA LYS A 54 -8.87 4.87 3.69
C LYS A 54 -9.12 4.15 2.36
N ALA A 55 -8.58 4.72 1.28
CA ALA A 55 -8.74 4.16 -0.05
C ALA A 55 -7.99 2.83 -0.18
N ILE A 56 -6.81 2.74 0.43
CA ILE A 56 -6.07 1.49 0.41
C ILE A 56 -6.65 0.52 1.43
N ALA A 57 -7.23 1.08 2.50
CA ALA A 57 -7.83 0.26 3.56
C ALA A 57 -9.09 -0.43 3.06
N VAL A 58 -9.93 0.29 2.33
CA VAL A 58 -11.13 -0.31 1.76
C VAL A 58 -10.76 -1.35 0.71
N THR A 59 -9.57 -1.19 0.13
CA THR A 59 -9.05 -2.14 -0.84
C THR A 59 -8.52 -3.40 -0.15
N VAL A 60 -7.72 -3.21 0.90
CA VAL A 60 -7.18 -4.35 1.64
C VAL A 60 -8.30 -5.08 2.38
N GLN A 61 -9.30 -4.34 2.85
CA GLN A 61 -10.46 -4.94 3.49
C GLN A 61 -11.31 -5.67 2.45
N GLU A 62 -11.22 -5.24 1.20
CA GLU A 62 -11.94 -5.88 0.12
C GLU A 62 -11.25 -7.19 -0.25
N MET A 63 -9.92 -7.21 -0.08
CA MET A 63 -9.11 -8.40 -0.37
C MET A 63 -9.62 -9.62 0.39
N VAL A 64 -9.87 -9.44 1.68
CA VAL A 64 -10.32 -10.54 2.53
C VAL A 64 -11.70 -11.03 2.09
N THR A 65 -12.49 -10.11 1.58
CA THR A 65 -13.82 -10.42 1.13
C THR A 65 -13.81 -11.07 -0.25
N LYS A 66 -13.11 -10.45 -1.19
CA LYS A 66 -13.09 -10.93 -2.57
C LYS A 66 -12.45 -12.30 -2.68
N SER A 67 -11.53 -12.63 -1.80
CA SER A 67 -10.90 -13.94 -1.86
C SER A 67 -11.95 -15.03 -1.62
N ASN A 68 -13.00 -14.68 -0.91
CA ASN A 68 -14.08 -15.61 -0.64
C ASN A 68 -15.06 -15.68 -1.81
N THR A 69 -15.25 -14.56 -2.50
CA THR A 69 -16.26 -14.47 -3.53
C THR A 69 -15.69 -14.43 -4.95
N SER A 70 -14.66 -13.62 -5.15
CA SER A 70 -14.16 -13.31 -6.48
C SER A 70 -12.65 -13.11 -6.47
N PRO A 71 -11.88 -14.21 -6.49
CA PRO A 71 -10.42 -14.15 -6.45
C PRO A 71 -9.81 -13.40 -7.64
N GLU A 72 -10.55 -13.34 -8.74
CA GLU A 72 -10.04 -12.69 -9.95
C GLU A 72 -10.03 -11.16 -9.80
N GLU A 73 -10.78 -10.64 -8.83
CA GLU A 73 -10.80 -9.20 -8.59
C GLU A 73 -9.61 -8.76 -7.75
N LEU A 74 -8.89 -9.72 -7.20
CA LEU A 74 -7.74 -9.43 -6.35
C LEU A 74 -6.64 -8.71 -7.12
N GLY A 75 -6.49 -9.06 -8.39
CA GLY A 75 -5.51 -8.41 -9.23
C GLY A 75 -5.78 -6.91 -9.42
N PRO A 76 -6.98 -6.52 -9.88
CA PRO A 76 -7.38 -5.11 -9.94
C PRO A 76 -7.27 -4.40 -8.59
N LEU A 77 -7.53 -5.12 -7.51
CA LEU A 77 -7.40 -4.55 -6.17
C LEU A 77 -5.93 -4.36 -5.82
N ALA A 78 -5.13 -5.37 -6.12
CA ALA A 78 -3.69 -5.25 -5.94
C ALA A 78 -3.17 -4.06 -6.75
N ASN A 79 -3.77 -3.87 -7.91
CA ASN A 79 -3.43 -2.74 -8.78
C ASN A 79 -3.69 -1.41 -8.09
N GLN A 80 -4.90 -1.23 -7.59
CA GLN A 80 -5.26 0.01 -6.92
C GLN A 80 -4.49 0.16 -5.61
N LEU A 81 -4.40 -0.93 -4.84
CA LEU A 81 -3.67 -0.92 -3.58
C LEU A 81 -2.24 -0.44 -3.80
N THR A 82 -1.64 -0.88 -4.90
CA THR A 82 -0.31 -0.46 -5.28
C THR A 82 -0.27 1.03 -5.62
N SER A 83 -1.23 1.47 -6.41
CA SER A 83 -1.24 2.83 -6.91
C SER A 83 -1.52 3.83 -5.80
N ASP A 84 -2.57 3.57 -5.03
CA ASP A 84 -2.94 4.46 -3.93
C ASP A 84 -1.86 4.47 -2.86
N TYR A 85 -1.16 3.34 -2.68
CA TYR A 85 -0.02 3.29 -1.78
C TYR A 85 1.07 4.24 -2.28
N GLY A 86 1.33 4.19 -3.59
CA GLY A 86 2.28 5.10 -4.20
C GLY A 86 1.92 6.55 -3.95
N ARG A 87 0.62 6.83 -3.87
CA ARG A 87 0.15 8.17 -3.58
C ARG A 87 0.50 8.55 -2.14
N LEU A 88 0.25 7.63 -1.21
CA LEU A 88 0.61 7.83 0.18
C LEU A 88 2.10 8.07 0.33
N ALA A 89 2.91 7.27 -0.36
CA ALA A 89 4.35 7.40 -0.31
C ALA A 89 4.81 8.70 -0.96
N SER A 90 3.99 9.20 -1.89
CA SER A 90 4.29 10.46 -2.57
C SER A 90 4.08 11.63 -1.62
N GLN A 91 3.03 11.55 -0.81
CA GLN A 91 2.71 12.62 0.13
C GLN A 91 3.63 12.55 1.35
N ALA A 92 3.95 11.34 1.75
CA ALA A 92 4.71 11.10 2.99
C ALA A 92 6.07 11.78 2.99
N LYS A 93 6.71 11.88 1.81
CA LYS A 93 8.03 12.48 1.72
C LYS A 93 8.01 13.95 2.20
N PRO A 94 7.22 14.84 1.56
CA PRO A 94 7.09 16.22 2.02
C PRO A 94 6.33 16.33 3.34
N ALA A 95 5.42 15.39 3.59
CA ALA A 95 4.65 15.38 4.83
C ALA A 95 5.56 15.26 6.04
N ALA A 96 6.63 14.49 5.88
CA ALA A 96 7.60 14.30 6.96
C ALA A 96 8.25 15.63 7.36
N VAL A 97 8.66 16.41 6.37
CA VAL A 97 9.29 17.70 6.63
C VAL A 97 8.25 18.75 7.02
N ALA A 98 7.02 18.55 6.55
CA ALA A 98 5.94 19.49 6.82
C ALA A 98 5.41 19.33 8.24
N ALA A 99 5.71 18.19 8.85
CA ALA A 99 5.29 17.94 10.22
C ALA A 99 5.99 18.88 11.19
N GLU A 100 5.38 19.09 12.35
CA GLU A 100 5.89 20.03 13.33
C GLU A 100 7.06 19.44 14.10
N ASN A 101 7.19 18.12 14.03
CA ASN A 101 8.24 17.41 14.74
C ASN A 101 8.81 16.30 13.88
N GLU A 102 10.13 16.16 13.89
CA GLU A 102 10.83 15.14 13.12
C GLU A 102 10.27 13.75 13.42
N GLU A 103 9.96 13.50 14.69
CA GLU A 103 9.42 12.22 15.11
C GLU A 103 8.10 11.93 14.41
N ILE A 104 7.28 12.95 14.24
CA ILE A 104 6.01 12.80 13.56
C ILE A 104 6.25 12.50 12.09
N GLY A 105 7.16 13.24 11.48
CA GLY A 105 7.51 12.99 10.09
C GLY A 105 8.09 11.62 9.89
N ALA A 106 8.99 11.23 10.79
CA ALA A 106 9.57 9.89 10.79
C ALA A 106 8.49 8.85 10.95
N HIS A 107 7.56 9.14 11.86
CA HIS A 107 6.45 8.25 12.14
C HIS A 107 5.61 8.04 10.88
N ILE A 108 5.37 9.13 10.15
CA ILE A 108 4.58 9.06 8.92
C ILE A 108 5.26 8.16 7.89
N LYS A 109 6.50 8.46 7.56
CA LYS A 109 7.22 7.69 6.54
C LYS A 109 7.42 6.24 6.98
N HIS A 110 7.70 6.05 8.26
CA HIS A 110 7.97 4.71 8.79
C HIS A 110 6.71 3.85 8.77
N ARG A 111 5.55 4.48 8.94
CA ARG A 111 4.29 3.75 8.90
C ARG A 111 3.89 3.46 7.44
N VAL A 112 4.38 4.27 6.52
CA VAL A 112 4.18 3.99 5.10
C VAL A 112 5.08 2.83 4.68
N GLN A 113 6.21 2.69 5.36
CA GLN A 113 7.10 1.55 5.15
C GLN A 113 6.39 0.26 5.50
N GLU A 114 5.47 0.34 6.47
CA GLU A 114 4.66 -0.80 6.88
C GLU A 114 3.92 -1.38 5.69
N LEU A 115 3.18 -0.53 4.98
CA LEU A 115 2.45 -0.96 3.80
C LEU A 115 3.44 -1.34 2.71
N GLY A 116 4.60 -0.71 2.72
CA GLY A 116 5.63 -1.05 1.76
C GLY A 116 6.01 -2.51 1.83
N HIS A 117 5.95 -3.07 3.03
CA HIS A 117 6.26 -4.48 3.22
C HIS A 117 4.98 -5.31 3.20
N GLY A 118 3.94 -4.81 3.85
CA GLY A 118 2.67 -5.51 3.93
C GLY A 118 1.92 -5.56 2.61
N CYS A 119 1.71 -4.39 2.01
CA CYS A 119 1.02 -4.29 0.73
C CYS A 119 1.80 -5.03 -0.35
N SER A 120 3.13 -4.97 -0.25
CA SER A 120 4.00 -5.73 -1.14
C SER A 120 3.66 -7.20 -1.08
N ALA A 121 3.58 -7.72 0.14
CA ALA A 121 3.28 -9.12 0.36
C ALA A 121 1.85 -9.45 -0.06
N LEU A 122 0.94 -8.53 0.25
CA LEU A 122 -0.48 -8.72 -0.06
C LEU A 122 -0.69 -8.87 -1.56
N VAL A 123 -0.19 -7.92 -2.34
CA VAL A 123 -0.38 -7.95 -3.78
C VAL A 123 0.32 -9.16 -4.39
N THR A 124 1.50 -9.47 -3.88
CA THR A 124 2.25 -10.63 -4.34
C THR A 124 1.49 -11.91 -4.07
N LYS A 125 0.86 -11.99 -2.89
CA LYS A 125 0.10 -13.16 -2.49
C LYS A 125 -1.15 -13.30 -3.37
N ALA A 126 -1.78 -12.17 -3.68
CA ALA A 126 -2.94 -12.15 -4.56
C ALA A 126 -2.61 -12.76 -5.92
N GLY A 127 -1.46 -12.37 -6.48
CA GLY A 127 -1.03 -12.94 -7.74
C GLY A 127 -0.86 -14.44 -7.66
N ALA A 128 -0.28 -14.92 -6.56
CA ALA A 128 -0.09 -16.34 -6.36
C ALA A 128 -1.42 -17.03 -6.11
N LEU A 129 -2.36 -16.31 -5.54
CA LEU A 129 -3.69 -16.84 -5.25
C LEU A 129 -4.47 -16.99 -6.55
N GLN A 130 -4.38 -16.00 -7.41
CA GLN A 130 -5.07 -16.03 -8.70
C GLN A 130 -4.55 -17.17 -9.57
N CYS A 131 -3.32 -17.59 -9.32
CA CYS A 131 -2.71 -18.70 -10.04
C CYS A 131 -3.43 -20.02 -9.70
N SER A 132 -3.92 -20.12 -8.48
CA SER A 132 -4.68 -21.28 -8.05
C SER A 132 -5.68 -20.86 -6.96
N PRO A 133 -6.74 -20.12 -7.35
CA PRO A 133 -7.74 -19.58 -6.41
C PRO A 133 -8.34 -20.64 -5.49
N SER A 134 -8.27 -21.89 -5.92
CA SER A 134 -8.82 -23.00 -5.16
C SER A 134 -8.02 -23.28 -3.88
N ASP A 135 -6.78 -22.84 -3.83
CA ASP A 135 -5.89 -23.15 -2.71
C ASP A 135 -6.32 -22.39 -1.46
N VAL A 136 -6.77 -23.13 -0.45
CA VAL A 136 -7.30 -22.53 0.77
C VAL A 136 -6.17 -21.92 1.59
N TYR A 137 -5.03 -22.60 1.63
CA TYR A 137 -3.91 -22.16 2.44
C TYR A 137 -3.40 -20.80 1.97
N THR A 138 -3.16 -20.68 0.68
CA THR A 138 -2.71 -19.43 0.08
C THR A 138 -3.74 -18.33 0.28
N LYS A 139 -5.01 -18.70 0.11
CA LYS A 139 -6.11 -17.75 0.28
C LYS A 139 -6.17 -17.26 1.71
N LYS A 140 -6.02 -18.18 2.66
CA LYS A 140 -6.04 -17.84 4.07
C LYS A 140 -4.87 -16.93 4.43
N GLU A 141 -3.71 -17.20 3.83
CA GLU A 141 -2.53 -16.39 4.07
C GLU A 141 -2.74 -14.97 3.55
N LEU A 142 -3.48 -14.83 2.45
CA LEU A 142 -3.81 -13.51 1.93
C LEU A 142 -4.79 -12.81 2.87
N ILE A 143 -5.72 -13.58 3.41
CA ILE A 143 -6.62 -13.08 4.44
C ILE A 143 -5.81 -12.55 5.62
N GLU A 144 -4.79 -13.30 5.99
CA GLU A 144 -3.86 -12.89 7.04
C GLU A 144 -3.11 -11.62 6.62
N CYS A 145 -2.60 -11.60 5.40
CA CYS A 145 -1.92 -10.43 4.88
C CYS A 145 -2.83 -9.21 4.93
N ALA A 146 -4.10 -9.41 4.57
CA ALA A 146 -5.07 -8.33 4.56
C ALA A 146 -5.26 -7.73 5.95
N ARG A 147 -5.50 -8.58 6.94
CA ARG A 147 -5.71 -8.09 8.31
C ARG A 147 -4.45 -7.40 8.83
N ARG A 148 -3.29 -7.89 8.43
CA ARG A 148 -2.02 -7.29 8.85
C ARG A 148 -1.86 -5.89 8.27
N VAL A 149 -2.16 -5.75 6.98
CA VAL A 149 -2.07 -4.46 6.31
C VAL A 149 -3.09 -3.48 6.89
N SER A 150 -4.30 -3.97 7.15
CA SER A 150 -5.34 -3.17 7.76
C SER A 150 -4.89 -2.61 9.11
N GLU A 151 -4.12 -3.41 9.85
CA GLU A 151 -3.56 -2.97 11.13
C GLU A 151 -2.57 -1.81 10.90
N LYS A 152 -1.85 -1.88 9.80
CA LYS A 152 -0.86 -0.87 9.47
C LYS A 152 -1.54 0.44 9.09
N VAL A 153 -2.63 0.36 8.35
CA VAL A 153 -3.38 1.55 7.94
C VAL A 153 -3.78 2.37 9.16
N SER A 154 -4.22 1.66 10.21
CA SER A 154 -4.60 2.30 11.46
C SER A 154 -3.44 3.12 12.02
N HIS A 155 -2.23 2.57 11.91
CA HIS A 155 -1.03 3.22 12.44
C HIS A 155 -0.59 4.37 11.53
N VAL A 156 -0.87 4.24 10.24
CA VAL A 156 -0.59 5.31 9.29
C VAL A 156 -1.50 6.49 9.57
N LEU A 157 -2.80 6.21 9.68
CA LEU A 157 -3.79 7.23 10.01
C LEU A 157 -3.46 7.89 11.34
N ALA A 158 -3.04 7.06 12.31
CA ALA A 158 -2.67 7.54 13.63
C ALA A 158 -1.48 8.48 13.57
N ALA A 159 -0.56 8.21 12.64
CA ALA A 159 0.62 9.05 12.46
C ALA A 159 0.23 10.49 12.17
N LEU A 160 -0.79 10.65 11.32
CA LEU A 160 -1.29 11.99 10.99
C LEU A 160 -2.05 12.58 12.16
N GLN A 161 -2.82 11.73 12.84
CA GLN A 161 -3.63 12.18 13.97
C GLN A 161 -2.73 12.66 15.11
N ALA A 162 -1.58 12.03 15.23
CA ALA A 162 -0.63 12.37 16.29
C ALA A 162 0.18 13.61 15.94
N GLY A 163 0.28 13.91 14.65
CA GLY A 163 1.03 15.05 14.21
C GLY A 163 0.30 16.36 14.40
N ASN A 164 -1.02 16.31 14.27
CA ASN A 164 -1.85 17.50 14.41
C ASN A 164 -2.18 17.74 15.88
N ARG A 165 -1.84 18.94 16.35
CA ARG A 165 -2.09 19.31 17.73
C ARG A 165 -3.54 19.75 17.91
N GLY A 1 0.37 -24.04 -8.22
CA GLY A 1 1.75 -24.24 -7.72
C GLY A 1 2.31 -22.98 -7.10
N ILE A 2 2.91 -23.12 -5.92
CA ILE A 2 3.51 -21.98 -5.24
C ILE A 2 5.03 -22.04 -5.31
N ASP A 3 5.55 -23.10 -5.92
CA ASP A 3 6.97 -23.26 -6.12
C ASP A 3 7.48 -22.22 -7.11
N PRO A 4 8.58 -21.52 -6.76
CA PRO A 4 9.12 -20.45 -7.60
C PRO A 4 9.67 -20.97 -8.93
N PHE A 5 10.03 -22.26 -8.95
CA PHE A 5 10.65 -22.92 -10.11
C PHE A 5 12.06 -22.39 -10.34
N THR A 6 12.15 -21.09 -10.55
CA THR A 6 13.43 -20.40 -10.65
C THR A 6 13.33 -19.09 -9.85
N ASN A 7 13.92 -19.10 -8.67
CA ASN A 7 13.75 -17.99 -7.74
C ASN A 7 14.72 -16.85 -8.03
N GLU A 8 14.20 -15.79 -8.60
CA GLU A 8 14.98 -14.60 -8.84
C GLU A 8 14.42 -13.44 -8.01
N ALA A 9 13.19 -13.63 -7.53
CA ALA A 9 12.51 -12.64 -6.69
C ALA A 9 12.30 -11.32 -7.43
N ALA A 10 12.35 -11.38 -8.75
CA ALA A 10 12.17 -10.18 -9.57
C ALA A 10 10.71 -10.02 -9.96
N SER A 11 9.95 -11.10 -9.84
CA SER A 11 8.52 -11.08 -10.13
C SER A 11 7.78 -12.09 -9.27
N ALA A 12 8.30 -13.31 -9.20
CA ALA A 12 7.69 -14.42 -8.45
C ALA A 12 6.43 -14.93 -9.15
N ALA A 13 5.56 -14.00 -9.53
CA ALA A 13 4.37 -14.31 -10.29
C ALA A 13 4.19 -13.27 -11.40
N GLY A 14 3.80 -13.73 -12.59
CA GLY A 14 3.66 -12.84 -13.71
C GLY A 14 2.34 -12.10 -13.71
N VAL A 15 1.98 -11.57 -12.55
CA VAL A 15 0.71 -10.87 -12.38
C VAL A 15 0.92 -9.51 -11.72
N VAL A 16 1.91 -9.41 -10.84
CA VAL A 16 2.09 -8.21 -10.04
C VAL A 16 3.57 -7.79 -10.00
N GLY A 17 4.38 -8.40 -10.84
CA GLY A 17 5.82 -8.17 -10.81
C GLY A 17 6.20 -6.71 -10.98
N GLY A 18 5.59 -6.06 -11.96
CA GLY A 18 5.88 -4.66 -12.21
C GLY A 18 5.23 -3.75 -11.20
N MET A 19 4.11 -4.22 -10.65
CA MET A 19 3.33 -3.45 -9.69
C MET A 19 4.01 -3.44 -8.32
N VAL A 20 4.47 -4.60 -7.88
CA VAL A 20 5.13 -4.71 -6.58
C VAL A 20 6.46 -3.96 -6.60
N ASP A 21 7.02 -3.79 -7.80
CA ASP A 21 8.24 -3.00 -7.96
C ASP A 21 7.98 -1.54 -7.60
N SER A 22 6.81 -1.06 -8.02
CA SER A 22 6.41 0.31 -7.72
C SER A 22 6.25 0.50 -6.21
N ILE A 23 5.71 -0.54 -5.54
CA ILE A 23 5.57 -0.53 -4.09
C ILE A 23 6.95 -0.55 -3.44
N THR A 24 7.84 -1.39 -3.96
CA THR A 24 9.20 -1.48 -3.46
C THR A 24 9.93 -0.14 -3.59
N GLN A 25 9.71 0.53 -4.71
CA GLN A 25 10.26 1.86 -4.92
C GLN A 25 9.74 2.83 -3.86
N ALA A 26 8.46 2.69 -3.53
CA ALA A 26 7.82 3.55 -2.54
C ALA A 26 8.41 3.35 -1.15
N ILE A 27 8.89 2.14 -0.87
CA ILE A 27 9.56 1.85 0.39
C ILE A 27 10.87 2.63 0.46
N ASN A 28 11.65 2.52 -0.62
CA ASN A 28 12.98 3.12 -0.67
C ASN A 28 12.92 4.64 -0.75
N GLN A 29 11.97 5.15 -1.52
CA GLN A 29 11.84 6.59 -1.75
C GLN A 29 11.57 7.34 -0.46
N LEU A 30 10.98 6.66 0.52
CA LEU A 30 10.71 7.27 1.82
C LEU A 30 12.00 7.63 2.53
N ASP A 31 13.01 6.78 2.36
CA ASP A 31 14.31 6.98 3.01
C ASP A 31 15.21 7.87 2.15
N GLU A 32 15.10 7.70 0.83
CA GLU A 32 15.93 8.46 -0.11
C GLU A 32 15.19 9.69 -0.63
N GLY A 33 14.15 10.10 0.10
CA GLY A 33 13.34 11.22 -0.33
C GLY A 33 13.98 12.56 -0.03
N PRO A 34 13.33 13.66 -0.47
CA PRO A 34 13.84 15.02 -0.28
C PRO A 34 14.07 15.40 1.17
N MET A 35 15.11 16.17 1.42
CA MET A 35 15.44 16.64 2.76
C MET A 35 14.62 17.87 3.10
N GLY A 36 14.13 18.54 2.07
CA GLY A 36 13.34 19.73 2.26
C GLY A 36 12.51 20.07 1.06
N ASP A 37 11.86 21.23 1.11
CA ASP A 37 10.97 21.72 0.06
C ASP A 37 9.79 20.78 -0.19
N PRO A 38 8.79 20.83 0.70
CA PRO A 38 7.49 20.22 0.45
C PRO A 38 6.65 21.10 -0.47
N GLU A 39 5.52 20.59 -0.92
CA GLU A 39 4.63 21.36 -1.79
C GLU A 39 3.41 21.84 -1.01
N GLY A 40 3.62 22.10 0.27
CA GLY A 40 2.54 22.57 1.12
C GLY A 40 2.89 22.43 2.59
N SER A 41 1.92 22.70 3.45
CA SER A 41 2.12 22.58 4.88
C SER A 41 1.73 21.18 5.34
N PHE A 42 1.96 20.89 6.61
CA PHE A 42 1.60 19.60 7.19
C PHE A 42 0.10 19.37 7.08
N VAL A 43 -0.67 20.44 7.28
CA VAL A 43 -2.13 20.37 7.19
C VAL A 43 -2.57 19.94 5.79
N ASP A 44 -1.85 20.41 4.77
CA ASP A 44 -2.17 20.07 3.39
C ASP A 44 -1.99 18.58 3.15
N TYR A 45 -0.83 18.07 3.55
CA TYR A 45 -0.52 16.68 3.36
C TYR A 45 -1.34 15.79 4.28
N GLN A 46 -1.61 16.26 5.49
CA GLN A 46 -2.38 15.49 6.45
C GLN A 46 -3.74 15.10 5.88
N THR A 47 -4.50 16.10 5.45
CA THR A 47 -5.86 15.86 4.97
C THR A 47 -5.85 14.96 3.73
N THR A 48 -4.84 15.09 2.90
CA THR A 48 -4.72 14.27 1.71
C THR A 48 -4.30 12.83 2.07
N MET A 49 -3.31 12.72 2.95
CA MET A 49 -2.77 11.43 3.36
C MET A 49 -3.84 10.57 4.04
N VAL A 50 -4.64 11.16 4.91
CA VAL A 50 -5.67 10.40 5.60
C VAL A 50 -6.70 9.87 4.59
N ARG A 51 -6.90 10.60 3.49
CA ARG A 51 -7.83 10.17 2.45
C ARG A 51 -7.26 8.98 1.70
N THR A 52 -6.01 9.10 1.28
CA THR A 52 -5.35 8.06 0.51
C THR A 52 -5.20 6.77 1.33
N ALA A 53 -5.00 6.92 2.63
CA ALA A 53 -4.87 5.77 3.53
C ALA A 53 -6.18 5.00 3.59
N LYS A 54 -7.30 5.70 3.67
CA LYS A 54 -8.60 5.05 3.68
C LYS A 54 -8.84 4.34 2.36
N ALA A 55 -8.34 4.95 1.28
CA ALA A 55 -8.48 4.40 -0.06
C ALA A 55 -7.81 3.03 -0.16
N ILE A 56 -6.65 2.87 0.45
CA ILE A 56 -5.97 1.58 0.43
C ILE A 56 -6.61 0.63 1.45
N ALA A 57 -7.19 1.20 2.50
CA ALA A 57 -7.83 0.40 3.54
C ALA A 57 -9.11 -0.26 3.04
N VAL A 58 -9.91 0.48 2.29
CA VAL A 58 -11.13 -0.08 1.72
C VAL A 58 -10.78 -1.13 0.67
N THR A 59 -9.61 -0.99 0.08
CA THR A 59 -9.10 -1.95 -0.88
C THR A 59 -8.64 -3.23 -0.18
N VAL A 60 -7.85 -3.08 0.88
CA VAL A 60 -7.34 -4.23 1.61
C VAL A 60 -8.47 -4.95 2.36
N GLN A 61 -9.46 -4.20 2.81
CA GLN A 61 -10.64 -4.79 3.45
C GLN A 61 -11.46 -5.55 2.42
N GLU A 62 -11.34 -5.12 1.16
CA GLU A 62 -12.02 -5.79 0.08
C GLU A 62 -11.28 -7.07 -0.29
N MET A 63 -9.95 -7.02 -0.16
CA MET A 63 -9.10 -8.18 -0.41
C MET A 63 -9.54 -9.40 0.40
N VAL A 64 -9.65 -9.23 1.71
CA VAL A 64 -10.04 -10.32 2.60
C VAL A 64 -11.43 -10.84 2.23
N THR A 65 -12.28 -9.92 1.82
CA THR A 65 -13.66 -10.24 1.51
C THR A 65 -13.77 -10.93 0.15
N LYS A 66 -13.09 -10.38 -0.85
CA LYS A 66 -13.15 -10.90 -2.21
C LYS A 66 -12.30 -12.15 -2.36
N SER A 67 -11.28 -12.32 -1.54
CA SER A 67 -10.44 -13.51 -1.65
C SER A 67 -11.27 -14.76 -1.34
N ASN A 68 -12.27 -14.58 -0.48
CA ASN A 68 -13.13 -15.68 -0.09
C ASN A 68 -14.20 -15.96 -1.13
N THR A 69 -14.57 -14.94 -1.89
CA THR A 69 -15.68 -15.04 -2.82
C THR A 69 -15.23 -15.03 -4.29
N SER A 70 -14.33 -14.13 -4.62
CA SER A 70 -13.98 -13.87 -6.01
C SER A 70 -12.47 -13.62 -6.16
N PRO A 71 -11.71 -14.69 -6.43
CA PRO A 71 -10.25 -14.61 -6.48
C PRO A 71 -9.72 -13.78 -7.65
N GLU A 72 -10.49 -13.71 -8.73
CA GLU A 72 -10.05 -12.98 -9.92
C GLU A 72 -10.31 -11.49 -9.78
N GLU A 73 -11.06 -11.11 -8.75
CA GLU A 73 -11.29 -9.69 -8.46
C GLU A 73 -10.11 -9.12 -7.68
N LEU A 74 -9.22 -9.99 -7.22
CA LEU A 74 -8.10 -9.58 -6.40
C LEU A 74 -7.04 -8.85 -7.22
N GLY A 75 -6.92 -9.20 -8.49
CA GLY A 75 -5.92 -8.58 -9.35
C GLY A 75 -6.12 -7.08 -9.51
N PRO A 76 -7.31 -6.62 -9.93
CA PRO A 76 -7.63 -5.19 -9.99
C PRO A 76 -7.47 -4.50 -8.64
N LEU A 77 -7.79 -5.22 -7.56
CA LEU A 77 -7.66 -4.66 -6.22
C LEU A 77 -6.19 -4.54 -5.84
N ALA A 78 -5.42 -5.56 -6.16
CA ALA A 78 -3.98 -5.53 -5.95
C ALA A 78 -3.38 -4.33 -6.68
N ASN A 79 -3.94 -4.03 -7.85
CA ASN A 79 -3.44 -2.92 -8.64
C ASN A 79 -3.82 -1.59 -8.00
N GLN A 80 -5.06 -1.49 -7.56
CA GLN A 80 -5.53 -0.28 -6.88
C GLN A 80 -4.78 -0.06 -5.59
N LEU A 81 -4.65 -1.13 -4.79
CA LEU A 81 -3.90 -1.08 -3.55
C LEU A 81 -2.48 -0.60 -3.82
N THR A 82 -1.89 -1.11 -4.90
CA THR A 82 -0.56 -0.72 -5.32
C THR A 82 -0.51 0.77 -5.68
N SER A 83 -1.45 1.21 -6.50
CA SER A 83 -1.44 2.58 -7.01
C SER A 83 -1.69 3.59 -5.90
N ASP A 84 -2.71 3.34 -5.11
CA ASP A 84 -3.07 4.21 -4.00
C ASP A 84 -1.95 4.27 -2.96
N TYR A 85 -1.30 3.13 -2.71
CA TYR A 85 -0.16 3.10 -1.81
C TYR A 85 0.97 3.97 -2.34
N GLY A 86 1.25 3.84 -3.64
CA GLY A 86 2.27 4.65 -4.26
C GLY A 86 2.01 6.13 -4.09
N ARG A 87 0.74 6.51 -4.24
CA ARG A 87 0.32 7.90 -4.05
C ARG A 87 0.56 8.32 -2.60
N LEU A 88 0.10 7.50 -1.66
CA LEU A 88 0.26 7.76 -0.24
C LEU A 88 1.74 7.93 0.11
N ALA A 89 2.56 6.97 -0.29
CA ALA A 89 3.98 6.98 0.04
C ALA A 89 4.69 8.18 -0.56
N SER A 90 4.21 8.65 -1.70
CA SER A 90 4.82 9.80 -2.37
C SER A 90 4.50 11.08 -1.63
N GLN A 91 3.32 11.13 -1.01
CA GLN A 91 2.90 12.27 -0.21
C GLN A 91 3.55 12.22 1.18
N ALA A 92 3.82 11.00 1.65
CA ALA A 92 4.32 10.77 3.00
C ALA A 92 5.66 11.45 3.26
N LYS A 93 6.57 11.38 2.29
CA LYS A 93 7.91 11.94 2.48
C LYS A 93 7.86 13.46 2.64
N PRO A 94 7.26 14.21 1.69
CA PRO A 94 7.11 15.67 1.82
C PRO A 94 6.28 16.06 3.05
N ALA A 95 5.34 15.19 3.44
CA ALA A 95 4.56 15.40 4.64
C ALA A 95 5.45 15.39 5.87
N ALA A 96 6.42 14.48 5.87
CA ALA A 96 7.38 14.36 6.94
C ALA A 96 8.23 15.62 7.06
N VAL A 97 8.56 16.20 5.92
CA VAL A 97 9.36 17.42 5.88
C VAL A 97 8.50 18.62 6.27
N ALA A 98 7.20 18.51 6.03
CA ALA A 98 6.26 19.58 6.32
C ALA A 98 5.83 19.54 7.79
N ALA A 99 6.13 18.44 8.46
CA ALA A 99 5.79 18.28 9.87
C ALA A 99 6.61 19.22 10.74
N GLU A 100 6.01 19.69 11.83
CA GLU A 100 6.68 20.59 12.75
C GLU A 100 7.81 19.87 13.47
N ASN A 101 7.55 18.63 13.85
CA ASN A 101 8.53 17.82 14.57
C ASN A 101 9.10 16.76 13.63
N GLU A 102 10.41 16.56 13.70
CA GLU A 102 11.08 15.58 12.86
C GLU A 102 10.59 14.16 13.22
N GLU A 103 10.38 13.93 14.51
CA GLU A 103 9.88 12.64 14.97
C GLU A 103 8.51 12.35 14.37
N ILE A 104 7.71 13.38 14.21
CA ILE A 104 6.40 13.26 13.61
C ILE A 104 6.53 12.86 12.15
N GLY A 105 7.45 13.51 11.45
CA GLY A 105 7.71 13.16 10.07
C GLY A 105 8.25 11.75 9.92
N ALA A 106 9.23 11.42 10.77
CA ALA A 106 9.80 10.07 10.80
C ALA A 106 8.70 9.05 11.04
N HIS A 107 7.79 9.40 11.94
CA HIS A 107 6.68 8.53 12.31
C HIS A 107 5.82 8.22 11.08
N ILE A 108 5.50 9.24 10.30
CA ILE A 108 4.68 9.07 9.10
C ILE A 108 5.35 8.11 8.12
N LYS A 109 6.59 8.40 7.76
CA LYS A 109 7.33 7.60 6.80
C LYS A 109 7.47 6.16 7.28
N HIS A 110 7.86 6.01 8.52
CA HIS A 110 8.12 4.70 9.11
C HIS A 110 6.85 3.85 9.18
N ARG A 111 5.71 4.50 9.43
CA ARG A 111 4.44 3.78 9.50
C ARG A 111 3.99 3.35 8.11
N VAL A 112 4.33 4.15 7.10
CA VAL A 112 4.00 3.81 5.72
C VAL A 112 4.79 2.57 5.28
N GLN A 113 6.00 2.43 5.82
CA GLN A 113 6.86 1.30 5.49
C GLN A 113 6.24 -0.01 5.97
N GLU A 114 5.34 0.09 6.95
CA GLU A 114 4.55 -1.07 7.36
C GLU A 114 3.78 -1.61 6.16
N LEU A 115 3.21 -0.70 5.39
CA LEU A 115 2.56 -1.06 4.14
C LEU A 115 3.61 -1.41 3.09
N GLY A 116 4.80 -0.84 3.23
CA GLY A 116 5.90 -1.23 2.38
C GLY A 116 6.16 -2.73 2.44
N HIS A 117 5.92 -3.31 3.60
CA HIS A 117 6.05 -4.75 3.76
C HIS A 117 4.70 -5.44 3.56
N GLY A 118 3.65 -4.80 4.07
CA GLY A 118 2.32 -5.39 4.00
C GLY A 118 1.72 -5.38 2.60
N CYS A 119 1.69 -4.23 1.97
CA CYS A 119 1.06 -4.07 0.67
C CYS A 119 1.78 -4.93 -0.37
N SER A 120 3.11 -4.89 -0.34
CA SER A 120 3.94 -5.72 -1.22
C SER A 120 3.54 -7.18 -1.11
N ALA A 121 3.49 -7.67 0.13
CA ALA A 121 3.17 -9.06 0.39
C ALA A 121 1.76 -9.39 -0.08
N LEU A 122 0.83 -8.48 0.17
CA LEU A 122 -0.56 -8.69 -0.21
C LEU A 122 -0.71 -8.80 -1.73
N VAL A 123 -0.17 -7.83 -2.45
CA VAL A 123 -0.31 -7.82 -3.90
C VAL A 123 0.47 -8.98 -4.52
N THR A 124 1.57 -9.36 -3.89
CA THR A 124 2.33 -10.53 -4.31
C THR A 124 1.50 -11.79 -4.12
N LYS A 125 0.85 -11.88 -2.96
CA LYS A 125 0.04 -13.02 -2.62
C LYS A 125 -1.11 -13.18 -3.60
N ALA A 126 -1.77 -12.07 -3.90
CA ALA A 126 -2.87 -12.05 -4.86
C ALA A 126 -2.39 -12.49 -6.24
N GLY A 127 -1.18 -12.07 -6.61
CA GLY A 127 -0.61 -12.49 -7.88
C GLY A 127 -0.47 -13.99 -7.98
N ALA A 128 0.03 -14.61 -6.93
CA ALA A 128 0.18 -16.06 -6.88
C ALA A 128 -1.15 -16.75 -6.66
N LEU A 129 -2.06 -16.06 -5.99
CA LEU A 129 -3.37 -16.61 -5.67
C LEU A 129 -4.21 -16.68 -6.93
N GLN A 130 -4.05 -15.71 -7.82
CA GLN A 130 -4.74 -15.74 -9.08
C GLN A 130 -4.13 -16.78 -10.02
N CYS A 131 -2.84 -17.07 -9.82
CA CYS A 131 -2.16 -18.09 -10.60
C CYS A 131 -2.71 -19.47 -10.24
N SER A 132 -3.13 -19.63 -9.00
CA SER A 132 -3.75 -20.86 -8.54
C SER A 132 -4.80 -20.55 -7.48
N PRO A 133 -5.98 -20.07 -7.92
CA PRO A 133 -7.07 -19.66 -7.01
C PRO A 133 -7.66 -20.82 -6.23
N SER A 134 -7.17 -22.01 -6.52
CA SER A 134 -7.65 -23.21 -5.88
C SER A 134 -6.78 -23.57 -4.68
N ASP A 135 -5.70 -22.82 -4.48
CA ASP A 135 -4.79 -23.06 -3.36
C ASP A 135 -5.34 -22.42 -2.09
N VAL A 136 -5.92 -23.24 -1.23
CA VAL A 136 -6.56 -22.74 -0.02
C VAL A 136 -5.57 -22.17 0.98
N TYR A 137 -4.38 -22.75 1.04
CA TYR A 137 -3.35 -22.30 1.96
C TYR A 137 -2.89 -20.88 1.62
N THR A 138 -2.56 -20.66 0.35
CA THR A 138 -2.10 -19.37 -0.10
C THR A 138 -3.21 -18.31 0.03
N LYS A 139 -4.44 -18.74 -0.22
CA LYS A 139 -5.59 -17.86 -0.07
C LYS A 139 -5.73 -17.44 1.39
N LYS A 140 -5.55 -18.39 2.29
CA LYS A 140 -5.62 -18.12 3.73
C LYS A 140 -4.54 -17.13 4.15
N GLU A 141 -3.34 -17.29 3.58
CA GLU A 141 -2.24 -16.38 3.90
C GLU A 141 -2.52 -14.98 3.40
N LEU A 142 -3.26 -14.86 2.29
CA LEU A 142 -3.66 -13.55 1.78
C LEU A 142 -4.64 -12.91 2.75
N ILE A 143 -5.53 -13.72 3.31
CA ILE A 143 -6.44 -13.25 4.34
C ILE A 143 -5.65 -12.67 5.52
N GLU A 144 -4.59 -13.38 5.90
CA GLU A 144 -3.68 -12.90 6.93
C GLU A 144 -3.02 -11.60 6.49
N CYS A 145 -2.51 -11.57 5.27
CA CYS A 145 -1.88 -10.37 4.73
C CYS A 145 -2.83 -9.17 4.79
N ALA A 146 -4.07 -9.41 4.40
CA ALA A 146 -5.07 -8.35 4.38
C ALA A 146 -5.31 -7.74 5.75
N ARG A 147 -5.55 -8.58 6.75
CA ARG A 147 -5.82 -8.10 8.10
C ARG A 147 -4.61 -7.35 8.66
N ARG A 148 -3.41 -7.79 8.30
CA ARG A 148 -2.18 -7.14 8.75
C ARG A 148 -2.08 -5.75 8.16
N VAL A 149 -2.33 -5.63 6.86
CA VAL A 149 -2.30 -4.33 6.19
C VAL A 149 -3.36 -3.41 6.76
N SER A 150 -4.57 -3.96 6.96
CA SER A 150 -5.68 -3.21 7.52
C SER A 150 -5.32 -2.58 8.87
N GLU A 151 -4.54 -3.30 9.66
CA GLU A 151 -4.13 -2.80 10.97
C GLU A 151 -3.07 -1.72 10.84
N LYS A 152 -2.20 -1.85 9.83
CA LYS A 152 -1.14 -0.87 9.62
C LYS A 152 -1.73 0.47 9.20
N VAL A 153 -2.82 0.44 8.44
CA VAL A 153 -3.47 1.66 7.96
C VAL A 153 -3.81 2.58 9.13
N SER A 154 -4.43 2.03 10.17
CA SER A 154 -4.82 2.81 11.33
C SER A 154 -3.61 3.46 11.99
N HIS A 155 -2.49 2.76 11.98
CA HIS A 155 -1.25 3.27 12.56
C HIS A 155 -0.65 4.37 11.68
N VAL A 156 -0.82 4.25 10.38
CA VAL A 156 -0.39 5.28 9.45
C VAL A 156 -1.24 6.53 9.62
N LEU A 157 -2.56 6.32 9.71
CA LEU A 157 -3.51 7.41 9.93
C LEU A 157 -3.19 8.17 11.20
N ALA A 158 -2.93 7.44 12.28
CA ALA A 158 -2.66 8.05 13.59
C ALA A 158 -1.43 8.95 13.54
N ALA A 159 -0.49 8.64 12.65
CA ALA A 159 0.74 9.41 12.52
C ALA A 159 0.44 10.86 12.10
N LEU A 160 -0.69 11.05 11.43
CA LEU A 160 -1.09 12.38 10.97
C LEU A 160 -1.59 13.23 12.13
N GLN A 161 -2.51 12.68 12.93
CA GLN A 161 -3.08 13.43 14.04
C GLN A 161 -2.06 13.61 15.16
N ALA A 162 -0.99 12.82 15.09
CA ALA A 162 0.10 12.96 16.04
C ALA A 162 0.88 14.24 15.75
N GLY A 163 0.76 14.74 14.54
CA GLY A 163 1.45 15.95 14.15
C GLY A 163 0.70 17.18 14.61
N ASN A 164 1.03 17.67 15.79
CA ASN A 164 0.40 18.85 16.34
C ASN A 164 1.42 19.96 16.51
N ARG A 165 0.97 21.20 16.35
CA ARG A 165 1.83 22.36 16.50
C ARG A 165 1.60 22.99 17.86
N GLY A 1 -11.03 -18.10 -15.92
CA GLY A 1 -10.62 -19.00 -17.01
C GLY A 1 -11.10 -18.51 -18.37
N ILE A 2 -10.55 -19.10 -19.43
CA ILE A 2 -10.91 -18.73 -20.79
C ILE A 2 -10.29 -19.71 -21.78
N ASP A 3 -11.05 -20.08 -22.80
CA ASP A 3 -10.57 -21.02 -23.80
C ASP A 3 -9.72 -20.28 -24.83
N PRO A 4 -8.42 -20.61 -24.90
CA PRO A 4 -7.48 -19.96 -25.80
C PRO A 4 -7.41 -20.64 -27.18
N PHE A 5 -8.34 -21.55 -27.43
CA PHE A 5 -8.50 -22.23 -28.71
C PHE A 5 -7.22 -22.94 -29.18
N THR A 6 -6.48 -22.32 -30.10
CA THR A 6 -5.38 -23.00 -30.77
C THR A 6 -4.09 -22.97 -29.94
N ASN A 7 -3.89 -21.91 -29.17
CA ASN A 7 -2.70 -21.81 -28.34
C ASN A 7 -3.08 -21.73 -26.88
N GLU A 8 -2.75 -22.79 -26.14
CA GLU A 8 -3.20 -22.89 -24.75
C GLU A 8 -2.38 -21.99 -23.84
N ALA A 9 -2.82 -20.74 -23.74
CA ALA A 9 -2.21 -19.76 -22.87
C ALA A 9 -3.26 -18.77 -22.38
N ALA A 10 -3.82 -19.06 -21.22
CA ALA A 10 -4.83 -18.20 -20.63
C ALA A 10 -4.19 -17.26 -19.62
N SER A 11 -3.22 -17.78 -18.89
CA SER A 11 -2.48 -17.01 -17.92
C SER A 11 -1.07 -16.76 -18.43
N ALA A 12 -0.83 -15.59 -18.99
CA ALA A 12 0.47 -15.25 -19.56
C ALA A 12 1.45 -14.85 -18.48
N ALA A 13 1.01 -13.99 -17.58
CA ALA A 13 1.87 -13.47 -16.54
C ALA A 13 1.63 -14.18 -15.22
N GLY A 14 2.39 -13.82 -14.20
CA GLY A 14 2.22 -14.41 -12.88
C GLY A 14 1.17 -13.67 -12.09
N VAL A 15 0.55 -12.68 -12.73
CA VAL A 15 -0.50 -11.86 -12.13
C VAL A 15 0.09 -10.91 -11.08
N VAL A 16 0.06 -9.62 -11.40
CA VAL A 16 0.66 -8.59 -10.56
C VAL A 16 2.18 -8.71 -10.55
N GLY A 17 2.79 -8.04 -11.49
CA GLY A 17 4.23 -7.95 -11.58
C GLY A 17 4.66 -6.61 -12.08
N GLY A 18 5.87 -6.21 -11.76
CA GLY A 18 6.37 -4.92 -12.18
C GLY A 18 5.99 -3.83 -11.22
N MET A 19 4.68 -3.59 -11.08
CA MET A 19 4.19 -2.54 -10.20
C MET A 19 4.46 -2.87 -8.74
N VAL A 20 4.77 -4.14 -8.47
CA VAL A 20 5.11 -4.56 -7.12
C VAL A 20 6.46 -3.98 -6.70
N ASP A 21 7.30 -3.70 -7.70
CA ASP A 21 8.62 -3.11 -7.46
C ASP A 21 8.45 -1.66 -7.01
N SER A 22 7.40 -1.02 -7.50
CA SER A 22 7.07 0.34 -7.11
C SER A 22 6.83 0.43 -5.60
N ILE A 23 6.28 -0.65 -5.04
CA ILE A 23 6.03 -0.71 -3.60
C ILE A 23 7.36 -0.80 -2.85
N THR A 24 8.26 -1.65 -3.34
CA THR A 24 9.58 -1.80 -2.75
C THR A 24 10.37 -0.49 -2.86
N GLN A 25 10.24 0.18 -3.99
CA GLN A 25 10.89 1.46 -4.22
C GLN A 25 10.34 2.50 -3.25
N ALA A 26 9.02 2.47 -3.06
CA ALA A 26 8.35 3.39 -2.16
C ALA A 26 8.86 3.25 -0.73
N ILE A 27 9.26 2.04 -0.35
CA ILE A 27 9.86 1.82 0.95
C ILE A 27 11.19 2.53 1.05
N ASN A 28 12.07 2.25 0.10
CA ASN A 28 13.42 2.80 0.12
C ASN A 28 13.42 4.32 0.03
N GLN A 29 12.63 4.86 -0.88
CA GLN A 29 12.65 6.30 -1.15
C GLN A 29 12.36 7.13 0.09
N LEU A 30 11.56 6.59 1.00
CA LEU A 30 11.17 7.31 2.19
C LEU A 30 12.27 7.28 3.25
N ASP A 31 12.87 6.12 3.45
CA ASP A 31 13.83 5.96 4.52
C ASP A 31 15.25 6.35 4.07
N GLU A 32 15.53 6.17 2.79
CA GLU A 32 16.83 6.57 2.26
C GLU A 32 16.98 8.08 2.33
N GLY A 33 16.07 8.78 1.68
CA GLY A 33 16.09 10.22 1.67
C GLY A 33 15.01 10.80 0.79
N PRO A 34 14.12 11.61 1.35
CA PRO A 34 13.08 12.28 0.57
C PRO A 34 13.60 13.56 -0.06
N MET A 35 12.81 14.12 -0.96
CA MET A 35 13.15 15.41 -1.57
C MET A 35 12.44 16.53 -0.80
N GLY A 36 11.23 16.23 -0.35
CA GLY A 36 10.47 17.20 0.41
C GLY A 36 9.54 17.98 -0.48
N ASP A 37 9.86 19.26 -0.66
CA ASP A 37 9.08 20.15 -1.50
C ASP A 37 7.63 20.27 -1.00
N PRO A 38 7.43 20.87 0.19
CA PRO A 38 6.10 21.14 0.71
C PRO A 38 5.53 22.44 0.17
N GLU A 39 4.39 22.32 -0.53
CA GLU A 39 3.74 23.47 -1.11
C GLU A 39 2.67 24.02 -0.17
N GLY A 40 2.74 23.57 1.08
CA GLY A 40 1.78 23.98 2.07
C GLY A 40 2.22 23.61 3.45
N SER A 41 1.28 23.38 4.34
CA SER A 41 1.58 23.01 5.71
C SER A 41 1.34 21.53 5.93
N PHE A 42 1.65 21.06 7.14
CA PHE A 42 1.43 19.68 7.52
C PHE A 42 -0.03 19.28 7.33
N VAL A 43 -0.93 20.19 7.69
CA VAL A 43 -2.36 19.93 7.62
C VAL A 43 -2.81 19.61 6.19
N ASP A 44 -2.16 20.26 5.21
CA ASP A 44 -2.49 20.06 3.80
C ASP A 44 -2.26 18.61 3.39
N TYR A 45 -1.07 18.11 3.70
CA TYR A 45 -0.71 16.75 3.35
C TYR A 45 -1.39 15.76 4.27
N GLN A 46 -1.61 16.17 5.52
CA GLN A 46 -2.29 15.33 6.50
C GLN A 46 -3.67 14.92 5.99
N THR A 47 -4.49 15.91 5.67
CA THR A 47 -5.86 15.65 5.25
C THR A 47 -5.87 14.85 3.94
N THR A 48 -4.86 15.06 3.11
CA THR A 48 -4.75 14.36 1.86
C THR A 48 -4.36 12.89 2.07
N MET A 49 -3.40 12.66 2.96
CA MET A 49 -2.88 11.31 3.18
C MET A 49 -3.90 10.43 3.90
N VAL A 50 -4.61 11.00 4.87
CA VAL A 50 -5.59 10.23 5.63
C VAL A 50 -6.69 9.71 4.70
N ARG A 51 -7.00 10.47 3.66
CA ARG A 51 -8.00 10.05 2.68
C ARG A 51 -7.50 8.88 1.86
N THR A 52 -6.25 8.96 1.42
CA THR A 52 -5.65 7.90 0.62
C THR A 52 -5.48 6.62 1.45
N ALA A 53 -5.21 6.79 2.74
CA ALA A 53 -5.11 5.65 3.64
C ALA A 53 -6.44 4.90 3.70
N LYS A 54 -7.54 5.65 3.77
CA LYS A 54 -8.87 5.05 3.76
C LYS A 54 -9.11 4.30 2.45
N ALA A 55 -8.50 4.79 1.38
CA ALA A 55 -8.66 4.20 0.05
C ALA A 55 -7.94 2.86 -0.04
N ILE A 56 -6.77 2.77 0.56
CA ILE A 56 -6.04 1.50 0.55
C ILE A 56 -6.66 0.53 1.54
N ALA A 57 -7.26 1.07 2.61
CA ALA A 57 -7.90 0.25 3.63
C ALA A 57 -9.16 -0.41 3.12
N VAL A 58 -10.00 0.35 2.42
CA VAL A 58 -11.21 -0.21 1.83
C VAL A 58 -10.85 -1.26 0.77
N THR A 59 -9.67 -1.10 0.18
CA THR A 59 -9.17 -2.06 -0.78
C THR A 59 -8.69 -3.34 -0.09
N VAL A 60 -7.87 -3.20 0.94
CA VAL A 60 -7.36 -4.37 1.66
C VAL A 60 -8.49 -5.10 2.39
N GLN A 61 -9.49 -4.35 2.85
CA GLN A 61 -10.65 -4.95 3.49
C GLN A 61 -11.49 -5.71 2.45
N GLU A 62 -11.41 -5.26 1.20
CA GLU A 62 -12.12 -5.93 0.13
C GLU A 62 -11.35 -7.18 -0.29
N MET A 63 -10.01 -7.09 -0.26
CA MET A 63 -9.15 -8.20 -0.66
C MET A 63 -9.38 -9.43 0.20
N VAL A 64 -9.69 -9.23 1.48
CA VAL A 64 -9.94 -10.33 2.39
C VAL A 64 -11.26 -11.02 2.04
N THR A 65 -12.21 -10.22 1.59
CA THR A 65 -13.52 -10.71 1.23
C THR A 65 -13.51 -11.31 -0.17
N LYS A 66 -12.83 -10.64 -1.10
CA LYS A 66 -12.81 -11.05 -2.49
C LYS A 66 -12.01 -12.31 -2.70
N SER A 67 -10.97 -12.52 -1.93
CA SER A 67 -10.16 -13.72 -2.08
C SER A 67 -10.99 -14.96 -1.81
N ASN A 68 -12.01 -14.80 -1.00
CA ASN A 68 -12.92 -15.88 -0.67
C ASN A 68 -14.00 -16.08 -1.75
N THR A 69 -14.44 -14.98 -2.35
CA THR A 69 -15.60 -15.01 -3.24
C THR A 69 -15.23 -14.83 -4.72
N SER A 70 -14.23 -14.01 -4.98
CA SER A 70 -13.90 -13.61 -6.34
C SER A 70 -12.40 -13.32 -6.46
N PRO A 71 -11.59 -14.35 -6.71
CA PRO A 71 -10.13 -14.20 -6.80
C PRO A 71 -9.72 -13.26 -7.92
N GLU A 72 -10.53 -13.20 -8.96
CA GLU A 72 -10.25 -12.36 -10.11
C GLU A 72 -10.35 -10.87 -9.75
N GLU A 73 -11.13 -10.57 -8.71
CA GLU A 73 -11.31 -9.20 -8.27
C GLU A 73 -10.08 -8.68 -7.54
N LEU A 74 -9.21 -9.60 -7.13
CA LEU A 74 -8.02 -9.25 -6.38
C LEU A 74 -7.02 -8.51 -7.27
N GLY A 75 -7.12 -8.71 -8.58
CA GLY A 75 -6.18 -8.08 -9.49
C GLY A 75 -6.33 -6.57 -9.54
N PRO A 76 -7.54 -6.05 -9.83
CA PRO A 76 -7.80 -4.60 -9.79
C PRO A 76 -7.55 -4.01 -8.41
N LEU A 77 -7.81 -4.78 -7.38
CA LEU A 77 -7.64 -4.32 -6.01
C LEU A 77 -6.18 -4.23 -5.66
N ALA A 78 -5.42 -5.28 -5.98
CA ALA A 78 -3.98 -5.25 -5.80
C ALA A 78 -3.38 -4.08 -6.56
N ASN A 79 -4.03 -3.74 -7.68
CA ASN A 79 -3.59 -2.64 -8.51
C ASN A 79 -3.81 -1.30 -7.81
N GLN A 80 -5.04 -1.10 -7.32
CA GLN A 80 -5.39 0.13 -6.63
C GLN A 80 -4.60 0.25 -5.34
N LEU A 81 -4.48 -0.85 -4.61
CA LEU A 81 -3.69 -0.88 -3.38
C LEU A 81 -2.26 -0.43 -3.68
N THR A 82 -1.72 -0.91 -4.79
CA THR A 82 -0.40 -0.53 -5.25
C THR A 82 -0.35 0.96 -5.60
N SER A 83 -1.32 1.41 -6.38
CA SER A 83 -1.34 2.78 -6.88
C SER A 83 -1.51 3.79 -5.75
N ASP A 84 -2.53 3.59 -4.93
CA ASP A 84 -2.82 4.52 -3.83
C ASP A 84 -1.68 4.51 -2.81
N TYR A 85 -1.06 3.35 -2.61
CA TYR A 85 0.10 3.26 -1.72
C TYR A 85 1.25 4.09 -2.28
N GLY A 86 1.43 4.01 -3.59
CA GLY A 86 2.51 4.74 -4.23
C GLY A 86 2.29 6.23 -4.12
N ARG A 87 1.02 6.60 -4.09
CA ARG A 87 0.63 7.98 -3.90
C ARG A 87 0.87 8.41 -2.47
N LEU A 88 0.59 7.53 -1.51
CA LEU A 88 0.90 7.82 -0.11
C LEU A 88 2.40 7.96 0.09
N ALA A 89 3.14 7.08 -0.56
CA ALA A 89 4.59 7.07 -0.46
C ALA A 89 5.22 8.35 -0.99
N SER A 90 4.60 8.96 -2.00
CA SER A 90 5.12 10.19 -2.57
C SER A 90 4.72 11.39 -1.71
N GLN A 91 3.46 11.42 -1.28
CA GLN A 91 2.95 12.50 -0.43
C GLN A 91 3.62 12.50 0.94
N ALA A 92 4.13 11.34 1.34
CA ALA A 92 4.78 11.20 2.64
C ALA A 92 6.06 12.02 2.73
N LYS A 93 6.70 12.25 1.59
CA LYS A 93 7.95 13.02 1.56
C LYS A 93 7.72 14.47 2.00
N PRO A 94 6.87 15.25 1.30
CA PRO A 94 6.61 16.64 1.67
C PRO A 94 5.91 16.76 3.02
N ALA A 95 5.10 15.75 3.35
CA ALA A 95 4.40 15.72 4.63
C ALA A 95 5.38 15.66 5.78
N ALA A 96 6.41 14.83 5.62
CA ALA A 96 7.45 14.68 6.63
C ALA A 96 8.22 15.98 6.84
N VAL A 97 8.49 16.68 5.74
CA VAL A 97 9.23 17.94 5.81
C VAL A 97 8.34 19.07 6.32
N ALA A 98 7.05 19.01 6.00
CA ALA A 98 6.08 20.02 6.43
C ALA A 98 5.75 19.86 7.91
N ALA A 99 6.18 18.75 8.49
CA ALA A 99 5.97 18.48 9.90
C ALA A 99 6.94 19.31 10.74
N GLU A 100 6.46 19.82 11.87
CA GLU A 100 7.28 20.65 12.74
C GLU A 100 8.22 19.79 13.59
N ASN A 101 7.98 18.47 13.58
CA ASN A 101 8.81 17.54 14.32
C ASN A 101 9.40 16.51 13.38
N GLU A 102 10.64 16.14 13.61
CA GLU A 102 11.27 15.06 12.86
C GLU A 102 10.56 13.74 13.17
N GLU A 103 10.20 13.55 14.43
CA GLU A 103 9.52 12.34 14.87
C GLU A 103 8.21 12.15 14.13
N ILE A 104 7.51 13.24 13.89
CA ILE A 104 6.23 13.20 13.20
C ILE A 104 6.44 12.82 11.74
N GLY A 105 7.44 13.43 11.11
CA GLY A 105 7.77 13.08 9.74
C GLY A 105 8.27 11.65 9.63
N ALA A 106 9.16 11.28 10.54
CA ALA A 106 9.67 9.92 10.64
C ALA A 106 8.51 8.94 10.78
N HIS A 107 7.57 9.30 11.64
CA HIS A 107 6.42 8.48 11.93
C HIS A 107 5.59 8.26 10.67
N ILE A 108 5.40 9.33 9.89
CA ILE A 108 4.67 9.25 8.64
C ILE A 108 5.36 8.30 7.66
N LYS A 109 6.63 8.58 7.39
CA LYS A 109 7.39 7.80 6.42
C LYS A 109 7.45 6.33 6.81
N HIS A 110 7.73 6.09 8.08
CA HIS A 110 7.92 4.74 8.58
C HIS A 110 6.60 3.97 8.70
N ARG A 111 5.49 4.68 8.87
CA ARG A 111 4.19 4.00 8.88
C ARG A 111 3.78 3.61 7.46
N VAL A 112 4.24 4.37 6.47
CA VAL A 112 4.03 3.99 5.08
C VAL A 112 4.85 2.74 4.76
N GLN A 113 6.02 2.63 5.40
CA GLN A 113 6.89 1.46 5.25
C GLN A 113 6.15 0.20 5.65
N GLU A 114 5.23 0.33 6.61
CA GLU A 114 4.44 -0.78 7.11
C GLU A 114 3.62 -1.39 5.97
N LEU A 115 2.95 -0.52 5.20
CA LEU A 115 2.19 -0.97 4.05
C LEU A 115 3.15 -1.44 2.96
N GLY A 116 4.35 -0.87 2.96
CA GLY A 116 5.36 -1.28 2.01
C GLY A 116 5.65 -2.77 2.09
N HIS A 117 5.56 -3.30 3.30
CA HIS A 117 5.74 -4.73 3.50
C HIS A 117 4.41 -5.47 3.38
N GLY A 118 3.39 -4.93 4.03
CA GLY A 118 2.08 -5.56 4.02
C GLY A 118 1.43 -5.57 2.65
N CYS A 119 1.27 -4.39 2.07
CA CYS A 119 0.63 -4.22 0.77
C CYS A 119 1.40 -4.97 -0.32
N SER A 120 2.73 -4.97 -0.21
CA SER A 120 3.57 -5.70 -1.16
C SER A 120 3.26 -7.18 -1.10
N ALA A 121 3.24 -7.73 0.11
CA ALA A 121 2.95 -9.14 0.31
C ALA A 121 1.55 -9.48 -0.19
N LEU A 122 0.62 -8.57 0.04
CA LEU A 122 -0.77 -8.76 -0.37
C LEU A 122 -0.89 -8.89 -1.89
N VAL A 123 -0.34 -7.91 -2.61
CA VAL A 123 -0.44 -7.91 -4.07
C VAL A 123 0.34 -9.09 -4.66
N THR A 124 1.42 -9.47 -3.99
CA THR A 124 2.22 -10.59 -4.41
C THR A 124 1.46 -11.91 -4.23
N LYS A 125 0.76 -12.02 -3.12
CA LYS A 125 0.03 -13.24 -2.79
C LYS A 125 -1.19 -13.41 -3.69
N ALA A 126 -1.81 -12.29 -4.03
CA ALA A 126 -2.98 -12.29 -4.92
C ALA A 126 -2.64 -12.93 -6.27
N GLY A 127 -1.42 -12.67 -6.76
CA GLY A 127 -0.99 -13.28 -8.00
C GLY A 127 -0.95 -14.79 -7.92
N ALA A 128 -0.50 -15.29 -6.78
CA ALA A 128 -0.44 -16.73 -6.55
C ALA A 128 -1.84 -17.28 -6.30
N LEU A 129 -2.69 -16.46 -5.72
CA LEU A 129 -4.05 -16.87 -5.39
C LEU A 129 -4.87 -17.02 -6.67
N GLN A 130 -4.65 -16.14 -7.62
CA GLN A 130 -5.32 -16.26 -8.91
C GLN A 130 -4.77 -17.45 -9.69
N CYS A 131 -3.52 -17.81 -9.41
CA CYS A 131 -2.90 -18.94 -10.07
C CYS A 131 -3.58 -20.24 -9.64
N SER A 132 -4.05 -20.26 -8.40
CA SER A 132 -4.82 -21.39 -7.89
C SER A 132 -5.80 -20.91 -6.83
N PRO A 133 -6.96 -20.39 -7.27
CA PRO A 133 -7.98 -19.83 -6.36
C PRO A 133 -8.54 -20.85 -5.39
N SER A 134 -8.35 -22.12 -5.70
CA SER A 134 -8.88 -23.20 -4.90
C SER A 134 -7.95 -23.52 -3.72
N ASP A 135 -6.73 -23.00 -3.75
CA ASP A 135 -5.76 -23.32 -2.71
C ASP A 135 -6.11 -22.62 -1.41
N VAL A 136 -6.55 -23.41 -0.44
CA VAL A 136 -6.98 -22.88 0.86
C VAL A 136 -5.83 -22.20 1.60
N TYR A 137 -4.65 -22.79 1.51
CA TYR A 137 -3.50 -22.27 2.24
C TYR A 137 -3.04 -20.93 1.67
N THR A 138 -2.92 -20.86 0.35
CA THR A 138 -2.53 -19.63 -0.31
C THR A 138 -3.53 -18.53 -0.03
N LYS A 139 -4.81 -18.87 -0.05
CA LYS A 139 -5.88 -17.93 0.27
C LYS A 139 -5.76 -17.48 1.72
N LYS A 140 -5.56 -18.43 2.61
CA LYS A 140 -5.41 -18.14 4.03
C LYS A 140 -4.29 -17.15 4.28
N GLU A 141 -3.13 -17.40 3.67
CA GLU A 141 -1.98 -16.54 3.86
C GLU A 141 -2.24 -15.12 3.36
N LEU A 142 -3.02 -15.00 2.29
CA LEU A 142 -3.40 -13.69 1.79
C LEU A 142 -4.33 -13.01 2.77
N ILE A 143 -5.21 -13.80 3.40
CA ILE A 143 -6.08 -13.29 4.44
C ILE A 143 -5.24 -12.80 5.63
N GLU A 144 -4.21 -13.55 5.97
CA GLU A 144 -3.26 -13.13 7.00
C GLU A 144 -2.64 -11.79 6.62
N CYS A 145 -2.22 -11.68 5.36
CA CYS A 145 -1.64 -10.46 4.84
C CYS A 145 -2.63 -9.30 4.95
N ALA A 146 -3.87 -9.55 4.54
CA ALA A 146 -4.91 -8.53 4.55
C ALA A 146 -5.11 -7.93 5.94
N ARG A 147 -5.17 -8.79 6.95
CA ARG A 147 -5.33 -8.34 8.32
C ARG A 147 -4.16 -7.45 8.74
N ARG A 148 -2.95 -7.88 8.42
CA ARG A 148 -1.74 -7.15 8.80
C ARG A 148 -1.75 -5.76 8.18
N VAL A 149 -2.16 -5.66 6.92
CA VAL A 149 -2.23 -4.38 6.24
C VAL A 149 -3.27 -3.48 6.89
N SER A 150 -4.45 -4.03 7.14
CA SER A 150 -5.55 -3.30 7.76
C SER A 150 -5.13 -2.73 9.12
N GLU A 151 -4.30 -3.48 9.84
CA GLU A 151 -3.81 -3.06 11.14
C GLU A 151 -2.84 -1.90 11.02
N LYS A 152 -2.13 -1.84 9.91
CA LYS A 152 -1.14 -0.79 9.67
C LYS A 152 -1.83 0.52 9.32
N VAL A 153 -2.94 0.43 8.59
CA VAL A 153 -3.67 1.63 8.15
C VAL A 153 -4.04 2.52 9.32
N SER A 154 -4.56 1.92 10.39
CA SER A 154 -4.94 2.65 11.59
C SER A 154 -3.73 3.40 12.15
N HIS A 155 -2.56 2.79 12.06
CA HIS A 155 -1.33 3.37 12.57
C HIS A 155 -0.81 4.46 11.63
N VAL A 156 -1.13 4.34 10.35
CA VAL A 156 -0.79 5.38 9.38
C VAL A 156 -1.69 6.59 9.58
N LEU A 157 -2.98 6.33 9.74
CA LEU A 157 -3.94 7.38 10.03
C LEU A 157 -3.58 8.09 11.33
N ALA A 158 -3.27 7.32 12.36
CA ALA A 158 -2.89 7.86 13.66
C ALA A 158 -1.55 8.59 13.58
N ALA A 159 -0.72 8.23 12.61
CA ALA A 159 0.56 8.88 12.41
C ALA A 159 0.37 10.35 12.06
N LEU A 160 -0.63 10.63 11.22
CA LEU A 160 -0.95 11.99 10.85
C LEU A 160 -1.59 12.74 12.02
N GLN A 161 -2.43 12.04 12.76
CA GLN A 161 -3.16 12.65 13.88
C GLN A 161 -2.20 13.12 14.97
N ALA A 162 -0.99 12.57 14.95
CA ALA A 162 0.03 12.93 15.94
C ALA A 162 0.67 14.27 15.61
N GLY A 163 0.38 14.80 14.43
CA GLY A 163 0.94 16.07 14.02
C GLY A 163 0.31 17.24 14.76
N ASN A 164 1.06 18.32 14.90
CA ASN A 164 0.59 19.47 15.68
C ASN A 164 0.57 20.73 14.82
N ARG A 165 -0.62 21.26 14.60
CA ARG A 165 -0.78 22.55 13.94
C ARG A 165 -1.67 23.44 14.79
N GLY A 1 12.92 -5.64 -6.54
CA GLY A 1 11.59 -6.24 -6.77
C GLY A 1 11.59 -7.73 -6.49
N ILE A 2 11.38 -8.52 -7.53
CA ILE A 2 11.40 -9.97 -7.39
C ILE A 2 12.38 -10.59 -8.38
N ASP A 3 12.62 -9.87 -9.48
CA ASP A 3 13.52 -10.33 -10.54
C ASP A 3 13.02 -11.63 -11.16
N PRO A 4 12.22 -11.53 -12.23
CA PRO A 4 11.62 -12.69 -12.88
C PRO A 4 12.62 -13.57 -13.62
N PHE A 5 12.79 -14.79 -13.14
CA PHE A 5 13.65 -15.77 -13.79
C PHE A 5 12.89 -17.07 -14.03
N THR A 6 11.56 -16.99 -13.92
CA THR A 6 10.69 -18.14 -14.13
C THR A 6 10.46 -18.37 -15.63
N ASN A 7 11.46 -18.02 -16.43
CA ASN A 7 11.37 -18.13 -17.90
C ASN A 7 10.22 -17.28 -18.41
N GLU A 8 10.21 -16.03 -17.97
CA GLU A 8 9.17 -15.08 -18.34
C GLU A 8 9.72 -13.67 -18.23
N ALA A 9 9.51 -12.88 -19.28
CA ALA A 9 10.07 -11.54 -19.35
C ALA A 9 9.37 -10.56 -18.41
N ALA A 10 8.09 -10.30 -18.69
CA ALA A 10 7.37 -9.26 -17.96
C ALA A 10 6.40 -9.83 -16.94
N SER A 11 6.68 -11.04 -16.46
CA SER A 11 5.80 -11.67 -15.47
C SER A 11 6.58 -12.59 -14.55
N ALA A 12 6.14 -12.66 -13.30
CA ALA A 12 6.72 -13.56 -12.31
C ALA A 12 5.64 -14.49 -11.78
N ALA A 13 4.61 -13.89 -11.19
CA ALA A 13 3.43 -14.62 -10.77
C ALA A 13 2.34 -14.49 -11.83
N GLY A 14 2.75 -14.02 -13.00
CA GLY A 14 1.82 -13.79 -14.08
C GLY A 14 1.03 -12.51 -13.89
N VAL A 15 0.16 -12.51 -12.89
CA VAL A 15 -0.71 -11.38 -12.63
C VAL A 15 0.07 -10.21 -12.05
N VAL A 16 0.55 -10.37 -10.82
CA VAL A 16 1.26 -9.30 -10.14
C VAL A 16 2.74 -9.65 -10.04
N GLY A 17 3.57 -8.88 -10.71
CA GLY A 17 5.00 -9.09 -10.64
C GLY A 17 5.78 -7.95 -11.26
N GLY A 18 5.19 -6.76 -11.29
CA GLY A 18 5.88 -5.60 -11.80
C GLY A 18 5.69 -4.40 -10.88
N MET A 19 4.44 -4.11 -10.57
CA MET A 19 4.11 -2.97 -9.71
C MET A 19 4.55 -3.22 -8.26
N VAL A 20 4.90 -4.47 -7.96
CA VAL A 20 5.41 -4.81 -6.64
C VAL A 20 6.81 -4.21 -6.45
N ASP A 21 7.53 -4.06 -7.56
CA ASP A 21 8.84 -3.41 -7.54
C ASP A 21 8.67 -1.93 -7.21
N SER A 22 7.60 -1.34 -7.77
CA SER A 22 7.24 0.04 -7.50
C SER A 22 7.02 0.24 -6.00
N ILE A 23 6.28 -0.68 -5.39
CA ILE A 23 6.04 -0.65 -3.96
C ILE A 23 7.35 -0.70 -3.19
N THR A 24 8.25 -1.57 -3.62
CA THR A 24 9.53 -1.74 -2.96
C THR A 24 10.35 -0.44 -3.00
N GLN A 25 10.38 0.21 -4.15
CA GLN A 25 11.07 1.49 -4.28
C GLN A 25 10.41 2.56 -3.43
N ALA A 26 9.09 2.51 -3.36
CA ALA A 26 8.33 3.49 -2.61
C ALA A 26 8.69 3.43 -1.12
N ILE A 27 9.02 2.23 -0.66
CA ILE A 27 9.51 2.05 0.71
C ILE A 27 10.86 2.73 0.89
N ASN A 28 11.75 2.51 -0.07
CA ASN A 28 13.11 3.00 0.02
C ASN A 28 13.19 4.53 -0.06
N GLN A 29 12.42 5.12 -0.96
CA GLN A 29 12.46 6.57 -1.19
C GLN A 29 12.13 7.35 0.09
N LEU A 30 11.31 6.76 0.94
CA LEU A 30 10.87 7.43 2.16
C LEU A 30 12.01 7.58 3.15
N ASP A 31 12.83 6.55 3.26
CA ASP A 31 13.93 6.55 4.20
C ASP A 31 15.12 7.35 3.69
N GLU A 32 15.33 7.30 2.38
CA GLU A 32 16.49 7.96 1.78
C GLU A 32 16.27 9.47 1.64
N GLY A 33 15.02 9.88 1.56
CA GLY A 33 14.73 11.29 1.36
C GLY A 33 13.89 11.89 2.46
N PRO A 34 14.51 12.67 3.36
CA PRO A 34 13.80 13.44 4.36
C PRO A 34 13.63 14.90 3.96
N MET A 35 13.93 15.19 2.69
CA MET A 35 13.92 16.56 2.20
C MET A 35 12.75 16.80 1.25
N GLY A 36 12.46 18.07 1.00
CA GLY A 36 11.37 18.44 0.14
C GLY A 36 11.10 19.93 0.20
N ASP A 37 10.16 20.39 -0.59
CA ASP A 37 9.75 21.79 -0.54
C ASP A 37 8.23 21.90 -0.45
N PRO A 38 7.69 21.81 0.76
CA PRO A 38 6.27 21.96 1.01
C PRO A 38 5.84 23.42 1.10
N GLU A 39 4.61 23.68 0.71
CA GLU A 39 4.04 25.02 0.81
C GLU A 39 2.76 25.01 1.62
N GLY A 40 2.28 23.81 1.92
CA GLY A 40 1.06 23.67 2.70
C GLY A 40 1.33 23.71 4.19
N SER A 41 0.27 23.76 4.97
CA SER A 41 0.37 23.88 6.41
C SER A 41 0.45 22.51 7.09
N PHE A 42 1.06 21.54 6.39
CA PHE A 42 1.16 20.15 6.86
C PHE A 42 -0.21 19.45 6.83
N VAL A 43 -1.19 20.06 7.48
CA VAL A 43 -2.54 19.50 7.56
C VAL A 43 -3.11 19.28 6.15
N ASP A 44 -2.70 20.11 5.21
CA ASP A 44 -3.13 19.95 3.82
C ASP A 44 -2.65 18.62 3.24
N TYR A 45 -1.42 18.26 3.58
CA TYR A 45 -0.84 16.99 3.13
C TYR A 45 -1.42 15.85 3.95
N GLN A 46 -1.57 16.11 5.25
CA GLN A 46 -2.15 15.15 6.18
C GLN A 46 -3.52 14.67 5.71
N THR A 47 -4.39 15.63 5.41
CA THR A 47 -5.73 15.30 4.96
C THR A 47 -5.71 14.50 3.66
N THR A 48 -4.82 14.87 2.75
CA THR A 48 -4.65 14.13 1.51
C THR A 48 -4.16 12.70 1.80
N MET A 49 -3.29 12.57 2.80
CA MET A 49 -2.74 11.25 3.14
C MET A 49 -3.78 10.38 3.83
N VAL A 50 -4.43 10.91 4.87
CA VAL A 50 -5.36 10.10 5.65
C VAL A 50 -6.48 9.55 4.77
N ARG A 51 -6.96 10.36 3.84
CA ARG A 51 -8.02 9.92 2.93
C ARG A 51 -7.50 8.83 1.98
N THR A 52 -6.25 8.98 1.56
CA THR A 52 -5.63 7.99 0.68
C THR A 52 -5.38 6.69 1.44
N ALA A 53 -5.03 6.80 2.72
CA ALA A 53 -4.85 5.64 3.58
C ALA A 53 -6.16 4.88 3.74
N LYS A 54 -7.25 5.62 3.95
CA LYS A 54 -8.56 5.01 4.05
C LYS A 54 -8.98 4.41 2.70
N ALA A 55 -8.44 4.97 1.63
CA ALA A 55 -8.72 4.48 0.28
C ALA A 55 -8.05 3.12 0.05
N ILE A 56 -6.81 2.97 0.51
CA ILE A 56 -6.12 1.69 0.38
C ILE A 56 -6.71 0.70 1.38
N ALA A 57 -7.24 1.22 2.48
CA ALA A 57 -7.85 0.39 3.52
C ALA A 57 -9.13 -0.26 3.04
N VAL A 58 -9.94 0.47 2.29
CA VAL A 58 -11.18 -0.09 1.77
C VAL A 58 -10.86 -1.14 0.71
N THR A 59 -9.72 -0.98 0.04
CA THR A 59 -9.25 -1.96 -0.92
C THR A 59 -8.78 -3.23 -0.21
N VAL A 60 -7.91 -3.08 0.78
CA VAL A 60 -7.39 -4.23 1.49
C VAL A 60 -8.52 -4.97 2.25
N GLN A 61 -9.47 -4.20 2.78
CA GLN A 61 -10.61 -4.79 3.48
C GLN A 61 -11.50 -5.53 2.47
N GLU A 62 -11.46 -5.09 1.22
CA GLU A 62 -12.20 -5.75 0.16
C GLU A 62 -11.49 -7.03 -0.25
N MET A 63 -10.15 -6.98 -0.29
CA MET A 63 -9.36 -8.12 -0.73
C MET A 63 -9.51 -9.30 0.24
N VAL A 64 -9.52 -9.01 1.54
CA VAL A 64 -9.70 -10.03 2.56
C VAL A 64 -11.08 -10.67 2.44
N THR A 65 -12.02 -9.88 1.97
CA THR A 65 -13.39 -10.31 1.81
C THR A 65 -13.58 -11.10 0.50
N LYS A 66 -13.19 -10.48 -0.61
CA LYS A 66 -13.44 -11.03 -1.93
C LYS A 66 -12.64 -12.29 -2.21
N SER A 67 -11.48 -12.45 -1.59
CA SER A 67 -10.63 -13.61 -1.85
C SER A 67 -11.37 -14.93 -1.59
N ASN A 68 -12.36 -14.87 -0.72
CA ASN A 68 -13.15 -16.05 -0.37
C ASN A 68 -14.03 -16.51 -1.54
N THR A 69 -14.82 -15.59 -2.07
CA THR A 69 -15.81 -15.93 -3.08
C THR A 69 -15.35 -15.56 -4.49
N SER A 70 -14.55 -14.53 -4.60
CA SER A 70 -14.16 -14.00 -5.90
C SER A 70 -12.65 -13.71 -5.94
N PRO A 71 -11.83 -14.73 -6.21
CA PRO A 71 -10.38 -14.60 -6.23
C PRO A 71 -9.89 -13.73 -7.40
N GLU A 72 -10.70 -13.65 -8.45
CA GLU A 72 -10.34 -12.89 -9.64
C GLU A 72 -10.38 -11.39 -9.37
N GLU A 73 -11.14 -10.99 -8.38
CA GLU A 73 -11.32 -9.58 -8.08
C GLU A 73 -10.10 -9.03 -7.35
N LEU A 74 -9.21 -9.92 -6.93
CA LEU A 74 -8.00 -9.52 -6.22
C LEU A 74 -7.04 -8.78 -7.14
N GLY A 75 -7.09 -9.09 -8.43
CA GLY A 75 -6.17 -8.48 -9.38
C GLY A 75 -6.32 -6.97 -9.51
N PRO A 76 -7.53 -6.47 -9.83
CA PRO A 76 -7.77 -5.02 -9.91
C PRO A 76 -7.54 -4.31 -8.58
N LEU A 77 -7.82 -5.02 -7.49
CA LEU A 77 -7.63 -4.46 -6.15
C LEU A 77 -6.16 -4.37 -5.80
N ALA A 78 -5.41 -5.41 -6.15
CA ALA A 78 -3.97 -5.40 -5.95
C ALA A 78 -3.35 -4.25 -6.73
N ASN A 79 -3.96 -3.93 -7.86
CA ASN A 79 -3.52 -2.83 -8.70
C ASN A 79 -3.77 -1.49 -8.03
N GLN A 80 -4.98 -1.30 -7.51
CA GLN A 80 -5.34 -0.05 -6.85
C GLN A 80 -4.60 0.11 -5.54
N LEU A 81 -4.51 -0.97 -4.77
CA LEU A 81 -3.79 -0.98 -3.51
C LEU A 81 -2.36 -0.48 -3.73
N THR A 82 -1.77 -0.92 -4.83
CA THR A 82 -0.42 -0.52 -5.19
C THR A 82 -0.34 0.96 -5.55
N SER A 83 -1.24 1.40 -6.43
CA SER A 83 -1.19 2.76 -6.96
C SER A 83 -1.47 3.78 -5.87
N ASP A 84 -2.51 3.53 -5.11
CA ASP A 84 -2.92 4.43 -4.05
C ASP A 84 -1.89 4.43 -2.92
N TYR A 85 -1.23 3.30 -2.70
CA TYR A 85 -0.10 3.24 -1.77
C TYR A 85 1.01 4.17 -2.26
N GLY A 86 1.26 4.13 -3.56
CA GLY A 86 2.27 4.98 -4.16
C GLY A 86 2.02 6.44 -3.90
N ARG A 87 0.74 6.81 -3.77
CA ARG A 87 0.35 8.18 -3.48
C ARG A 87 0.85 8.59 -2.11
N LEU A 88 0.60 7.74 -1.13
CA LEU A 88 1.06 7.98 0.23
C LEU A 88 2.57 8.04 0.28
N ALA A 89 3.21 7.17 -0.48
CA ALA A 89 4.66 7.10 -0.51
C ALA A 89 5.28 8.37 -1.12
N SER A 90 4.53 9.06 -1.96
CA SER A 90 5.04 10.28 -2.58
C SER A 90 4.67 11.51 -1.76
N GLN A 91 3.54 11.47 -1.08
CA GLN A 91 3.07 12.58 -0.25
C GLN A 91 3.82 12.63 1.08
N ALA A 92 4.24 11.47 1.58
CA ALA A 92 4.81 11.35 2.92
C ALA A 92 6.11 12.16 3.08
N LYS A 93 6.91 12.22 2.03
CA LYS A 93 8.19 12.93 2.12
C LYS A 93 7.99 14.45 2.28
N PRO A 94 7.22 15.11 1.39
CA PRO A 94 6.87 16.53 1.57
C PRO A 94 6.13 16.79 2.88
N ALA A 95 5.30 15.82 3.29
CA ALA A 95 4.57 15.92 4.55
C ALA A 95 5.53 15.96 5.74
N ALA A 96 6.56 15.12 5.68
CA ALA A 96 7.57 15.06 6.72
C ALA A 96 8.26 16.41 6.91
N VAL A 97 8.53 17.09 5.80
CA VAL A 97 9.20 18.38 5.83
C VAL A 97 8.23 19.47 6.29
N ALA A 98 6.95 19.28 6.01
CA ALA A 98 5.93 20.25 6.37
C ALA A 98 5.60 20.18 7.86
N ALA A 99 5.97 19.06 8.48
CA ALA A 99 5.74 18.86 9.89
C ALA A 99 6.68 19.73 10.72
N GLU A 100 6.23 20.14 11.89
CA GLU A 100 7.03 20.98 12.78
C GLU A 100 8.16 20.17 13.42
N ASN A 101 8.01 18.87 13.38
CA ASN A 101 8.95 17.98 14.06
C ASN A 101 9.43 16.91 13.10
N GLU A 102 10.74 16.70 13.06
CA GLU A 102 11.33 15.73 12.18
C GLU A 102 10.92 14.32 12.59
N GLU A 103 10.71 14.12 13.88
CA GLU A 103 10.26 12.84 14.40
C GLU A 103 8.85 12.54 13.91
N ILE A 104 8.05 13.58 13.76
CA ILE A 104 6.71 13.44 13.22
C ILE A 104 6.79 13.01 11.77
N GLY A 105 7.71 13.62 11.03
CA GLY A 105 7.94 13.25 9.65
C GLY A 105 8.39 11.81 9.52
N ALA A 106 9.33 11.42 10.37
CA ALA A 106 9.78 10.04 10.44
C ALA A 106 8.61 9.12 10.78
N HIS A 107 7.81 9.56 11.73
CA HIS A 107 6.67 8.81 12.20
C HIS A 107 5.69 8.54 11.06
N ILE A 108 5.54 9.51 10.16
CA ILE A 108 4.67 9.37 9.01
C ILE A 108 5.22 8.33 8.03
N LYS A 109 6.48 8.53 7.61
CA LYS A 109 7.07 7.68 6.60
C LYS A 109 7.29 6.26 7.09
N HIS A 110 7.54 6.10 8.39
CA HIS A 110 7.75 4.77 8.98
C HIS A 110 6.46 3.96 8.95
N ARG A 111 5.33 4.65 9.07
CA ARG A 111 4.04 4.00 9.00
C ARG A 111 3.75 3.52 7.58
N VAL A 112 4.27 4.25 6.59
CA VAL A 112 4.08 3.89 5.20
C VAL A 112 4.92 2.66 4.86
N GLN A 113 6.06 2.52 5.53
CA GLN A 113 6.91 1.34 5.38
C GLN A 113 6.14 0.08 5.71
N GLU A 114 5.27 0.20 6.71
CA GLU A 114 4.43 -0.90 7.16
C GLU A 114 3.53 -1.39 6.04
N LEU A 115 2.85 -0.47 5.36
CA LEU A 115 2.02 -0.85 4.21
C LEU A 115 2.92 -1.33 3.10
N GLY A 116 4.12 -0.76 3.02
CA GLY A 116 5.07 -1.20 2.04
C GLY A 116 5.26 -2.70 2.08
N HIS A 117 5.54 -3.21 3.26
CA HIS A 117 5.79 -4.64 3.43
C HIS A 117 4.48 -5.42 3.31
N GLY A 118 3.39 -4.81 3.77
CA GLY A 118 2.09 -5.45 3.70
C GLY A 118 1.55 -5.49 2.29
N CYS A 119 1.47 -4.32 1.66
CA CYS A 119 1.00 -4.18 0.30
C CYS A 119 1.78 -5.08 -0.64
N SER A 120 3.11 -5.01 -0.56
CA SER A 120 3.97 -5.86 -1.38
C SER A 120 3.56 -7.32 -1.26
N ALA A 121 3.49 -7.78 -0.02
CA ALA A 121 3.15 -9.17 0.25
C ALA A 121 1.76 -9.51 -0.26
N LEU A 122 0.81 -8.62 -0.01
CA LEU A 122 -0.58 -8.85 -0.41
C LEU A 122 -0.70 -9.00 -1.92
N VAL A 123 -0.15 -8.04 -2.66
CA VAL A 123 -0.25 -8.06 -4.12
C VAL A 123 0.53 -9.24 -4.70
N THR A 124 1.66 -9.56 -4.08
CA THR A 124 2.47 -10.69 -4.50
C THR A 124 1.70 -11.99 -4.31
N LYS A 125 1.07 -12.13 -3.14
CA LYS A 125 0.32 -13.32 -2.80
C LYS A 125 -0.92 -13.43 -3.70
N ALA A 126 -1.56 -12.29 -3.94
CA ALA A 126 -2.72 -12.23 -4.83
C ALA A 126 -2.35 -12.68 -6.25
N GLY A 127 -1.13 -12.38 -6.66
CA GLY A 127 -0.67 -12.81 -7.96
C GLY A 127 -0.61 -14.32 -8.06
N ALA A 128 -0.08 -14.95 -7.02
CA ALA A 128 0.05 -16.41 -6.99
C ALA A 128 -1.28 -17.07 -6.67
N LEU A 129 -2.13 -16.38 -5.91
CA LEU A 129 -3.42 -16.92 -5.51
C LEU A 129 -4.33 -17.03 -6.72
N GLN A 130 -4.25 -16.06 -7.60
CA GLN A 130 -5.06 -16.07 -8.80
C GLN A 130 -4.57 -17.14 -9.78
N CYS A 131 -3.29 -17.49 -9.66
CA CYS A 131 -2.74 -18.58 -10.44
C CYS A 131 -3.27 -19.93 -9.92
N SER A 132 -3.58 -19.97 -8.63
CA SER A 132 -4.09 -21.18 -8.00
C SER A 132 -5.25 -20.83 -7.06
N PRO A 133 -6.37 -20.32 -7.59
CA PRO A 133 -7.48 -19.82 -6.77
C PRO A 133 -8.20 -20.93 -5.99
N SER A 134 -7.93 -22.18 -6.38
CA SER A 134 -8.51 -23.33 -5.72
C SER A 134 -7.69 -23.73 -4.49
N ASP A 135 -6.48 -23.20 -4.39
CA ASP A 135 -5.61 -23.53 -3.27
C ASP A 135 -6.04 -22.79 -2.03
N VAL A 136 -6.23 -23.54 -0.94
CA VAL A 136 -6.74 -22.96 0.30
C VAL A 136 -5.64 -22.24 1.07
N TYR A 137 -4.46 -22.84 1.10
CA TYR A 137 -3.36 -22.33 1.92
C TYR A 137 -2.91 -20.96 1.43
N THR A 138 -2.75 -20.82 0.12
CA THR A 138 -2.34 -19.55 -0.46
C THR A 138 -3.33 -18.43 -0.12
N LYS A 139 -4.61 -18.77 -0.19
CA LYS A 139 -5.68 -17.83 0.14
C LYS A 139 -5.66 -17.53 1.64
N LYS A 140 -5.49 -18.59 2.42
CA LYS A 140 -5.38 -18.48 3.88
C LYS A 140 -4.31 -17.47 4.26
N GLU A 141 -3.17 -17.53 3.59
CA GLU A 141 -2.08 -16.60 3.82
C GLU A 141 -2.46 -15.19 3.41
N LEU A 142 -3.06 -15.06 2.23
CA LEU A 142 -3.44 -13.76 1.69
C LEU A 142 -4.46 -13.06 2.60
N ILE A 143 -5.44 -13.81 3.08
CA ILE A 143 -6.43 -13.28 4.00
C ILE A 143 -5.74 -12.68 5.22
N GLU A 144 -4.74 -13.40 5.74
CA GLU A 144 -3.97 -12.93 6.88
C GLU A 144 -3.18 -11.67 6.50
N CYS A 145 -2.58 -11.69 5.32
CA CYS A 145 -1.83 -10.53 4.82
C CYS A 145 -2.71 -9.29 4.77
N ALA A 146 -3.93 -9.45 4.27
CA ALA A 146 -4.87 -8.36 4.16
C ALA A 146 -5.24 -7.83 5.55
N ARG A 147 -5.48 -8.74 6.49
CA ARG A 147 -5.83 -8.35 7.86
C ARG A 147 -4.73 -7.48 8.46
N ARG A 148 -3.49 -7.86 8.26
CA ARG A 148 -2.35 -7.15 8.82
C ARG A 148 -2.22 -5.75 8.21
N VAL A 149 -2.41 -5.65 6.90
CA VAL A 149 -2.36 -4.37 6.22
C VAL A 149 -3.45 -3.43 6.75
N SER A 150 -4.62 -4.00 6.99
CA SER A 150 -5.75 -3.25 7.52
C SER A 150 -5.39 -2.65 8.89
N GLU A 151 -4.64 -3.41 9.69
CA GLU A 151 -4.21 -2.94 11.01
C GLU A 151 -3.22 -1.80 10.87
N LYS A 152 -2.35 -1.91 9.86
CA LYS A 152 -1.32 -0.91 9.64
C LYS A 152 -1.94 0.45 9.33
N VAL A 153 -3.00 0.45 8.52
CA VAL A 153 -3.65 1.68 8.08
C VAL A 153 -4.03 2.57 9.26
N SER A 154 -4.69 1.98 10.26
CA SER A 154 -5.12 2.73 11.43
C SER A 154 -3.93 3.36 12.14
N HIS A 155 -2.80 2.64 12.15
CA HIS A 155 -1.60 3.13 12.80
C HIS A 155 -0.92 4.20 11.94
N VAL A 156 -1.13 4.13 10.63
CA VAL A 156 -0.63 5.16 9.72
C VAL A 156 -1.43 6.44 9.89
N LEU A 157 -2.75 6.28 9.95
CA LEU A 157 -3.65 7.41 10.18
C LEU A 157 -3.32 8.10 11.49
N ALA A 158 -3.14 7.31 12.55
CA ALA A 158 -2.79 7.82 13.87
C ALA A 158 -1.46 8.58 13.83
N ALA A 159 -0.55 8.16 12.96
CA ALA A 159 0.73 8.82 12.82
C ALA A 159 0.55 10.26 12.36
N LEU A 160 -0.32 10.45 11.38
CA LEU A 160 -0.65 11.78 10.89
C LEU A 160 -1.33 12.59 11.98
N GLN A 161 -2.22 11.92 12.72
CA GLN A 161 -2.97 12.57 13.78
C GLN A 161 -2.04 13.14 14.85
N ALA A 162 -0.89 12.51 15.01
CA ALA A 162 0.08 12.92 16.02
C ALA A 162 0.83 14.19 15.59
N GLY A 163 0.81 14.47 14.29
CA GLY A 163 1.52 15.61 13.78
C GLY A 163 0.65 16.85 13.76
N ASN A 164 -0.66 16.65 13.80
CA ASN A 164 -1.61 17.75 13.79
C ASN A 164 -1.79 18.28 15.21
N ARG A 165 -1.54 19.56 15.40
CA ARG A 165 -1.67 20.16 16.70
C ARG A 165 -3.09 20.65 16.93
#